data_2LHI
#
_entry.id   2LHI
#
loop_
_entity.id
_entity.type
_entity.pdbx_description
1 polymer 'Calmodulin,Serine/threonine-protein phosphatase 2B catalytic subunit A1'
2 non-polymer 'CALCIUM ION'
#
_entity_poly.entity_id   1
_entity_poly.type   'polypeptide(L)'
_entity_poly.pdbx_seq_one_letter_code
;GSSNLTEEQIAEFKEAFALFDKDNNGSISSSELATVMRSLGLSPSEAEVNDLMNEIDVDGNHQIEFSEFLALMSRQLKSN
DSEQELLEAFKVFDKNGDGLISAAELKHVLTSIGEKLTDAEVDDMLREVSDGSGEINIQQFAALLSKGSSTGTRRKALRN
KILAIAKVSRMFSVLR
;
_entity_poly.pdbx_strand_id   A
#
# COMPACT_ATOMS: atom_id res chain seq x y z
N GLY A 1 -19.84 -7.30 -3.43
CA GLY A 1 -19.36 -6.03 -3.94
C GLY A 1 -18.31 -6.24 -5.03
N SER A 2 -18.70 -6.98 -6.05
CA SER A 2 -17.81 -7.26 -7.17
C SER A 2 -16.43 -7.66 -6.64
N SER A 3 -16.45 -8.41 -5.55
CA SER A 3 -15.22 -8.87 -4.94
C SER A 3 -15.14 -10.40 -5.02
N ASN A 4 -13.92 -10.89 -5.23
CA ASN A 4 -13.70 -12.33 -5.34
C ASN A 4 -12.46 -12.69 -4.51
N LEU A 5 -12.58 -12.49 -3.20
CA LEU A 5 -11.49 -12.80 -2.29
C LEU A 5 -11.91 -13.95 -1.37
N THR A 6 -10.91 -14.67 -0.89
CA THR A 6 -11.16 -15.79 0.00
C THR A 6 -10.94 -15.37 1.46
N GLU A 7 -11.45 -16.20 2.35
CA GLU A 7 -11.32 -15.93 3.78
C GLU A 7 -9.88 -15.52 4.12
N GLU A 8 -8.94 -16.20 3.46
CA GLU A 8 -7.54 -15.91 3.68
C GLU A 8 -7.18 -14.52 3.14
N GLN A 9 -7.81 -14.18 2.03
CA GLN A 9 -7.57 -12.88 1.41
C GLN A 9 -8.04 -11.76 2.32
N ILE A 10 -9.07 -12.06 3.10
CA ILE A 10 -9.62 -11.09 4.03
C ILE A 10 -8.59 -10.79 5.13
N ALA A 11 -7.66 -11.73 5.29
CA ALA A 11 -6.63 -11.58 6.29
C ALA A 11 -5.48 -10.75 5.72
N GLU A 12 -5.54 -10.54 4.41
CA GLU A 12 -4.51 -9.76 3.74
C GLU A 12 -4.73 -8.27 3.98
N PHE A 13 -5.83 -7.77 3.43
CA PHE A 13 -6.18 -6.37 3.57
C PHE A 13 -5.98 -5.91 5.02
N LYS A 14 -6.07 -6.87 5.92
CA LYS A 14 -5.90 -6.57 7.34
C LYS A 14 -4.59 -5.83 7.56
N GLU A 15 -3.54 -6.35 6.93
CA GLU A 15 -2.23 -5.76 7.04
C GLU A 15 -2.22 -4.35 6.44
N ALA A 16 -2.85 -4.24 5.28
CA ALA A 16 -2.93 -2.96 4.59
C ALA A 16 -3.78 -1.99 5.42
N PHE A 17 -4.51 -2.56 6.37
CA PHE A 17 -5.36 -1.77 7.23
C PHE A 17 -4.56 -1.14 8.37
N ALA A 18 -3.70 -1.96 8.98
CA ALA A 18 -2.87 -1.51 10.08
C ALA A 18 -2.09 -0.27 9.64
N LEU A 19 -1.84 -0.19 8.34
CA LEU A 19 -1.11 0.92 7.78
C LEU A 19 -1.55 2.22 8.47
N PHE A 20 -2.85 2.32 8.70
CA PHE A 20 -3.41 3.48 9.35
C PHE A 20 -3.98 3.13 10.73
N ASP A 21 -4.84 2.13 10.74
CA ASP A 21 -5.46 1.69 11.97
C ASP A 21 -4.37 1.42 13.01
N LYS A 22 -4.12 2.43 13.83
CA LYS A 22 -3.11 2.32 14.87
C LYS A 22 -3.65 1.47 16.02
N ASP A 23 -4.63 2.00 16.68
CA ASP A 23 -5.26 1.27 17.82
C ASP A 23 -6.04 0.06 17.31
N ASN A 24 -6.17 -0.07 15.99
CA ASN A 24 -6.89 -1.19 15.42
C ASN A 24 -8.26 -1.32 16.11
N ASN A 25 -9.06 -0.28 15.96
CA ASN A 25 -10.38 -0.28 16.57
C ASN A 25 -11.42 -0.71 15.53
N GLY A 26 -11.09 -0.45 14.27
CA GLY A 26 -11.98 -0.81 13.18
C GLY A 26 -12.53 0.44 12.49
N SER A 27 -11.71 1.47 12.46
CA SER A 27 -12.10 2.73 11.84
C SER A 27 -10.89 3.65 11.69
N ILE A 28 -10.51 3.86 10.44
CA ILE A 28 -9.36 4.71 10.14
C ILE A 28 -9.84 6.14 9.92
N SER A 29 -9.64 6.97 10.94
CA SER A 29 -10.05 8.36 10.88
C SER A 29 -9.20 9.10 9.84
N SER A 30 -9.56 10.36 9.62
CA SER A 30 -8.85 11.18 8.66
C SER A 30 -7.47 11.55 9.21
N SER A 31 -7.39 11.62 10.53
CA SER A 31 -6.14 11.97 11.18
C SER A 31 -5.18 10.77 11.12
N GLU A 32 -5.75 9.59 11.03
CA GLU A 32 -4.96 8.38 10.96
C GLU A 32 -4.66 8.02 9.50
N LEU A 33 -5.64 8.25 8.65
CA LEU A 33 -5.48 7.96 7.23
C LEU A 33 -4.42 8.88 6.65
N ALA A 34 -4.60 10.17 6.88
CA ALA A 34 -3.65 11.16 6.37
C ALA A 34 -2.30 10.97 7.07
N THR A 35 -2.32 10.17 8.13
CA THR A 35 -1.12 9.89 8.88
C THR A 35 -0.15 9.04 8.06
N VAL A 36 -0.73 8.22 7.20
CA VAL A 36 0.08 7.35 6.35
C VAL A 36 0.55 8.13 5.12
N MET A 37 -0.43 8.54 4.32
CA MET A 37 -0.13 9.30 3.11
C MET A 37 0.98 10.33 3.36
N ARG A 38 0.76 11.14 4.39
CA ARG A 38 1.74 12.16 4.74
C ARG A 38 3.07 11.52 5.15
N SER A 39 2.95 10.36 5.77
CA SER A 39 4.13 9.63 6.22
C SER A 39 4.95 9.15 5.00
N LEU A 40 4.23 8.97 3.90
CA LEU A 40 4.86 8.51 2.67
C LEU A 40 5.54 9.70 1.99
N GLY A 41 5.11 10.90 2.38
CA GLY A 41 5.67 12.11 1.81
C GLY A 41 4.58 12.98 1.20
N LEU A 42 3.35 12.52 1.33
CA LEU A 42 2.21 13.24 0.80
C LEU A 42 1.81 14.35 1.78
N SER A 43 0.71 15.02 1.45
CA SER A 43 0.22 16.09 2.29
C SER A 43 -1.23 16.42 1.93
N PRO A 44 -2.11 15.38 2.11
CA PRO A 44 -3.53 15.55 1.81
C PRO A 44 -4.22 16.38 2.89
N SER A 45 -5.07 17.29 2.42
CA SER A 45 -5.80 18.15 3.33
C SER A 45 -6.95 17.39 3.97
N GLU A 46 -7.16 17.64 5.25
CA GLU A 46 -8.23 16.98 5.98
C GLU A 46 -9.56 17.11 5.24
N ALA A 47 -9.65 18.19 4.48
CA ALA A 47 -10.86 18.46 3.71
C ALA A 47 -11.08 17.32 2.70
N GLU A 48 -10.02 17.02 1.97
CA GLU A 48 -10.08 15.97 0.97
C GLU A 48 -10.06 14.60 1.65
N VAL A 49 -9.08 14.41 2.53
CA VAL A 49 -8.96 13.16 3.25
C VAL A 49 -10.34 12.66 3.66
N ASN A 50 -11.23 13.60 3.91
CA ASN A 50 -12.59 13.27 4.30
C ASN A 50 -13.35 12.74 3.09
N ASP A 51 -13.51 13.60 2.10
CA ASP A 51 -14.21 13.23 0.88
C ASP A 51 -13.60 11.94 0.32
N LEU A 52 -12.37 11.68 0.74
CA LEU A 52 -11.68 10.48 0.29
C LEU A 52 -12.15 9.28 1.10
N MET A 53 -11.90 9.34 2.40
CA MET A 53 -12.31 8.27 3.29
C MET A 53 -13.82 8.12 3.32
N ASN A 54 -14.49 9.13 2.79
CA ASN A 54 -15.95 9.12 2.75
C ASN A 54 -16.41 8.56 1.40
N GLU A 55 -15.45 8.41 0.50
CA GLU A 55 -15.75 7.89 -0.82
C GLU A 55 -15.83 6.37 -0.80
N ILE A 56 -15.36 5.80 0.32
CA ILE A 56 -15.38 4.36 0.49
C ILE A 56 -16.29 4.00 1.65
N ASP A 57 -16.20 4.79 2.71
CA ASP A 57 -17.01 4.56 3.90
C ASP A 57 -18.41 4.13 3.47
N VAL A 58 -18.80 2.94 3.91
CA VAL A 58 -20.11 2.41 3.58
C VAL A 58 -21.16 3.00 4.53
N ASP A 59 -20.67 3.55 5.61
CA ASP A 59 -21.58 4.17 6.62
C ASP A 59 -21.30 5.67 6.71
N GLY A 60 -20.25 6.15 6.06
CA GLY A 60 -19.91 7.56 6.12
C GLY A 60 -19.71 8.02 7.55
N ASN A 61 -19.03 7.18 8.33
CA ASN A 61 -18.77 7.49 9.72
C ASN A 61 -17.45 8.25 9.83
N HIS A 62 -17.00 8.76 8.69
CA HIS A 62 -15.76 9.52 8.63
C HIS A 62 -14.60 8.61 9.05
N GLN A 63 -14.77 7.32 8.79
CA GLN A 63 -13.74 6.35 9.14
C GLN A 63 -13.86 5.12 8.24
N ILE A 64 -12.71 4.49 7.99
CA ILE A 64 -12.67 3.31 7.15
C ILE A 64 -12.55 2.07 8.04
N GLU A 65 -13.43 1.11 7.79
CA GLU A 65 -13.42 -0.12 8.55
C GLU A 65 -12.56 -1.18 7.87
N PHE A 66 -12.48 -2.35 8.49
CA PHE A 66 -11.69 -3.43 7.95
C PHE A 66 -12.42 -4.10 6.78
N SER A 67 -13.70 -3.77 6.64
CA SER A 67 -14.50 -4.33 5.57
C SER A 67 -14.51 -3.38 4.38
N GLU A 68 -14.63 -2.09 4.67
CA GLU A 68 -14.64 -1.07 3.63
C GLU A 68 -13.28 -0.98 2.96
N PHE A 69 -12.25 -0.85 3.78
CA PHE A 69 -10.89 -0.75 3.28
C PHE A 69 -10.54 -1.95 2.41
N LEU A 70 -10.99 -3.11 2.85
CA LEU A 70 -10.74 -4.35 2.11
C LEU A 70 -11.54 -4.34 0.81
N ALA A 71 -12.72 -3.75 0.90
CA ALA A 71 -13.60 -3.67 -0.26
C ALA A 71 -13.08 -2.60 -1.22
N LEU A 72 -12.19 -1.76 -0.70
CA LEU A 72 -11.62 -0.69 -1.49
C LEU A 72 -10.59 -1.29 -2.46
N MET A 73 -9.75 -2.16 -1.93
CA MET A 73 -8.73 -2.80 -2.75
C MET A 73 -9.35 -3.56 -3.92
N SER A 74 -10.58 -4.02 -3.70
CA SER A 74 -11.30 -4.75 -4.73
C SER A 74 -12.39 -3.88 -5.33
N ARG A 75 -12.25 -2.58 -5.12
CA ARG A 75 -13.22 -1.62 -5.64
C ARG A 75 -12.52 -0.36 -6.12
N GLN A 76 -11.21 -0.47 -6.27
CA GLN A 76 -10.40 0.65 -6.72
C GLN A 76 -9.91 0.42 -8.15
N LEU A 77 -8.91 -0.45 -8.27
CA LEU A 77 -8.35 -0.77 -9.57
C LEU A 77 -9.47 -1.21 -10.52
N LYS A 78 -9.09 -1.52 -11.74
CA LYS A 78 -10.04 -1.95 -12.74
C LYS A 78 -9.36 -2.96 -13.68
N SER A 79 -8.68 -2.42 -14.68
CA SER A 79 -7.99 -3.24 -15.65
C SER A 79 -6.52 -3.43 -15.23
N ASN A 80 -5.70 -2.48 -15.66
CA ASN A 80 -4.28 -2.53 -15.35
C ASN A 80 -4.08 -2.11 -13.89
N ASP A 81 -4.73 -2.85 -13.00
CA ASP A 81 -4.63 -2.56 -11.58
C ASP A 81 -3.15 -2.49 -11.18
N SER A 82 -2.50 -3.65 -11.21
CA SER A 82 -1.10 -3.73 -10.86
C SER A 82 -0.35 -2.51 -11.39
N GLU A 83 -0.28 -2.42 -12.71
CA GLU A 83 0.40 -1.31 -13.36
C GLU A 83 0.10 -0.01 -12.62
N GLN A 84 -1.19 0.26 -12.47
CA GLN A 84 -1.63 1.47 -11.78
C GLN A 84 -0.95 1.59 -10.42
N GLU A 85 -1.22 0.59 -9.57
CA GLU A 85 -0.65 0.57 -8.24
C GLU A 85 0.88 0.47 -8.32
N LEU A 86 1.36 0.17 -9.51
CA LEU A 86 2.78 0.03 -9.74
C LEU A 86 3.41 1.43 -9.90
N LEU A 87 3.06 2.07 -11.00
CA LEU A 87 3.56 3.41 -11.27
C LEU A 87 3.45 4.27 -10.01
N GLU A 88 2.34 4.08 -9.31
CA GLU A 88 2.09 4.83 -8.09
C GLU A 88 3.08 4.42 -7.00
N ALA A 89 3.07 3.13 -6.69
CA ALA A 89 3.97 2.60 -5.67
C ALA A 89 5.41 2.74 -6.15
N PHE A 90 5.55 3.05 -7.44
CA PHE A 90 6.88 3.21 -8.03
C PHE A 90 7.41 4.63 -7.79
N LYS A 91 6.63 5.60 -8.23
CA LYS A 91 7.01 7.00 -8.07
C LYS A 91 6.81 7.41 -6.61
N VAL A 92 6.30 6.48 -5.83
CA VAL A 92 6.06 6.74 -4.42
C VAL A 92 7.27 6.26 -3.60
N PHE A 93 7.78 5.10 -3.98
CA PHE A 93 8.92 4.52 -3.29
C PHE A 93 10.21 5.20 -3.74
N ASP A 94 10.31 5.42 -5.02
CA ASP A 94 11.53 6.08 -5.57
C ASP A 94 11.56 7.55 -5.15
N LYS A 95 12.31 7.87 -4.10
CA LYS A 95 12.40 9.23 -3.62
C LYS A 95 13.51 9.97 -4.37
N ASN A 96 14.51 9.18 -4.78
CA ASN A 96 15.64 9.74 -5.50
C ASN A 96 15.24 9.98 -6.95
N GLY A 97 14.57 9.00 -7.53
CA GLY A 97 14.12 9.09 -8.90
C GLY A 97 15.21 8.61 -9.86
N ASP A 98 15.35 7.30 -9.95
CA ASP A 98 16.34 6.70 -10.82
C ASP A 98 15.73 5.49 -11.53
N GLY A 99 14.43 5.35 -11.37
CA GLY A 99 13.71 4.25 -12.00
C GLY A 99 14.06 2.92 -11.33
N LEU A 100 14.62 3.03 -10.13
CA LEU A 100 15.00 1.85 -9.38
C LEU A 100 14.89 2.14 -7.88
N ILE A 101 13.94 1.48 -7.25
CA ILE A 101 13.72 1.65 -5.82
C ILE A 101 14.80 0.89 -5.04
N SER A 102 15.75 1.65 -4.54
CA SER A 102 16.84 1.07 -3.77
C SER A 102 16.32 0.57 -2.43
N ALA A 103 17.24 0.00 -1.66
CA ALA A 103 16.89 -0.52 -0.34
C ALA A 103 16.14 0.55 0.45
N ALA A 104 16.87 1.61 0.77
CA ALA A 104 16.29 2.71 1.53
C ALA A 104 14.88 3.00 1.01
N GLU A 105 14.83 3.47 -0.23
CA GLU A 105 13.56 3.79 -0.86
C GLU A 105 12.51 2.74 -0.49
N LEU A 106 12.99 1.53 -0.25
CA LEU A 106 12.11 0.44 0.11
C LEU A 106 11.92 0.42 1.64
N LYS A 107 12.97 0.01 2.33
CA LYS A 107 12.93 -0.06 3.77
C LYS A 107 12.36 1.25 4.33
N HIS A 108 13.06 2.33 4.03
CA HIS A 108 12.64 3.65 4.49
C HIS A 108 11.12 3.78 4.34
N VAL A 109 10.63 3.28 3.21
CA VAL A 109 9.21 3.33 2.93
C VAL A 109 8.46 2.41 3.89
N LEU A 110 9.03 1.21 4.07
CA LEU A 110 8.42 0.23 4.95
C LEU A 110 8.45 0.76 6.38
N THR A 111 9.38 1.67 6.63
CA THR A 111 9.52 2.27 7.94
C THR A 111 8.57 3.46 8.10
N SER A 112 8.07 3.93 6.97
CA SER A 112 7.16 5.06 6.97
C SER A 112 5.75 4.60 7.37
N ILE A 113 5.59 3.28 7.44
CA ILE A 113 4.31 2.71 7.81
C ILE A 113 4.43 2.06 9.18
N GLY A 114 5.65 1.64 9.51
CA GLY A 114 5.91 1.00 10.78
C GLY A 114 6.92 -0.15 10.62
N GLU A 115 6.87 -0.76 9.44
CA GLU A 115 7.76 -1.87 9.14
C GLU A 115 9.22 -1.40 9.12
N LYS A 116 9.99 -1.92 10.07
CA LYS A 116 11.39 -1.56 10.17
C LYS A 116 12.26 -2.77 9.82
N LEU A 117 12.57 -2.88 8.53
CA LEU A 117 13.38 -3.99 8.07
C LEU A 117 14.86 -3.57 8.06
N THR A 118 15.71 -4.51 8.43
CA THR A 118 17.14 -4.26 8.46
C THR A 118 17.69 -4.12 7.05
N ASP A 119 18.76 -3.34 6.94
CA ASP A 119 19.40 -3.12 5.66
C ASP A 119 19.61 -4.46 4.96
N ALA A 120 19.68 -5.51 5.77
CA ALA A 120 19.89 -6.85 5.24
C ALA A 120 18.55 -7.41 4.75
N GLU A 121 17.51 -7.14 5.53
CA GLU A 121 16.18 -7.61 5.19
C GLU A 121 15.71 -6.98 3.88
N VAL A 122 15.98 -5.68 3.75
CA VAL A 122 15.59 -4.96 2.55
C VAL A 122 16.45 -5.43 1.37
N ASP A 123 17.76 -5.40 1.59
CA ASP A 123 18.69 -5.83 0.57
C ASP A 123 18.35 -7.25 0.12
N ASP A 124 17.65 -7.95 0.99
CA ASP A 124 17.25 -9.32 0.70
C ASP A 124 15.87 -9.31 0.05
N MET A 125 15.02 -8.40 0.51
CA MET A 125 13.69 -8.28 -0.02
C MET A 125 13.71 -7.95 -1.52
N LEU A 126 14.73 -7.18 -1.91
CA LEU A 126 14.88 -6.79 -3.29
C LEU A 126 15.17 -8.04 -4.14
N ARG A 127 16.17 -8.79 -3.72
CA ARG A 127 16.55 -10.00 -4.42
C ARG A 127 15.30 -10.71 -4.96
N GLU A 128 14.22 -10.57 -4.23
CA GLU A 128 12.96 -11.19 -4.62
C GLU A 128 12.69 -10.95 -6.10
N VAL A 129 12.79 -9.69 -6.50
CA VAL A 129 12.57 -9.31 -7.88
C VAL A 129 13.72 -8.45 -8.37
N SER A 130 14.79 -8.45 -7.58
CA SER A 130 15.97 -7.67 -7.93
C SER A 130 17.06 -8.59 -8.48
N ASP A 131 16.71 -9.88 -8.60
CA ASP A 131 17.64 -10.87 -9.12
C ASP A 131 19.04 -10.55 -8.59
N GLY A 132 19.11 -10.31 -7.29
CA GLY A 132 20.38 -10.01 -6.65
C GLY A 132 21.06 -8.81 -7.32
N SER A 133 20.28 -7.75 -7.51
CA SER A 133 20.79 -6.54 -8.14
C SER A 133 21.10 -5.49 -7.07
N GLY A 134 20.03 -4.86 -6.60
CA GLY A 134 20.17 -3.82 -5.58
C GLY A 134 19.00 -2.85 -5.63
N GLU A 135 18.34 -2.82 -6.78
CA GLU A 135 17.20 -1.93 -6.97
C GLU A 135 16.12 -2.63 -7.80
N ILE A 136 14.94 -2.04 -7.79
CA ILE A 136 13.82 -2.59 -8.54
C ILE A 136 13.17 -1.47 -9.36
N ASN A 137 13.05 -1.73 -10.65
CA ASN A 137 12.45 -0.76 -11.55
C ASN A 137 10.96 -1.06 -11.70
N ILE A 138 10.30 -0.26 -12.54
CA ILE A 138 8.89 -0.43 -12.78
C ILE A 138 8.61 -1.87 -13.21
N GLN A 139 9.66 -2.53 -13.65
CA GLN A 139 9.56 -3.91 -14.10
C GLN A 139 9.72 -4.87 -12.91
N GLN A 140 10.86 -4.75 -12.25
CA GLN A 140 11.15 -5.58 -11.11
C GLN A 140 10.18 -5.29 -9.96
N PHE A 141 10.12 -4.02 -9.60
CA PHE A 141 9.24 -3.59 -8.53
C PHE A 141 7.83 -4.17 -8.71
N ALA A 142 7.44 -4.29 -9.97
CA ALA A 142 6.13 -4.82 -10.31
C ALA A 142 6.14 -6.34 -10.14
N ALA A 143 7.32 -6.92 -10.34
CA ALA A 143 7.48 -8.35 -10.22
C ALA A 143 7.12 -8.78 -8.80
N LEU A 144 7.07 -7.79 -7.91
CA LEU A 144 6.75 -8.05 -6.51
C LEU A 144 5.23 -8.22 -6.36
N LEU A 145 4.52 -7.13 -6.63
CA LEU A 145 3.06 -7.14 -6.54
C LEU A 145 2.52 -8.33 -7.33
N SER A 146 3.33 -8.80 -8.26
CA SER A 146 2.94 -9.93 -9.10
C SER A 146 3.87 -11.12 -8.84
N LYS A 147 4.24 -11.28 -7.58
CA LYS A 147 5.13 -12.36 -7.19
C LYS A 147 4.31 -13.63 -6.96
N GLY A 148 3.70 -13.70 -5.78
CA GLY A 148 2.89 -14.84 -5.42
C GLY A 148 3.64 -16.15 -5.67
N SER A 149 4.96 -16.03 -5.71
CA SER A 149 5.80 -17.20 -5.94
C SER A 149 6.19 -17.82 -4.60
N SER A 150 7.23 -17.26 -4.00
CA SER A 150 7.71 -17.75 -2.72
C SER A 150 7.05 -16.97 -1.58
N THR A 151 5.74 -17.06 -1.53
CA THR A 151 4.98 -16.38 -0.50
C THR A 151 4.35 -17.39 0.47
N GLY A 152 3.41 -18.16 -0.06
CA GLY A 152 2.73 -19.16 0.74
C GLY A 152 1.84 -18.51 1.79
N THR A 153 1.10 -17.49 1.36
CA THR A 153 0.21 -16.78 2.26
C THR A 153 1.01 -16.07 3.36
N ARG A 154 2.07 -15.41 2.94
CA ARG A 154 2.92 -14.69 3.87
C ARG A 154 3.45 -13.41 3.23
N ARG A 155 4.11 -13.58 2.09
CA ARG A 155 4.68 -12.44 1.38
C ARG A 155 3.56 -11.63 0.72
N LYS A 156 2.53 -12.35 0.27
CA LYS A 156 1.40 -11.71 -0.38
C LYS A 156 0.90 -10.56 0.50
N ALA A 157 1.17 -10.69 1.80
CA ALA A 157 0.74 -9.68 2.74
C ALA A 157 1.87 -8.65 2.92
N LEU A 158 3.09 -9.10 2.69
CA LEU A 158 4.25 -8.23 2.82
C LEU A 158 4.20 -7.16 1.73
N ARG A 159 3.86 -7.61 0.52
CA ARG A 159 3.78 -6.70 -0.61
C ARG A 159 2.44 -5.96 -0.60
N ASN A 160 1.46 -6.58 0.05
CA ASN A 160 0.14 -5.98 0.14
C ASN A 160 0.24 -4.63 0.85
N LYS A 161 1.23 -4.53 1.73
CA LYS A 161 1.45 -3.30 2.48
C LYS A 161 1.68 -2.15 1.49
N ILE A 162 2.18 -2.50 0.33
CA ILE A 162 2.45 -1.51 -0.70
C ILE A 162 1.19 -1.29 -1.54
N LEU A 163 0.42 -2.36 -1.67
CA LEU A 163 -0.81 -2.29 -2.44
C LEU A 163 -1.65 -1.11 -1.95
N ALA A 164 -1.73 -1.00 -0.63
CA ALA A 164 -2.50 0.09 -0.02
C ALA A 164 -1.72 1.40 -0.15
N ILE A 165 -0.52 1.40 0.42
CA ILE A 165 0.33 2.57 0.36
C ILE A 165 0.24 3.20 -1.03
N ALA A 166 0.03 2.35 -2.01
CA ALA A 166 -0.07 2.80 -3.39
C ALA A 166 -1.52 3.21 -3.68
N LYS A 167 -2.39 2.21 -3.68
CA LYS A 167 -3.80 2.44 -3.94
C LYS A 167 -4.29 3.61 -3.09
N VAL A 168 -4.22 3.43 -1.78
CA VAL A 168 -4.64 4.46 -0.85
C VAL A 168 -4.04 5.80 -1.28
N SER A 169 -2.77 5.76 -1.62
CA SER A 169 -2.07 6.96 -2.05
C SER A 169 -2.62 7.44 -3.38
N ARG A 170 -3.13 6.48 -4.15
CA ARG A 170 -3.69 6.79 -5.46
C ARG A 170 -5.12 7.31 -5.30
N MET A 171 -5.75 6.91 -4.21
CA MET A 171 -7.12 7.33 -3.95
C MET A 171 -7.22 8.85 -3.80
N PHE A 172 -6.10 9.44 -3.40
CA PHE A 172 -6.04 10.89 -3.22
C PHE A 172 -5.97 11.61 -4.57
N SER A 173 -5.53 10.87 -5.58
CA SER A 173 -5.41 11.41 -6.92
C SER A 173 -6.72 11.22 -7.68
N VAL A 174 -7.60 10.42 -7.10
CA VAL A 174 -8.89 10.14 -7.71
C VAL A 174 -9.96 10.98 -7.01
N LEU A 175 -9.96 10.93 -5.69
CA LEU A 175 -10.91 11.67 -4.90
C LEU A 175 -11.16 13.03 -5.54
N ARG A 176 -10.08 13.60 -6.07
CA ARG A 176 -10.16 14.90 -6.72
C ARG A 176 -11.43 14.99 -7.58
N GLY A 1 -18.64 -7.14 -8.76
CA GLY A 1 -19.51 -8.29 -8.63
C GLY A 1 -19.46 -8.86 -7.21
N SER A 2 -19.08 -10.12 -7.13
CA SER A 2 -19.00 -10.80 -5.84
C SER A 2 -17.53 -10.96 -5.43
N SER A 3 -17.28 -10.77 -4.14
CA SER A 3 -15.93 -10.90 -3.62
C SER A 3 -15.37 -12.28 -3.96
N ASN A 4 -14.38 -12.28 -4.85
CA ASN A 4 -13.74 -13.51 -5.27
C ASN A 4 -12.57 -13.82 -4.33
N LEU A 5 -12.55 -13.13 -3.21
CA LEU A 5 -11.49 -13.31 -2.23
C LEU A 5 -11.87 -14.44 -1.28
N THR A 6 -10.93 -14.79 -0.41
CA THR A 6 -11.16 -15.85 0.56
C THR A 6 -10.91 -15.34 1.97
N GLU A 7 -11.33 -16.14 2.95
CA GLU A 7 -11.16 -15.79 4.35
C GLU A 7 -9.67 -15.55 4.65
N GLU A 8 -8.82 -16.18 3.85
CA GLU A 8 -7.39 -16.05 4.02
C GLU A 8 -6.90 -14.73 3.41
N GLN A 9 -7.70 -14.21 2.49
CA GLN A 9 -7.36 -12.97 1.82
C GLN A 9 -7.77 -11.78 2.68
N ILE A 10 -8.80 -11.99 3.48
CA ILE A 10 -9.29 -10.94 4.36
C ILE A 10 -8.24 -10.62 5.41
N ALA A 11 -7.47 -11.64 5.76
CA ALA A 11 -6.42 -11.49 6.75
C ALA A 11 -5.27 -10.68 6.13
N GLU A 12 -5.32 -10.53 4.83
CA GLU A 12 -4.30 -9.78 4.11
C GLU A 12 -4.48 -8.28 4.33
N PHE A 13 -5.56 -7.76 3.77
CA PHE A 13 -5.86 -6.34 3.89
C PHE A 13 -5.72 -5.89 5.35
N LYS A 14 -5.85 -6.83 6.25
CA LYS A 14 -5.73 -6.54 7.67
C LYS A 14 -4.42 -5.78 7.92
N GLU A 15 -3.37 -6.24 7.26
CA GLU A 15 -2.07 -5.62 7.41
C GLU A 15 -2.11 -4.18 6.90
N ALA A 16 -2.45 -4.05 5.61
CA ALA A 16 -2.53 -2.74 5.00
C ALA A 16 -3.41 -1.82 5.85
N PHE A 17 -4.28 -2.45 6.62
CA PHE A 17 -5.18 -1.72 7.48
C PHE A 17 -4.44 -1.14 8.70
N ALA A 18 -3.53 -1.95 9.23
CA ALA A 18 -2.76 -1.55 10.39
C ALA A 18 -1.95 -0.30 10.04
N LEU A 19 -1.81 -0.06 8.74
CA LEU A 19 -1.06 1.09 8.26
C LEU A 19 -1.66 2.36 8.85
N PHE A 20 -2.98 2.42 8.85
CA PHE A 20 -3.69 3.57 9.38
C PHE A 20 -4.30 3.24 10.74
N ASP A 21 -4.98 2.11 10.80
CA ASP A 21 -5.62 1.68 12.03
C ASP A 21 -4.56 1.52 13.12
N LYS A 22 -4.28 2.63 13.78
CA LYS A 22 -3.28 2.63 14.85
C LYS A 22 -3.74 1.68 15.96
N ASP A 23 -4.80 2.06 16.61
CA ASP A 23 -5.35 1.22 17.72
C ASP A 23 -6.09 0.02 17.13
N ASN A 24 -6.37 0.03 15.83
CA ASN A 24 -7.08 -1.07 15.21
C ASN A 24 -8.45 -1.26 15.89
N ASN A 25 -9.24 -0.20 15.84
CA ASN A 25 -10.55 -0.23 16.44
C ASN A 25 -11.59 -0.66 15.40
N GLY A 26 -11.22 -0.46 14.14
CA GLY A 26 -12.09 -0.82 13.04
C GLY A 26 -12.66 0.43 12.35
N SER A 27 -11.85 1.48 12.34
CA SER A 27 -12.26 2.73 11.73
C SER A 27 -11.05 3.67 11.61
N ILE A 28 -10.65 3.90 10.37
CA ILE A 28 -9.52 4.78 10.11
C ILE A 28 -10.02 6.21 9.89
N SER A 29 -9.87 7.02 10.92
CA SER A 29 -10.31 8.40 10.85
C SER A 29 -9.43 9.17 9.87
N SER A 30 -9.93 10.33 9.46
CA SER A 30 -9.19 11.18 8.53
C SER A 30 -7.84 11.56 9.12
N SER A 31 -7.73 11.39 10.43
CA SER A 31 -6.49 11.72 11.13
C SER A 31 -5.57 10.49 11.13
N GLU A 32 -6.18 9.34 10.94
CA GLU A 32 -5.42 8.09 10.93
C GLU A 32 -4.96 7.76 9.50
N LEU A 33 -5.82 8.10 8.55
CA LEU A 33 -5.51 7.85 7.14
C LEU A 33 -4.37 8.76 6.71
N ALA A 34 -4.51 10.03 7.07
CA ALA A 34 -3.50 11.02 6.71
C ALA A 34 -2.22 10.75 7.52
N THR A 35 -2.37 9.89 8.52
CA THR A 35 -1.25 9.55 9.37
C THR A 35 -0.22 8.71 8.60
N VAL A 36 -0.72 8.04 7.56
CA VAL A 36 0.13 7.21 6.73
C VAL A 36 0.67 8.04 5.57
N MET A 37 -0.25 8.56 4.78
CA MET A 37 0.12 9.37 3.63
C MET A 37 1.25 10.34 3.99
N ARG A 38 0.99 11.16 4.99
CA ARG A 38 1.97 12.14 5.44
C ARG A 38 3.27 11.44 5.83
N SER A 39 3.14 10.18 6.24
CA SER A 39 4.27 9.39 6.65
C SER A 39 5.07 8.93 5.42
N LEU A 40 4.33 8.77 4.32
CA LEU A 40 4.95 8.33 3.07
C LEU A 40 5.68 9.50 2.43
N GLY A 41 5.28 10.70 2.84
CA GLY A 41 5.89 11.91 2.32
C GLY A 41 4.83 12.85 1.72
N LEU A 42 3.59 12.42 1.83
CA LEU A 42 2.48 13.21 1.31
C LEU A 42 2.13 14.31 2.30
N SER A 43 1.09 15.06 1.95
CA SER A 43 0.64 16.16 2.80
C SER A 43 -0.78 16.56 2.42
N PRO A 44 -1.71 15.58 2.56
CA PRO A 44 -3.10 15.83 2.24
C PRO A 44 -3.79 16.67 3.33
N SER A 45 -4.83 17.38 2.92
CA SER A 45 -5.57 18.21 3.85
C SER A 45 -6.77 17.46 4.41
N GLU A 46 -7.00 17.64 5.70
CA GLU A 46 -8.11 16.98 6.36
C GLU A 46 -9.39 17.10 5.52
N ALA A 47 -9.44 18.17 4.74
CA ALA A 47 -10.59 18.41 3.87
C ALA A 47 -10.66 17.32 2.81
N GLU A 48 -9.52 17.07 2.19
CA GLU A 48 -9.43 16.06 1.14
C GLU A 48 -9.45 14.66 1.77
N VAL A 49 -8.56 14.46 2.74
CA VAL A 49 -8.48 13.18 3.41
C VAL A 49 -9.88 12.62 3.65
N ASN A 50 -10.82 13.54 3.80
CA ASN A 50 -12.20 13.16 4.04
C ASN A 50 -12.84 12.74 2.71
N ASP A 51 -12.93 13.71 1.80
CA ASP A 51 -13.51 13.44 0.49
C ASP A 51 -12.91 12.17 -0.09
N LEU A 52 -11.72 11.84 0.40
CA LEU A 52 -11.02 10.65 -0.06
C LEU A 52 -11.67 9.41 0.57
N MET A 53 -11.65 9.38 1.89
CA MET A 53 -12.22 8.27 2.63
C MET A 53 -13.75 8.32 2.60
N ASN A 54 -14.27 9.40 2.01
CA ASN A 54 -15.70 9.58 1.91
C ASN A 54 -16.20 8.94 0.61
N GLU A 55 -15.25 8.52 -0.21
CA GLU A 55 -15.59 7.90 -1.48
C GLU A 55 -15.59 6.38 -1.33
N ILE A 56 -15.17 5.93 -0.16
CA ILE A 56 -15.11 4.50 0.12
C ILE A 56 -16.07 4.17 1.27
N ASP A 57 -16.06 5.05 2.26
CA ASP A 57 -16.92 4.86 3.43
C ASP A 57 -18.28 4.32 2.98
N VAL A 58 -18.61 3.14 3.47
CA VAL A 58 -19.87 2.51 3.13
C VAL A 58 -20.93 2.91 4.16
N ASP A 59 -20.47 3.48 5.24
CA ASP A 59 -21.40 3.92 6.31
C ASP A 59 -21.33 5.45 6.48
N GLY A 60 -20.38 6.09 5.81
CA GLY A 60 -20.23 7.53 5.91
C GLY A 60 -20.02 7.94 7.37
N ASN A 61 -19.20 7.17 8.07
CA ASN A 61 -18.90 7.45 9.46
C ASN A 61 -17.64 8.31 9.55
N HIS A 62 -17.23 8.83 8.41
CA HIS A 62 -16.05 9.66 8.35
C HIS A 62 -14.82 8.82 8.70
N GLN A 63 -14.92 7.53 8.42
CA GLN A 63 -13.82 6.62 8.70
C GLN A 63 -13.86 5.43 7.72
N ILE A 64 -12.84 4.59 7.82
CA ILE A 64 -12.75 3.43 6.97
C ILE A 64 -12.65 2.17 7.83
N GLU A 65 -13.51 1.21 7.53
CA GLU A 65 -13.54 -0.05 8.26
C GLU A 65 -12.67 -1.09 7.57
N PHE A 66 -12.52 -2.22 8.24
CA PHE A 66 -11.71 -3.30 7.70
C PHE A 66 -12.43 -4.01 6.55
N SER A 67 -13.72 -3.71 6.44
CA SER A 67 -14.54 -4.31 5.39
C SER A 67 -14.50 -3.44 4.14
N GLU A 68 -14.67 -2.15 4.35
CA GLU A 68 -14.65 -1.20 3.25
C GLU A 68 -13.25 -1.09 2.65
N PHE A 69 -12.29 -0.84 3.53
CA PHE A 69 -10.91 -0.71 3.11
C PHE A 69 -10.47 -1.92 2.29
N LEU A 70 -10.83 -3.10 2.78
CA LEU A 70 -10.49 -4.33 2.10
C LEU A 70 -11.27 -4.43 0.79
N ALA A 71 -12.49 -3.91 0.81
CA ALA A 71 -13.34 -3.92 -0.36
C ALA A 71 -12.79 -2.93 -1.39
N LEU A 72 -12.07 -1.93 -0.89
CA LEU A 72 -11.49 -0.93 -1.76
C LEU A 72 -10.49 -1.59 -2.71
N MET A 73 -9.56 -2.33 -2.12
CA MET A 73 -8.54 -3.02 -2.90
C MET A 73 -9.18 -4.00 -3.88
N SER A 74 -10.47 -4.25 -3.67
CA SER A 74 -11.19 -5.17 -4.53
C SER A 74 -12.45 -4.50 -5.07
N ARG A 75 -12.36 -3.18 -5.20
CA ARG A 75 -13.48 -2.40 -5.71
C ARG A 75 -13.00 -1.39 -6.75
N GLN A 76 -12.17 -0.46 -6.27
CA GLN A 76 -11.63 0.57 -7.15
C GLN A 76 -10.54 -0.01 -8.05
N LEU A 77 -10.95 -0.97 -8.87
CA LEU A 77 -10.02 -1.62 -9.79
C LEU A 77 -10.80 -2.25 -10.94
N LYS A 78 -10.29 -2.03 -12.14
CA LYS A 78 -10.93 -2.58 -13.34
C LYS A 78 -9.89 -3.30 -14.19
N SER A 79 -9.22 -2.52 -15.03
CA SER A 79 -8.20 -3.06 -15.90
C SER A 79 -6.82 -2.51 -15.51
N ASN A 80 -6.61 -1.24 -15.87
CA ASN A 80 -5.35 -0.58 -15.56
C ASN A 80 -5.37 -0.11 -14.11
N ASP A 81 -5.67 -1.04 -13.22
CA ASP A 81 -5.72 -0.73 -11.80
C ASP A 81 -4.31 -0.86 -11.21
N SER A 82 -3.92 -2.08 -10.92
CA SER A 82 -2.61 -2.35 -10.34
C SER A 82 -1.57 -1.42 -10.97
N GLU A 83 -1.50 -1.47 -12.29
CA GLU A 83 -0.56 -0.63 -13.02
C GLU A 83 -0.51 0.77 -12.41
N GLN A 84 -1.70 1.30 -12.13
CA GLN A 84 -1.80 2.62 -11.55
C GLN A 84 -1.00 2.70 -10.25
N GLU A 85 -1.44 1.91 -9.27
CA GLU A 85 -0.79 1.88 -7.98
C GLU A 85 0.66 1.40 -8.13
N LEU A 86 0.95 0.86 -9.30
CA LEU A 86 2.28 0.35 -9.59
C LEU A 86 3.20 1.54 -9.91
N LEU A 87 2.86 2.25 -10.98
CA LEU A 87 3.64 3.39 -11.41
C LEU A 87 3.70 4.41 -10.27
N GLU A 88 2.60 4.50 -9.54
CA GLU A 88 2.51 5.43 -8.42
C GLU A 88 3.40 4.97 -7.28
N ALA A 89 3.15 3.75 -6.83
CA ALA A 89 3.92 3.17 -5.74
C ALA A 89 5.38 3.03 -6.17
N PHE A 90 5.59 3.14 -7.47
CA PHE A 90 6.94 3.03 -8.02
C PHE A 90 7.68 4.36 -7.91
N LYS A 91 6.97 5.44 -8.20
CA LYS A 91 7.56 6.77 -8.14
C LYS A 91 7.51 7.26 -6.68
N VAL A 92 6.59 6.68 -5.92
CA VAL A 92 6.43 7.06 -4.53
C VAL A 92 7.59 6.46 -3.72
N PHE A 93 7.88 5.21 -4.00
CA PHE A 93 8.96 4.51 -3.31
C PHE A 93 10.32 5.10 -3.68
N ASP A 94 10.45 5.44 -4.92
CA ASP A 94 11.73 6.03 -5.41
C ASP A 94 11.87 7.46 -4.90
N LYS A 95 12.71 7.67 -3.89
CA LYS A 95 12.90 9.00 -3.33
C LYS A 95 13.99 9.72 -4.12
N ASN A 96 14.97 8.95 -4.58
CA ASN A 96 16.07 9.51 -5.34
C ASN A 96 15.60 9.79 -6.77
N GLY A 97 14.90 8.81 -7.33
CA GLY A 97 14.39 8.94 -8.68
C GLY A 97 15.42 8.47 -9.71
N ASP A 98 15.50 7.16 -9.85
CA ASP A 98 16.45 6.56 -10.78
C ASP A 98 15.77 5.38 -11.49
N GLY A 99 14.47 5.28 -11.30
CA GLY A 99 13.70 4.21 -11.91
C GLY A 99 14.02 2.86 -11.25
N LEU A 100 14.59 2.94 -10.06
CA LEU A 100 14.96 1.75 -9.32
C LEU A 100 14.87 2.05 -7.81
N ILE A 101 13.89 1.44 -7.18
CA ILE A 101 13.70 1.62 -5.74
C ILE A 101 14.76 0.84 -4.98
N SER A 102 15.75 1.56 -4.49
CA SER A 102 16.84 0.95 -3.75
C SER A 102 16.32 0.42 -2.41
N ALA A 103 17.21 -0.24 -1.69
CA ALA A 103 16.85 -0.80 -0.39
C ALA A 103 16.13 0.26 0.44
N ALA A 104 16.88 1.27 0.85
CA ALA A 104 16.32 2.35 1.65
C ALA A 104 14.97 2.75 1.06
N GLU A 105 15.01 3.26 -0.15
CA GLU A 105 13.79 3.69 -0.83
C GLU A 105 12.65 2.70 -0.53
N LEU A 106 13.03 1.46 -0.30
CA LEU A 106 12.05 0.42 -0.01
C LEU A 106 11.85 0.34 1.50
N LYS A 107 12.86 -0.21 2.18
CA LYS A 107 12.79 -0.35 3.62
C LYS A 107 12.28 0.95 4.24
N HIS A 108 13.04 2.01 4.01
CA HIS A 108 12.67 3.32 4.55
C HIS A 108 11.17 3.54 4.36
N VAL A 109 10.69 3.17 3.18
CA VAL A 109 9.27 3.33 2.87
C VAL A 109 8.45 2.41 3.77
N LEU A 110 8.96 1.20 3.95
CA LEU A 110 8.28 0.21 4.78
C LEU A 110 8.38 0.65 6.25
N THR A 111 9.35 1.51 6.51
CA THR A 111 9.55 2.00 7.86
C THR A 111 8.65 3.20 8.14
N SER A 112 8.06 3.71 7.07
CA SER A 112 7.16 4.84 7.18
C SER A 112 5.77 4.37 7.60
N ILE A 113 5.61 3.06 7.63
CA ILE A 113 4.33 2.47 8.01
C ILE A 113 4.49 1.76 9.35
N GLY A 114 5.67 1.22 9.56
CA GLY A 114 5.96 0.51 10.79
C GLY A 114 7.03 -0.57 10.57
N GLU A 115 7.02 -1.12 9.36
CA GLU A 115 7.98 -2.16 9.01
C GLU A 115 9.39 -1.61 9.05
N LYS A 116 10.11 -1.99 10.09
CA LYS A 116 11.48 -1.53 10.26
C LYS A 116 12.44 -2.66 9.88
N LEU A 117 12.83 -2.66 8.61
CA LEU A 117 13.74 -3.68 8.10
C LEU A 117 15.13 -3.07 7.94
N THR A 118 16.13 -3.88 8.26
CA THR A 118 17.51 -3.44 8.14
C THR A 118 17.96 -3.42 6.68
N ASP A 119 19.24 -3.15 6.49
CA ASP A 119 19.80 -3.11 5.15
C ASP A 119 20.02 -4.54 4.65
N ALA A 120 20.03 -5.46 5.60
CA ALA A 120 20.24 -6.87 5.27
C ALA A 120 18.88 -7.52 5.00
N GLU A 121 17.89 -7.10 5.79
CA GLU A 121 16.56 -7.63 5.64
C GLU A 121 15.91 -7.13 4.34
N VAL A 122 16.29 -5.92 3.96
CA VAL A 122 15.77 -5.32 2.75
C VAL A 122 16.57 -5.82 1.54
N ASP A 123 17.88 -5.69 1.65
CA ASP A 123 18.77 -6.13 0.58
C ASP A 123 18.44 -7.57 0.22
N ASP A 124 17.80 -8.26 1.15
CA ASP A 124 17.42 -9.65 0.94
C ASP A 124 16.02 -9.71 0.32
N MET A 125 15.23 -8.69 0.63
CA MET A 125 13.88 -8.62 0.12
C MET A 125 13.88 -8.24 -1.36
N LEU A 126 14.86 -7.43 -1.73
CA LEU A 126 14.98 -6.98 -3.11
C LEU A 126 15.27 -8.19 -4.01
N ARG A 127 16.32 -8.92 -3.65
CA ARG A 127 16.71 -10.09 -4.40
C ARG A 127 15.47 -10.84 -4.91
N GLU A 128 14.40 -10.73 -4.14
CA GLU A 128 13.15 -11.39 -4.50
C GLU A 128 12.83 -11.14 -5.97
N VAL A 129 12.89 -9.88 -6.36
CA VAL A 129 12.60 -9.49 -7.72
C VAL A 129 13.69 -8.54 -8.23
N SER A 130 14.78 -8.49 -7.47
CA SER A 130 15.90 -7.63 -7.82
C SER A 130 16.99 -8.46 -8.51
N ASP A 131 16.64 -9.70 -8.79
CA ASP A 131 17.59 -10.60 -9.44
C ASP A 131 18.98 -10.37 -8.88
N GLY A 132 19.03 -10.23 -7.56
CA GLY A 132 20.30 -10.00 -6.87
C GLY A 132 21.00 -8.75 -7.40
N SER A 133 20.22 -7.69 -7.52
CA SER A 133 20.75 -6.42 -8.01
C SER A 133 20.94 -5.45 -6.84
N GLY A 134 19.81 -4.89 -6.39
CA GLY A 134 19.84 -3.95 -5.28
C GLY A 134 18.71 -2.94 -5.40
N GLU A 135 18.14 -2.86 -6.60
CA GLU A 135 17.05 -1.94 -6.85
C GLU A 135 15.96 -2.64 -7.68
N ILE A 136 14.76 -2.06 -7.63
CA ILE A 136 13.64 -2.61 -8.36
C ILE A 136 13.00 -1.51 -9.21
N ASN A 137 12.91 -1.76 -10.50
CA ASN A 137 12.33 -0.81 -11.42
C ASN A 137 10.83 -1.08 -11.56
N ILE A 138 10.19 -0.27 -12.39
CA ILE A 138 8.76 -0.41 -12.60
C ILE A 138 8.44 -1.85 -13.02
N GLN A 139 9.48 -2.54 -13.46
CA GLN A 139 9.33 -3.92 -13.89
C GLN A 139 9.51 -4.87 -12.70
N GLN A 140 10.62 -4.68 -12.01
CA GLN A 140 10.93 -5.50 -10.85
C GLN A 140 9.96 -5.20 -9.70
N PHE A 141 9.95 -3.92 -9.31
CA PHE A 141 9.08 -3.49 -8.24
C PHE A 141 7.70 -4.14 -8.34
N ALA A 142 7.10 -3.98 -9.51
CA ALA A 142 5.78 -4.54 -9.76
C ALA A 142 5.78 -6.02 -9.38
N ALA A 143 6.90 -6.67 -9.66
CA ALA A 143 7.05 -8.08 -9.34
C ALA A 143 6.53 -8.35 -7.92
N LEU A 144 6.92 -7.45 -7.01
CA LEU A 144 6.50 -7.57 -5.63
C LEU A 144 4.98 -7.47 -5.54
N LEU A 145 4.44 -6.50 -6.27
CA LEU A 145 3.00 -6.29 -6.29
C LEU A 145 2.36 -7.19 -7.35
N SER A 146 3.17 -8.12 -7.84
CA SER A 146 2.70 -9.05 -8.86
C SER A 146 2.98 -10.48 -8.42
N LYS A 147 4.19 -10.94 -8.70
CA LYS A 147 4.59 -12.28 -8.35
C LYS A 147 5.41 -12.24 -7.06
N GLY A 148 6.67 -11.83 -7.20
CA GLY A 148 7.56 -11.74 -6.06
C GLY A 148 8.50 -12.95 -6.00
N SER A 149 8.47 -13.62 -4.86
CA SER A 149 9.31 -14.79 -4.66
C SER A 149 8.87 -15.56 -3.42
N SER A 150 8.13 -16.64 -3.66
CA SER A 150 7.64 -17.46 -2.57
C SER A 150 6.64 -16.67 -1.73
N THR A 151 5.60 -16.20 -2.40
CA THR A 151 4.56 -15.42 -1.73
C THR A 151 3.31 -16.28 -1.52
N GLY A 152 3.25 -16.89 -0.33
CA GLY A 152 2.11 -17.73 0.01
C GLY A 152 1.04 -16.94 0.76
N THR A 153 1.20 -16.90 2.08
CA THR A 153 0.25 -16.18 2.91
C THR A 153 1.00 -15.27 3.90
N ARG A 154 2.31 -15.22 3.73
CA ARG A 154 3.16 -14.40 4.58
C ARG A 154 3.94 -13.38 3.75
N ARG A 155 4.62 -13.90 2.74
CA ARG A 155 5.41 -13.04 1.86
C ARG A 155 4.49 -12.26 0.92
N LYS A 156 3.27 -12.75 0.79
CA LYS A 156 2.29 -12.12 -0.07
C LYS A 156 1.66 -10.93 0.66
N ALA A 157 1.91 -10.89 1.96
CA ALA A 157 1.37 -9.82 2.78
C ALA A 157 2.30 -8.60 2.71
N LEU A 158 3.51 -8.86 2.25
CA LEU A 158 4.51 -7.80 2.12
C LEU A 158 4.05 -6.81 1.04
N ARG A 159 3.77 -7.36 -0.14
CA ARG A 159 3.34 -6.54 -1.24
C ARG A 159 2.05 -5.80 -0.89
N ASN A 160 1.22 -6.46 -0.10
CA ASN A 160 -0.04 -5.88 0.32
C ASN A 160 0.23 -4.56 1.05
N LYS A 161 1.20 -4.60 1.94
CA LYS A 161 1.57 -3.42 2.71
C LYS A 161 1.74 -2.24 1.76
N ILE A 162 2.19 -2.54 0.56
CA ILE A 162 2.40 -1.51 -0.45
C ILE A 162 1.09 -1.27 -1.20
N LEU A 163 0.32 -2.34 -1.36
CA LEU A 163 -0.94 -2.26 -2.05
C LEU A 163 -1.75 -1.09 -1.50
N ALA A 164 -1.76 -0.99 -0.18
CA ALA A 164 -2.49 0.09 0.48
C ALA A 164 -1.72 1.41 0.30
N ILE A 165 -0.48 1.40 0.75
CA ILE A 165 0.36 2.58 0.65
C ILE A 165 0.19 3.20 -0.75
N ALA A 166 -0.09 2.34 -1.70
CA ALA A 166 -0.29 2.78 -3.08
C ALA A 166 -1.75 3.19 -3.28
N LYS A 167 -2.61 2.18 -3.32
CA LYS A 167 -4.03 2.42 -3.51
C LYS A 167 -4.43 3.69 -2.76
N VAL A 168 -4.38 3.61 -1.44
CA VAL A 168 -4.73 4.75 -0.61
C VAL A 168 -4.19 6.03 -1.24
N SER A 169 -2.94 5.94 -1.69
CA SER A 169 -2.30 7.08 -2.32
C SER A 169 -2.99 7.42 -3.64
N ARG A 170 -2.84 6.52 -4.60
CA ARG A 170 -3.44 6.71 -5.91
C ARG A 170 -4.81 7.39 -5.77
N MET A 171 -5.60 6.87 -4.84
CA MET A 171 -6.93 7.41 -4.60
C MET A 171 -6.88 8.93 -4.47
N PHE A 172 -5.94 9.40 -3.67
CA PHE A 172 -5.77 10.83 -3.46
C PHE A 172 -5.58 11.56 -4.78
N SER A 173 -5.01 10.84 -5.74
CA SER A 173 -4.76 11.41 -7.06
C SER A 173 -6.04 11.40 -7.89
N VAL A 174 -6.97 10.55 -7.47
CA VAL A 174 -8.24 10.43 -8.16
C VAL A 174 -9.22 11.46 -7.60
N LEU A 175 -9.38 11.41 -6.28
CA LEU A 175 -10.29 12.33 -5.61
C LEU A 175 -10.17 13.72 -6.24
N ARG A 176 -8.97 14.01 -6.72
CA ARG A 176 -8.72 15.29 -7.36
C ARG A 176 -9.79 15.59 -8.40
N GLY A 1 -18.08 -5.56 -8.57
CA GLY A 1 -18.01 -6.75 -9.39
C GLY A 1 -18.41 -7.99 -8.59
N SER A 2 -17.43 -8.87 -8.41
CA SER A 2 -17.67 -10.10 -7.66
C SER A 2 -16.48 -10.39 -6.74
N SER A 3 -16.74 -10.33 -5.45
CA SER A 3 -15.70 -10.57 -4.45
C SER A 3 -15.27 -12.04 -4.52
N ASN A 4 -14.28 -12.29 -5.37
CA ASN A 4 -13.75 -13.64 -5.52
C ASN A 4 -12.60 -13.85 -4.55
N LEU A 5 -12.53 -12.97 -3.56
CA LEU A 5 -11.48 -13.05 -2.57
C LEU A 5 -11.75 -14.24 -1.63
N THR A 6 -10.69 -14.72 -1.01
CA THR A 6 -10.82 -15.85 -0.09
C THR A 6 -10.53 -15.40 1.34
N GLU A 7 -11.00 -16.20 2.28
CA GLU A 7 -10.80 -15.90 3.68
C GLU A 7 -9.37 -15.40 3.93
N GLU A 8 -8.44 -16.02 3.22
CA GLU A 8 -7.04 -15.65 3.35
C GLU A 8 -6.82 -14.23 2.82
N GLN A 9 -7.42 -13.96 1.67
CA GLN A 9 -7.29 -12.64 1.05
C GLN A 9 -7.79 -11.56 2.00
N ILE A 10 -8.74 -11.95 2.84
CA ILE A 10 -9.31 -11.02 3.81
C ILE A 10 -8.29 -10.76 4.93
N ALA A 11 -7.38 -11.71 5.09
CA ALA A 11 -6.35 -11.60 6.11
C ALA A 11 -5.24 -10.68 5.60
N GLU A 12 -5.28 -10.41 4.31
CA GLU A 12 -4.28 -9.55 3.69
C GLU A 12 -4.55 -8.09 4.05
N PHE A 13 -5.63 -7.57 3.49
CA PHE A 13 -6.02 -6.19 3.74
C PHE A 13 -5.87 -5.83 5.23
N LYS A 14 -5.96 -6.87 6.06
CA LYS A 14 -5.85 -6.68 7.50
C LYS A 14 -4.56 -5.91 7.79
N GLU A 15 -3.48 -6.35 7.18
CA GLU A 15 -2.18 -5.71 7.36
C GLU A 15 -2.21 -4.28 6.81
N ALA A 16 -2.69 -4.16 5.59
CA ALA A 16 -2.78 -2.87 4.93
C ALA A 16 -3.67 -1.95 5.76
N PHE A 17 -4.45 -2.56 6.65
CA PHE A 17 -5.34 -1.80 7.50
C PHE A 17 -4.58 -1.19 8.68
N ALA A 18 -3.66 -1.96 9.22
CA ALA A 18 -2.87 -1.50 10.36
C ALA A 18 -2.09 -0.25 9.94
N LEU A 19 -1.76 -0.20 8.66
CA LEU A 19 -1.01 0.94 8.14
C LEU A 19 -1.54 2.23 8.77
N PHE A 20 -2.85 2.30 8.90
CA PHE A 20 -3.48 3.47 9.49
C PHE A 20 -4.09 3.13 10.85
N ASP A 21 -4.92 2.10 10.86
CA ASP A 21 -5.57 1.66 12.08
C ASP A 21 -4.51 1.43 13.17
N LYS A 22 -4.24 2.49 13.92
CA LYS A 22 -3.27 2.43 15.00
C LYS A 22 -3.79 1.51 16.10
N ASP A 23 -4.83 1.97 16.74
CA ASP A 23 -5.44 1.17 17.84
C ASP A 23 -6.22 -0.02 17.26
N ASN A 24 -6.35 -0.08 15.95
CA ASN A 24 -7.09 -1.16 15.32
C ASN A 24 -8.46 -1.30 15.98
N ASN A 25 -9.19 -0.20 15.99
CA ASN A 25 -10.52 -0.18 16.58
C ASN A 25 -11.55 -0.61 15.54
N GLY A 26 -11.16 -0.45 14.28
CA GLY A 26 -12.05 -0.82 13.18
C GLY A 26 -12.60 0.43 12.48
N SER A 27 -11.76 1.47 12.46
CA SER A 27 -12.15 2.72 11.82
C SER A 27 -10.94 3.64 11.70
N ILE A 28 -10.52 3.85 10.46
CA ILE A 28 -9.37 4.71 10.19
C ILE A 28 -9.85 6.15 9.99
N SER A 29 -9.67 6.95 11.02
CA SER A 29 -10.09 8.34 10.96
C SER A 29 -9.27 9.09 9.91
N SER A 30 -9.75 10.27 9.54
CA SER A 30 -9.08 11.08 8.55
C SER A 30 -7.70 11.52 9.07
N SER A 31 -7.54 11.39 10.38
CA SER A 31 -6.29 11.76 11.00
C SER A 31 -5.31 10.57 10.98
N GLU A 32 -5.88 9.39 10.92
CA GLU A 32 -5.08 8.17 10.89
C GLU A 32 -4.76 7.79 9.45
N LEU A 33 -5.68 8.11 8.55
CA LEU A 33 -5.52 7.80 7.14
C LEU A 33 -4.44 8.73 6.55
N ALA A 34 -4.56 10.01 6.89
CA ALA A 34 -3.62 11.00 6.40
C ALA A 34 -2.29 10.84 7.14
N THR A 35 -2.34 10.07 8.22
CA THR A 35 -1.15 9.84 9.03
C THR A 35 -0.17 8.96 8.27
N VAL A 36 -0.69 8.20 7.32
CA VAL A 36 0.13 7.31 6.52
C VAL A 36 0.60 8.05 5.27
N MET A 37 -0.37 8.54 4.52
CA MET A 37 -0.08 9.26 3.29
C MET A 37 1.10 10.21 3.49
N ARG A 38 1.01 11.00 4.55
CA ARG A 38 2.06 11.96 4.86
C ARG A 38 3.37 11.23 5.21
N SER A 39 3.20 10.08 5.86
CA SER A 39 4.35 9.28 6.25
C SER A 39 5.14 8.86 5.01
N LEU A 40 4.48 8.95 3.86
CA LEU A 40 5.11 8.60 2.60
C LEU A 40 5.77 9.83 1.99
N GLY A 41 5.38 10.99 2.49
CA GLY A 41 5.92 12.24 2.01
C GLY A 41 4.81 13.15 1.46
N LEU A 42 3.57 12.70 1.67
CA LEU A 42 2.43 13.46 1.21
C LEU A 42 2.03 14.47 2.28
N SER A 43 0.95 15.20 2.00
CA SER A 43 0.45 16.20 2.92
C SER A 43 -0.98 16.58 2.56
N PRO A 44 -1.88 15.57 2.61
CA PRO A 44 -3.28 15.79 2.29
C PRO A 44 -3.99 16.52 3.43
N SER A 45 -4.85 17.46 3.04
CA SER A 45 -5.59 18.24 4.01
C SER A 45 -6.76 17.41 4.55
N GLU A 46 -6.99 17.55 5.85
CA GLU A 46 -8.08 16.82 6.49
C GLU A 46 -9.39 17.08 5.76
N ALA A 47 -9.47 18.24 5.13
CA ALA A 47 -10.67 18.63 4.39
C ALA A 47 -10.88 17.64 3.24
N GLU A 48 -9.81 17.41 2.49
CA GLU A 48 -9.87 16.49 1.36
C GLU A 48 -9.88 15.04 1.85
N VAL A 49 -8.95 14.74 2.73
CA VAL A 49 -8.84 13.40 3.28
C VAL A 49 -10.24 12.85 3.56
N ASN A 50 -11.08 13.72 4.12
CA ASN A 50 -12.45 13.34 4.43
C ASN A 50 -13.22 13.12 3.13
N ASP A 51 -13.35 14.19 2.37
CA ASP A 51 -14.05 14.13 1.10
C ASP A 51 -13.58 12.91 0.31
N LEU A 52 -12.38 12.47 0.63
CA LEU A 52 -11.80 11.31 -0.04
C LEU A 52 -12.42 10.04 0.53
N MET A 53 -12.09 9.76 1.79
CA MET A 53 -12.60 8.59 2.46
C MET A 53 -14.13 8.62 2.53
N ASN A 54 -14.69 9.77 2.21
CA ASN A 54 -16.13 9.94 2.23
C ASN A 54 -16.73 9.31 0.97
N GLU A 55 -15.84 8.90 0.07
CA GLU A 55 -16.26 8.28 -1.17
C GLU A 55 -16.24 6.76 -1.04
N ILE A 56 -15.55 6.29 -0.01
CA ILE A 56 -15.45 4.87 0.24
C ILE A 56 -16.33 4.49 1.43
N ASP A 57 -16.22 5.29 2.48
CA ASP A 57 -17.00 5.05 3.68
C ASP A 57 -18.40 4.57 3.29
N VAL A 58 -18.71 3.35 3.71
CA VAL A 58 -20.00 2.75 3.40
C VAL A 58 -20.99 3.11 4.52
N ASP A 59 -20.45 3.49 5.64
CA ASP A 59 -21.30 3.86 6.80
C ASP A 59 -21.25 5.37 7.02
N GLY A 60 -20.40 6.07 6.28
CA GLY A 60 -20.28 7.51 6.43
C GLY A 60 -20.04 7.90 7.90
N ASN A 61 -19.17 7.14 8.54
CA ASN A 61 -18.85 7.37 9.93
C ASN A 61 -17.59 8.25 10.01
N HIS A 62 -17.21 8.79 8.87
CA HIS A 62 -16.03 9.63 8.80
C HIS A 62 -14.78 8.80 9.09
N GLN A 63 -14.86 7.53 8.72
CA GLN A 63 -13.75 6.63 8.93
C GLN A 63 -13.79 5.48 7.91
N ILE A 64 -12.81 4.59 8.02
CA ILE A 64 -12.73 3.46 7.12
C ILE A 64 -12.59 2.17 7.94
N GLU A 65 -13.45 1.21 7.61
CA GLU A 65 -13.42 -0.07 8.31
C GLU A 65 -12.57 -1.08 7.55
N PHE A 66 -12.41 -2.25 8.14
CA PHE A 66 -11.63 -3.30 7.53
C PHE A 66 -12.37 -3.94 6.36
N SER A 67 -13.65 -3.62 6.27
CA SER A 67 -14.49 -4.14 5.21
C SER A 67 -14.51 -3.18 4.02
N GLU A 68 -14.71 -1.91 4.35
CA GLU A 68 -14.76 -0.87 3.33
C GLU A 68 -13.38 -0.74 2.66
N PHE A 69 -12.36 -0.67 3.49
CA PHE A 69 -11.00 -0.54 2.98
C PHE A 69 -10.64 -1.70 2.05
N LEU A 70 -11.08 -2.89 2.44
CA LEU A 70 -10.81 -4.08 1.66
C LEU A 70 -11.71 -4.07 0.41
N ALA A 71 -12.88 -3.46 0.56
CA ALA A 71 -13.82 -3.38 -0.53
C ALA A 71 -13.33 -2.34 -1.54
N LEU A 72 -12.38 -1.52 -1.10
CA LEU A 72 -11.82 -0.49 -1.95
C LEU A 72 -10.96 -1.13 -3.04
N MET A 73 -10.09 -2.02 -2.60
CA MET A 73 -9.20 -2.71 -3.52
C MET A 73 -10.01 -3.51 -4.55
N SER A 74 -11.16 -3.99 -4.11
CA SER A 74 -12.03 -4.76 -4.99
C SER A 74 -13.01 -3.84 -5.71
N ARG A 75 -12.68 -2.55 -5.71
CA ARG A 75 -13.52 -1.56 -6.35
C ARG A 75 -12.69 -0.71 -7.33
N GLN A 76 -11.49 -0.37 -6.88
CA GLN A 76 -10.60 0.43 -7.70
C GLN A 76 -9.52 -0.45 -8.33
N LEU A 77 -9.95 -1.25 -9.30
CA LEU A 77 -9.03 -2.15 -9.98
C LEU A 77 -9.79 -2.89 -11.09
N LYS A 78 -9.30 -2.72 -12.31
CA LYS A 78 -9.92 -3.37 -13.46
C LYS A 78 -8.87 -3.55 -14.56
N SER A 79 -8.69 -2.51 -15.35
CA SER A 79 -7.73 -2.54 -16.44
C SER A 79 -6.34 -2.23 -15.90
N ASN A 80 -6.16 -0.99 -15.47
CA ASN A 80 -4.89 -0.55 -14.94
C ASN A 80 -4.89 -0.72 -13.41
N ASP A 81 -5.58 -1.75 -12.97
CA ASP A 81 -5.66 -2.04 -11.55
C ASP A 81 -4.26 -1.99 -10.93
N SER A 82 -3.64 -3.16 -10.86
CA SER A 82 -2.31 -3.25 -10.30
C SER A 82 -1.40 -2.16 -10.89
N GLU A 83 -1.37 -2.11 -12.21
CA GLU A 83 -0.55 -1.12 -12.90
C GLU A 83 -0.62 0.21 -12.16
N GLN A 84 -1.83 0.59 -11.78
CA GLN A 84 -2.03 1.85 -11.07
C GLN A 84 -1.27 1.84 -9.74
N GLU A 85 -1.65 0.90 -8.89
CA GLU A 85 -1.00 0.78 -7.59
C GLU A 85 0.47 0.44 -7.76
N LEU A 86 0.83 0.08 -8.99
CA LEU A 86 2.20 -0.27 -9.29
C LEU A 86 3.01 1.00 -9.55
N LEU A 87 2.52 1.78 -10.51
CA LEU A 87 3.19 3.03 -10.85
C LEU A 87 3.11 4.00 -9.67
N GLU A 88 1.92 4.09 -9.11
CA GLU A 88 1.69 4.97 -7.96
C GLU A 88 2.65 4.61 -6.82
N ALA A 89 2.91 3.31 -6.70
CA ALA A 89 3.78 2.83 -5.65
C ALA A 89 5.23 2.91 -6.14
N PHE A 90 5.39 2.86 -7.45
CA PHE A 90 6.71 2.92 -8.05
C PHE A 90 7.38 4.27 -7.77
N LYS A 91 6.75 5.32 -8.28
CA LYS A 91 7.27 6.66 -8.08
C LYS A 91 7.27 7.00 -6.60
N VAL A 92 6.23 6.53 -5.92
CA VAL A 92 6.09 6.77 -4.49
C VAL A 92 7.36 6.32 -3.77
N PHE A 93 7.65 5.02 -3.93
CA PHE A 93 8.83 4.45 -3.30
C PHE A 93 10.11 5.14 -3.80
N ASP A 94 10.16 5.34 -5.07
CA ASP A 94 11.35 6.01 -5.68
C ASP A 94 11.38 7.48 -5.28
N LYS A 95 12.18 7.83 -4.28
CA LYS A 95 12.26 9.22 -3.83
C LYS A 95 13.31 9.96 -4.66
N ASN A 96 14.32 9.22 -5.09
CA ASN A 96 15.39 9.78 -5.89
C ASN A 96 14.89 9.96 -7.33
N GLY A 97 14.23 8.93 -7.83
CA GLY A 97 13.70 8.97 -9.18
C GLY A 97 14.75 8.49 -10.20
N ASP A 98 14.91 7.18 -10.27
CA ASP A 98 15.88 6.60 -11.18
C ASP A 98 15.28 5.36 -11.83
N GLY A 99 13.97 5.20 -11.65
CA GLY A 99 13.26 4.07 -12.20
C GLY A 99 13.66 2.77 -11.50
N LEU A 100 14.30 2.92 -10.34
CA LEU A 100 14.73 1.78 -9.57
C LEU A 100 14.65 2.12 -8.08
N ILE A 101 13.72 1.48 -7.40
CA ILE A 101 13.54 1.71 -5.97
C ILE A 101 14.65 0.99 -5.20
N SER A 102 15.64 1.77 -4.77
CA SER A 102 16.75 1.24 -4.03
C SER A 102 16.28 0.70 -2.67
N ALA A 103 17.21 0.10 -1.95
CA ALA A 103 16.90 -0.46 -0.65
C ALA A 103 16.16 0.58 0.19
N ALA A 104 16.89 1.64 0.52
CA ALA A 104 16.32 2.72 1.32
C ALA A 104 14.91 3.03 0.81
N GLU A 105 14.85 3.52 -0.41
CA GLU A 105 13.57 3.86 -1.02
C GLU A 105 12.52 2.82 -0.65
N LEU A 106 12.98 1.61 -0.40
CA LEU A 106 12.09 0.52 -0.04
C LEU A 106 11.96 0.47 1.49
N LYS A 107 13.02 0.00 2.11
CA LYS A 107 13.05 -0.11 3.57
C LYS A 107 12.49 1.17 4.18
N HIS A 108 13.13 2.28 3.85
CA HIS A 108 12.71 3.57 4.36
C HIS A 108 11.20 3.70 4.25
N VAL A 109 10.68 3.19 3.14
CA VAL A 109 9.25 3.24 2.89
C VAL A 109 8.53 2.29 3.87
N LEU A 110 8.94 1.04 3.82
CA LEU A 110 8.36 0.03 4.69
C LEU A 110 8.33 0.55 6.13
N THR A 111 9.34 1.35 6.45
CA THR A 111 9.44 1.92 7.78
C THR A 111 8.49 3.10 7.94
N SER A 112 8.21 3.75 6.81
CA SER A 112 7.32 4.89 6.80
C SER A 112 5.90 4.46 7.19
N ILE A 113 5.71 3.15 7.23
CA ILE A 113 4.41 2.60 7.58
C ILE A 113 4.53 1.86 8.92
N GLY A 114 5.70 1.28 9.15
CA GLY A 114 5.95 0.55 10.38
C GLY A 114 7.02 -0.52 10.16
N GLU A 115 6.98 -1.12 8.98
CA GLU A 115 7.93 -2.17 8.64
C GLU A 115 9.37 -1.63 8.74
N LYS A 116 10.07 -2.09 9.77
CA LYS A 116 11.44 -1.67 9.98
C LYS A 116 12.38 -2.85 9.70
N LEU A 117 12.82 -2.92 8.44
CA LEU A 117 13.72 -3.98 8.03
C LEU A 117 15.15 -3.45 8.03
N THR A 118 16.07 -4.32 8.42
CA THR A 118 17.47 -3.96 8.48
C THR A 118 18.05 -3.87 7.06
N ASP A 119 19.08 -3.05 6.93
CA ASP A 119 19.73 -2.86 5.65
C ASP A 119 20.08 -4.22 5.04
N ALA A 120 20.19 -5.21 5.92
CA ALA A 120 20.51 -6.56 5.49
C ALA A 120 19.23 -7.28 5.06
N GLU A 121 18.17 -7.04 5.81
CA GLU A 121 16.88 -7.65 5.51
C GLU A 121 16.37 -7.15 4.16
N VAL A 122 16.43 -5.84 3.99
CA VAL A 122 15.96 -5.23 2.75
C VAL A 122 16.86 -5.68 1.60
N ASP A 123 18.17 -5.56 1.82
CA ASP A 123 19.13 -5.94 0.81
C ASP A 123 18.80 -7.34 0.30
N ASP A 124 18.09 -8.09 1.13
CA ASP A 124 17.69 -9.44 0.77
C ASP A 124 16.32 -9.40 0.10
N MET A 125 15.49 -8.48 0.55
CA MET A 125 14.16 -8.33 0.00
C MET A 125 14.21 -7.98 -1.48
N LEU A 126 15.18 -7.14 -1.83
CA LEU A 126 15.35 -6.72 -3.22
C LEU A 126 15.71 -7.94 -4.07
N ARG A 127 16.80 -8.59 -3.68
CA ARG A 127 17.26 -9.77 -4.40
C ARG A 127 16.06 -10.60 -4.88
N GLU A 128 14.99 -10.53 -4.10
CA GLU A 128 13.78 -11.27 -4.43
C GLU A 128 13.44 -11.09 -5.92
N VAL A 129 13.40 -9.84 -6.33
CA VAL A 129 13.09 -9.50 -7.71
C VAL A 129 14.12 -8.50 -8.23
N SER A 130 15.21 -8.36 -7.50
CA SER A 130 16.26 -7.45 -7.88
C SER A 130 17.40 -8.21 -8.55
N ASP A 131 17.14 -9.48 -8.82
CA ASP A 131 18.13 -10.33 -9.46
C ASP A 131 19.51 -10.00 -8.90
N GLY A 132 19.59 -9.91 -7.58
CA GLY A 132 20.84 -9.59 -6.91
C GLY A 132 21.44 -8.31 -7.47
N SER A 133 20.61 -7.29 -7.60
CA SER A 133 21.06 -6.01 -8.12
C SER A 133 21.19 -5.00 -6.97
N GLY A 134 20.05 -4.49 -6.54
CA GLY A 134 20.03 -3.52 -5.46
C GLY A 134 18.82 -2.58 -5.59
N GLU A 135 18.26 -2.56 -6.79
CA GLU A 135 17.11 -1.71 -7.06
C GLU A 135 16.06 -2.48 -7.86
N ILE A 136 14.83 -2.01 -7.77
CA ILE A 136 13.72 -2.65 -8.47
C ILE A 136 12.99 -1.60 -9.30
N ASN A 137 12.83 -1.91 -10.58
CA ASN A 137 12.14 -1.01 -11.50
C ASN A 137 10.67 -1.40 -11.58
N ILE A 138 9.93 -0.62 -12.35
CA ILE A 138 8.51 -0.87 -12.52
C ILE A 138 8.29 -2.34 -12.89
N GLN A 139 9.35 -2.94 -13.41
CA GLN A 139 9.29 -4.34 -13.80
C GLN A 139 9.55 -5.24 -12.59
N GLN A 140 10.69 -5.01 -11.95
CA GLN A 140 11.08 -5.79 -10.79
C GLN A 140 10.15 -5.48 -9.61
N PHE A 141 10.09 -4.19 -9.27
CA PHE A 141 9.25 -3.75 -8.17
C PHE A 141 7.90 -4.46 -8.19
N ALA A 142 7.25 -4.38 -9.36
CA ALA A 142 5.95 -5.00 -9.52
C ALA A 142 6.06 -6.50 -9.19
N ALA A 143 7.19 -7.07 -9.54
CA ALA A 143 7.43 -8.49 -9.29
C ALA A 143 7.00 -8.81 -7.86
N LEU A 144 7.20 -7.84 -6.97
CA LEU A 144 6.85 -8.02 -5.57
C LEU A 144 5.33 -8.07 -5.44
N LEU A 145 4.67 -7.13 -6.11
CA LEU A 145 3.23 -7.05 -6.07
C LEU A 145 2.64 -8.23 -6.85
N SER A 146 3.53 -8.96 -7.51
CA SER A 146 3.11 -10.12 -8.28
C SER A 146 3.99 -11.33 -7.94
N LYS A 147 4.24 -11.50 -6.66
CA LYS A 147 5.06 -12.59 -6.18
C LYS A 147 4.23 -13.48 -5.25
N GLY A 148 3.48 -14.38 -5.87
CA GLY A 148 2.64 -15.30 -5.10
C GLY A 148 3.05 -16.75 -5.34
N SER A 149 4.14 -17.13 -4.68
CA SER A 149 4.64 -18.49 -4.81
C SER A 149 5.30 -18.93 -3.50
N SER A 150 6.14 -18.06 -2.97
CA SER A 150 6.83 -18.34 -1.72
C SER A 150 6.40 -17.35 -0.64
N THR A 151 5.10 -17.26 -0.44
CA THR A 151 4.55 -16.36 0.55
C THR A 151 4.00 -17.15 1.74
N GLY A 152 2.91 -17.86 1.49
CA GLY A 152 2.28 -18.65 2.53
C GLY A 152 1.70 -17.77 3.63
N THR A 153 1.26 -16.58 3.22
CA THR A 153 0.68 -15.63 4.16
C THR A 153 1.79 -14.83 4.85
N ARG A 154 2.87 -14.61 4.11
CA ARG A 154 4.00 -13.86 4.64
C ARG A 154 4.47 -12.82 3.63
N ARG A 155 4.66 -13.28 2.40
CA ARG A 155 5.10 -12.39 1.34
C ARG A 155 3.90 -11.75 0.64
N LYS A 156 2.73 -12.33 0.90
CA LYS A 156 1.50 -11.83 0.30
C LYS A 156 0.97 -10.67 1.16
N ALA A 157 1.41 -10.64 2.41
CA ALA A 157 0.99 -9.60 3.32
C ALA A 157 1.98 -8.44 3.26
N LEU A 158 3.15 -8.73 2.69
CA LEU A 158 4.19 -7.72 2.57
C LEU A 158 3.85 -6.79 1.40
N ARG A 159 3.62 -7.41 0.25
CA ARG A 159 3.30 -6.65 -0.95
C ARG A 159 2.00 -5.86 -0.74
N ASN A 160 1.06 -6.49 -0.05
CA ASN A 160 -0.21 -5.86 0.22
C ASN A 160 0.02 -4.55 0.98
N LYS A 161 1.06 -4.56 1.82
CA LYS A 161 1.40 -3.39 2.60
C LYS A 161 1.63 -2.20 1.67
N ILE A 162 2.06 -2.52 0.45
CA ILE A 162 2.33 -1.49 -0.54
C ILE A 162 1.07 -1.24 -1.35
N LEU A 163 0.38 -2.32 -1.69
CA LEU A 163 -0.86 -2.22 -2.46
C LEU A 163 -1.68 -1.03 -1.95
N ALA A 164 -1.65 -0.85 -0.64
CA ALA A 164 -2.38 0.24 -0.02
C ALA A 164 -1.62 1.55 -0.23
N ILE A 165 -0.38 1.55 0.24
CA ILE A 165 0.47 2.73 0.12
C ILE A 165 0.28 3.34 -1.28
N ALA A 166 -0.04 2.47 -2.23
CA ALA A 166 -0.26 2.90 -3.60
C ALA A 166 -1.66 3.48 -3.74
N LYS A 167 -2.64 2.57 -3.71
CA LYS A 167 -4.03 2.98 -3.83
C LYS A 167 -4.32 4.12 -2.86
N VAL A 168 -4.14 3.83 -1.58
CA VAL A 168 -4.36 4.82 -0.54
C VAL A 168 -3.86 6.18 -1.02
N SER A 169 -2.75 6.15 -1.74
CA SER A 169 -2.16 7.37 -2.27
C SER A 169 -3.01 7.92 -3.41
N ARG A 170 -3.25 7.05 -4.39
CA ARG A 170 -4.04 7.44 -5.54
C ARG A 170 -5.37 8.05 -5.09
N MET A 171 -5.94 7.46 -4.04
CA MET A 171 -7.20 7.95 -3.51
C MET A 171 -7.19 9.48 -3.37
N PHE A 172 -6.01 10.00 -3.05
CA PHE A 172 -5.85 11.43 -2.89
C PHE A 172 -5.55 12.11 -4.23
N SER A 173 -5.00 11.31 -5.15
CA SER A 173 -4.66 11.82 -6.46
C SER A 173 -5.86 11.69 -7.41
N VAL A 174 -6.90 11.05 -6.90
CA VAL A 174 -8.11 10.85 -7.67
C VAL A 174 -9.21 11.78 -7.15
N LEU A 175 -9.35 11.80 -5.84
CA LEU A 175 -10.35 12.63 -5.20
C LEU A 175 -10.42 13.98 -5.92
N ARG A 176 -9.25 14.43 -6.36
CA ARG A 176 -9.16 15.71 -7.06
C ARG A 176 -10.26 15.80 -8.13
N GLY A 1 -22.05 -6.28 -3.93
CA GLY A 1 -21.10 -5.75 -4.90
C GLY A 1 -20.39 -6.88 -5.65
N SER A 2 -19.25 -6.54 -6.23
CA SER A 2 -18.47 -7.50 -6.98
C SER A 2 -17.15 -7.78 -6.26
N SER A 3 -16.91 -9.05 -5.98
CA SER A 3 -15.70 -9.45 -5.30
C SER A 3 -15.37 -10.92 -5.62
N ASN A 4 -14.08 -11.23 -5.59
CA ASN A 4 -13.63 -12.57 -5.87
C ASN A 4 -12.54 -12.97 -4.88
N LEU A 5 -12.54 -12.28 -3.74
CA LEU A 5 -11.56 -12.54 -2.71
C LEU A 5 -12.03 -13.72 -1.85
N THR A 6 -11.09 -14.28 -1.11
CA THR A 6 -11.40 -15.41 -0.24
C THR A 6 -11.11 -15.06 1.22
N GLU A 7 -11.68 -15.85 2.11
CA GLU A 7 -11.49 -15.64 3.54
C GLU A 7 -10.03 -15.35 3.84
N GLU A 8 -9.16 -16.06 3.14
CA GLU A 8 -7.72 -15.89 3.32
C GLU A 8 -7.29 -14.50 2.88
N GLN A 9 -7.91 -14.04 1.79
CA GLN A 9 -7.60 -12.73 1.26
C GLN A 9 -8.07 -11.63 2.21
N ILE A 10 -9.16 -11.94 2.91
CA ILE A 10 -9.73 -11.00 3.86
C ILE A 10 -8.73 -10.76 5.00
N ALA A 11 -7.85 -11.74 5.18
CA ALA A 11 -6.85 -11.66 6.22
C ALA A 11 -5.63 -10.88 5.71
N GLU A 12 -5.62 -10.70 4.39
CA GLU A 12 -4.52 -9.99 3.76
C GLU A 12 -4.66 -8.48 3.98
N PHE A 13 -5.79 -7.96 3.55
CA PHE A 13 -6.06 -6.53 3.70
C PHE A 13 -6.03 -6.12 5.18
N LYS A 14 -6.07 -7.13 6.04
CA LYS A 14 -6.04 -6.89 7.47
C LYS A 14 -4.73 -6.20 7.84
N GLU A 15 -3.70 -6.47 7.04
CA GLU A 15 -2.39 -5.89 7.28
C GLU A 15 -2.35 -4.47 6.74
N ALA A 16 -2.74 -4.33 5.47
CA ALA A 16 -2.74 -3.03 4.83
C ALA A 16 -3.61 -2.07 5.64
N PHE A 17 -4.44 -2.64 6.49
CA PHE A 17 -5.33 -1.86 7.33
C PHE A 17 -4.58 -1.27 8.52
N ALA A 18 -3.70 -2.08 9.08
CA ALA A 18 -2.92 -1.66 10.23
C ALA A 18 -2.06 -0.46 9.86
N LEU A 19 -1.88 -0.30 8.54
CA LEU A 19 -1.09 0.81 8.03
C LEU A 19 -1.58 2.12 8.66
N PHE A 20 -2.89 2.23 8.78
CA PHE A 20 -3.50 3.41 9.35
C PHE A 20 -4.12 3.10 10.72
N ASP A 21 -4.65 1.89 10.83
CA ASP A 21 -5.28 1.47 12.07
C ASP A 21 -4.19 1.27 13.14
N LYS A 22 -3.84 2.39 13.78
CA LYS A 22 -2.82 2.35 14.82
C LYS A 22 -3.30 1.46 15.96
N ASP A 23 -4.33 1.91 16.62
CA ASP A 23 -4.90 1.13 17.77
C ASP A 23 -5.70 -0.05 17.23
N ASN A 24 -5.93 -0.11 15.92
CA ASN A 24 -6.69 -1.20 15.34
C ASN A 24 -8.04 -1.31 16.05
N ASN A 25 -8.78 -0.22 16.02
CA ASN A 25 -10.10 -0.18 16.65
C ASN A 25 -11.17 -0.58 15.64
N GLY A 26 -10.80 -0.46 14.37
CA GLY A 26 -11.72 -0.80 13.29
C GLY A 26 -12.30 0.46 12.65
N SER A 27 -11.48 1.49 12.60
CA SER A 27 -11.89 2.76 12.01
C SER A 27 -10.69 3.68 11.83
N ILE A 28 -10.35 3.91 10.57
CA ILE A 28 -9.22 4.77 10.23
C ILE A 28 -9.72 6.19 10.00
N SER A 29 -9.54 7.02 11.02
CA SER A 29 -9.96 8.41 10.93
C SER A 29 -9.13 9.15 9.87
N SER A 30 -9.66 10.29 9.45
CA SER A 30 -8.98 11.09 8.46
C SER A 30 -7.58 11.45 8.94
N SER A 31 -7.38 11.31 10.24
CA SER A 31 -6.09 11.62 10.84
C SER A 31 -5.20 10.37 10.84
N GLU A 32 -5.85 9.22 10.77
CA GLU A 32 -5.13 7.95 10.75
C GLU A 32 -4.80 7.55 9.31
N LEU A 33 -5.67 7.96 8.40
CA LEU A 33 -5.49 7.64 6.99
C LEU A 33 -4.39 8.52 6.42
N ALA A 34 -4.50 9.81 6.69
CA ALA A 34 -3.52 10.76 6.19
C ALA A 34 -2.21 10.57 6.96
N THR A 35 -2.29 9.80 8.03
CA THR A 35 -1.12 9.53 8.86
C THR A 35 -0.13 8.65 8.09
N VAL A 36 -0.65 7.92 7.12
CA VAL A 36 0.18 7.04 6.32
C VAL A 36 0.66 7.81 5.08
N MET A 37 -0.31 8.21 4.27
CA MET A 37 0.00 8.95 3.05
C MET A 37 1.15 9.93 3.28
N ARG A 38 0.96 10.82 4.25
CA ARG A 38 1.96 11.81 4.57
C ARG A 38 3.31 11.13 4.81
N SER A 39 3.26 10.00 5.51
CA SER A 39 4.46 9.26 5.82
C SER A 39 5.22 8.92 4.53
N LEU A 40 4.45 8.64 3.48
CA LEU A 40 5.03 8.31 2.20
C LEU A 40 5.69 9.55 1.61
N GLY A 41 5.27 10.71 2.10
CA GLY A 41 5.83 11.97 1.63
C GLY A 41 4.71 12.89 1.12
N LEU A 42 3.49 12.41 1.22
CA LEU A 42 2.34 13.18 0.76
C LEU A 42 1.99 14.23 1.82
N SER A 43 0.92 14.96 1.55
CA SER A 43 0.47 16.00 2.45
C SER A 43 -0.97 16.38 2.15
N PRO A 44 -1.87 15.36 2.27
CA PRO A 44 -3.28 15.57 2.01
C PRO A 44 -3.94 16.33 3.16
N SER A 45 -4.84 17.24 2.79
CA SER A 45 -5.55 18.03 3.77
C SER A 45 -6.73 17.23 4.34
N GLU A 46 -6.92 17.38 5.65
CA GLU A 46 -8.00 16.68 6.33
C GLU A 46 -9.33 16.94 5.62
N ALA A 47 -9.39 18.09 4.97
CA ALA A 47 -10.60 18.48 4.25
C ALA A 47 -10.87 17.48 3.12
N GLU A 48 -9.82 17.21 2.35
CA GLU A 48 -9.92 16.28 1.25
C GLU A 48 -9.96 14.84 1.77
N VAL A 49 -8.97 14.53 2.61
CA VAL A 49 -8.87 13.20 3.19
C VAL A 49 -10.28 12.71 3.55
N ASN A 50 -11.14 13.66 3.88
CA ASN A 50 -12.51 13.33 4.25
C ASN A 50 -13.31 12.99 3.00
N ASP A 51 -13.50 14.00 2.16
CA ASP A 51 -14.24 13.83 0.93
C ASP A 51 -13.75 12.56 0.22
N LEU A 52 -12.51 12.20 0.52
CA LEU A 52 -11.91 11.03 -0.08
C LEU A 52 -12.48 9.77 0.58
N MET A 53 -12.11 9.60 1.85
CA MET A 53 -12.58 8.44 2.61
C MET A 53 -14.11 8.44 2.72
N ASN A 54 -14.69 9.57 2.35
CA ASN A 54 -16.13 9.71 2.40
C ASN A 54 -16.77 8.99 1.21
N GLU A 55 -15.90 8.56 0.30
CA GLU A 55 -16.35 7.86 -0.89
C GLU A 55 -16.30 6.34 -0.67
N ILE A 56 -15.64 5.96 0.41
CA ILE A 56 -15.51 4.55 0.74
C ILE A 56 -16.38 4.23 1.95
N ASP A 57 -16.25 5.05 2.97
CA ASP A 57 -17.03 4.87 4.19
C ASP A 57 -18.45 4.44 3.82
N VAL A 58 -18.82 3.26 4.29
CA VAL A 58 -20.14 2.73 4.02
C VAL A 58 -21.13 3.24 5.07
N ASP A 59 -20.60 3.53 6.22
CA ASP A 59 -21.45 4.05 7.34
C ASP A 59 -21.28 5.57 7.45
N GLY A 60 -20.36 6.15 6.69
CA GLY A 60 -20.14 7.58 6.75
C GLY A 60 -19.86 8.04 8.18
N ASN A 61 -19.05 7.26 8.87
CA ASN A 61 -18.70 7.57 10.24
C ASN A 61 -17.40 8.39 10.26
N HIS A 62 -17.01 8.84 9.07
CA HIS A 62 -15.79 9.63 8.93
C HIS A 62 -14.58 8.76 9.26
N GLN A 63 -14.69 7.48 8.93
CA GLN A 63 -13.62 6.55 9.19
C GLN A 63 -13.71 5.35 8.24
N ILE A 64 -12.63 4.59 8.18
CA ILE A 64 -12.58 3.42 7.32
C ILE A 64 -12.44 2.17 8.18
N GLU A 65 -13.33 1.21 7.91
CA GLU A 65 -13.33 -0.03 8.65
C GLU A 65 -12.54 -1.10 7.89
N PHE A 66 -12.40 -2.26 8.52
CA PHE A 66 -11.68 -3.37 7.90
C PHE A 66 -12.47 -3.97 6.74
N SER A 67 -13.74 -3.58 6.67
CA SER A 67 -14.62 -4.07 5.62
C SER A 67 -14.57 -3.11 4.42
N GLU A 68 -14.63 -1.83 4.73
CA GLU A 68 -14.61 -0.81 3.70
C GLU A 68 -13.23 -0.76 3.03
N PHE A 69 -12.21 -0.65 3.87
CA PHE A 69 -10.85 -0.59 3.37
C PHE A 69 -10.55 -1.77 2.44
N LEU A 70 -10.98 -2.94 2.87
CA LEU A 70 -10.78 -4.14 2.08
C LEU A 70 -11.65 -4.10 0.83
N ALA A 71 -12.83 -3.49 0.99
CA ALA A 71 -13.75 -3.37 -0.12
C ALA A 71 -13.27 -2.27 -1.06
N LEU A 72 -12.36 -1.46 -0.56
CA LEU A 72 -11.80 -0.36 -1.35
C LEU A 72 -10.83 -0.92 -2.38
N MET A 73 -9.96 -1.81 -1.91
CA MET A 73 -8.98 -2.44 -2.77
C MET A 73 -9.62 -2.94 -4.06
N SER A 74 -10.83 -3.46 -3.91
CA SER A 74 -11.56 -3.98 -5.07
C SER A 74 -12.12 -2.83 -5.90
N ARG A 75 -12.37 -1.71 -5.23
CA ARG A 75 -12.90 -0.54 -5.90
C ARG A 75 -11.93 0.64 -5.75
N GLN A 76 -10.77 0.48 -6.37
CA GLN A 76 -9.75 1.51 -6.33
C GLN A 76 -9.28 1.86 -7.73
N LEU A 77 -9.09 0.83 -8.54
CA LEU A 77 -8.65 1.01 -9.91
C LEU A 77 -9.82 0.76 -10.86
N LYS A 78 -9.51 0.76 -12.15
CA LYS A 78 -10.53 0.54 -13.16
C LYS A 78 -9.96 -0.38 -14.24
N SER A 79 -9.26 0.23 -15.18
CA SER A 79 -8.66 -0.52 -16.27
C SER A 79 -7.32 -1.12 -15.82
N ASN A 80 -6.26 -0.36 -16.07
CA ASN A 80 -4.93 -0.81 -15.70
C ASN A 80 -4.78 -0.76 -14.18
N ASP A 81 -5.52 -1.64 -13.51
CA ASP A 81 -5.48 -1.70 -12.06
C ASP A 81 -4.04 -1.95 -11.61
N SER A 82 -3.58 -3.17 -11.85
CA SER A 82 -2.22 -3.54 -11.47
C SER A 82 -1.21 -2.54 -12.05
N GLU A 83 -1.43 -2.20 -13.31
CA GLU A 83 -0.55 -1.26 -13.99
C GLU A 83 -0.63 0.11 -13.32
N GLN A 84 -1.67 0.28 -12.52
CA GLN A 84 -1.86 1.54 -11.82
C GLN A 84 -1.23 1.47 -10.43
N GLU A 85 -1.77 0.59 -9.61
CA GLU A 85 -1.27 0.42 -8.26
C GLU A 85 0.26 0.36 -8.26
N LEU A 86 0.79 -0.27 -9.29
CA LEU A 86 2.23 -0.40 -9.43
C LEU A 86 2.84 0.96 -9.77
N LEU A 87 2.52 1.43 -10.98
CA LEU A 87 3.03 2.71 -11.42
C LEU A 87 2.98 3.71 -10.28
N GLU A 88 1.95 3.58 -9.46
CA GLU A 88 1.79 4.46 -8.32
C GLU A 88 2.80 4.12 -7.22
N ALA A 89 2.86 2.83 -6.92
CA ALA A 89 3.77 2.35 -5.89
C ALA A 89 5.21 2.52 -6.38
N PHE A 90 5.34 2.71 -7.69
CA PHE A 90 6.64 2.88 -8.30
C PHE A 90 7.23 4.26 -7.98
N LYS A 91 6.54 5.29 -8.48
CA LYS A 91 6.98 6.65 -8.24
C LYS A 91 6.86 6.98 -6.75
N VAL A 92 5.91 6.33 -6.11
CA VAL A 92 5.68 6.54 -4.69
C VAL A 92 6.94 6.13 -3.91
N PHE A 93 7.36 4.89 -4.15
CA PHE A 93 8.53 4.36 -3.49
C PHE A 93 9.79 5.12 -3.91
N ASP A 94 9.90 5.32 -5.19
CA ASP A 94 11.08 6.06 -5.73
C ASP A 94 11.03 7.53 -5.30
N LYS A 95 11.76 7.89 -4.26
CA LYS A 95 11.76 9.27 -3.79
C LYS A 95 12.81 10.07 -4.55
N ASN A 96 13.85 9.37 -4.98
CA ASN A 96 14.92 10.00 -5.72
C ASN A 96 14.49 10.19 -7.18
N GLY A 97 13.86 9.15 -7.71
CA GLY A 97 13.38 9.19 -9.09
C GLY A 97 14.49 8.75 -10.05
N ASP A 98 14.69 7.44 -10.12
CA ASP A 98 15.70 6.88 -11.00
C ASP A 98 15.14 5.64 -11.69
N GLY A 99 13.84 5.44 -11.51
CA GLY A 99 13.17 4.30 -12.12
C GLY A 99 13.57 3.00 -11.43
N LEU A 100 14.23 3.15 -10.29
CA LEU A 100 14.68 2.00 -9.53
C LEU A 100 14.58 2.31 -8.03
N ILE A 101 13.68 1.60 -7.37
CA ILE A 101 13.47 1.79 -5.94
C ILE A 101 14.62 1.12 -5.18
N SER A 102 15.52 1.95 -4.67
CA SER A 102 16.65 1.44 -3.91
C SER A 102 16.17 0.84 -2.60
N ALA A 103 17.14 0.42 -1.78
CA ALA A 103 16.84 -0.17 -0.49
C ALA A 103 15.99 0.79 0.32
N ALA A 104 16.64 1.88 0.75
CA ALA A 104 15.96 2.89 1.55
C ALA A 104 14.57 3.14 0.97
N GLU A 105 14.55 3.68 -0.24
CA GLU A 105 13.30 3.97 -0.91
C GLU A 105 12.28 2.87 -0.65
N LEU A 106 12.80 1.67 -0.44
CA LEU A 106 11.95 0.53 -0.17
C LEU A 106 11.73 0.40 1.33
N LYS A 107 12.78 -0.02 2.03
CA LYS A 107 12.71 -0.18 3.47
C LYS A 107 12.06 1.06 4.09
N HIS A 108 12.70 2.21 3.88
CA HIS A 108 12.19 3.46 4.40
C HIS A 108 10.68 3.52 4.20
N VAL A 109 10.25 3.08 3.03
CA VAL A 109 8.83 3.08 2.71
C VAL A 109 8.10 2.08 3.61
N LEU A 110 8.72 0.92 3.77
CA LEU A 110 8.15 -0.12 4.61
C LEU A 110 8.00 0.39 6.04
N THR A 111 8.98 1.16 6.46
CA THR A 111 8.98 1.73 7.80
C THR A 111 8.04 2.92 7.87
N SER A 112 7.85 3.57 6.72
CA SER A 112 6.99 4.73 6.64
C SER A 112 5.54 4.31 6.92
N ILE A 113 5.32 3.01 6.92
CA ILE A 113 3.99 2.47 7.17
C ILE A 113 3.99 1.72 8.49
N GLY A 114 5.13 1.11 8.80
CA GLY A 114 5.28 0.35 10.04
C GLY A 114 6.37 -0.70 9.90
N GLU A 115 6.46 -1.28 8.70
CA GLU A 115 7.44 -2.31 8.43
C GLU A 115 8.86 -1.75 8.63
N LYS A 116 9.48 -2.17 9.72
CA LYS A 116 10.82 -1.72 10.04
C LYS A 116 11.81 -2.85 9.72
N LEU A 117 12.38 -2.77 8.53
CA LEU A 117 13.34 -3.78 8.10
C LEU A 117 14.74 -3.16 8.09
N THR A 118 15.71 -3.97 8.49
CA THR A 118 17.09 -3.53 8.54
C THR A 118 17.67 -3.43 7.13
N ASP A 119 18.65 -2.54 6.98
CA ASP A 119 19.29 -2.33 5.70
C ASP A 119 19.75 -3.68 5.15
N ALA A 120 19.91 -4.63 6.05
CA ALA A 120 20.36 -5.96 5.68
C ALA A 120 19.14 -6.79 5.24
N GLU A 121 18.03 -6.54 5.88
CA GLU A 121 16.80 -7.24 5.56
C GLU A 121 16.23 -6.75 4.24
N VAL A 122 16.51 -5.49 3.94
CA VAL A 122 16.03 -4.89 2.70
C VAL A 122 16.98 -5.26 1.56
N ASP A 123 18.26 -5.01 1.78
CA ASP A 123 19.27 -5.32 0.79
C ASP A 123 19.09 -6.77 0.31
N ASP A 124 18.44 -7.56 1.16
CA ASP A 124 18.20 -8.95 0.84
C ASP A 124 16.84 -9.08 0.14
N MET A 125 15.93 -8.20 0.53
CA MET A 125 14.60 -8.21 -0.06
C MET A 125 14.65 -7.88 -1.55
N LEU A 126 15.54 -6.96 -1.88
CA LEU A 126 15.69 -6.54 -3.27
C LEU A 126 16.20 -7.73 -4.10
N ARG A 127 17.33 -8.27 -3.68
CA ARG A 127 17.92 -9.41 -4.36
C ARG A 127 16.83 -10.37 -4.84
N GLU A 128 15.74 -10.38 -4.09
CA GLU A 128 14.62 -11.25 -4.43
C GLU A 128 14.25 -11.11 -5.90
N VAL A 129 14.09 -9.86 -6.31
CA VAL A 129 13.73 -9.57 -7.70
C VAL A 129 14.64 -8.45 -8.23
N SER A 130 15.74 -8.24 -7.51
CA SER A 130 16.69 -7.21 -7.90
C SER A 130 17.90 -7.85 -8.58
N ASP A 131 17.83 -9.16 -8.73
CA ASP A 131 18.92 -9.90 -9.37
C ASP A 131 20.25 -9.42 -8.81
N GLY A 132 20.31 -9.35 -7.49
CA GLY A 132 21.53 -8.90 -6.82
C GLY A 132 22.04 -7.60 -7.44
N SER A 133 21.11 -6.76 -7.82
CA SER A 133 21.46 -5.48 -8.43
C SER A 133 21.64 -4.42 -7.34
N GLY A 134 20.52 -4.00 -6.77
CA GLY A 134 20.54 -2.99 -5.72
C GLY A 134 19.26 -2.17 -5.73
N GLU A 135 18.55 -2.25 -6.85
CA GLU A 135 17.31 -1.51 -7.00
C GLU A 135 16.28 -2.35 -7.75
N ILE A 136 15.05 -1.85 -7.77
CA ILE A 136 13.97 -2.54 -8.44
C ILE A 136 13.14 -1.54 -9.24
N ASN A 137 13.06 -1.80 -10.54
CA ASN A 137 12.30 -0.93 -11.43
C ASN A 137 10.87 -1.45 -11.57
N ILE A 138 10.07 -0.69 -12.28
CA ILE A 138 8.67 -1.06 -12.49
C ILE A 138 8.61 -2.54 -12.89
N GLN A 139 9.70 -3.02 -13.46
CA GLN A 139 9.77 -4.40 -13.89
C GLN A 139 10.09 -5.31 -12.70
N GLN A 140 11.22 -5.03 -12.07
CA GLN A 140 11.65 -5.81 -10.92
C GLN A 140 10.68 -5.62 -9.76
N PHE A 141 10.54 -4.37 -9.34
CA PHE A 141 9.65 -4.03 -8.24
C PHE A 141 8.33 -4.79 -8.36
N ALA A 142 7.76 -4.74 -9.55
CA ALA A 142 6.49 -5.42 -9.80
C ALA A 142 6.62 -6.89 -9.40
N ALA A 143 7.80 -7.44 -9.64
CA ALA A 143 8.06 -8.83 -9.30
C ALA A 143 7.52 -9.11 -7.89
N LEU A 144 7.90 -8.24 -6.97
CA LEU A 144 7.47 -8.38 -5.59
C LEU A 144 5.94 -8.38 -5.53
N LEU A 145 5.36 -7.46 -6.29
CA LEU A 145 3.91 -7.34 -6.33
C LEU A 145 3.33 -8.50 -7.14
N SER A 146 4.23 -9.32 -7.68
CA SER A 146 3.81 -10.46 -8.47
C SER A 146 4.77 -11.63 -8.24
N LYS A 147 5.13 -11.81 -6.97
CA LYS A 147 6.04 -12.88 -6.60
C LYS A 147 5.22 -14.13 -6.24
N GLY A 148 4.41 -13.99 -5.20
CA GLY A 148 3.57 -15.10 -4.75
C GLY A 148 4.35 -16.41 -4.77
N SER A 149 5.54 -16.38 -4.19
CA SER A 149 6.39 -17.56 -4.14
C SER A 149 6.82 -17.82 -2.70
N SER A 150 6.61 -19.06 -2.28
CA SER A 150 6.97 -19.46 -0.92
C SER A 150 6.62 -18.35 0.06
N THR A 151 5.32 -18.16 0.25
CA THR A 151 4.84 -17.13 1.17
C THR A 151 4.24 -17.76 2.41
N GLY A 152 3.07 -18.35 2.23
CA GLY A 152 2.37 -19.00 3.33
C GLY A 152 1.63 -17.97 4.19
N THR A 153 1.27 -16.87 3.57
CA THR A 153 0.56 -15.80 4.26
C THR A 153 1.56 -14.90 5.01
N ARG A 154 2.76 -14.85 4.47
CA ARG A 154 3.81 -14.03 5.07
C ARG A 154 4.44 -13.11 4.02
N ARG A 155 4.76 -13.71 2.88
CA ARG A 155 5.36 -12.96 1.79
C ARG A 155 4.28 -12.34 0.91
N LYS A 156 3.08 -12.90 1.01
CA LYS A 156 1.96 -12.41 0.23
C LYS A 156 1.41 -11.13 0.87
N ALA A 157 1.72 -10.97 2.14
CA ALA A 157 1.27 -9.80 2.88
C ALA A 157 2.33 -8.71 2.79
N LEU A 158 3.53 -9.13 2.39
CA LEU A 158 4.64 -8.19 2.26
C LEU A 158 4.36 -7.25 1.09
N ARG A 159 3.87 -7.83 0.00
CA ARG A 159 3.56 -7.05 -1.19
C ARG A 159 2.27 -6.26 -0.99
N ASN A 160 1.41 -6.79 -0.13
CA ASN A 160 0.14 -6.16 0.15
C ASN A 160 0.39 -4.82 0.86
N LYS A 161 1.48 -4.79 1.63
CA LYS A 161 1.84 -3.59 2.36
C LYS A 161 1.94 -2.41 1.39
N ILE A 162 2.24 -2.74 0.15
CA ILE A 162 2.37 -1.72 -0.89
C ILE A 162 1.01 -1.50 -1.54
N LEU A 163 0.28 -2.59 -1.71
CA LEU A 163 -1.03 -2.52 -2.32
C LEU A 163 -1.78 -1.29 -1.80
N ALA A 164 -1.76 -1.14 -0.48
CA ALA A 164 -2.42 -0.01 0.15
C ALA A 164 -1.65 1.27 -0.17
N ILE A 165 -0.39 1.28 0.22
CA ILE A 165 0.47 2.43 -0.01
C ILE A 165 0.18 3.00 -1.40
N ALA A 166 -0.20 2.10 -2.30
CA ALA A 166 -0.50 2.48 -3.67
C ALA A 166 -1.96 2.89 -3.76
N LYS A 167 -2.84 1.90 -3.69
CA LYS A 167 -4.26 2.15 -3.77
C LYS A 167 -4.61 3.42 -2.99
N VAL A 168 -4.44 3.33 -1.67
CA VAL A 168 -4.71 4.45 -0.80
C VAL A 168 -4.12 5.73 -1.41
N SER A 169 -2.84 5.63 -1.76
CA SER A 169 -2.15 6.76 -2.35
C SER A 169 -2.89 7.25 -3.60
N ARG A 170 -3.53 6.29 -4.26
CA ARG A 170 -4.28 6.60 -5.48
C ARG A 170 -5.61 7.26 -5.12
N MET A 171 -6.23 6.74 -4.06
CA MET A 171 -7.51 7.25 -3.61
C MET A 171 -7.47 8.78 -3.51
N PHE A 172 -6.26 9.30 -3.37
CA PHE A 172 -6.08 10.74 -3.27
C PHE A 172 -5.83 11.37 -4.64
N SER A 173 -5.27 10.56 -5.53
CA SER A 173 -4.98 11.03 -6.88
C SER A 173 -6.20 10.82 -7.78
N VAL A 174 -7.24 10.24 -7.18
CA VAL A 174 -8.46 9.96 -7.92
C VAL A 174 -9.56 10.91 -7.43
N LEU A 175 -9.66 11.02 -6.11
CA LEU A 175 -10.66 11.88 -5.49
C LEU A 175 -10.73 13.20 -6.27
N ARG A 176 -9.58 13.61 -6.78
CA ARG A 176 -9.50 14.84 -7.55
C ARG A 176 -10.72 15.00 -8.44
N GLY A 1 -13.29 -9.38 -10.68
CA GLY A 1 -14.57 -8.70 -10.58
C GLY A 1 -15.62 -9.59 -9.92
N SER A 2 -15.15 -10.72 -9.41
CA SER A 2 -16.04 -11.67 -8.76
C SER A 2 -15.91 -11.54 -7.24
N SER A 3 -14.92 -10.77 -6.83
CA SER A 3 -14.68 -10.56 -5.40
C SER A 3 -14.89 -11.86 -4.64
N ASN A 4 -14.39 -12.94 -5.22
CA ASN A 4 -14.52 -14.26 -4.60
C ASN A 4 -13.31 -14.51 -3.69
N LEU A 5 -13.07 -13.56 -2.80
CA LEU A 5 -11.96 -13.67 -1.87
C LEU A 5 -12.30 -14.68 -0.79
N THR A 6 -11.26 -15.33 -0.28
CA THR A 6 -11.44 -16.33 0.76
C THR A 6 -11.10 -15.74 2.13
N GLU A 7 -11.55 -16.42 3.17
CA GLU A 7 -11.32 -15.98 4.53
C GLU A 7 -9.88 -15.46 4.66
N GLU A 8 -8.96 -16.16 4.02
CA GLU A 8 -7.56 -15.79 4.06
C GLU A 8 -7.36 -14.40 3.42
N GLN A 9 -7.87 -14.28 2.21
CA GLN A 9 -7.76 -13.02 1.48
C GLN A 9 -8.21 -11.86 2.37
N ILE A 10 -9.14 -12.16 3.26
CA ILE A 10 -9.67 -11.15 4.17
C ILE A 10 -8.60 -10.80 5.21
N ALA A 11 -7.84 -11.82 5.60
CA ALA A 11 -6.79 -11.64 6.58
C ALA A 11 -5.62 -10.88 5.94
N GLU A 12 -5.68 -10.79 4.62
CA GLU A 12 -4.63 -10.11 3.88
C GLU A 12 -4.77 -8.59 4.05
N PHE A 13 -5.91 -8.07 3.61
CA PHE A 13 -6.18 -6.64 3.71
C PHE A 13 -6.14 -6.18 5.17
N LYS A 14 -6.17 -7.16 6.06
CA LYS A 14 -6.16 -6.87 7.49
C LYS A 14 -4.82 -6.23 7.85
N GLU A 15 -3.83 -6.47 7.01
CA GLU A 15 -2.50 -5.93 7.21
C GLU A 15 -2.43 -4.49 6.70
N ALA A 16 -2.72 -4.34 5.42
CA ALA A 16 -2.69 -3.03 4.79
C ALA A 16 -3.56 -2.06 5.61
N PHE A 17 -4.46 -2.63 6.39
CA PHE A 17 -5.35 -1.84 7.22
C PHE A 17 -4.61 -1.29 8.45
N ALA A 18 -3.75 -2.12 9.00
CA ALA A 18 -2.97 -1.73 10.16
C ALA A 18 -2.14 -0.50 9.83
N LEU A 19 -1.81 -0.37 8.55
CA LEU A 19 -1.02 0.76 8.10
C LEU A 19 -1.53 2.04 8.75
N PHE A 20 -2.85 2.11 8.85
CA PHE A 20 -3.48 3.29 9.46
C PHE A 20 -4.11 2.93 10.80
N ASP A 21 -4.83 1.81 10.81
CA ASP A 21 -5.48 1.35 12.02
C ASP A 21 -4.43 1.14 13.12
N LYS A 22 -4.14 2.22 13.82
CA LYS A 22 -3.16 2.18 14.89
C LYS A 22 -3.68 1.29 16.02
N ASP A 23 -4.72 1.76 16.65
CA ASP A 23 -5.34 0.98 17.77
C ASP A 23 -6.12 -0.21 17.21
N ASN A 24 -6.35 -0.23 15.91
CA ASN A 24 -7.09 -1.32 15.30
C ASN A 24 -8.47 -1.44 15.96
N ASN A 25 -9.25 -0.38 15.81
CA ASN A 25 -10.58 -0.35 16.38
C ASN A 25 -11.61 -0.74 15.32
N GLY A 26 -11.20 -0.58 14.07
CA GLY A 26 -12.07 -0.92 12.95
C GLY A 26 -12.60 0.35 12.27
N SER A 27 -11.75 1.37 12.26
CA SER A 27 -12.12 2.64 11.64
C SER A 27 -10.88 3.53 11.52
N ILE A 28 -10.47 3.75 10.29
CA ILE A 28 -9.31 4.59 10.03
C ILE A 28 -9.77 6.03 9.81
N SER A 29 -9.61 6.84 10.85
CA SER A 29 -10.00 8.23 10.79
C SER A 29 -9.09 8.99 9.82
N SER A 30 -9.52 10.19 9.45
CA SER A 30 -8.75 11.01 8.54
C SER A 30 -7.38 11.34 9.14
N SER A 31 -7.29 11.11 10.45
CA SER A 31 -6.04 11.37 11.16
C SER A 31 -5.14 10.13 11.12
N GLU A 32 -5.78 8.98 10.95
CA GLU A 32 -5.06 7.73 10.89
C GLU A 32 -4.67 7.40 9.44
N LEU A 33 -5.52 7.86 8.53
CA LEU A 33 -5.30 7.63 7.11
C LEU A 33 -4.17 8.54 6.63
N ALA A 34 -4.29 9.81 6.97
CA ALA A 34 -3.29 10.78 6.57
C ALA A 34 -1.99 10.53 7.34
N THR A 35 -2.10 9.68 8.36
CA THR A 35 -0.95 9.35 9.18
C THR A 35 0.03 8.49 8.38
N VAL A 36 -0.50 7.79 7.39
CA VAL A 36 0.33 6.94 6.55
C VAL A 36 0.81 7.73 5.34
N MET A 37 -0.15 8.17 4.54
CA MET A 37 0.17 8.95 3.35
C MET A 37 1.27 9.96 3.63
N ARG A 38 1.12 10.67 4.74
CA ARG A 38 2.09 11.67 5.13
C ARG A 38 3.46 11.02 5.38
N SER A 39 3.42 9.88 6.07
CA SER A 39 4.63 9.15 6.38
C SER A 39 5.40 8.83 5.08
N LEU A 40 4.64 8.57 4.03
CA LEU A 40 5.22 8.25 2.75
C LEU A 40 5.86 9.51 2.16
N GLY A 41 5.40 10.65 2.63
CA GLY A 41 5.91 11.92 2.17
C GLY A 41 4.78 12.81 1.64
N LEU A 42 3.58 12.24 1.60
CA LEU A 42 2.42 12.95 1.11
C LEU A 42 2.05 14.05 2.12
N SER A 43 1.03 14.81 1.76
CA SER A 43 0.55 15.89 2.62
C SER A 43 -0.90 16.23 2.28
N PRO A 44 -1.77 15.20 2.39
CA PRO A 44 -3.18 15.38 2.10
C PRO A 44 -3.88 16.15 3.23
N SER A 45 -4.33 17.35 2.91
CA SER A 45 -5.01 18.18 3.87
C SER A 45 -6.25 17.46 4.42
N GLU A 46 -6.47 17.61 5.71
CA GLU A 46 -7.61 16.99 6.36
C GLU A 46 -8.88 17.19 5.53
N ALA A 47 -8.89 18.29 4.80
CA ALA A 47 -10.03 18.62 3.96
C ALA A 47 -10.19 17.55 2.88
N GLU A 48 -9.07 17.25 2.23
CA GLU A 48 -9.07 16.25 1.17
C GLU A 48 -9.16 14.85 1.77
N VAL A 49 -8.30 14.59 2.75
CA VAL A 49 -8.28 13.29 3.40
C VAL A 49 -9.71 12.82 3.64
N ASN A 50 -10.57 13.77 4.01
CA ASN A 50 -11.96 13.46 4.27
C ASN A 50 -12.63 13.01 2.97
N ASP A 51 -12.63 13.92 2.01
CA ASP A 51 -13.22 13.63 0.71
C ASP A 51 -12.56 12.40 0.10
N LEU A 52 -11.40 12.06 0.65
CA LEU A 52 -10.64 10.92 0.17
C LEU A 52 -11.21 9.64 0.80
N MET A 53 -11.34 9.68 2.11
CA MET A 53 -11.86 8.53 2.86
C MET A 53 -13.38 8.48 2.76
N ASN A 54 -13.95 9.58 2.30
CA ASN A 54 -15.41 9.67 2.16
C ASN A 54 -15.81 9.08 0.81
N GLU A 55 -14.81 8.79 -0.01
CA GLU A 55 -15.05 8.22 -1.32
C GLU A 55 -15.18 6.70 -1.23
N ILE A 56 -14.79 6.18 -0.08
CA ILE A 56 -14.85 4.75 0.15
C ILE A 56 -15.82 4.45 1.30
N ASP A 57 -15.75 5.31 2.31
CA ASP A 57 -16.61 5.15 3.48
C ASP A 57 -17.99 4.71 3.02
N VAL A 58 -18.39 3.53 3.50
CA VAL A 58 -19.68 2.98 3.15
C VAL A 58 -20.71 3.38 4.21
N ASP A 59 -20.23 3.52 5.42
CA ASP A 59 -21.12 3.92 6.54
C ASP A 59 -21.11 5.44 6.71
N GLY A 60 -20.24 6.13 5.99
CA GLY A 60 -20.16 7.58 6.09
C GLY A 60 -19.90 8.00 7.53
N ASN A 61 -19.01 7.27 8.19
CA ASN A 61 -18.66 7.56 9.57
C ASN A 61 -17.38 8.41 9.60
N HIS A 62 -16.99 8.87 8.42
CA HIS A 62 -15.79 9.68 8.30
C HIS A 62 -14.56 8.84 8.64
N GLN A 63 -14.65 7.56 8.31
CA GLN A 63 -13.56 6.64 8.57
C GLN A 63 -13.59 5.48 7.57
N ILE A 64 -12.69 4.54 7.78
CA ILE A 64 -12.60 3.38 6.91
C ILE A 64 -12.54 2.10 7.76
N GLU A 65 -13.45 1.19 7.47
CA GLU A 65 -13.51 -0.07 8.20
C GLU A 65 -12.71 -1.15 7.47
N PHE A 66 -12.67 -2.31 8.08
CA PHE A 66 -11.94 -3.43 7.51
C PHE A 66 -12.71 -4.05 6.34
N SER A 67 -13.97 -3.67 6.23
CA SER A 67 -14.83 -4.17 5.17
C SER A 67 -14.75 -3.25 3.95
N GLU A 68 -14.79 -1.96 4.22
CA GLU A 68 -14.73 -0.97 3.17
C GLU A 68 -13.33 -0.92 2.57
N PHE A 69 -12.34 -0.76 3.44
CA PHE A 69 -10.95 -0.70 3.01
C PHE A 69 -10.60 -1.90 2.14
N LEU A 70 -11.03 -3.07 2.59
CA LEU A 70 -10.77 -4.29 1.85
C LEU A 70 -11.59 -4.30 0.57
N ALA A 71 -12.76 -3.68 0.66
CA ALA A 71 -13.66 -3.62 -0.48
C ALA A 71 -13.07 -2.68 -1.54
N LEU A 72 -12.10 -1.88 -1.09
CA LEU A 72 -11.45 -0.94 -1.98
C LEU A 72 -10.51 -1.70 -2.93
N MET A 73 -9.67 -2.52 -2.33
CA MET A 73 -8.72 -3.31 -3.10
C MET A 73 -9.43 -4.15 -4.15
N SER A 74 -10.55 -4.75 -3.74
CA SER A 74 -11.33 -5.57 -4.64
C SER A 74 -12.24 -4.70 -5.50
N ARG A 75 -12.05 -3.39 -5.37
CA ARG A 75 -12.85 -2.45 -6.13
C ARG A 75 -11.95 -1.46 -6.86
N GLN A 76 -10.66 -1.78 -6.86
CA GLN A 76 -9.67 -0.94 -7.53
C GLN A 76 -9.16 -1.62 -8.79
N LEU A 77 -10.09 -2.00 -9.65
CA LEU A 77 -9.75 -2.66 -10.89
C LEU A 77 -10.86 -2.42 -11.92
N LYS A 78 -10.52 -1.65 -12.95
CA LYS A 78 -11.48 -1.34 -14.00
C LYS A 78 -10.78 -1.46 -15.36
N SER A 79 -9.76 -0.64 -15.55
CA SER A 79 -9.03 -0.64 -16.79
C SER A 79 -7.52 -0.65 -16.51
N ASN A 80 -7.02 0.50 -16.08
CA ASN A 80 -5.61 0.63 -15.77
C ASN A 80 -5.45 0.93 -14.28
N ASP A 81 -6.21 0.22 -13.47
CA ASP A 81 -6.17 0.40 -12.03
C ASP A 81 -4.87 -0.20 -11.49
N SER A 82 -4.78 -1.53 -11.58
CA SER A 82 -3.61 -2.23 -11.10
C SER A 82 -2.33 -1.56 -11.65
N GLU A 83 -2.44 -1.07 -12.88
CA GLU A 83 -1.32 -0.42 -13.51
C GLU A 83 -0.97 0.88 -12.78
N GLN A 84 -2.02 1.52 -12.25
CA GLN A 84 -1.85 2.77 -11.54
C GLN A 84 -1.11 2.53 -10.21
N GLU A 85 -1.77 1.78 -9.34
CA GLU A 85 -1.19 1.45 -8.04
C GLU A 85 0.30 1.20 -8.19
N LEU A 86 0.69 0.70 -9.35
CA LEU A 86 2.08 0.41 -9.62
C LEU A 86 2.88 1.71 -9.65
N LEU A 87 2.57 2.54 -10.63
CA LEU A 87 3.24 3.82 -10.78
C LEU A 87 3.07 4.64 -9.50
N GLU A 88 1.84 4.68 -9.03
CA GLU A 88 1.52 5.42 -7.82
C GLU A 88 2.46 5.01 -6.69
N ALA A 89 2.65 3.71 -6.56
CA ALA A 89 3.52 3.18 -5.53
C ALA A 89 4.98 3.29 -5.98
N PHE A 90 5.15 3.33 -7.29
CA PHE A 90 6.48 3.45 -7.87
C PHE A 90 7.12 4.79 -7.52
N LYS A 91 6.50 5.85 -8.03
CA LYS A 91 7.00 7.19 -7.79
C LYS A 91 6.96 7.48 -6.29
N VAL A 92 6.00 6.87 -5.62
CA VAL A 92 5.85 7.05 -4.19
C VAL A 92 7.10 6.51 -3.48
N PHE A 93 7.41 5.25 -3.76
CA PHE A 93 8.57 4.61 -3.17
C PHE A 93 9.86 5.30 -3.61
N ASP A 94 9.91 5.62 -4.87
CA ASP A 94 11.11 6.30 -5.43
C ASP A 94 11.18 7.75 -4.93
N LYS A 95 12.03 8.01 -3.94
CA LYS A 95 12.14 9.36 -3.41
C LYS A 95 13.16 10.14 -4.24
N ASN A 96 14.17 9.43 -4.72
CA ASN A 96 15.21 10.05 -5.53
C ASN A 96 14.67 10.30 -6.94
N GLY A 97 14.00 9.30 -7.47
CA GLY A 97 13.43 9.40 -8.80
C GLY A 97 14.45 8.98 -9.86
N ASP A 98 14.60 7.68 -10.02
CA ASP A 98 15.54 7.14 -10.99
C ASP A 98 14.93 5.93 -11.68
N GLY A 99 13.63 5.75 -11.44
CA GLY A 99 12.91 4.63 -12.02
C GLY A 99 13.33 3.31 -11.40
N LEU A 100 13.95 3.42 -10.23
CA LEU A 100 14.42 2.24 -9.52
C LEU A 100 14.39 2.51 -8.01
N ILE A 101 13.47 1.83 -7.34
CA ILE A 101 13.32 1.99 -5.90
C ILE A 101 14.47 1.26 -5.19
N SER A 102 15.42 2.04 -4.72
CA SER A 102 16.57 1.48 -4.01
C SER A 102 16.13 0.92 -2.66
N ALA A 103 17.07 0.26 -2.00
CA ALA A 103 16.80 -0.33 -0.71
C ALA A 103 16.03 0.67 0.16
N ALA A 104 16.74 1.72 0.56
CA ALA A 104 16.14 2.76 1.38
C ALA A 104 14.73 3.07 0.86
N GLU A 105 14.70 3.62 -0.34
CA GLU A 105 13.43 3.97 -0.97
C GLU A 105 12.37 2.91 -0.65
N LEU A 106 12.85 1.69 -0.47
CA LEU A 106 11.96 0.57 -0.17
C LEU A 106 11.80 0.46 1.34
N LYS A 107 12.87 -0.01 1.98
CA LYS A 107 12.85 -0.18 3.43
C LYS A 107 12.28 1.08 4.07
N HIS A 108 12.94 2.19 3.83
CA HIS A 108 12.51 3.46 4.38
C HIS A 108 10.99 3.58 4.28
N VAL A 109 10.47 3.14 3.14
CA VAL A 109 9.04 3.19 2.90
C VAL A 109 8.34 2.18 3.81
N LEU A 110 8.95 1.01 3.94
CA LEU A 110 8.40 -0.03 4.76
C LEU A 110 8.33 0.46 6.22
N THR A 111 9.36 1.20 6.60
CA THR A 111 9.43 1.73 7.95
C THR A 111 8.59 3.00 8.07
N SER A 112 8.14 3.49 6.92
CA SER A 112 7.32 4.68 6.88
C SER A 112 5.85 4.32 7.12
N ILE A 113 5.62 3.02 7.31
CA ILE A 113 4.26 2.54 7.56
C ILE A 113 4.17 2.01 8.99
N GLY A 114 5.28 1.46 9.47
CA GLY A 114 5.33 0.92 10.81
C GLY A 114 6.33 -0.24 10.89
N GLU A 115 6.28 -1.09 9.88
CA GLU A 115 7.17 -2.23 9.83
C GLU A 115 8.62 -1.79 10.04
N LYS A 116 9.50 -2.78 10.12
CA LYS A 116 10.91 -2.51 10.32
C LYS A 116 11.73 -3.68 9.78
N LEU A 117 12.53 -3.39 8.77
CA LEU A 117 13.38 -4.40 8.16
C LEU A 117 14.83 -3.92 8.16
N THR A 118 15.72 -4.85 8.47
CA THR A 118 17.14 -4.55 8.51
C THR A 118 17.66 -4.22 7.11
N ASP A 119 18.63 -3.34 7.06
CA ASP A 119 19.22 -2.93 5.80
C ASP A 119 19.64 -4.18 5.02
N ALA A 120 19.84 -5.26 5.75
CA ALA A 120 20.24 -6.53 5.14
C ALA A 120 18.99 -7.30 4.73
N GLU A 121 17.91 -7.06 5.45
CA GLU A 121 16.65 -7.74 5.17
C GLU A 121 16.02 -7.16 3.89
N VAL A 122 15.98 -5.84 3.84
CA VAL A 122 15.40 -5.17 2.68
C VAL A 122 16.29 -5.41 1.47
N ASP A 123 17.56 -5.09 1.62
CA ASP A 123 18.52 -5.28 0.55
C ASP A 123 18.40 -6.70 -0.01
N ASP A 124 17.85 -7.58 0.81
CA ASP A 124 17.67 -8.96 0.43
C ASP A 124 16.30 -9.13 -0.22
N MET A 125 15.36 -8.34 0.26
CA MET A 125 14.00 -8.38 -0.26
C MET A 125 13.97 -8.00 -1.74
N LEU A 126 14.89 -7.13 -2.12
CA LEU A 126 14.98 -6.67 -3.49
C LEU A 126 15.37 -7.85 -4.39
N ARG A 127 16.45 -8.51 -4.01
CA ARG A 127 16.94 -9.65 -4.77
C ARG A 127 15.77 -10.48 -5.29
N GLU A 128 14.68 -10.44 -4.54
CA GLU A 128 13.49 -11.19 -4.92
C GLU A 128 13.13 -10.92 -6.38
N VAL A 129 13.09 -9.64 -6.71
CA VAL A 129 12.76 -9.23 -8.08
C VAL A 129 13.77 -8.18 -8.54
N SER A 130 14.88 -8.11 -7.82
CA SER A 130 15.92 -7.16 -8.15
C SER A 130 17.11 -7.89 -8.76
N ASP A 131 16.95 -9.19 -8.95
CA ASP A 131 17.99 -10.02 -9.52
C ASP A 131 19.35 -9.54 -9.00
N GLY A 132 19.43 -9.43 -7.68
CA GLY A 132 20.66 -9.00 -7.04
C GLY A 132 21.22 -7.74 -7.72
N SER A 133 20.33 -6.80 -7.96
CA SER A 133 20.71 -5.55 -8.61
C SER A 133 20.98 -4.48 -7.55
N GLY A 134 19.89 -4.05 -6.91
CA GLY A 134 19.99 -3.03 -5.89
C GLY A 134 18.79 -2.08 -5.94
N GLU A 135 18.03 -2.20 -7.02
CA GLU A 135 16.86 -1.36 -7.20
C GLU A 135 15.78 -2.11 -7.98
N ILE A 136 14.58 -1.55 -7.98
CA ILE A 136 13.47 -2.16 -8.68
C ILE A 136 12.68 -1.07 -9.42
N ASN A 137 12.44 -1.34 -10.70
CA ASN A 137 11.70 -0.40 -11.52
C ASN A 137 10.22 -0.77 -11.52
N ILE A 138 9.46 -0.03 -12.31
CA ILE A 138 8.03 -0.27 -12.40
C ILE A 138 7.78 -1.72 -12.83
N GLN A 139 8.84 -2.32 -13.36
CA GLN A 139 8.76 -3.71 -13.81
C GLN A 139 9.08 -4.66 -12.66
N GLN A 140 10.20 -4.39 -12.01
CA GLN A 140 10.64 -5.22 -10.90
C GLN A 140 9.73 -4.99 -9.69
N PHE A 141 9.65 -3.74 -9.27
CA PHE A 141 8.82 -3.39 -8.13
C PHE A 141 7.47 -4.11 -8.18
N ALA A 142 6.82 -4.00 -9.33
CA ALA A 142 5.53 -4.64 -9.52
C ALA A 142 5.68 -6.15 -9.29
N ALA A 143 6.82 -6.67 -9.70
CA ALA A 143 7.11 -8.08 -9.56
C ALA A 143 6.71 -8.53 -8.14
N LEU A 144 7.00 -7.66 -7.18
CA LEU A 144 6.70 -7.95 -5.79
C LEU A 144 5.19 -8.23 -5.65
N LEU A 145 4.40 -7.38 -6.30
CA LEU A 145 2.96 -7.51 -6.25
C LEU A 145 2.54 -8.67 -7.18
N SER A 146 3.48 -9.10 -8.00
CA SER A 146 3.22 -10.18 -8.93
C SER A 146 4.32 -11.23 -8.83
N LYS A 147 4.68 -11.56 -7.59
CA LYS A 147 5.71 -12.55 -7.34
C LYS A 147 5.88 -12.73 -5.83
N GLY A 148 5.54 -13.92 -5.36
CA GLY A 148 5.66 -14.24 -3.95
C GLY A 148 6.28 -15.61 -3.73
N SER A 149 7.60 -15.66 -3.85
CA SER A 149 8.32 -16.90 -3.68
C SER A 149 8.66 -17.11 -2.20
N SER A 150 8.09 -18.17 -1.64
CA SER A 150 8.32 -18.49 -0.24
C SER A 150 7.34 -17.72 0.64
N THR A 151 6.16 -17.48 0.09
CA THR A 151 5.13 -16.75 0.81
C THR A 151 3.93 -17.67 1.09
N GLY A 152 2.93 -17.09 1.74
CA GLY A 152 1.73 -17.84 2.07
C GLY A 152 0.74 -16.96 2.86
N THR A 153 1.12 -16.62 4.07
CA THR A 153 0.29 -15.79 4.92
C THR A 153 1.15 -14.87 5.77
N ARG A 154 2.40 -14.72 5.36
CA ARG A 154 3.34 -13.87 6.07
C ARG A 154 4.01 -12.89 5.10
N ARG A 155 4.50 -13.45 4.00
CA ARG A 155 5.16 -12.65 2.98
C ARG A 155 4.14 -12.05 2.03
N LYS A 156 3.07 -12.79 1.81
CA LYS A 156 2.01 -12.35 0.91
C LYS A 156 1.47 -11.00 1.40
N ALA A 157 1.68 -10.74 2.68
CA ALA A 157 1.23 -9.50 3.28
C ALA A 157 2.31 -8.43 3.09
N LEU A 158 3.53 -8.90 2.89
CA LEU A 158 4.65 -7.99 2.70
C LEU A 158 4.40 -7.12 1.46
N ARG A 159 3.94 -7.77 0.41
CA ARG A 159 3.66 -7.07 -0.84
C ARG A 159 2.33 -6.31 -0.73
N ASN A 160 1.47 -6.81 0.14
CA ASN A 160 0.17 -6.19 0.36
C ASN A 160 0.36 -4.84 1.06
N LYS A 161 1.43 -4.78 1.86
CA LYS A 161 1.73 -3.56 2.59
C LYS A 161 1.89 -2.40 1.62
N ILE A 162 2.27 -2.75 0.39
CA ILE A 162 2.46 -1.75 -0.65
C ILE A 162 1.14 -1.53 -1.38
N LEU A 163 0.37 -2.60 -1.48
CA LEU A 163 -0.92 -2.54 -2.15
C LEU A 163 -1.70 -1.32 -1.64
N ALA A 164 -1.71 -1.16 -0.33
CA ALA A 164 -2.41 -0.05 0.29
C ALA A 164 -1.69 1.25 -0.06
N ILE A 165 -0.44 1.33 0.37
CA ILE A 165 0.37 2.51 0.11
C ILE A 165 0.23 2.91 -1.36
N ALA A 166 -0.11 1.93 -2.17
CA ALA A 166 -0.27 2.16 -3.60
C ALA A 166 -1.66 2.75 -3.85
N LYS A 167 -2.68 1.98 -3.53
CA LYS A 167 -4.05 2.42 -3.72
C LYS A 167 -4.30 3.66 -2.86
N VAL A 168 -4.21 3.47 -1.56
CA VAL A 168 -4.43 4.57 -0.63
C VAL A 168 -3.81 5.85 -1.20
N SER A 169 -2.74 5.66 -1.97
CA SER A 169 -2.05 6.79 -2.58
C SER A 169 -2.83 7.28 -3.81
N ARG A 170 -3.06 6.35 -4.73
CA ARG A 170 -3.78 6.67 -5.94
C ARG A 170 -5.10 7.38 -5.60
N MET A 171 -5.78 6.84 -4.62
CA MET A 171 -7.05 7.41 -4.19
C MET A 171 -6.95 8.93 -4.04
N PHE A 172 -5.74 9.39 -3.73
CA PHE A 172 -5.50 10.81 -3.56
C PHE A 172 -5.15 11.46 -4.91
N SER A 173 -4.57 10.66 -5.78
CA SER A 173 -4.19 11.14 -7.10
C SER A 173 -5.37 11.05 -8.06
N VAL A 174 -6.47 10.53 -7.55
CA VAL A 174 -7.67 10.38 -8.35
C VAL A 174 -8.76 11.32 -7.82
N LEU A 175 -8.89 11.32 -6.50
CA LEU A 175 -9.87 12.17 -5.85
C LEU A 175 -9.92 13.53 -6.55
N ARG A 176 -8.75 13.94 -7.04
CA ARG A 176 -8.64 15.22 -7.73
C ARG A 176 -9.80 15.40 -8.72
N GLY A 1 -19.56 -5.46 -7.34
CA GLY A 1 -18.30 -5.16 -6.69
C GLY A 1 -18.26 -5.75 -5.27
N SER A 2 -18.59 -7.02 -5.19
CA SER A 2 -18.59 -7.71 -3.90
C SER A 2 -17.20 -8.28 -3.60
N SER A 3 -16.87 -8.28 -2.31
CA SER A 3 -15.58 -8.79 -1.88
C SER A 3 -15.51 -10.30 -2.10
N ASN A 4 -15.24 -10.67 -3.35
CA ASN A 4 -15.14 -12.07 -3.71
C ASN A 4 -13.73 -12.57 -3.42
N LEU A 5 -13.33 -12.40 -2.17
CA LEU A 5 -12.01 -12.84 -1.74
C LEU A 5 -12.16 -13.93 -0.68
N THR A 6 -11.17 -14.82 -0.66
CA THR A 6 -11.18 -15.92 0.28
C THR A 6 -10.74 -15.43 1.67
N GLU A 7 -11.05 -16.24 2.67
CA GLU A 7 -10.71 -15.90 4.04
C GLU A 7 -9.21 -15.60 4.15
N GLU A 8 -8.45 -16.14 3.21
CA GLU A 8 -7.02 -15.95 3.19
C GLU A 8 -6.69 -14.53 2.73
N GLN A 9 -7.56 -13.99 1.89
CA GLN A 9 -7.38 -12.65 1.37
C GLN A 9 -7.80 -11.61 2.41
N ILE A 10 -8.89 -11.92 3.10
CA ILE A 10 -9.40 -11.04 4.13
C ILE A 10 -8.35 -10.84 5.22
N ALA A 11 -7.42 -11.79 5.27
CA ALA A 11 -6.36 -11.73 6.25
C ALA A 11 -5.22 -10.87 5.72
N GLU A 12 -5.23 -10.67 4.41
CA GLU A 12 -4.21 -9.87 3.76
C GLU A 12 -4.43 -8.39 4.05
N PHE A 13 -5.58 -7.90 3.61
CA PHE A 13 -5.94 -6.50 3.81
C PHE A 13 -5.83 -6.13 5.29
N LYS A 14 -5.91 -7.14 6.14
CA LYS A 14 -5.84 -6.93 7.57
C LYS A 14 -4.55 -6.18 7.91
N GLU A 15 -3.53 -6.42 7.09
CA GLU A 15 -2.25 -5.78 7.29
C GLU A 15 -2.24 -4.40 6.63
N ALA A 16 -2.93 -4.31 5.51
CA ALA A 16 -3.02 -3.06 4.77
C ALA A 16 -3.90 -2.08 5.54
N PHE A 17 -4.64 -2.63 6.50
CA PHE A 17 -5.51 -1.81 7.32
C PHE A 17 -4.77 -1.23 8.53
N ALA A 18 -3.84 -2.02 9.04
CA ALA A 18 -3.04 -1.59 10.18
C ALA A 18 -2.16 -0.42 9.78
N LEU A 19 -1.99 -0.27 8.47
CA LEU A 19 -1.16 0.82 7.94
C LEU A 19 -1.62 2.14 8.57
N PHE A 20 -2.92 2.23 8.80
CA PHE A 20 -3.48 3.44 9.38
C PHE A 20 -4.08 3.14 10.76
N ASP A 21 -4.90 2.11 10.80
CA ASP A 21 -5.55 1.71 12.04
C ASP A 21 -4.49 1.57 13.14
N LYS A 22 -4.29 2.66 13.87
CA LYS A 22 -3.31 2.68 14.94
C LYS A 22 -3.83 1.82 16.10
N ASP A 23 -4.88 2.30 16.71
CA ASP A 23 -5.48 1.54 17.85
C ASP A 23 -6.25 0.33 17.34
N ASN A 24 -6.39 0.20 16.02
CA ASN A 24 -7.12 -0.93 15.45
C ASN A 24 -8.49 -1.04 16.11
N ASN A 25 -9.28 0.01 15.95
CA ASN A 25 -10.61 0.05 16.53
C ASN A 25 -11.62 -0.44 15.49
N GLY A 26 -11.26 -0.25 14.22
CA GLY A 26 -12.12 -0.66 13.13
C GLY A 26 -12.68 0.56 12.39
N SER A 27 -11.86 1.59 12.33
CA SER A 27 -12.26 2.82 11.65
C SER A 27 -11.05 3.74 11.48
N ILE A 28 -10.63 3.91 10.24
CA ILE A 28 -9.49 4.76 9.94
C ILE A 28 -9.99 6.18 9.63
N SER A 29 -9.89 7.03 10.64
CA SER A 29 -10.31 8.42 10.49
C SER A 29 -9.43 9.13 9.46
N SER A 30 -9.75 10.40 9.24
CA SER A 30 -9.00 11.20 8.29
C SER A 30 -7.60 11.45 8.82
N SER A 31 -7.50 11.59 10.13
CA SER A 31 -6.22 11.84 10.76
C SER A 31 -5.37 10.56 10.75
N GLU A 32 -6.05 9.43 10.78
CA GLU A 32 -5.38 8.15 10.77
C GLU A 32 -5.02 7.75 9.34
N LEU A 33 -5.90 8.12 8.42
CA LEU A 33 -5.69 7.81 7.01
C LEU A 33 -4.59 8.72 6.45
N ALA A 34 -4.74 10.01 6.71
CA ALA A 34 -3.77 10.98 6.25
C ALA A 34 -2.47 10.81 7.03
N THR A 35 -2.55 10.04 8.11
CA THR A 35 -1.39 9.78 8.94
C THR A 35 -0.37 8.93 8.19
N VAL A 36 -0.87 8.18 7.22
CA VAL A 36 -0.03 7.30 6.43
C VAL A 36 0.51 8.08 5.22
N MET A 37 -0.41 8.61 4.44
CA MET A 37 -0.04 9.38 3.27
C MET A 37 1.21 10.22 3.53
N ARG A 38 1.14 11.04 4.57
CA ARG A 38 2.26 11.89 4.94
C ARG A 38 3.48 11.03 5.29
N SER A 39 3.23 9.96 6.03
CA SER A 39 4.29 9.07 6.43
C SER A 39 5.07 8.59 5.20
N LEU A 40 4.40 8.66 4.05
CA LEU A 40 5.02 8.24 2.81
C LEU A 40 5.72 9.43 2.16
N GLY A 41 5.27 10.62 2.54
CA GLY A 41 5.85 11.84 2.01
C GLY A 41 4.77 12.70 1.35
N LEU A 42 3.53 12.25 1.47
CA LEU A 42 2.41 12.97 0.88
C LEU A 42 2.00 14.10 1.82
N SER A 43 0.93 14.79 1.44
CA SER A 43 0.43 15.89 2.24
C SER A 43 -1.01 16.22 1.81
N PRO A 44 -1.90 15.21 1.99
CA PRO A 44 -3.30 15.37 1.64
C PRO A 44 -4.03 16.23 2.67
N SER A 45 -4.89 17.11 2.17
CA SER A 45 -5.65 18.00 3.03
C SER A 45 -6.82 17.24 3.66
N GLU A 46 -7.07 17.53 4.92
CA GLU A 46 -8.15 16.89 5.65
C GLU A 46 -9.46 17.05 4.89
N ALA A 47 -9.54 18.13 4.12
CA ALA A 47 -10.72 18.41 3.34
C ALA A 47 -10.94 17.29 2.31
N GLU A 48 -9.86 16.98 1.60
CA GLU A 48 -9.92 15.94 0.59
C GLU A 48 -9.96 14.56 1.25
N VAL A 49 -9.01 14.34 2.15
CA VAL A 49 -8.93 13.08 2.85
C VAL A 49 -10.35 12.61 3.22
N ASN A 50 -11.22 13.59 3.43
CA ASN A 50 -12.59 13.30 3.79
C ASN A 50 -13.33 12.76 2.56
N ASP A 51 -13.48 13.63 1.57
CA ASP A 51 -14.17 13.27 0.34
C ASP A 51 -13.57 11.96 -0.20
N LEU A 52 -12.35 11.68 0.23
CA LEU A 52 -11.66 10.48 -0.20
C LEU A 52 -12.15 9.30 0.63
N MET A 53 -11.90 9.38 1.93
CA MET A 53 -12.32 8.33 2.84
C MET A 53 -13.84 8.18 2.85
N ASN A 54 -14.51 9.18 2.29
CA ASN A 54 -15.95 9.17 2.24
C ASN A 54 -16.41 8.51 0.94
N GLU A 55 -15.46 8.32 0.05
CA GLU A 55 -15.74 7.70 -1.24
C GLU A 55 -15.76 6.18 -1.10
N ILE A 56 -15.31 5.72 0.06
CA ILE A 56 -15.26 4.29 0.33
C ILE A 56 -16.18 3.98 1.51
N ASP A 57 -16.12 4.84 2.51
CA ASP A 57 -16.93 4.67 3.70
C ASP A 57 -18.31 4.13 3.30
N VAL A 58 -18.65 2.99 3.89
CA VAL A 58 -19.94 2.36 3.60
C VAL A 58 -21.02 3.02 4.45
N ASP A 59 -20.65 3.39 5.65
CA ASP A 59 -21.61 4.05 6.57
C ASP A 59 -21.43 5.56 6.51
N GLY A 60 -20.43 6.04 5.80
CA GLY A 60 -20.17 7.46 5.71
C GLY A 60 -20.05 8.10 7.09
N ASN A 61 -19.32 7.40 7.96
CA ASN A 61 -19.12 7.88 9.32
C ASN A 61 -17.77 8.59 9.40
N HIS A 62 -17.21 8.89 8.23
CA HIS A 62 -15.93 9.57 8.16
C HIS A 62 -14.83 8.65 8.68
N GLN A 63 -14.97 7.37 8.36
CA GLN A 63 -14.00 6.37 8.78
C GLN A 63 -13.99 5.19 7.81
N ILE A 64 -12.88 4.46 7.83
CA ILE A 64 -12.73 3.31 6.97
C ILE A 64 -12.60 2.05 7.82
N GLU A 65 -13.50 1.10 7.57
CA GLU A 65 -13.50 -0.15 8.30
C GLU A 65 -12.65 -1.20 7.57
N PHE A 66 -12.35 -2.27 8.29
CA PHE A 66 -11.55 -3.35 7.73
C PHE A 66 -12.28 -4.02 6.57
N SER A 67 -13.57 -3.71 6.46
CA SER A 67 -14.38 -4.28 5.40
C SER A 67 -14.42 -3.33 4.20
N GLU A 68 -14.59 -2.05 4.51
CA GLU A 68 -14.64 -1.04 3.47
C GLU A 68 -13.29 -0.89 2.79
N PHE A 69 -12.25 -0.80 3.61
CA PHE A 69 -10.90 -0.66 3.11
C PHE A 69 -10.53 -1.84 2.21
N LEU A 70 -10.91 -3.03 2.66
CA LEU A 70 -10.63 -4.23 1.91
C LEU A 70 -11.48 -4.28 0.65
N ALA A 71 -12.66 -3.68 0.75
CA ALA A 71 -13.59 -3.63 -0.36
C ALA A 71 -13.04 -2.68 -1.43
N LEU A 72 -12.14 -1.82 -0.99
CA LEU A 72 -11.54 -0.84 -1.89
C LEU A 72 -10.61 -1.57 -2.87
N MET A 73 -9.70 -2.35 -2.30
CA MET A 73 -8.76 -3.11 -3.10
C MET A 73 -9.48 -4.07 -4.04
N SER A 74 -10.75 -4.32 -3.73
CA SER A 74 -11.56 -5.22 -4.53
C SER A 74 -12.74 -4.46 -5.12
N ARG A 75 -12.55 -3.17 -5.31
CA ARG A 75 -13.58 -2.32 -5.87
C ARG A 75 -13.00 -1.39 -6.94
N GLN A 76 -12.31 -0.37 -6.46
CA GLN A 76 -11.69 0.59 -7.36
C GLN A 76 -10.56 -0.06 -8.15
N LEU A 77 -10.79 -0.25 -9.43
CA LEU A 77 -9.81 -0.86 -10.30
C LEU A 77 -9.94 -0.28 -11.71
N LYS A 78 -10.95 -0.76 -12.41
CA LYS A 78 -11.21 -0.31 -13.78
C LYS A 78 -10.24 -1.00 -14.73
N SER A 79 -9.42 -1.88 -14.16
CA SER A 79 -8.45 -2.62 -14.94
C SER A 79 -7.23 -1.74 -15.22
N ASN A 80 -7.21 -0.58 -14.58
CA ASN A 80 -6.12 0.37 -14.75
C ASN A 80 -5.40 0.55 -13.42
N ASP A 81 -5.99 -0.04 -12.38
CA ASP A 81 -5.42 0.06 -11.05
C ASP A 81 -4.17 -0.83 -10.97
N SER A 82 -4.40 -2.13 -11.14
CA SER A 82 -3.32 -3.10 -11.09
C SER A 82 -2.07 -2.51 -11.75
N GLU A 83 -2.30 -1.64 -12.73
CA GLU A 83 -1.21 -1.01 -13.46
C GLU A 83 -0.82 0.30 -12.78
N GLN A 84 -1.84 1.07 -12.40
CA GLN A 84 -1.60 2.34 -11.74
C GLN A 84 -0.95 2.12 -10.38
N GLU A 85 -1.65 1.40 -9.53
CA GLU A 85 -1.16 1.11 -8.19
C GLU A 85 0.35 0.84 -8.24
N LEU A 86 0.79 0.32 -9.37
CA LEU A 86 2.21 0.02 -9.55
C LEU A 86 2.99 1.33 -9.70
N LEU A 87 2.75 1.99 -10.83
CA LEU A 87 3.42 3.25 -11.11
C LEU A 87 3.36 4.14 -9.87
N GLU A 88 2.29 3.98 -9.11
CA GLU A 88 2.10 4.76 -7.91
C GLU A 88 3.04 4.28 -6.81
N ALA A 89 2.93 3.00 -6.50
CA ALA A 89 3.76 2.39 -5.46
C ALA A 89 5.22 2.43 -5.91
N PHE A 90 5.40 2.71 -7.20
CA PHE A 90 6.74 2.77 -7.76
C PHE A 90 7.38 4.14 -7.53
N LYS A 91 6.66 5.17 -7.97
CA LYS A 91 7.15 6.53 -7.82
C LYS A 91 7.15 6.90 -6.34
N VAL A 92 6.10 6.48 -5.65
CA VAL A 92 5.96 6.75 -4.23
C VAL A 92 7.21 6.25 -3.50
N PHE A 93 7.58 5.02 -3.81
CA PHE A 93 8.75 4.41 -3.19
C PHE A 93 10.04 5.11 -3.64
N ASP A 94 10.05 5.47 -4.90
CA ASP A 94 11.25 6.17 -5.46
C ASP A 94 11.28 7.62 -4.98
N LYS A 95 12.11 7.94 -4.01
CA LYS A 95 12.20 9.30 -3.51
C LYS A 95 13.21 10.08 -4.33
N ASN A 96 14.22 9.38 -4.81
CA ASN A 96 15.27 9.99 -5.61
C ASN A 96 14.73 10.23 -7.03
N GLY A 97 14.18 9.16 -7.59
CA GLY A 97 13.63 9.24 -8.95
C GLY A 97 14.67 8.82 -9.99
N ASP A 98 15.07 7.56 -9.89
CA ASP A 98 16.06 7.02 -10.82
C ASP A 98 15.44 5.86 -11.59
N GLY A 99 14.23 5.50 -11.21
CA GLY A 99 13.52 4.41 -11.85
C GLY A 99 13.82 3.08 -11.17
N LEU A 100 14.52 3.17 -10.05
CA LEU A 100 14.87 1.97 -9.29
C LEU A 100 14.78 2.29 -7.80
N ILE A 101 13.86 1.57 -7.13
CA ILE A 101 13.66 1.76 -5.71
C ILE A 101 14.76 1.02 -4.95
N SER A 102 15.69 1.79 -4.41
CA SER A 102 16.80 1.22 -3.66
C SER A 102 16.29 0.67 -2.32
N ALA A 103 17.23 0.15 -1.55
CA ALA A 103 16.89 -0.42 -0.25
C ALA A 103 16.06 0.59 0.55
N ALA A 104 16.74 1.64 1.00
CA ALA A 104 16.08 2.68 1.78
C ALA A 104 14.72 2.97 1.15
N GLU A 105 14.74 3.51 -0.06
CA GLU A 105 13.52 3.84 -0.76
C GLU A 105 12.45 2.78 -0.51
N LEU A 106 12.92 1.55 -0.27
CA LEU A 106 12.02 0.45 0.00
C LEU A 106 11.82 0.30 1.50
N LYS A 107 12.87 -0.18 2.16
CA LYS A 107 12.82 -0.37 3.60
C LYS A 107 12.28 0.89 4.26
N HIS A 108 12.95 2.00 4.00
CA HIS A 108 12.55 3.29 4.56
C HIS A 108 11.04 3.47 4.39
N VAL A 109 10.55 3.00 3.25
CA VAL A 109 9.13 3.10 2.96
C VAL A 109 8.36 2.12 3.85
N LEU A 110 8.93 0.94 4.00
CA LEU A 110 8.31 -0.09 4.82
C LEU A 110 8.31 0.34 6.28
N THR A 111 9.27 1.20 6.61
CA THR A 111 9.39 1.70 7.97
C THR A 111 8.44 2.89 8.19
N SER A 112 7.98 3.44 7.08
CA SER A 112 7.06 4.56 7.14
C SER A 112 5.65 4.08 7.50
N ILE A 113 5.49 2.77 7.47
CA ILE A 113 4.21 2.16 7.78
C ILE A 113 4.33 1.38 9.09
N GLY A 114 5.51 0.82 9.31
CA GLY A 114 5.78 0.05 10.51
C GLY A 114 6.88 -0.98 10.27
N GLU A 115 6.91 -1.50 9.04
CA GLU A 115 7.90 -2.49 8.67
C GLU A 115 9.30 -1.90 8.77
N LYS A 116 10.02 -2.32 9.80
CA LYS A 116 11.37 -1.85 10.03
C LYS A 116 12.37 -2.96 9.68
N LEU A 117 12.82 -2.93 8.44
CA LEU A 117 13.77 -3.93 7.96
C LEU A 117 15.17 -3.31 7.94
N THR A 118 16.15 -4.14 8.30
CA THR A 118 17.53 -3.69 8.32
C THR A 118 18.09 -3.59 6.89
N ASP A 119 19.10 -2.75 6.74
CA ASP A 119 19.72 -2.56 5.44
C ASP A 119 20.14 -3.92 4.87
N ALA A 120 20.54 -4.80 5.77
CA ALA A 120 20.97 -6.13 5.37
C ALA A 120 19.74 -6.98 5.06
N GLU A 121 18.62 -6.59 5.65
CA GLU A 121 17.37 -7.31 5.45
C GLU A 121 16.78 -6.96 4.08
N VAL A 122 16.57 -5.67 3.88
CA VAL A 122 16.00 -5.20 2.62
C VAL A 122 16.97 -5.53 1.48
N ASP A 123 18.22 -5.15 1.69
CA ASP A 123 19.24 -5.40 0.69
C ASP A 123 19.14 -6.85 0.20
N ASP A 124 18.59 -7.69 1.06
CA ASP A 124 18.42 -9.09 0.73
C ASP A 124 17.06 -9.31 0.07
N MET A 125 16.08 -8.54 0.56
CA MET A 125 14.73 -8.64 0.03
C MET A 125 14.69 -8.23 -1.45
N LEU A 126 15.52 -7.25 -1.79
CA LEU A 126 15.58 -6.77 -3.15
C LEU A 126 16.05 -7.91 -4.07
N ARG A 127 17.17 -8.51 -3.69
CA ARG A 127 17.73 -9.61 -4.46
C ARG A 127 16.61 -10.49 -5.02
N GLU A 128 15.52 -10.55 -4.28
CA GLU A 128 14.37 -11.34 -4.69
C GLU A 128 14.05 -11.09 -6.16
N VAL A 129 13.95 -9.81 -6.50
CA VAL A 129 13.65 -9.42 -7.86
C VAL A 129 14.61 -8.32 -8.30
N SER A 130 15.67 -8.17 -7.53
CA SER A 130 16.68 -7.17 -7.82
C SER A 130 17.89 -7.81 -8.50
N ASP A 131 17.70 -9.07 -8.89
CA ASP A 131 18.76 -9.81 -9.56
C ASP A 131 20.10 -9.48 -8.89
N GLY A 132 20.09 -9.48 -7.56
CA GLY A 132 21.29 -9.18 -6.81
C GLY A 132 21.88 -7.83 -7.22
N SER A 133 21.00 -6.84 -7.31
CA SER A 133 21.42 -5.50 -7.69
C SER A 133 21.39 -4.58 -6.47
N GLY A 134 20.19 -4.16 -6.12
CA GLY A 134 20.01 -3.27 -4.98
C GLY A 134 18.80 -2.37 -5.18
N GLU A 135 18.36 -2.27 -6.42
CA GLU A 135 17.22 -1.45 -6.75
C GLU A 135 16.21 -2.23 -7.59
N ILE A 136 14.96 -1.80 -7.54
CA ILE A 136 13.91 -2.45 -8.28
C ILE A 136 13.13 -1.41 -9.10
N ASN A 137 13.10 -1.65 -10.41
CA ASN A 137 12.40 -0.74 -11.31
C ASN A 137 10.95 -1.21 -11.49
N ILE A 138 10.19 -0.41 -12.21
CA ILE A 138 8.80 -0.72 -12.46
C ILE A 138 8.69 -2.19 -12.89
N GLN A 139 9.78 -2.70 -13.43
CA GLN A 139 9.82 -4.09 -13.88
C GLN A 139 10.10 -5.02 -12.71
N GLN A 140 11.23 -4.79 -12.06
CA GLN A 140 11.63 -5.60 -10.92
C GLN A 140 10.63 -5.41 -9.77
N PHE A 141 10.47 -4.16 -9.35
CA PHE A 141 9.56 -3.85 -8.27
C PHE A 141 8.23 -4.57 -8.44
N ALA A 142 7.73 -4.56 -9.67
CA ALA A 142 6.47 -5.21 -9.97
C ALA A 142 6.56 -6.69 -9.59
N ALA A 143 7.74 -7.24 -9.78
CA ALA A 143 7.97 -8.64 -9.46
C ALA A 143 7.46 -8.93 -8.05
N LEU A 144 7.85 -8.05 -7.12
CA LEU A 144 7.43 -8.20 -5.74
C LEU A 144 5.91 -8.16 -5.66
N LEU A 145 5.33 -7.21 -6.37
CA LEU A 145 3.89 -7.05 -6.39
C LEU A 145 3.26 -8.19 -7.20
N SER A 146 4.14 -8.99 -7.81
CA SER A 146 3.69 -10.11 -8.61
C SER A 146 4.52 -11.36 -8.26
N LYS A 147 4.75 -11.53 -6.97
CA LYS A 147 5.52 -12.67 -6.50
C LYS A 147 4.63 -13.55 -5.62
N GLY A 148 3.83 -14.37 -6.28
CA GLY A 148 2.93 -15.28 -5.57
C GLY A 148 3.23 -16.73 -5.91
N SER A 149 4.48 -17.11 -5.72
CA SER A 149 4.91 -18.46 -6.01
C SER A 149 5.40 -19.14 -4.73
N SER A 150 6.05 -18.35 -3.89
CA SER A 150 6.57 -18.85 -2.63
C SER A 150 6.29 -17.85 -1.50
N THR A 151 5.05 -17.85 -1.05
CA THR A 151 4.63 -16.95 0.01
C THR A 151 4.13 -17.75 1.22
N GLY A 152 2.95 -18.33 1.04
CA GLY A 152 2.35 -19.12 2.11
C GLY A 152 1.62 -18.22 3.12
N THR A 153 0.91 -17.25 2.58
CA THR A 153 0.17 -16.31 3.42
C THR A 153 1.14 -15.50 4.29
N ARG A 154 2.20 -15.02 3.65
CA ARG A 154 3.20 -14.22 4.36
C ARG A 154 3.75 -13.14 3.44
N ARG A 155 4.32 -13.57 2.33
CA ARG A 155 4.89 -12.65 1.36
C ARG A 155 3.79 -11.85 0.69
N LYS A 156 2.66 -12.51 0.46
CA LYS A 156 1.53 -11.87 -0.18
C LYS A 156 1.07 -10.69 0.68
N ALA A 157 1.52 -10.70 1.92
CA ALA A 157 1.16 -9.63 2.85
C ALA A 157 2.22 -8.53 2.79
N LEU A 158 3.37 -8.90 2.26
CA LEU A 158 4.47 -7.96 2.13
C LEU A 158 4.16 -6.95 1.02
N ARG A 159 3.73 -7.49 -0.11
CA ARG A 159 3.40 -6.65 -1.26
C ARG A 159 2.06 -5.93 -1.02
N ASN A 160 1.17 -6.63 -0.32
CA ASN A 160 -0.14 -6.07 -0.03
C ASN A 160 0.03 -4.77 0.76
N LYS A 161 1.05 -4.76 1.61
CA LYS A 161 1.34 -3.59 2.42
C LYS A 161 1.60 -2.39 1.51
N ILE A 162 2.07 -2.69 0.31
CA ILE A 162 2.36 -1.65 -0.66
C ILE A 162 1.11 -1.38 -1.50
N LEU A 163 0.36 -2.43 -1.76
CA LEU A 163 -0.85 -2.32 -2.53
C LEU A 163 -1.68 -1.15 -2.02
N ALA A 164 -1.84 -1.11 -0.70
CA ALA A 164 -2.61 -0.05 -0.07
C ALA A 164 -1.83 1.26 -0.16
N ILE A 165 -0.60 1.22 0.35
CA ILE A 165 0.25 2.40 0.32
C ILE A 165 0.18 3.05 -1.06
N ALA A 166 -0.12 2.21 -2.05
CA ALA A 166 -0.21 2.69 -3.42
C ALA A 166 -1.62 3.23 -3.67
N LYS A 167 -2.58 2.31 -3.76
CA LYS A 167 -3.95 2.68 -4.00
C LYS A 167 -4.35 3.83 -3.06
N VAL A 168 -4.23 3.55 -1.77
CA VAL A 168 -4.57 4.55 -0.76
C VAL A 168 -4.01 5.90 -1.19
N SER A 169 -2.90 5.85 -1.91
CA SER A 169 -2.26 7.06 -2.39
C SER A 169 -2.94 7.54 -3.68
N ARG A 170 -2.76 6.76 -4.73
CA ARG A 170 -3.34 7.09 -6.02
C ARG A 170 -4.76 7.63 -5.83
N MET A 171 -5.41 7.17 -4.77
CA MET A 171 -6.76 7.61 -4.47
C MET A 171 -6.82 9.12 -4.30
N PHE A 172 -5.88 9.65 -3.53
CA PHE A 172 -5.82 11.08 -3.27
C PHE A 172 -5.67 11.85 -4.58
N SER A 173 -5.11 11.18 -5.58
CA SER A 173 -4.90 11.79 -6.89
C SER A 173 -6.20 11.77 -7.68
N VAL A 174 -7.14 10.95 -7.21
CA VAL A 174 -8.43 10.84 -7.87
C VAL A 174 -9.44 11.75 -7.18
N LEU A 175 -9.52 11.58 -5.86
CA LEU A 175 -10.45 12.38 -5.07
C LEU A 175 -10.48 13.81 -5.61
N ARG A 176 -9.32 14.25 -6.08
CA ARG A 176 -9.20 15.59 -6.63
C ARG A 176 -10.42 15.92 -7.51
N GLY A 1 -18.07 -3.37 0.11
CA GLY A 1 -19.45 -3.55 -0.30
C GLY A 1 -19.60 -4.81 -1.16
N SER A 2 -18.79 -4.89 -2.19
CA SER A 2 -18.82 -6.03 -3.09
C SER A 2 -17.41 -6.62 -3.23
N SER A 3 -17.16 -7.66 -2.44
CA SER A 3 -15.87 -8.32 -2.48
C SER A 3 -16.06 -9.81 -2.78
N ASN A 4 -15.03 -10.38 -3.39
CA ASN A 4 -15.06 -11.80 -3.75
C ASN A 4 -13.71 -12.43 -3.41
N LEU A 5 -13.34 -12.34 -2.15
CA LEU A 5 -12.09 -12.90 -1.69
C LEU A 5 -12.35 -13.83 -0.51
N THR A 6 -11.51 -14.85 -0.40
CA THR A 6 -11.64 -15.83 0.67
C THR A 6 -11.09 -15.26 1.97
N GLU A 7 -11.41 -15.93 3.07
CA GLU A 7 -10.95 -15.50 4.38
C GLU A 7 -9.43 -15.34 4.38
N GLU A 8 -8.78 -16.18 3.57
CA GLU A 8 -7.33 -16.14 3.48
C GLU A 8 -6.88 -14.83 2.84
N GLN A 9 -7.75 -14.27 2.03
CA GLN A 9 -7.46 -13.01 1.36
C GLN A 9 -7.75 -11.83 2.28
N ILE A 10 -8.85 -11.95 3.02
CA ILE A 10 -9.26 -10.90 3.94
C ILE A 10 -8.17 -10.71 4.99
N ALA A 11 -7.46 -11.80 5.28
CA ALA A 11 -6.40 -11.76 6.26
C ALA A 11 -5.23 -10.94 5.72
N GLU A 12 -5.26 -10.74 4.40
CA GLU A 12 -4.21 -9.98 3.74
C GLU A 12 -4.38 -8.49 4.02
N PHE A 13 -5.44 -7.92 3.47
CA PHE A 13 -5.72 -6.51 3.66
C PHE A 13 -5.72 -6.14 5.14
N LYS A 14 -5.88 -7.16 5.97
CA LYS A 14 -5.89 -6.96 7.41
C LYS A 14 -4.66 -6.14 7.81
N GLU A 15 -3.52 -6.53 7.25
CA GLU A 15 -2.28 -5.85 7.54
C GLU A 15 -2.28 -4.44 6.93
N ALA A 16 -2.55 -4.39 5.63
CA ALA A 16 -2.60 -3.12 4.93
C ALA A 16 -3.49 -2.14 5.69
N PHE A 17 -4.39 -2.72 6.48
CA PHE A 17 -5.31 -1.90 7.27
C PHE A 17 -4.62 -1.34 8.51
N ALA A 18 -3.71 -2.13 9.05
CA ALA A 18 -2.97 -1.72 10.23
C ALA A 18 -2.08 -0.52 9.90
N LEU A 19 -1.89 -0.32 8.60
CA LEU A 19 -1.06 0.78 8.13
C LEU A 19 -1.63 2.09 8.67
N PHE A 20 -2.94 2.16 8.72
CA PHE A 20 -3.61 3.35 9.21
C PHE A 20 -4.23 3.10 10.59
N ASP A 21 -4.91 1.97 10.71
CA ASP A 21 -5.55 1.60 11.96
C ASP A 21 -4.49 1.55 13.07
N LYS A 22 -4.24 2.71 13.67
CA LYS A 22 -3.27 2.80 14.74
C LYS A 22 -3.67 1.86 15.87
N ASP A 23 -4.76 2.18 16.51
CA ASP A 23 -5.26 1.34 17.64
C ASP A 23 -5.98 0.11 17.08
N ASN A 24 -6.44 0.17 15.84
CA ASN A 24 -7.14 -0.95 15.24
C ASN A 24 -8.52 -1.08 15.88
N ASN A 25 -9.29 0.00 15.77
CA ASN A 25 -10.63 0.02 16.34
C ASN A 25 -11.63 -0.39 15.26
N GLY A 26 -11.16 -0.40 14.02
CA GLY A 26 -12.00 -0.77 12.90
C GLY A 26 -12.57 0.48 12.21
N SER A 27 -11.76 1.52 12.17
CA SER A 27 -12.17 2.76 11.55
C SER A 27 -10.95 3.70 11.40
N ILE A 28 -10.59 3.94 10.16
CA ILE A 28 -9.46 4.81 9.87
C ILE A 28 -9.97 6.22 9.59
N SER A 29 -9.91 7.06 10.61
CA SER A 29 -10.35 8.43 10.49
C SER A 29 -9.42 9.21 9.55
N SER A 30 -9.91 10.35 9.09
CA SER A 30 -9.13 11.18 8.19
C SER A 30 -7.81 11.58 8.86
N SER A 31 -7.78 11.41 10.17
CA SER A 31 -6.59 11.74 10.94
C SER A 31 -5.60 10.57 10.90
N GLU A 32 -6.16 9.38 10.70
CA GLU A 32 -5.34 8.18 10.65
C GLU A 32 -4.88 7.90 9.21
N LEU A 33 -5.81 8.12 8.29
CA LEU A 33 -5.53 7.90 6.88
C LEU A 33 -4.42 8.86 6.43
N ALA A 34 -4.60 10.12 6.76
CA ALA A 34 -3.63 11.14 6.41
C ALA A 34 -2.34 10.92 7.19
N THR A 35 -2.45 10.05 8.20
CA THR A 35 -1.30 9.73 9.04
C THR A 35 -0.29 8.88 8.27
N VAL A 36 -0.83 8.11 7.33
CA VAL A 36 0.02 7.24 6.52
C VAL A 36 0.49 8.01 5.28
N MET A 37 -0.48 8.42 4.48
CA MET A 37 -0.18 9.16 3.27
C MET A 37 0.99 10.13 3.48
N ARG A 38 0.85 10.94 4.52
CA ARG A 38 1.88 11.91 4.85
C ARG A 38 3.19 11.20 5.20
N SER A 39 3.04 10.11 5.94
CA SER A 39 4.20 9.33 6.35
C SER A 39 4.94 8.80 5.12
N LEU A 40 4.19 8.60 4.06
CA LEU A 40 4.76 8.11 2.81
C LEU A 40 5.49 9.24 2.10
N GLY A 41 5.12 10.46 2.46
CA GLY A 41 5.74 11.63 1.87
C GLY A 41 4.69 12.55 1.25
N LEU A 42 3.43 12.14 1.38
CA LEU A 42 2.33 12.91 0.84
C LEU A 42 1.98 14.04 1.81
N SER A 43 0.90 14.74 1.47
CA SER A 43 0.45 15.86 2.30
C SER A 43 -0.99 16.22 1.94
N PRO A 44 -1.90 15.24 2.13
CA PRO A 44 -3.31 15.45 1.83
C PRO A 44 -3.97 16.32 2.89
N SER A 45 -4.87 17.18 2.43
CA SER A 45 -5.59 18.08 3.33
C SER A 45 -6.84 17.39 3.87
N GLU A 46 -7.10 17.62 5.15
CA GLU A 46 -8.26 17.03 5.80
C GLU A 46 -9.51 17.23 4.94
N ALA A 47 -9.48 18.31 4.16
CA ALA A 47 -10.61 18.63 3.29
C ALA A 47 -10.79 17.50 2.28
N GLU A 48 -9.69 17.13 1.65
CA GLU A 48 -9.72 16.07 0.65
C GLU A 48 -9.81 14.70 1.33
N VAL A 49 -8.91 14.48 2.28
CA VAL A 49 -8.89 13.24 3.01
C VAL A 49 -10.32 12.79 3.33
N ASN A 50 -11.16 13.78 3.57
CA ASN A 50 -12.56 13.51 3.87
C ASN A 50 -13.25 12.91 2.64
N ASP A 51 -13.32 13.72 1.60
CA ASP A 51 -13.95 13.28 0.36
C ASP A 51 -13.25 12.01 -0.14
N LEU A 52 -12.06 11.79 0.38
CA LEU A 52 -11.28 10.62 0.01
C LEU A 52 -11.85 9.38 0.71
N MET A 53 -11.92 9.46 2.03
CA MET A 53 -12.44 8.36 2.83
C MET A 53 -13.97 8.31 2.74
N ASN A 54 -14.54 9.39 2.23
CA ASN A 54 -15.99 9.47 2.10
C ASN A 54 -16.41 8.80 0.79
N GLU A 55 -15.41 8.45 0.00
CA GLU A 55 -15.66 7.80 -1.28
C GLU A 55 -15.62 6.28 -1.12
N ILE A 56 -15.23 5.85 0.07
CA ILE A 56 -15.14 4.43 0.36
C ILE A 56 -16.13 4.08 1.47
N ASP A 57 -16.09 4.89 2.53
CA ASP A 57 -16.98 4.67 3.66
C ASP A 57 -18.36 4.26 3.16
N VAL A 58 -18.79 3.08 3.59
CA VAL A 58 -20.08 2.56 3.19
C VAL A 58 -21.15 3.05 4.17
N ASP A 59 -20.69 3.58 5.27
CA ASP A 59 -21.62 4.09 6.31
C ASP A 59 -21.42 5.59 6.49
N GLY A 60 -20.39 6.16 5.88
CA GLY A 60 -20.13 7.58 6.01
C GLY A 60 -19.86 7.96 7.46
N ASN A 61 -19.13 7.09 8.14
CA ASN A 61 -18.80 7.30 9.53
C ASN A 61 -17.46 8.04 9.63
N HIS A 62 -17.13 8.75 8.55
CA HIS A 62 -15.89 9.50 8.49
C HIS A 62 -14.74 8.59 8.95
N GLN A 63 -14.83 7.33 8.57
CA GLN A 63 -13.80 6.37 8.91
C GLN A 63 -13.86 5.16 7.98
N ILE A 64 -12.69 4.55 7.77
CA ILE A 64 -12.60 3.40 6.90
C ILE A 64 -12.49 2.13 7.75
N GLU A 65 -13.38 1.19 7.46
CA GLU A 65 -13.38 -0.07 8.19
C GLU A 65 -12.53 -1.11 7.47
N PHE A 66 -12.46 -2.29 8.07
CA PHE A 66 -11.69 -3.38 7.50
C PHE A 66 -12.43 -4.03 6.34
N SER A 67 -13.71 -3.71 6.24
CA SER A 67 -14.54 -4.25 5.18
C SER A 67 -14.53 -3.32 3.97
N GLU A 68 -14.67 -2.04 4.26
CA GLU A 68 -14.68 -1.03 3.21
C GLU A 68 -13.30 -0.93 2.55
N PHE A 69 -12.30 -0.69 3.38
CA PHE A 69 -10.93 -0.57 2.91
C PHE A 69 -10.57 -1.75 2.00
N LEU A 70 -10.87 -2.94 2.49
CA LEU A 70 -10.58 -4.15 1.74
C LEU A 70 -11.46 -4.20 0.49
N ALA A 71 -12.67 -3.65 0.63
CA ALA A 71 -13.62 -3.62 -0.47
C ALA A 71 -13.12 -2.65 -1.54
N LEU A 72 -12.16 -1.83 -1.15
CA LEU A 72 -11.59 -0.85 -2.06
C LEU A 72 -10.57 -1.53 -2.96
N MET A 73 -9.61 -2.20 -2.31
CA MET A 73 -8.57 -2.90 -3.05
C MET A 73 -9.17 -3.85 -4.08
N SER A 74 -10.39 -4.29 -3.80
CA SER A 74 -11.09 -5.20 -4.69
C SER A 74 -12.21 -4.46 -5.42
N ARG A 75 -11.98 -3.18 -5.64
CA ARG A 75 -12.96 -2.35 -6.33
C ARG A 75 -12.27 -1.40 -7.31
N GLN A 76 -11.26 -0.71 -6.80
CA GLN A 76 -10.50 0.23 -7.61
C GLN A 76 -10.07 -0.44 -8.92
N LEU A 77 -9.80 -1.73 -8.82
CA LEU A 77 -9.37 -2.50 -9.99
C LEU A 77 -10.47 -2.44 -11.07
N LYS A 78 -10.42 -1.37 -11.85
CA LYS A 78 -11.40 -1.19 -12.91
C LYS A 78 -10.91 -1.89 -14.18
N SER A 79 -9.87 -1.30 -14.77
CA SER A 79 -9.30 -1.85 -15.98
C SER A 79 -7.77 -1.84 -15.89
N ASN A 80 -7.21 -0.64 -15.89
CA ASN A 80 -5.78 -0.49 -15.80
C ASN A 80 -5.42 0.12 -14.45
N ASP A 81 -6.00 -0.45 -13.41
CA ASP A 81 -5.75 0.03 -12.05
C ASP A 81 -4.46 -0.61 -11.52
N SER A 82 -4.49 -1.94 -11.48
CA SER A 82 -3.34 -2.69 -10.99
C SER A 82 -2.04 -2.04 -11.48
N GLU A 83 -2.10 -1.50 -12.69
CA GLU A 83 -0.95 -0.85 -13.28
C GLU A 83 -0.76 0.54 -12.67
N GLN A 84 -1.86 1.29 -12.61
CA GLN A 84 -1.82 2.63 -12.06
C GLN A 84 -1.27 2.59 -10.63
N GLU A 85 -1.93 1.80 -9.79
CA GLU A 85 -1.52 1.67 -8.40
C GLU A 85 -0.01 1.42 -8.32
N LEU A 86 0.47 0.58 -9.22
CA LEU A 86 1.89 0.25 -9.25
C LEU A 86 2.69 1.51 -9.59
N LEU A 87 2.50 1.97 -10.83
CA LEU A 87 3.20 3.16 -11.30
C LEU A 87 3.10 4.25 -10.23
N GLU A 88 2.02 4.20 -9.47
CA GLU A 88 1.79 5.18 -8.43
C GLU A 88 2.72 4.92 -7.25
N ALA A 89 2.73 3.67 -6.81
CA ALA A 89 3.56 3.27 -5.69
C ALA A 89 5.02 3.19 -6.14
N PHE A 90 5.20 3.24 -7.46
CA PHE A 90 6.54 3.17 -8.03
C PHE A 90 7.29 4.47 -7.78
N LYS A 91 6.63 5.58 -8.11
CA LYS A 91 7.23 6.89 -7.92
C LYS A 91 7.18 7.27 -6.45
N VAL A 92 6.11 6.84 -5.79
CA VAL A 92 5.92 7.12 -4.38
C VAL A 92 7.13 6.61 -3.59
N PHE A 93 7.48 5.36 -3.87
CA PHE A 93 8.60 4.73 -3.19
C PHE A 93 9.92 5.40 -3.59
N ASP A 94 10.01 5.76 -4.85
CA ASP A 94 11.23 6.42 -5.36
C ASP A 94 11.31 7.86 -4.81
N LYS A 95 12.09 8.09 -3.77
CA LYS A 95 12.21 9.41 -3.20
C LYS A 95 13.28 10.20 -3.97
N ASN A 96 14.28 9.48 -4.43
CA ASN A 96 15.38 10.09 -5.17
C ASN A 96 14.90 10.39 -6.60
N GLY A 97 14.24 9.42 -7.19
CA GLY A 97 13.73 9.57 -8.55
C GLY A 97 14.78 9.15 -9.58
N ASP A 98 14.93 7.84 -9.74
CA ASP A 98 15.88 7.30 -10.68
C ASP A 98 15.26 6.10 -11.39
N GLY A 99 13.97 5.92 -11.19
CA GLY A 99 13.24 4.82 -11.80
C GLY A 99 13.68 3.49 -11.18
N LEU A 100 14.24 3.57 -9.99
CA LEU A 100 14.69 2.39 -9.28
C LEU A 100 14.60 2.62 -7.77
N ILE A 101 13.67 1.91 -7.16
CA ILE A 101 13.45 2.03 -5.73
C ILE A 101 14.56 1.29 -4.98
N SER A 102 15.50 2.05 -4.46
CA SER A 102 16.61 1.47 -3.73
C SER A 102 16.13 0.94 -2.37
N ALA A 103 17.06 0.33 -1.64
CA ALA A 103 16.74 -0.23 -0.34
C ALA A 103 15.94 0.80 0.46
N ALA A 104 16.63 1.85 0.88
CA ALA A 104 15.99 2.90 1.65
C ALA A 104 14.61 3.19 1.07
N GLU A 105 14.61 3.70 -0.15
CA GLU A 105 13.36 4.03 -0.82
C GLU A 105 12.30 2.97 -0.52
N LEU A 106 12.78 1.75 -0.28
CA LEU A 106 11.89 0.65 0.03
C LEU A 106 11.74 0.53 1.54
N LYS A 107 12.80 0.05 2.18
CA LYS A 107 12.80 -0.13 3.62
C LYS A 107 12.26 1.14 4.28
N HIS A 108 12.91 2.26 3.97
CA HIS A 108 12.51 3.54 4.52
C HIS A 108 10.99 3.70 4.39
N VAL A 109 10.47 3.27 3.25
CA VAL A 109 9.05 3.36 3.00
C VAL A 109 8.31 2.40 3.91
N LEU A 110 8.82 1.17 3.98
CA LEU A 110 8.22 0.15 4.83
C LEU A 110 8.24 0.62 6.28
N THR A 111 9.23 1.44 6.59
CA THR A 111 9.38 1.96 7.94
C THR A 111 8.45 3.16 8.15
N SER A 112 7.87 3.61 7.05
CA SER A 112 6.96 4.75 7.10
C SER A 112 5.56 4.29 7.50
N ILE A 113 5.37 2.98 7.46
CA ILE A 113 4.09 2.41 7.82
C ILE A 113 4.13 1.93 9.27
N GLY A 114 5.32 1.50 9.69
CA GLY A 114 5.50 1.02 11.04
C GLY A 114 6.48 -0.16 11.07
N GLU A 115 6.39 -0.99 10.05
CA GLU A 115 7.26 -2.15 9.95
C GLU A 115 8.73 -1.71 9.95
N LYS A 116 9.60 -2.71 10.00
CA LYS A 116 11.03 -2.45 10.01
C LYS A 116 11.77 -3.62 9.36
N LEU A 117 12.62 -3.30 8.40
CA LEU A 117 13.39 -4.32 7.71
C LEU A 117 14.88 -3.96 7.78
N THR A 118 15.66 -4.94 8.20
CA THR A 118 17.10 -4.75 8.32
C THR A 118 17.75 -4.73 6.94
N ASP A 119 18.98 -4.24 6.91
CA ASP A 119 19.72 -4.16 5.66
C ASP A 119 19.75 -5.55 5.01
N ALA A 120 20.03 -6.54 5.83
CA ALA A 120 20.10 -7.91 5.35
C ALA A 120 18.71 -8.36 4.89
N GLU A 121 17.70 -7.67 5.39
CA GLU A 121 16.33 -7.97 5.04
C GLU A 121 15.96 -7.34 3.70
N VAL A 122 15.97 -6.01 3.68
CA VAL A 122 15.65 -5.28 2.46
C VAL A 122 16.61 -5.70 1.35
N ASP A 123 17.89 -5.66 1.67
CA ASP A 123 18.92 -6.04 0.71
C ASP A 123 18.62 -7.44 0.18
N ASP A 124 17.90 -8.21 0.99
CA ASP A 124 17.55 -9.57 0.62
C ASP A 124 16.20 -9.56 -0.09
N MET A 125 15.41 -8.54 0.22
CA MET A 125 14.09 -8.40 -0.38
C MET A 125 14.20 -7.99 -1.85
N LEU A 126 15.16 -7.12 -2.11
CA LEU A 126 15.37 -6.63 -3.46
C LEU A 126 15.83 -7.80 -4.35
N ARG A 127 16.92 -8.43 -3.94
CA ARG A 127 17.46 -9.55 -4.69
C ARG A 127 16.33 -10.41 -5.25
N GLU A 128 15.21 -10.41 -4.53
CA GLU A 128 14.06 -11.19 -4.94
C GLU A 128 13.74 -10.94 -6.41
N VAL A 129 13.66 -9.66 -6.76
CA VAL A 129 13.38 -9.28 -8.13
C VAL A 129 14.37 -8.20 -8.58
N SER A 130 15.44 -8.08 -7.81
CA SER A 130 16.47 -7.09 -8.10
C SER A 130 17.70 -7.79 -8.68
N ASP A 131 17.57 -9.09 -8.89
CA ASP A 131 18.67 -9.88 -9.43
C ASP A 131 19.99 -9.37 -8.86
N GLY A 132 20.02 -9.27 -7.53
CA GLY A 132 21.21 -8.79 -6.85
C GLY A 132 21.76 -7.53 -7.52
N SER A 133 20.86 -6.59 -7.77
CA SER A 133 21.24 -5.34 -8.40
C SER A 133 21.46 -4.27 -7.33
N GLY A 134 20.37 -3.85 -6.71
CA GLY A 134 20.43 -2.84 -5.67
C GLY A 134 19.19 -1.94 -5.70
N GLU A 135 18.44 -2.07 -6.79
CA GLU A 135 17.23 -1.28 -6.95
C GLU A 135 16.19 -2.07 -7.76
N ILE A 136 14.98 -1.53 -7.78
CA ILE A 136 13.89 -2.17 -8.50
C ILE A 136 13.09 -1.10 -9.25
N ASN A 137 12.86 -1.36 -10.53
CA ASN A 137 12.12 -0.44 -11.36
C ASN A 137 10.67 -0.93 -11.48
N ILE A 138 9.89 -0.17 -12.23
CA ILE A 138 8.48 -0.51 -12.43
C ILE A 138 8.38 -1.98 -12.86
N GLN A 139 9.48 -2.48 -13.40
CA GLN A 139 9.52 -3.85 -13.86
C GLN A 139 9.82 -4.80 -12.68
N GLN A 140 10.93 -4.52 -12.02
CA GLN A 140 11.33 -5.32 -10.87
C GLN A 140 10.36 -5.12 -9.70
N PHE A 141 10.27 -3.86 -9.28
CA PHE A 141 9.39 -3.52 -8.18
C PHE A 141 8.04 -4.23 -8.31
N ALA A 142 7.46 -4.12 -9.49
CA ALA A 142 6.18 -4.75 -9.76
C ALA A 142 6.27 -6.25 -9.44
N ALA A 143 7.43 -6.81 -9.72
CA ALA A 143 7.66 -8.22 -9.46
C ALA A 143 7.30 -8.54 -8.02
N LEU A 144 7.63 -7.60 -7.14
CA LEU A 144 7.33 -7.78 -5.72
C LEU A 144 5.83 -8.00 -5.54
N LEU A 145 5.05 -7.06 -6.07
CA LEU A 145 3.61 -7.14 -5.98
C LEU A 145 3.12 -8.40 -6.71
N SER A 146 4.02 -8.98 -7.48
CA SER A 146 3.70 -10.18 -8.23
C SER A 146 4.75 -11.26 -7.97
N LYS A 147 4.94 -11.56 -6.70
CA LYS A 147 5.91 -12.57 -6.30
C LYS A 147 5.28 -13.54 -5.31
N GLY A 148 4.67 -14.58 -5.86
CA GLY A 148 4.00 -15.58 -5.03
C GLY A 148 4.57 -16.97 -5.31
N SER A 149 5.89 -17.07 -5.23
CA SER A 149 6.56 -18.34 -5.47
C SER A 149 7.08 -18.92 -4.15
N SER A 150 7.62 -18.03 -3.33
CA SER A 150 8.15 -18.44 -2.04
C SER A 150 7.27 -17.91 -0.91
N THR A 151 6.07 -17.49 -1.29
CA THR A 151 5.12 -16.96 -0.33
C THR A 151 4.08 -18.02 0.04
N GLY A 152 3.03 -17.57 0.71
CA GLY A 152 1.97 -18.46 1.14
C GLY A 152 0.94 -17.73 1.99
N THR A 153 1.41 -17.28 3.15
CA THR A 153 0.54 -16.55 4.07
C THR A 153 1.36 -15.63 4.97
N ARG A 154 2.54 -15.29 4.49
CA ARG A 154 3.44 -14.41 5.23
C ARG A 154 4.08 -13.39 4.29
N ARG A 155 4.62 -13.90 3.19
CA ARG A 155 5.26 -13.04 2.21
C ARG A 155 4.21 -12.33 1.35
N LYS A 156 3.02 -12.90 1.34
CA LYS A 156 1.93 -12.33 0.56
C LYS A 156 1.40 -11.08 1.27
N ALA A 157 1.68 -11.02 2.57
CA ALA A 157 1.24 -9.89 3.37
C ALA A 157 2.30 -8.78 3.31
N LEU A 158 3.50 -9.18 2.93
CA LEU A 158 4.61 -8.24 2.83
C LEU A 158 4.33 -7.28 1.66
N ARG A 159 4.18 -7.86 0.48
CA ARG A 159 3.92 -7.08 -0.71
C ARG A 159 2.62 -6.28 -0.56
N ASN A 160 1.71 -6.86 0.20
CA ASN A 160 0.42 -6.23 0.45
C ASN A 160 0.64 -4.89 1.15
N LYS A 161 1.61 -4.88 2.05
CA LYS A 161 1.94 -3.68 2.80
C LYS A 161 2.13 -2.52 1.83
N ILE A 162 2.57 -2.86 0.62
CA ILE A 162 2.80 -1.85 -0.41
C ILE A 162 1.52 -1.64 -1.20
N LEU A 163 0.83 -2.74 -1.46
CA LEU A 163 -0.41 -2.69 -2.22
C LEU A 163 -1.27 -1.54 -1.68
N ALA A 164 -1.34 -1.44 -0.37
CA ALA A 164 -2.11 -0.40 0.27
C ALA A 164 -1.43 0.94 0.06
N ILE A 165 -0.17 1.00 0.47
CA ILE A 165 0.60 2.23 0.33
C ILE A 165 0.45 2.76 -1.09
N ALA A 166 0.13 1.85 -2.00
CA ALA A 166 -0.04 2.22 -3.40
C ALA A 166 -1.48 2.69 -3.62
N LYS A 167 -2.40 1.73 -3.52
CA LYS A 167 -3.81 2.03 -3.72
C LYS A 167 -4.16 3.33 -2.97
N VAL A 168 -4.06 3.25 -1.64
CA VAL A 168 -4.36 4.39 -0.80
C VAL A 168 -3.82 5.66 -1.46
N SER A 169 -2.70 5.49 -2.16
CA SER A 169 -2.07 6.61 -2.83
C SER A 169 -2.93 7.05 -4.03
N ARG A 170 -3.19 6.10 -4.91
CA ARG A 170 -3.98 6.37 -6.10
C ARG A 170 -5.33 6.99 -5.69
N MET A 171 -5.90 6.46 -4.62
CA MET A 171 -7.17 6.95 -4.12
C MET A 171 -7.17 8.47 -4.02
N PHE A 172 -5.99 9.02 -3.79
CA PHE A 172 -5.83 10.46 -3.68
C PHE A 172 -5.57 11.10 -5.05
N SER A 173 -5.06 10.28 -5.96
CA SER A 173 -4.76 10.75 -7.29
C SER A 173 -5.97 10.52 -8.22
N VAL A 174 -6.99 9.90 -7.64
CA VAL A 174 -8.20 9.61 -8.39
C VAL A 174 -9.33 10.52 -7.89
N LEU A 175 -9.46 10.58 -6.58
CA LEU A 175 -10.50 11.40 -5.97
C LEU A 175 -10.62 12.71 -6.74
N ARG A 176 -9.48 13.19 -7.24
CA ARG A 176 -9.45 14.43 -7.99
C ARG A 176 -10.64 14.49 -8.95
N GLY A 1 -23.68 -7.50 -3.13
CA GLY A 1 -22.46 -7.46 -2.34
C GLY A 1 -21.67 -8.76 -2.47
N SER A 2 -20.93 -8.85 -3.56
CA SER A 2 -20.13 -10.04 -3.81
C SER A 2 -18.64 -9.69 -3.72
N SER A 3 -17.86 -10.67 -3.30
CA SER A 3 -16.42 -10.49 -3.16
C SER A 3 -15.67 -11.55 -3.95
N ASN A 4 -14.41 -11.26 -4.22
CA ASN A 4 -13.58 -12.18 -4.98
C ASN A 4 -12.33 -12.52 -4.17
N LEU A 5 -12.41 -12.24 -2.88
CA LEU A 5 -11.29 -12.50 -1.98
C LEU A 5 -11.61 -13.73 -1.13
N THR A 6 -10.56 -14.48 -0.82
CA THR A 6 -10.71 -15.67 -0.01
C THR A 6 -10.42 -15.38 1.46
N GLU A 7 -10.91 -16.26 2.32
CA GLU A 7 -10.70 -16.09 3.75
C GLU A 7 -9.28 -15.63 4.03
N GLU A 8 -8.34 -16.18 3.27
CA GLU A 8 -6.94 -15.83 3.42
C GLU A 8 -6.70 -14.39 2.99
N GLN A 9 -7.29 -14.03 1.86
CA GLN A 9 -7.16 -12.69 1.32
C GLN A 9 -7.63 -11.66 2.35
N ILE A 10 -8.63 -12.06 3.12
CA ILE A 10 -9.19 -11.18 4.14
C ILE A 10 -8.13 -10.93 5.22
N ALA A 11 -7.18 -11.86 5.29
CA ALA A 11 -6.11 -11.75 6.27
C ALA A 11 -5.00 -10.84 5.72
N GLU A 12 -5.10 -10.58 4.42
CA GLU A 12 -4.11 -9.73 3.77
C GLU A 12 -4.41 -8.25 4.05
N PHE A 13 -5.57 -7.82 3.58
CA PHE A 13 -5.99 -6.45 3.77
C PHE A 13 -5.94 -6.06 5.25
N LYS A 14 -6.03 -7.07 6.09
CA LYS A 14 -6.00 -6.85 7.54
C LYS A 14 -4.74 -6.06 7.89
N GLU A 15 -3.64 -6.42 7.25
CA GLU A 15 -2.37 -5.75 7.50
C GLU A 15 -2.39 -4.35 6.90
N ALA A 16 -2.68 -4.29 5.62
CA ALA A 16 -2.73 -3.01 4.91
C ALA A 16 -3.63 -2.05 5.69
N PHE A 17 -4.51 -2.63 6.50
CA PHE A 17 -5.42 -1.83 7.30
C PHE A 17 -4.73 -1.30 8.55
N ALA A 18 -3.81 -2.09 9.06
CA ALA A 18 -3.06 -1.71 10.25
C ALA A 18 -2.16 -0.51 9.93
N LEU A 19 -1.90 -0.35 8.64
CA LEU A 19 -1.06 0.75 8.19
C LEU A 19 -1.57 2.06 8.80
N PHE A 20 -2.89 2.17 8.89
CA PHE A 20 -3.51 3.35 9.44
C PHE A 20 -4.10 3.06 10.82
N ASP A 21 -4.90 2.02 10.88
CA ASP A 21 -5.54 1.63 12.13
C ASP A 21 -4.49 1.62 13.25
N LYS A 22 -4.42 2.74 13.96
CA LYS A 22 -3.46 2.86 15.05
C LYS A 22 -3.89 1.96 16.20
N ASP A 23 -5.01 2.31 16.79
CA ASP A 23 -5.54 1.50 17.92
C ASP A 23 -6.24 0.24 17.40
N ASN A 24 -6.45 0.16 16.09
CA ASN A 24 -7.11 -0.99 15.52
C ASN A 24 -8.51 -1.13 16.12
N ASN A 25 -9.31 -0.09 15.93
CA ASN A 25 -10.67 -0.08 16.45
C ASN A 25 -11.64 -0.45 15.33
N GLY A 26 -11.15 -0.34 14.10
CA GLY A 26 -11.96 -0.65 12.94
C GLY A 26 -12.55 0.62 12.33
N SER A 27 -11.75 1.66 12.31
CA SER A 27 -12.18 2.94 11.76
C SER A 27 -10.97 3.87 11.59
N ILE A 28 -10.64 4.14 10.34
CA ILE A 28 -9.52 5.01 10.04
C ILE A 28 -10.04 6.43 9.76
N SER A 29 -9.98 7.25 10.79
CA SER A 29 -10.45 8.63 10.67
C SER A 29 -9.53 9.40 9.71
N SER A 30 -10.05 10.53 9.24
CA SER A 30 -9.29 11.38 8.33
C SER A 30 -7.95 11.74 8.94
N SER A 31 -7.86 11.58 10.25
CA SER A 31 -6.63 11.89 10.96
C SER A 31 -5.72 10.66 11.00
N GLU A 32 -6.34 9.49 10.87
CA GLU A 32 -5.61 8.24 10.89
C GLU A 32 -5.20 7.85 9.46
N LEU A 33 -6.01 8.28 8.51
CA LEU A 33 -5.73 7.99 7.10
C LEU A 33 -4.62 8.90 6.60
N ALA A 34 -4.77 10.19 6.91
CA ALA A 34 -3.78 11.18 6.49
C ALA A 34 -2.48 10.94 7.24
N THR A 35 -2.57 10.10 8.27
CA THR A 35 -1.41 9.78 9.08
C THR A 35 -0.42 8.92 8.29
N VAL A 36 -0.97 8.21 7.31
CA VAL A 36 -0.15 7.34 6.48
C VAL A 36 0.32 8.13 5.25
N MET A 37 -0.65 8.55 4.45
CA MET A 37 -0.35 9.31 3.25
C MET A 37 0.81 10.28 3.49
N ARG A 38 0.69 11.05 4.56
CA ARG A 38 1.71 12.02 4.90
C ARG A 38 3.01 11.30 5.31
N SER A 39 2.83 10.20 6.03
CA SER A 39 3.97 9.41 6.48
C SER A 39 4.79 8.94 5.28
N LEU A 40 4.11 8.86 4.14
CA LEU A 40 4.76 8.42 2.91
C LEU A 40 5.50 9.60 2.28
N GLY A 41 5.09 10.79 2.68
CA GLY A 41 5.70 12.01 2.17
C GLY A 41 4.64 12.93 1.54
N LEU A 42 3.39 12.49 1.64
CA LEU A 42 2.28 13.27 1.10
C LEU A 42 1.91 14.38 2.08
N SER A 43 0.86 15.11 1.73
CA SER A 43 0.39 16.19 2.58
C SER A 43 -1.04 16.57 2.18
N PRO A 44 -1.96 15.57 2.34
CA PRO A 44 -3.36 15.79 2.02
C PRO A 44 -4.05 16.64 3.09
N SER A 45 -4.98 17.46 2.64
CA SER A 45 -5.71 18.33 3.54
C SER A 45 -6.98 17.62 4.03
N GLU A 46 -7.28 17.81 5.31
CA GLU A 46 -8.44 17.22 5.91
C GLU A 46 -9.66 17.37 4.98
N ALA A 47 -9.63 18.44 4.20
CA ALA A 47 -10.72 18.71 3.28
C ALA A 47 -10.81 17.58 2.26
N GLU A 48 -9.66 17.24 1.68
CA GLU A 48 -9.59 16.18 0.69
C GLU A 48 -9.67 14.81 1.38
N VAL A 49 -8.81 14.64 2.37
CA VAL A 49 -8.76 13.38 3.10
C VAL A 49 -10.19 12.89 3.35
N ASN A 50 -11.07 13.83 3.62
CA ASN A 50 -12.46 13.51 3.88
C ASN A 50 -13.07 12.90 2.61
N ASP A 51 -13.11 13.71 1.56
CA ASP A 51 -13.67 13.26 0.29
C ASP A 51 -12.92 12.02 -0.19
N LEU A 52 -11.74 11.82 0.41
CA LEU A 52 -10.91 10.68 0.05
C LEU A 52 -11.46 9.43 0.74
N MET A 53 -11.66 9.54 2.05
CA MET A 53 -12.18 8.43 2.84
C MET A 53 -13.70 8.33 2.71
N ASN A 54 -14.28 9.38 2.13
CA ASN A 54 -15.72 9.43 1.96
C ASN A 54 -16.08 8.77 0.62
N GLU A 55 -15.05 8.46 -0.15
CA GLU A 55 -15.24 7.82 -1.44
C GLU A 55 -15.22 6.30 -1.31
N ILE A 56 -14.89 5.86 -0.10
CA ILE A 56 -14.85 4.43 0.18
C ILE A 56 -15.88 4.09 1.25
N ASP A 57 -15.86 4.88 2.31
CA ASP A 57 -16.79 4.66 3.41
C ASP A 57 -18.16 4.27 2.85
N VAL A 58 -18.54 3.03 3.15
CA VAL A 58 -19.82 2.51 2.68
C VAL A 58 -20.94 3.06 3.57
N ASP A 59 -20.53 3.73 4.61
CA ASP A 59 -21.53 4.31 5.56
C ASP A 59 -21.30 5.82 5.69
N GLY A 60 -20.10 6.29 5.37
CA GLY A 60 -19.80 7.70 5.48
C GLY A 60 -19.77 8.15 6.94
N ASN A 61 -18.99 7.44 7.73
CA ASN A 61 -18.86 7.76 9.14
C ASN A 61 -17.56 8.52 9.37
N HIS A 62 -16.98 8.98 8.27
CA HIS A 62 -15.73 9.74 8.34
C HIS A 62 -14.61 8.82 8.86
N GLN A 63 -14.76 7.54 8.56
CA GLN A 63 -13.78 6.56 8.99
C GLN A 63 -13.84 5.32 8.09
N ILE A 64 -12.69 4.70 7.90
CA ILE A 64 -12.61 3.51 7.08
C ILE A 64 -12.51 2.28 7.98
N GLU A 65 -13.37 1.31 7.70
CA GLU A 65 -13.39 0.08 8.47
C GLU A 65 -12.56 -1.00 7.78
N PHE A 66 -12.39 -2.11 8.48
CA PHE A 66 -11.62 -3.23 7.93
C PHE A 66 -12.38 -3.91 6.79
N SER A 67 -13.65 -3.57 6.67
CA SER A 67 -14.49 -4.14 5.64
C SER A 67 -14.48 -3.25 4.40
N GLU A 68 -14.54 -1.94 4.65
CA GLU A 68 -14.53 -0.97 3.56
C GLU A 68 -13.15 -0.91 2.91
N PHE A 69 -12.14 -0.80 3.77
CA PHE A 69 -10.77 -0.73 3.28
C PHE A 69 -10.43 -1.95 2.43
N LEU A 70 -10.87 -3.11 2.90
CA LEU A 70 -10.63 -4.35 2.20
C LEU A 70 -11.48 -4.40 0.94
N ALA A 71 -12.66 -3.81 1.03
CA ALA A 71 -13.58 -3.78 -0.09
C ALA A 71 -13.08 -2.77 -1.12
N LEU A 72 -12.17 -1.92 -0.69
CA LEU A 72 -11.60 -0.91 -1.56
C LEU A 72 -10.65 -1.58 -2.56
N MET A 73 -9.74 -2.37 -2.03
CA MET A 73 -8.79 -3.08 -2.86
C MET A 73 -9.48 -3.91 -3.93
N SER A 74 -10.66 -4.41 -3.57
CA SER A 74 -11.44 -5.21 -4.49
C SER A 74 -12.37 -4.32 -5.31
N ARG A 75 -12.04 -3.04 -5.34
CA ARG A 75 -12.83 -2.07 -6.08
C ARG A 75 -11.95 -0.90 -6.54
N GLN A 76 -10.65 -1.17 -6.58
CA GLN A 76 -9.70 -0.14 -6.99
C GLN A 76 -9.04 -0.54 -8.31
N LEU A 77 -8.95 -1.84 -8.53
CA LEU A 77 -8.34 -2.36 -9.75
C LEU A 77 -8.89 -1.60 -10.95
N LYS A 78 -10.06 -2.00 -11.39
CA LYS A 78 -10.70 -1.36 -12.52
C LYS A 78 -9.76 -1.40 -13.72
N SER A 79 -8.79 -2.30 -13.64
CA SER A 79 -7.82 -2.45 -14.71
C SER A 79 -7.07 -1.14 -14.93
N ASN A 80 -7.18 -0.26 -13.94
CA ASN A 80 -6.53 1.03 -14.02
C ASN A 80 -5.64 1.23 -12.78
N ASP A 81 -5.63 0.20 -11.94
CA ASP A 81 -4.84 0.24 -10.73
C ASP A 81 -3.52 -0.49 -10.95
N SER A 82 -3.63 -1.80 -11.20
CA SER A 82 -2.46 -2.61 -11.44
C SER A 82 -1.44 -1.85 -12.29
N GLU A 83 -1.97 -0.94 -13.11
CA GLU A 83 -1.12 -0.14 -13.96
C GLU A 83 -0.71 1.15 -13.25
N GLN A 84 -1.68 1.76 -12.59
CA GLN A 84 -1.43 2.99 -11.86
C GLN A 84 -0.73 2.69 -10.53
N GLU A 85 -1.44 1.96 -9.68
CA GLU A 85 -0.91 1.61 -8.38
C GLU A 85 0.59 1.30 -8.49
N LEU A 86 0.98 0.80 -9.65
CA LEU A 86 2.37 0.46 -9.90
C LEU A 86 3.21 1.74 -9.90
N LEU A 87 2.94 2.57 -10.90
CA LEU A 87 3.67 3.83 -11.04
C LEU A 87 3.48 4.66 -9.77
N GLU A 88 2.25 4.73 -9.32
CA GLU A 88 1.93 5.49 -8.11
C GLU A 88 2.82 5.03 -6.95
N ALA A 89 2.96 3.72 -6.84
CA ALA A 89 3.78 3.15 -5.78
C ALA A 89 5.25 3.21 -6.20
N PHE A 90 5.47 3.27 -7.50
CA PHE A 90 6.81 3.34 -8.04
C PHE A 90 7.49 4.68 -7.67
N LYS A 91 6.93 5.75 -8.20
CA LYS A 91 7.46 7.07 -7.93
C LYS A 91 7.39 7.36 -6.43
N VAL A 92 6.36 6.82 -5.80
CA VAL A 92 6.18 7.00 -4.37
C VAL A 92 7.41 6.46 -3.63
N PHE A 93 7.69 5.19 -3.88
CA PHE A 93 8.83 4.54 -3.25
C PHE A 93 10.14 5.19 -3.70
N ASP A 94 10.23 5.47 -4.96
CA ASP A 94 11.46 6.11 -5.50
C ASP A 94 11.53 7.56 -5.05
N LYS A 95 12.31 7.85 -4.02
CA LYS A 95 12.43 9.21 -3.51
C LYS A 95 13.54 9.92 -4.28
N ASN A 96 14.52 9.15 -4.72
CA ASN A 96 15.64 9.70 -5.46
C ASN A 96 15.21 9.95 -6.90
N GLY A 97 14.49 8.98 -7.46
CA GLY A 97 14.01 9.09 -8.83
C GLY A 97 15.08 8.61 -9.82
N ASP A 98 15.18 7.30 -9.94
CA ASP A 98 16.14 6.70 -10.84
C ASP A 98 15.51 5.51 -11.55
N GLY A 99 14.19 5.40 -11.40
CA GLY A 99 13.45 4.32 -12.02
C GLY A 99 13.80 2.97 -11.36
N LEU A 100 14.38 3.06 -10.18
CA LEU A 100 14.76 1.87 -9.44
C LEU A 100 14.67 2.15 -7.94
N ILE A 101 13.72 1.49 -7.29
CA ILE A 101 13.53 1.65 -5.87
C ILE A 101 14.57 0.83 -5.11
N SER A 102 15.55 1.54 -4.56
CA SER A 102 16.61 0.90 -3.81
C SER A 102 16.07 0.35 -2.50
N ALA A 103 16.97 -0.20 -1.70
CA ALA A 103 16.59 -0.76 -0.42
C ALA A 103 15.86 0.30 0.40
N ALA A 104 16.61 1.32 0.79
CA ALA A 104 16.05 2.41 1.58
C ALA A 104 14.68 2.78 1.02
N GLU A 105 14.69 3.29 -0.20
CA GLU A 105 13.45 3.69 -0.85
C GLU A 105 12.34 2.68 -0.53
N LEU A 106 12.75 1.45 -0.31
CA LEU A 106 11.80 0.39 0.00
C LEU A 106 11.61 0.32 1.52
N LYS A 107 12.63 -0.19 2.19
CA LYS A 107 12.58 -0.31 3.64
C LYS A 107 12.05 0.98 4.25
N HIS A 108 12.77 2.06 3.97
CA HIS A 108 12.39 3.37 4.48
C HIS A 108 10.89 3.57 4.31
N VAL A 109 10.38 3.08 3.18
CA VAL A 109 8.97 3.19 2.88
C VAL A 109 8.18 2.21 3.77
N LEU A 110 8.75 1.04 3.96
CA LEU A 110 8.13 0.02 4.78
C LEU A 110 8.11 0.48 6.23
N THR A 111 9.04 1.36 6.55
CA THR A 111 9.14 1.88 7.91
C THR A 111 8.23 3.10 8.07
N SER A 112 7.72 3.57 6.94
CA SER A 112 6.84 4.73 6.95
C SER A 112 5.40 4.29 7.24
N ILE A 113 5.23 2.98 7.39
CA ILE A 113 3.92 2.42 7.66
C ILE A 113 3.91 1.85 9.08
N GLY A 114 5.07 1.33 9.49
CA GLY A 114 5.20 0.75 10.81
C GLY A 114 6.20 -0.42 10.80
N GLU A 115 6.24 -1.10 9.67
CA GLU A 115 7.14 -2.22 9.52
C GLU A 115 8.59 -1.80 9.77
N LYS A 116 9.47 -2.78 9.80
CA LYS A 116 10.89 -2.51 10.04
C LYS A 116 11.71 -3.68 9.52
N LEU A 117 12.54 -3.38 8.52
CA LEU A 117 13.39 -4.40 7.93
C LEU A 117 14.84 -3.91 7.92
N THR A 118 15.74 -4.80 8.26
CA THR A 118 17.15 -4.48 8.29
C THR A 118 17.68 -4.26 6.87
N ASP A 119 18.70 -3.42 6.78
CA ASP A 119 19.31 -3.13 5.49
C ASP A 119 19.66 -4.42 4.78
N ALA A 120 19.83 -5.48 5.58
CA ALA A 120 20.17 -6.78 5.04
C ALA A 120 18.88 -7.51 4.66
N GLU A 121 17.83 -7.22 5.40
CA GLU A 121 16.54 -7.85 5.15
C GLU A 121 15.88 -7.23 3.90
N VAL A 122 16.22 -5.98 3.66
CA VAL A 122 15.68 -5.27 2.51
C VAL A 122 16.53 -5.58 1.27
N ASP A 123 17.83 -5.38 1.41
CA ASP A 123 18.76 -5.62 0.33
C ASP A 123 18.49 -7.03 -0.24
N ASP A 124 17.89 -7.87 0.59
CA ASP A 124 17.57 -9.22 0.18
C ASP A 124 16.17 -9.25 -0.43
N MET A 125 15.31 -8.39 0.09
CA MET A 125 13.95 -8.31 -0.40
C MET A 125 13.91 -7.95 -1.89
N LEU A 126 14.88 -7.14 -2.29
CA LEU A 126 14.97 -6.70 -3.67
C LEU A 126 15.36 -7.90 -4.54
N ARG A 127 16.46 -8.54 -4.16
CA ARG A 127 16.95 -9.70 -4.90
C ARG A 127 15.77 -10.51 -5.44
N GLU A 128 14.70 -10.53 -4.67
CA GLU A 128 13.51 -11.27 -5.06
C GLU A 128 13.22 -11.06 -6.56
N VAL A 129 13.21 -9.80 -6.96
CA VAL A 129 12.96 -9.47 -8.35
C VAL A 129 13.99 -8.45 -8.82
N SER A 130 15.01 -8.25 -7.99
CA SER A 130 16.07 -7.32 -8.30
C SER A 130 17.25 -8.06 -8.95
N ASP A 131 17.00 -9.30 -9.30
CA ASP A 131 18.02 -10.13 -9.93
C ASP A 131 19.34 -9.96 -9.16
N GLY A 132 19.21 -9.89 -7.84
CA GLY A 132 20.38 -9.73 -6.98
C GLY A 132 21.08 -8.39 -7.25
N SER A 133 20.26 -7.39 -7.54
CA SER A 133 20.78 -6.06 -7.81
C SER A 133 20.74 -5.22 -6.53
N GLY A 134 19.56 -4.69 -6.24
CA GLY A 134 19.38 -3.87 -5.07
C GLY A 134 18.20 -2.91 -5.24
N GLU A 135 17.86 -2.66 -6.49
CA GLU A 135 16.75 -1.77 -6.81
C GLU A 135 15.66 -2.53 -7.56
N ILE A 136 14.58 -1.83 -7.83
CA ILE A 136 13.46 -2.41 -8.55
C ILE A 136 12.74 -1.33 -9.37
N ASN A 137 12.67 -1.56 -10.67
CA ASN A 137 12.03 -0.62 -11.57
C ASN A 137 10.53 -0.94 -11.64
N ILE A 138 9.81 -0.08 -12.34
CA ILE A 138 8.38 -0.26 -12.50
C ILE A 138 8.10 -1.72 -12.90
N GLN A 139 9.11 -2.35 -13.49
CA GLN A 139 8.97 -3.73 -13.91
C GLN A 139 9.25 -4.68 -12.74
N GLN A 140 10.45 -4.53 -12.18
CA GLN A 140 10.85 -5.36 -11.05
C GLN A 140 9.92 -5.11 -9.86
N PHE A 141 9.85 -3.86 -9.46
CA PHE A 141 9.01 -3.48 -8.34
C PHE A 141 7.66 -4.19 -8.40
N ALA A 142 7.04 -4.12 -9.57
CA ALA A 142 5.75 -4.74 -9.78
C ALA A 142 5.87 -6.25 -9.57
N ALA A 143 7.04 -6.77 -9.93
CA ALA A 143 7.31 -8.19 -9.79
C ALA A 143 6.91 -8.64 -8.39
N LEU A 144 7.29 -7.84 -7.41
CA LEU A 144 6.98 -8.15 -6.02
C LEU A 144 5.47 -8.29 -5.86
N LEU A 145 4.75 -7.39 -6.52
CA LEU A 145 3.30 -7.40 -6.46
C LEU A 145 2.77 -8.62 -7.23
N SER A 146 3.62 -9.13 -8.11
CA SER A 146 3.25 -10.28 -8.92
C SER A 146 4.40 -11.29 -8.95
N LYS A 147 4.83 -11.66 -7.76
CA LYS A 147 5.92 -12.61 -7.63
C LYS A 147 6.17 -12.91 -6.15
N GLY A 148 5.90 -14.15 -5.77
CA GLY A 148 6.08 -14.57 -4.40
C GLY A 148 6.61 -16.00 -4.33
N SER A 149 7.90 -16.15 -4.60
CA SER A 149 8.54 -17.46 -4.57
C SER A 149 8.67 -17.94 -3.13
N SER A 150 9.29 -17.11 -2.31
CA SER A 150 9.49 -17.44 -0.90
C SER A 150 8.31 -16.93 -0.07
N THR A 151 7.12 -17.01 -0.68
CA THR A 151 5.92 -16.57 0.00
C THR A 151 4.91 -17.71 0.11
N GLY A 152 3.73 -17.38 0.63
CA GLY A 152 2.68 -18.36 0.79
C GLY A 152 1.48 -17.76 1.52
N THR A 153 1.70 -17.43 2.78
CA THR A 153 0.66 -16.85 3.61
C THR A 153 1.26 -15.91 4.65
N ARG A 154 2.48 -15.48 4.38
CA ARG A 154 3.17 -14.58 5.28
C ARG A 154 3.77 -13.41 4.52
N ARG A 155 4.44 -13.74 3.42
CA ARG A 155 5.06 -12.73 2.58
C ARG A 155 4.03 -12.09 1.65
N LYS A 156 2.96 -12.84 1.41
CA LYS A 156 1.90 -12.36 0.54
C LYS A 156 1.35 -11.05 1.10
N ALA A 157 1.48 -10.89 2.41
CA ALA A 157 1.00 -9.70 3.07
C ALA A 157 2.07 -8.62 3.00
N LEU A 158 3.30 -9.05 2.76
CA LEU A 158 4.42 -8.13 2.66
C LEU A 158 4.20 -7.20 1.45
N ARG A 159 3.95 -7.81 0.31
CA ARG A 159 3.73 -7.06 -0.91
C ARG A 159 2.42 -6.26 -0.82
N ASN A 160 1.52 -6.77 0.01
CA ASN A 160 0.23 -6.12 0.21
C ASN A 160 0.44 -4.79 0.93
N LYS A 161 1.49 -4.75 1.74
CA LYS A 161 1.81 -3.54 2.50
C LYS A 161 1.98 -2.37 1.51
N ILE A 162 2.37 -2.72 0.29
CA ILE A 162 2.59 -1.71 -0.74
C ILE A 162 1.27 -1.47 -1.48
N LEU A 163 0.48 -2.53 -1.58
CA LEU A 163 -0.80 -2.44 -2.25
C LEU A 163 -1.59 -1.24 -1.72
N ALA A 164 -1.55 -1.10 -0.41
CA ALA A 164 -2.24 0.00 0.25
C ALA A 164 -1.53 1.31 -0.08
N ILE A 165 -0.27 1.39 0.34
CA ILE A 165 0.53 2.58 0.10
C ILE A 165 0.40 2.99 -1.36
N ALA A 166 0.06 2.01 -2.19
CA ALA A 166 -0.09 2.27 -3.61
C ALA A 166 -1.50 2.81 -3.88
N LYS A 167 -2.48 1.91 -3.75
CA LYS A 167 -3.87 2.30 -3.97
C LYS A 167 -4.19 3.53 -3.13
N VAL A 168 -4.10 3.34 -1.82
CA VAL A 168 -4.39 4.44 -0.90
C VAL A 168 -3.84 5.74 -1.47
N SER A 169 -2.62 5.66 -1.98
CA SER A 169 -1.97 6.83 -2.56
C SER A 169 -2.72 7.26 -3.83
N ARG A 170 -3.00 6.28 -4.67
CA ARG A 170 -3.70 6.55 -5.92
C ARG A 170 -5.01 7.27 -5.64
N MET A 171 -5.71 6.79 -4.62
CA MET A 171 -6.99 7.40 -4.25
C MET A 171 -6.88 8.91 -4.18
N PHE A 172 -5.66 9.38 -3.98
CA PHE A 172 -5.40 10.81 -3.89
C PHE A 172 -5.12 11.40 -5.28
N SER A 173 -4.55 10.57 -6.14
CA SER A 173 -4.23 11.01 -7.48
C SER A 173 -5.44 10.84 -8.39
N VAL A 174 -6.51 10.30 -7.81
CA VAL A 174 -7.74 10.08 -8.55
C VAL A 174 -8.81 11.04 -8.04
N LEU A 175 -8.96 11.07 -6.73
CA LEU A 175 -9.94 11.94 -6.10
C LEU A 175 -9.97 13.29 -6.82
N ARG A 176 -8.78 13.72 -7.22
CA ARG A 176 -8.65 14.99 -7.92
C ARG A 176 -9.74 15.12 -8.99
N GLY A 1 -18.38 -2.61 -5.96
CA GLY A 1 -17.05 -3.07 -6.32
C GLY A 1 -16.97 -4.59 -6.34
N SER A 2 -17.43 -5.16 -7.45
CA SER A 2 -17.43 -6.60 -7.61
C SER A 2 -16.09 -7.18 -7.14
N SER A 3 -16.16 -7.91 -6.02
CA SER A 3 -14.96 -8.51 -5.46
C SER A 3 -15.14 -10.03 -5.37
N ASN A 4 -14.05 -10.74 -5.58
CA ASN A 4 -14.08 -12.18 -5.52
C ASN A 4 -12.85 -12.68 -4.74
N LEU A 5 -12.88 -12.42 -3.44
CA LEU A 5 -11.80 -12.83 -2.57
C LEU A 5 -12.30 -13.88 -1.59
N THR A 6 -11.39 -14.37 -0.75
CA THR A 6 -11.73 -15.37 0.23
C THR A 6 -11.37 -14.89 1.64
N GLU A 7 -11.90 -15.60 2.62
CA GLU A 7 -11.65 -15.26 4.02
C GLU A 7 -10.14 -15.12 4.26
N GLU A 8 -9.39 -15.94 3.55
CA GLU A 8 -7.94 -15.93 3.69
C GLU A 8 -7.36 -14.65 3.07
N GLN A 9 -8.09 -14.11 2.11
CA GLN A 9 -7.67 -12.90 1.44
C GLN A 9 -7.91 -11.68 2.34
N ILE A 10 -9.04 -11.72 3.03
CA ILE A 10 -9.40 -10.63 3.92
C ILE A 10 -8.37 -10.55 5.06
N ALA A 11 -7.68 -11.65 5.27
CA ALA A 11 -6.66 -11.72 6.31
C ALA A 11 -5.41 -10.98 5.84
N GLU A 12 -5.38 -10.68 4.55
CA GLU A 12 -4.25 -9.98 3.96
C GLU A 12 -4.41 -8.47 4.15
N PHE A 13 -5.37 -7.91 3.41
CA PHE A 13 -5.63 -6.49 3.49
C PHE A 13 -5.54 -5.98 4.94
N LYS A 14 -5.83 -6.89 5.86
CA LYS A 14 -5.79 -6.56 7.28
C LYS A 14 -4.49 -5.82 7.58
N GLU A 15 -3.39 -6.40 7.10
CA GLU A 15 -2.09 -5.80 7.31
C GLU A 15 -2.04 -4.39 6.75
N ALA A 16 -2.71 -4.21 5.62
CA ALA A 16 -2.76 -2.91 4.97
C ALA A 16 -3.65 -1.97 5.78
N PHE A 17 -4.43 -2.56 6.67
CA PHE A 17 -5.33 -1.79 7.52
C PHE A 17 -4.60 -1.22 8.73
N ALA A 18 -3.67 -2.01 9.24
CA ALA A 18 -2.88 -1.60 10.40
C ALA A 18 -2.03 -0.39 10.02
N LEU A 19 -1.81 -0.24 8.71
CA LEU A 19 -1.01 0.87 8.21
C LEU A 19 -1.50 2.17 8.84
N PHE A 20 -2.81 2.30 8.91
CA PHE A 20 -3.42 3.50 9.48
C PHE A 20 -4.01 3.20 10.86
N ASP A 21 -4.83 2.16 10.91
CA ASP A 21 -5.46 1.76 12.16
C ASP A 21 -4.39 1.62 13.24
N LYS A 22 -4.19 2.72 13.96
CA LYS A 22 -3.20 2.73 15.03
C LYS A 22 -3.70 1.87 16.20
N ASP A 23 -4.78 2.32 16.78
CA ASP A 23 -5.37 1.57 17.93
C ASP A 23 -6.12 0.33 17.41
N ASN A 24 -6.24 0.19 16.11
CA ASN A 24 -6.94 -0.96 15.53
C ASN A 24 -8.29 -1.11 16.23
N ASN A 25 -9.08 -0.05 16.17
CA ASN A 25 -10.40 -0.05 16.78
C ASN A 25 -11.43 -0.54 15.77
N GLY A 26 -11.05 -0.44 14.50
CA GLY A 26 -11.94 -0.86 13.42
C GLY A 26 -12.50 0.34 12.66
N SER A 27 -11.71 1.40 12.63
CA SER A 27 -12.11 2.62 11.94
C SER A 27 -10.92 3.57 11.81
N ILE A 28 -10.48 3.75 10.58
CA ILE A 28 -9.35 4.62 10.32
C ILE A 28 -9.85 6.06 10.14
N SER A 29 -9.57 6.88 11.14
CA SER A 29 -9.99 8.27 11.11
C SER A 29 -9.23 9.02 10.02
N SER A 30 -9.65 10.26 9.79
CA SER A 30 -9.03 11.08 8.78
C SER A 30 -7.64 11.54 9.25
N SER A 31 -7.53 11.74 10.55
CA SER A 31 -6.27 12.17 11.13
C SER A 31 -5.27 11.01 11.14
N GLU A 32 -5.82 9.81 11.04
CA GLU A 32 -5.00 8.61 11.02
C GLU A 32 -4.62 8.23 9.59
N LEU A 33 -5.61 8.27 8.72
CA LEU A 33 -5.40 7.93 7.33
C LEU A 33 -4.37 8.89 6.73
N ALA A 34 -4.51 10.16 7.09
CA ALA A 34 -3.60 11.18 6.61
C ALA A 34 -2.24 11.02 7.30
N THR A 35 -2.23 10.20 8.34
CA THR A 35 -1.00 9.94 9.08
C THR A 35 -0.03 9.12 8.24
N VAL A 36 -0.60 8.29 7.38
CA VAL A 36 0.21 7.44 6.52
C VAL A 36 0.55 8.20 5.24
N MET A 37 -0.49 8.66 4.56
CA MET A 37 -0.31 9.41 3.33
C MET A 37 0.89 10.33 3.42
N ARG A 38 0.88 11.20 4.43
CA ARG A 38 1.96 12.14 4.63
C ARG A 38 3.27 11.39 4.92
N SER A 39 3.13 10.28 5.62
CA SER A 39 4.28 9.46 5.96
C SER A 39 5.05 9.08 4.69
N LEU A 40 4.29 8.83 3.64
CA LEU A 40 4.88 8.45 2.37
C LEU A 40 5.57 9.67 1.74
N GLY A 41 5.17 10.84 2.23
CA GLY A 41 5.74 12.08 1.73
C GLY A 41 4.65 12.99 1.16
N LEU A 42 3.41 12.56 1.32
CA LEU A 42 2.28 13.31 0.82
C LEU A 42 1.93 14.42 1.83
N SER A 43 0.84 15.11 1.54
CA SER A 43 0.40 16.19 2.40
C SER A 43 -1.06 16.54 2.10
N PRO A 44 -1.95 15.53 2.31
CA PRO A 44 -3.37 15.72 2.06
C PRO A 44 -4.01 16.56 3.16
N SER A 45 -5.02 17.33 2.77
CA SER A 45 -5.72 18.18 3.71
C SER A 45 -6.92 17.43 4.30
N GLU A 46 -7.15 17.63 5.58
CA GLU A 46 -8.25 16.98 6.26
C GLU A 46 -9.53 17.12 5.44
N ALA A 47 -9.59 18.19 4.66
CA ALA A 47 -10.75 18.44 3.82
C ALA A 47 -10.88 17.31 2.79
N GLU A 48 -9.76 17.02 2.14
CA GLU A 48 -9.75 15.97 1.14
C GLU A 48 -9.77 14.59 1.80
N VAL A 49 -8.85 14.41 2.75
CA VAL A 49 -8.76 13.15 3.47
C VAL A 49 -10.17 12.64 3.78
N ASN A 50 -11.03 13.58 4.13
CA ASN A 50 -12.41 13.23 4.45
C ASN A 50 -13.10 12.68 3.20
N ASP A 51 -13.17 13.53 2.18
CA ASP A 51 -13.81 13.15 0.94
C ASP A 51 -13.09 11.93 0.36
N LEU A 52 -11.90 11.67 0.89
CA LEU A 52 -11.11 10.54 0.44
C LEU A 52 -11.66 9.26 1.06
N MET A 53 -11.73 9.26 2.38
CA MET A 53 -12.23 8.10 3.11
C MET A 53 -13.76 8.04 3.04
N ASN A 54 -14.35 9.15 2.63
CA ASN A 54 -15.79 9.23 2.53
C ASN A 54 -16.24 8.63 1.20
N GLU A 55 -15.26 8.36 0.36
CA GLU A 55 -15.53 7.79 -0.95
C GLU A 55 -15.63 6.27 -0.85
N ILE A 56 -15.19 5.75 0.28
CA ILE A 56 -15.22 4.31 0.53
C ILE A 56 -16.13 4.01 1.71
N ASP A 57 -16.07 4.89 2.70
CA ASP A 57 -16.88 4.73 3.89
C ASP A 57 -18.26 4.19 3.49
N VAL A 58 -18.54 2.97 3.95
CA VAL A 58 -19.80 2.34 3.66
C VAL A 58 -20.82 2.68 4.75
N ASP A 59 -20.30 3.15 5.85
CA ASP A 59 -21.19 3.54 6.99
C ASP A 59 -21.19 5.06 7.15
N GLY A 60 -20.36 5.76 6.39
CA GLY A 60 -20.30 7.20 6.49
C GLY A 60 -20.04 7.65 7.95
N ASN A 61 -19.12 6.94 8.59
CA ASN A 61 -18.78 7.24 9.96
C ASN A 61 -17.51 8.11 9.98
N HIS A 62 -17.16 8.60 8.81
CA HIS A 62 -15.98 9.44 8.68
C HIS A 62 -14.73 8.63 9.00
N GLN A 63 -14.81 7.33 8.71
CA GLN A 63 -13.70 6.43 8.96
C GLN A 63 -13.71 5.28 7.94
N ILE A 64 -12.76 4.38 8.12
CA ILE A 64 -12.64 3.23 7.23
C ILE A 64 -12.54 1.95 8.07
N GLU A 65 -13.42 1.01 7.78
CA GLU A 65 -13.43 -0.25 8.49
C GLU A 65 -12.63 -1.31 7.72
N PHE A 66 -12.50 -2.46 8.34
CA PHE A 66 -11.75 -3.56 7.73
C PHE A 66 -12.56 -4.22 6.62
N SER A 67 -13.83 -3.85 6.56
CA SER A 67 -14.73 -4.40 5.55
C SER A 67 -14.79 -3.47 4.34
N GLU A 68 -14.59 -2.18 4.62
CA GLU A 68 -14.62 -1.18 3.57
C GLU A 68 -13.23 -1.03 2.93
N PHE A 69 -12.24 -0.89 3.80
CA PHE A 69 -10.87 -0.74 3.33
C PHE A 69 -10.44 -1.93 2.49
N LEU A 70 -10.80 -3.12 2.96
CA LEU A 70 -10.46 -4.35 2.26
C LEU A 70 -11.28 -4.44 0.97
N ALA A 71 -12.41 -3.76 0.99
CA ALA A 71 -13.29 -3.76 -0.17
C ALA A 71 -12.85 -2.66 -1.14
N LEU A 72 -12.03 -1.75 -0.62
CA LEU A 72 -11.53 -0.65 -1.43
C LEU A 72 -10.52 -1.19 -2.45
N MET A 73 -9.58 -1.97 -1.95
CA MET A 73 -8.56 -2.56 -2.82
C MET A 73 -9.19 -3.37 -3.94
N SER A 74 -10.47 -3.70 -3.76
CA SER A 74 -11.20 -4.47 -4.74
C SER A 74 -12.08 -3.55 -5.58
N ARG A 75 -12.28 -2.35 -5.06
CA ARG A 75 -13.10 -1.37 -5.74
C ARG A 75 -12.28 -0.13 -6.11
N GLN A 76 -11.17 -0.38 -6.79
CA GLN A 76 -10.28 0.68 -7.21
C GLN A 76 -9.67 0.37 -8.58
N LEU A 77 -8.89 -0.69 -8.61
CA LEU A 77 -8.24 -1.11 -9.85
C LEU A 77 -9.31 -1.55 -10.85
N LYS A 78 -9.16 -1.06 -12.07
CA LYS A 78 -10.10 -1.39 -13.14
C LYS A 78 -9.36 -2.14 -14.24
N SER A 79 -8.81 -1.37 -15.17
CA SER A 79 -8.08 -1.96 -16.28
C SER A 79 -6.68 -2.38 -15.83
N ASN A 80 -5.74 -1.46 -15.95
CA ASN A 80 -4.37 -1.73 -15.55
C ASN A 80 -4.28 -1.79 -14.03
N ASP A 81 -4.90 -2.82 -13.47
CA ASP A 81 -4.90 -3.00 -12.03
C ASP A 81 -3.47 -2.83 -11.50
N SER A 82 -2.78 -3.96 -11.38
CA SER A 82 -1.41 -3.95 -10.88
C SER A 82 -0.68 -2.72 -11.41
N GLU A 83 -0.59 -2.64 -12.73
CA GLU A 83 0.09 -1.53 -13.38
C GLU A 83 -0.17 -0.24 -12.61
N GLN A 84 -1.44 -0.03 -12.27
CA GLN A 84 -1.83 1.16 -11.54
C GLN A 84 -1.15 1.18 -10.16
N GLU A 85 -1.47 0.17 -9.38
CA GLU A 85 -0.90 0.06 -8.04
C GLU A 85 0.62 -0.05 -8.12
N LEU A 86 1.11 -0.28 -9.32
CA LEU A 86 2.53 -0.42 -9.55
C LEU A 86 3.16 0.97 -9.70
N LEU A 87 2.71 1.67 -10.73
CA LEU A 87 3.21 3.01 -11.00
C LEU A 87 2.93 3.91 -9.80
N GLU A 88 1.78 3.66 -9.17
CA GLU A 88 1.38 4.44 -8.01
C GLU A 88 2.34 4.18 -6.85
N ALA A 89 2.78 2.92 -6.75
CA ALA A 89 3.68 2.53 -5.69
C ALA A 89 5.12 2.72 -6.16
N PHE A 90 5.27 2.92 -7.47
CA PHE A 90 6.58 3.12 -8.06
C PHE A 90 7.11 4.52 -7.76
N LYS A 91 6.40 5.51 -8.28
CA LYS A 91 6.80 6.89 -8.08
C LYS A 91 6.62 7.26 -6.60
N VAL A 92 5.97 6.36 -5.88
CA VAL A 92 5.73 6.57 -4.46
C VAL A 92 6.97 6.13 -3.66
N PHE A 93 7.46 4.96 -4.00
CA PHE A 93 8.63 4.41 -3.34
C PHE A 93 9.90 5.14 -3.78
N ASP A 94 9.94 5.44 -5.05
CA ASP A 94 11.13 6.15 -5.60
C ASP A 94 11.10 7.63 -5.19
N LYS A 95 11.89 8.00 -4.20
CA LYS A 95 11.92 9.38 -3.74
C LYS A 95 12.93 10.17 -4.59
N ASN A 96 13.97 9.48 -5.00
CA ASN A 96 15.01 10.11 -5.82
C ASN A 96 14.50 10.25 -7.25
N GLY A 97 13.89 9.17 -7.74
CA GLY A 97 13.36 9.16 -9.10
C GLY A 97 14.44 8.77 -10.10
N ASP A 98 14.73 7.48 -10.13
CA ASP A 98 15.74 6.97 -11.04
C ASP A 98 15.18 5.76 -11.79
N GLY A 99 13.90 5.50 -11.55
CA GLY A 99 13.23 4.38 -12.20
C GLY A 99 13.54 3.06 -11.47
N LEU A 100 14.23 3.20 -10.36
CA LEU A 100 14.60 2.03 -9.57
C LEU A 100 14.50 2.37 -8.09
N ILE A 101 13.66 1.61 -7.38
CA ILE A 101 13.47 1.83 -5.95
C ILE A 101 14.57 1.10 -5.19
N SER A 102 15.49 1.89 -4.65
CA SER A 102 16.60 1.34 -3.88
C SER A 102 16.10 0.78 -2.56
N ALA A 103 17.00 0.15 -1.83
CA ALA A 103 16.66 -0.43 -0.55
C ALA A 103 15.95 0.62 0.31
N ALA A 104 16.71 1.65 0.68
CA ALA A 104 16.16 2.73 1.49
C ALA A 104 14.79 3.10 0.97
N GLU A 105 14.76 3.61 -0.26
CA GLU A 105 13.51 4.01 -0.88
C GLU A 105 12.41 3.00 -0.58
N LEU A 106 12.84 1.78 -0.32
CA LEU A 106 11.90 0.71 -0.01
C LEU A 106 11.75 0.59 1.51
N LYS A 107 12.78 0.04 2.14
CA LYS A 107 12.77 -0.13 3.58
C LYS A 107 12.20 1.13 4.24
N HIS A 108 12.84 2.25 3.93
CA HIS A 108 12.41 3.53 4.48
C HIS A 108 10.90 3.68 4.31
N VAL A 109 10.41 3.18 3.18
CA VAL A 109 8.99 3.25 2.88
C VAL A 109 8.24 2.26 3.77
N LEU A 110 8.82 1.07 3.90
CA LEU A 110 8.22 0.03 4.71
C LEU A 110 8.10 0.51 6.16
N THR A 111 9.08 1.29 6.57
CA THR A 111 9.11 1.83 7.92
C THR A 111 8.12 2.98 8.05
N SER A 112 7.92 3.68 6.94
CA SER A 112 7.00 4.81 6.93
C SER A 112 5.59 4.34 7.26
N ILE A 113 5.41 3.03 7.20
CA ILE A 113 4.12 2.44 7.49
C ILE A 113 4.19 1.67 8.81
N GLY A 114 5.36 1.09 9.06
CA GLY A 114 5.58 0.33 10.27
C GLY A 114 6.65 -0.75 10.05
N GLU A 115 6.60 -1.36 8.88
CA GLU A 115 7.56 -2.40 8.54
C GLU A 115 8.98 -1.92 8.81
N LYS A 116 9.62 -2.57 9.77
CA LYS A 116 10.98 -2.22 10.14
C LYS A 116 11.92 -3.38 9.78
N LEU A 117 12.55 -3.25 8.62
CA LEU A 117 13.47 -4.27 8.15
C LEU A 117 14.89 -3.71 8.14
N THR A 118 15.84 -4.57 8.49
CA THR A 118 17.23 -4.18 8.54
C THR A 118 17.78 -3.97 7.12
N ASP A 119 18.71 -3.04 7.01
CA ASP A 119 19.32 -2.75 5.72
C ASP A 119 19.62 -4.06 4.99
N ALA A 120 19.88 -5.09 5.77
CA ALA A 120 20.19 -6.39 5.22
C ALA A 120 18.90 -7.09 4.81
N GLU A 121 17.93 -7.04 5.72
CA GLU A 121 16.64 -7.67 5.47
C GLU A 121 16.04 -7.14 4.17
N VAL A 122 16.10 -5.82 4.02
CA VAL A 122 15.56 -5.17 2.84
C VAL A 122 16.48 -5.47 1.64
N ASP A 123 17.76 -5.16 1.83
CA ASP A 123 18.74 -5.38 0.79
C ASP A 123 18.59 -6.81 0.25
N ASP A 124 18.01 -7.66 1.07
CA ASP A 124 17.80 -9.05 0.70
C ASP A 124 16.43 -9.19 0.04
N MET A 125 15.49 -8.40 0.52
CA MET A 125 14.14 -8.43 -0.01
C MET A 125 14.12 -8.03 -1.49
N LEU A 126 15.07 -7.19 -1.86
CA LEU A 126 15.18 -6.73 -3.23
C LEU A 126 15.66 -7.89 -4.11
N ARG A 127 16.75 -8.51 -3.70
CA ARG A 127 17.31 -9.62 -4.44
C ARG A 127 16.19 -10.48 -5.01
N GLU A 128 15.08 -10.52 -4.31
CA GLU A 128 13.93 -11.30 -4.74
C GLU A 128 13.65 -11.06 -6.22
N VAL A 129 13.58 -9.78 -6.58
CA VAL A 129 13.32 -9.41 -7.96
C VAL A 129 14.32 -8.33 -8.39
N SER A 130 15.36 -8.17 -7.58
CA SER A 130 16.39 -7.18 -7.85
C SER A 130 17.59 -7.85 -8.52
N ASP A 131 17.61 -9.17 -8.47
CA ASP A 131 18.69 -9.93 -9.06
C ASP A 131 20.01 -9.51 -8.42
N GLY A 132 19.91 -9.01 -7.20
CA GLY A 132 21.08 -8.57 -6.47
C GLY A 132 21.53 -7.17 -6.93
N SER A 133 20.86 -6.69 -7.97
CA SER A 133 21.18 -5.38 -8.52
C SER A 133 21.32 -4.36 -7.39
N GLY A 134 20.21 -4.07 -6.75
CA GLY A 134 20.19 -3.11 -5.65
C GLY A 134 18.98 -2.19 -5.73
N GLU A 135 18.26 -2.31 -6.84
CA GLU A 135 17.08 -1.49 -7.05
C GLU A 135 16.03 -2.28 -7.86
N ILE A 136 14.79 -1.85 -7.74
CA ILE A 136 13.70 -2.49 -8.45
C ILE A 136 12.95 -1.45 -9.27
N ASN A 137 12.88 -1.68 -10.57
CA ASN A 137 12.19 -0.78 -11.47
C ASN A 137 10.73 -1.21 -11.61
N ILE A 138 9.98 -0.42 -12.37
CA ILE A 138 8.58 -0.71 -12.58
C ILE A 138 8.42 -2.18 -13.00
N GLN A 139 9.51 -2.73 -13.51
CA GLN A 139 9.50 -4.12 -13.95
C GLN A 139 9.78 -5.05 -12.77
N GLN A 140 10.92 -4.81 -12.13
CA GLN A 140 11.30 -5.62 -10.98
C GLN A 140 10.33 -5.41 -9.82
N PHE A 141 10.21 -4.14 -9.43
CA PHE A 141 9.32 -3.78 -8.33
C PHE A 141 7.97 -4.49 -8.47
N ALA A 142 7.44 -4.45 -9.68
CA ALA A 142 6.16 -5.07 -9.96
C ALA A 142 6.24 -6.56 -9.64
N ALA A 143 7.43 -7.11 -9.86
CA ALA A 143 7.66 -8.53 -9.60
C ALA A 143 7.20 -8.86 -8.18
N LEU A 144 7.56 -7.98 -7.26
CA LEU A 144 7.20 -8.16 -5.86
C LEU A 144 5.68 -8.11 -5.72
N LEU A 145 5.09 -7.12 -6.37
CA LEU A 145 3.65 -6.95 -6.32
C LEU A 145 2.98 -8.07 -7.14
N SER A 146 3.81 -8.85 -7.80
CA SER A 146 3.32 -9.95 -8.61
C SER A 146 4.32 -11.12 -8.56
N LYS A 147 4.71 -11.47 -7.35
CA LYS A 147 5.66 -12.56 -7.15
C LYS A 147 4.88 -13.87 -6.99
N GLY A 148 4.38 -14.08 -5.79
CA GLY A 148 3.63 -15.29 -5.49
C GLY A 148 4.53 -16.53 -5.53
N SER A 149 5.36 -16.64 -4.50
CA SER A 149 6.29 -17.76 -4.41
C SER A 149 6.68 -17.99 -2.94
N SER A 150 6.55 -19.25 -2.51
CA SER A 150 6.87 -19.60 -1.15
C SER A 150 6.41 -18.51 -0.19
N THR A 151 5.11 -18.27 -0.20
CA THR A 151 4.53 -17.26 0.66
C THR A 151 3.76 -17.91 1.80
N GLY A 152 2.70 -18.63 1.43
CA GLY A 152 1.87 -19.31 2.42
C GLY A 152 1.09 -18.29 3.27
N THR A 153 0.84 -17.14 2.67
CA THR A 153 0.11 -16.09 3.35
C THR A 153 1.05 -15.28 4.25
N ARG A 154 2.30 -15.20 3.83
CA ARG A 154 3.30 -14.47 4.58
C ARG A 154 3.95 -13.40 3.69
N ARG A 155 4.23 -13.80 2.46
CA ARG A 155 4.85 -12.90 1.51
C ARG A 155 3.79 -12.12 0.74
N LYS A 156 2.67 -12.79 0.48
CA LYS A 156 1.57 -12.19 -0.25
C LYS A 156 1.06 -10.98 0.54
N ALA A 157 1.41 -10.95 1.81
CA ALA A 157 0.99 -9.86 2.69
C ALA A 157 2.06 -8.77 2.68
N LEU A 158 3.23 -9.14 2.19
CA LEU A 158 4.35 -8.20 2.13
C LEU A 158 4.05 -7.14 1.06
N ARG A 159 3.57 -7.60 -0.08
CA ARG A 159 3.23 -6.70 -1.17
C ARG A 159 1.93 -5.95 -0.86
N ASN A 160 1.11 -6.58 -0.04
CA ASN A 160 -0.17 -5.98 0.35
C ASN A 160 0.11 -4.67 1.09
N LYS A 161 1.20 -4.65 1.84
CA LYS A 161 1.56 -3.48 2.61
C LYS A 161 1.78 -2.30 1.65
N ILE A 162 2.13 -2.65 0.42
CA ILE A 162 2.37 -1.63 -0.60
C ILE A 162 1.05 -1.33 -1.33
N LEU A 163 0.28 -2.38 -1.54
CA LEU A 163 -0.99 -2.25 -2.22
C LEU A 163 -1.71 -1.00 -1.72
N ALA A 164 -1.73 -0.88 -0.39
CA ALA A 164 -2.38 0.26 0.24
C ALA A 164 -1.56 1.53 -0.03
N ILE A 165 -0.31 1.49 0.42
CA ILE A 165 0.58 2.63 0.24
C ILE A 165 0.36 3.22 -1.15
N ALA A 166 -0.01 2.36 -2.08
CA ALA A 166 -0.25 2.78 -3.46
C ALA A 166 -1.70 3.27 -3.58
N LYS A 167 -2.61 2.30 -3.52
CA LYS A 167 -4.03 2.62 -3.63
C LYS A 167 -4.33 3.87 -2.79
N VAL A 168 -4.23 3.70 -1.48
CA VAL A 168 -4.49 4.81 -0.57
C VAL A 168 -3.95 6.10 -1.18
N SER A 169 -2.88 5.97 -1.95
CA SER A 169 -2.26 7.11 -2.59
C SER A 169 -3.08 7.54 -3.82
N ARG A 170 -3.34 6.56 -4.68
CA ARG A 170 -4.10 6.82 -5.88
C ARG A 170 -5.43 7.49 -5.53
N MET A 171 -6.06 6.96 -4.49
CA MET A 171 -7.33 7.49 -4.04
C MET A 171 -7.28 9.02 -3.90
N PHE A 172 -6.07 9.52 -3.74
CA PHE A 172 -5.87 10.95 -3.60
C PHE A 172 -5.66 11.61 -4.96
N SER A 173 -5.14 10.83 -5.89
CA SER A 173 -4.89 11.33 -7.23
C SER A 173 -6.11 11.09 -8.12
N VAL A 174 -7.11 10.45 -7.53
CA VAL A 174 -8.34 10.17 -8.25
C VAL A 174 -9.46 11.09 -7.74
N LEU A 175 -9.59 11.13 -6.42
CA LEU A 175 -10.60 11.96 -5.80
C LEU A 175 -10.65 13.31 -6.51
N ARG A 176 -9.48 13.78 -6.91
CA ARG A 176 -9.37 15.06 -7.59
C ARG A 176 -10.51 15.21 -8.60
N GLY A 1 -20.43 -11.42 -9.03
CA GLY A 1 -19.81 -10.17 -9.44
C GLY A 1 -19.41 -9.34 -8.22
N SER A 2 -19.19 -10.03 -7.11
CA SER A 2 -18.81 -9.37 -5.87
C SER A 2 -17.34 -9.64 -5.57
N SER A 3 -16.88 -9.11 -4.45
CA SER A 3 -15.50 -9.30 -4.03
C SER A 3 -15.05 -10.72 -4.34
N ASN A 4 -14.06 -10.83 -5.20
CA ASN A 4 -13.53 -12.12 -5.58
C ASN A 4 -12.41 -12.51 -4.62
N LEU A 5 -12.66 -12.29 -3.34
CA LEU A 5 -11.69 -12.62 -2.31
C LEU A 5 -12.31 -13.59 -1.32
N THR A 6 -11.44 -14.34 -0.66
CA THR A 6 -11.90 -15.32 0.32
C THR A 6 -11.59 -14.82 1.75
N GLU A 7 -12.28 -15.42 2.71
CA GLU A 7 -12.09 -15.05 4.10
C GLU A 7 -10.61 -14.98 4.44
N GLU A 8 -9.83 -15.80 3.73
CA GLU A 8 -8.39 -15.84 3.95
C GLU A 8 -7.72 -14.62 3.29
N GLN A 9 -8.30 -14.21 2.17
CA GLN A 9 -7.78 -13.06 1.45
C GLN A 9 -8.00 -11.77 2.23
N ILE A 10 -9.15 -11.72 2.89
CA ILE A 10 -9.51 -10.56 3.68
C ILE A 10 -8.51 -10.40 4.84
N ALA A 11 -7.83 -11.50 5.13
CA ALA A 11 -6.84 -11.50 6.21
C ALA A 11 -5.57 -10.82 5.70
N GLU A 12 -5.48 -10.68 4.39
CA GLU A 12 -4.32 -10.06 3.77
C GLU A 12 -4.44 -8.53 3.84
N PHE A 13 -5.47 -8.03 3.19
CA PHE A 13 -5.71 -6.60 3.16
C PHE A 13 -5.70 -6.01 4.58
N LYS A 14 -5.89 -6.89 5.55
CA LYS A 14 -5.91 -6.48 6.94
C LYS A 14 -4.59 -5.76 7.27
N GLU A 15 -3.50 -6.37 6.84
CA GLU A 15 -2.18 -5.81 7.09
C GLU A 15 -2.09 -4.40 6.49
N ALA A 16 -2.83 -4.20 5.40
CA ALA A 16 -2.84 -2.91 4.74
C ALA A 16 -3.73 -1.94 5.54
N PHE A 17 -4.54 -2.52 6.42
CA PHE A 17 -5.43 -1.71 7.23
C PHE A 17 -4.71 -1.18 8.48
N ALA A 18 -3.80 -2.00 8.98
CA ALA A 18 -3.03 -1.62 10.16
C ALA A 18 -2.13 -0.44 9.82
N LEU A 19 -1.89 -0.27 8.53
CA LEU A 19 -1.05 0.82 8.06
C LEU A 19 -1.53 2.14 8.65
N PHE A 20 -2.86 2.27 8.74
CA PHE A 20 -3.46 3.46 9.29
C PHE A 20 -4.03 3.20 10.68
N ASP A 21 -4.84 2.16 10.77
CA ASP A 21 -5.45 1.80 12.04
C ASP A 21 -4.37 1.70 13.11
N LYS A 22 -4.17 2.81 13.80
CA LYS A 22 -3.18 2.88 14.86
C LYS A 22 -3.63 2.00 16.03
N ASP A 23 -4.68 2.43 16.67
CA ASP A 23 -5.22 1.66 17.82
C ASP A 23 -5.99 0.44 17.33
N ASN A 24 -6.32 0.40 16.04
CA ASN A 24 -7.06 -0.73 15.50
C ASN A 24 -8.43 -0.82 16.17
N ASN A 25 -9.23 0.22 15.97
CA ASN A 25 -10.56 0.26 16.55
C ASN A 25 -11.58 -0.21 15.51
N GLY A 26 -11.14 -0.23 14.26
CA GLY A 26 -12.00 -0.65 13.17
C GLY A 26 -12.56 0.56 12.42
N SER A 27 -11.76 1.62 12.38
CA SER A 27 -12.16 2.83 11.70
C SER A 27 -10.97 3.78 11.58
N ILE A 28 -10.51 3.97 10.35
CA ILE A 28 -9.39 4.85 10.09
C ILE A 28 -9.90 6.27 9.86
N SER A 29 -9.71 7.10 10.86
CA SER A 29 -10.14 8.49 10.78
C SER A 29 -9.28 9.25 9.78
N SER A 30 -9.59 10.53 9.62
CA SER A 30 -8.86 11.37 8.69
C SER A 30 -7.45 11.63 9.24
N SER A 31 -7.37 11.79 10.54
CA SER A 31 -6.10 12.05 11.19
C SER A 31 -5.23 10.79 11.15
N GLU A 32 -5.88 9.66 10.93
CA GLU A 32 -5.18 8.39 10.87
C GLU A 32 -4.76 8.09 9.42
N LEU A 33 -5.71 8.26 8.51
CA LEU A 33 -5.45 8.02 7.10
C LEU A 33 -4.32 8.93 6.63
N ALA A 34 -4.47 10.21 6.94
CA ALA A 34 -3.47 11.19 6.55
C ALA A 34 -2.17 10.92 7.31
N THR A 35 -2.27 10.06 8.31
CA THR A 35 -1.13 9.71 9.12
C THR A 35 -0.15 8.85 8.31
N VAL A 36 -0.70 8.14 7.34
CA VAL A 36 0.10 7.28 6.49
C VAL A 36 0.57 8.06 5.27
N MET A 37 -0.39 8.66 4.58
CA MET A 37 -0.08 9.45 3.40
C MET A 37 1.15 10.32 3.62
N ARG A 38 1.12 11.05 4.72
CA ARG A 38 2.23 11.93 5.06
C ARG A 38 3.49 11.11 5.34
N SER A 39 3.29 10.00 6.04
CA SER A 39 4.39 9.12 6.39
C SER A 39 5.16 8.72 5.12
N LEU A 40 4.43 8.68 4.02
CA LEU A 40 5.03 8.32 2.75
C LEU A 40 5.73 9.54 2.15
N GLY A 41 5.30 10.71 2.61
CA GLY A 41 5.88 11.95 2.13
C GLY A 41 4.80 12.87 1.56
N LEU A 42 3.57 12.42 1.66
CA LEU A 42 2.44 13.19 1.17
C LEU A 42 2.10 14.29 2.17
N SER A 43 1.02 15.01 1.87
CA SER A 43 0.59 16.10 2.74
C SER A 43 -0.86 16.46 2.42
N PRO A 44 -1.77 15.46 2.60
CA PRO A 44 -3.18 15.67 2.34
C PRO A 44 -3.83 16.51 3.44
N SER A 45 -4.74 17.36 3.03
CA SER A 45 -5.44 18.22 3.98
C SER A 45 -6.74 17.56 4.42
N GLU A 46 -7.06 17.73 5.70
CA GLU A 46 -8.27 17.15 6.26
C GLU A 46 -9.45 17.38 5.32
N ALA A 47 -9.38 18.48 4.58
CA ALA A 47 -10.43 18.82 3.64
C ALA A 47 -10.58 17.69 2.61
N GLU A 48 -9.46 17.31 2.04
CA GLU A 48 -9.45 16.24 1.05
C GLU A 48 -9.55 14.88 1.73
N VAL A 49 -8.69 14.67 2.71
CA VAL A 49 -8.68 13.41 3.46
C VAL A 49 -10.12 12.97 3.71
N ASN A 50 -10.98 13.96 3.92
CA ASN A 50 -12.38 13.69 4.18
C ASN A 50 -13.01 13.07 2.94
N ASP A 51 -13.10 13.88 1.89
CA ASP A 51 -13.68 13.43 0.64
C ASP A 51 -12.98 12.15 0.18
N LEU A 52 -11.79 11.94 0.74
CA LEU A 52 -11.00 10.77 0.41
C LEU A 52 -11.60 9.54 1.10
N MET A 53 -11.70 9.65 2.42
CA MET A 53 -12.24 8.56 3.22
C MET A 53 -13.77 8.55 3.16
N ASN A 54 -14.32 9.60 2.56
CA ASN A 54 -15.76 9.72 2.43
C ASN A 54 -16.22 9.03 1.14
N GLU A 55 -15.24 8.63 0.35
CA GLU A 55 -15.52 7.95 -0.91
C GLU A 55 -15.52 6.44 -0.71
N ILE A 56 -15.09 6.02 0.47
CA ILE A 56 -15.04 4.61 0.80
C ILE A 56 -16.02 4.32 1.94
N ASP A 57 -16.01 5.20 2.92
CA ASP A 57 -16.90 5.05 4.07
C ASP A 57 -18.25 4.50 3.59
N VAL A 58 -18.54 3.29 4.03
CA VAL A 58 -19.79 2.64 3.65
C VAL A 58 -20.84 2.90 4.74
N ASP A 59 -20.35 3.11 5.92
CA ASP A 59 -21.26 3.38 7.08
C ASP A 59 -21.42 4.90 7.28
N GLY A 60 -20.61 5.69 6.59
CA GLY A 60 -20.69 7.13 6.74
C GLY A 60 -20.33 7.57 8.16
N ASN A 61 -19.35 6.89 8.71
CA ASN A 61 -18.89 7.20 10.06
C ASN A 61 -17.62 8.04 10.00
N HIS A 62 -17.43 8.68 8.85
CA HIS A 62 -16.26 9.51 8.65
C HIS A 62 -15.00 8.73 9.00
N GLN A 63 -14.96 7.49 8.55
CA GLN A 63 -13.82 6.61 8.81
C GLN A 63 -13.78 5.48 7.78
N ILE A 64 -12.78 4.63 7.94
CA ILE A 64 -12.61 3.50 7.04
C ILE A 64 -12.50 2.21 7.86
N GLU A 65 -13.39 1.27 7.55
CA GLU A 65 -13.40 0.00 8.24
C GLU A 65 -12.62 -1.05 7.46
N PHE A 66 -12.48 -2.21 8.07
CA PHE A 66 -11.75 -3.31 7.44
C PHE A 66 -12.59 -3.95 6.33
N SER A 67 -13.87 -3.59 6.31
CA SER A 67 -14.77 -4.12 5.31
C SER A 67 -14.80 -3.22 4.08
N GLU A 68 -14.62 -1.93 4.33
CA GLU A 68 -14.61 -0.95 3.26
C GLU A 68 -13.21 -0.84 2.65
N PHE A 69 -12.22 -0.72 3.52
CA PHE A 69 -10.84 -0.61 3.08
C PHE A 69 -10.44 -1.83 2.24
N LEU A 70 -10.84 -2.99 2.72
CA LEU A 70 -10.52 -4.24 2.03
C LEU A 70 -11.40 -4.36 0.78
N ALA A 71 -12.51 -3.64 0.81
CA ALA A 71 -13.45 -3.66 -0.30
C ALA A 71 -12.99 -2.66 -1.37
N LEU A 72 -12.09 -1.78 -0.96
CA LEU A 72 -11.56 -0.77 -1.85
C LEU A 72 -10.54 -1.41 -2.80
N MET A 73 -9.57 -2.08 -2.19
CA MET A 73 -8.52 -2.74 -2.96
C MET A 73 -9.12 -3.54 -4.11
N SER A 74 -10.39 -3.90 -3.95
CA SER A 74 -11.08 -4.67 -4.97
C SER A 74 -12.20 -3.83 -5.58
N ARG A 75 -11.91 -2.54 -5.76
CA ARG A 75 -12.87 -1.63 -6.34
C ARG A 75 -12.17 -0.61 -7.22
N GLN A 76 -11.12 -0.01 -6.66
CA GLN A 76 -10.35 0.98 -7.38
C GLN A 76 -9.78 0.39 -8.68
N LEU A 77 -8.78 -0.46 -8.51
CA LEU A 77 -8.14 -1.10 -9.65
C LEU A 77 -9.22 -1.59 -10.61
N LYS A 78 -8.99 -1.33 -11.89
CA LYS A 78 -9.93 -1.75 -12.92
C LYS A 78 -9.18 -2.55 -13.99
N SER A 79 -8.65 -1.82 -14.96
CA SER A 79 -7.93 -2.45 -16.05
C SER A 79 -6.49 -2.76 -15.60
N ASN A 80 -5.62 -1.77 -15.78
CA ASN A 80 -4.23 -1.92 -15.40
C ASN A 80 -4.11 -1.83 -13.88
N ASP A 81 -4.76 -2.77 -13.22
CA ASP A 81 -4.74 -2.82 -11.76
C ASP A 81 -3.30 -2.65 -11.27
N SER A 82 -2.61 -3.77 -11.15
CA SER A 82 -1.23 -3.76 -10.70
C SER A 82 -0.51 -2.55 -11.27
N GLU A 83 -0.45 -2.50 -12.60
CA GLU A 83 0.21 -1.41 -13.28
C GLU A 83 -0.08 -0.08 -12.57
N GLN A 84 -1.33 0.07 -12.17
CA GLN A 84 -1.75 1.28 -11.48
C GLN A 84 -1.06 1.39 -10.12
N GLU A 85 -1.39 0.45 -9.25
CA GLU A 85 -0.80 0.43 -7.92
C GLU A 85 0.73 0.39 -8.01
N LEU A 86 1.21 0.05 -9.19
CA LEU A 86 2.64 -0.03 -9.43
C LEU A 86 3.20 1.39 -9.54
N LEU A 87 2.82 2.06 -10.61
CA LEU A 87 3.27 3.42 -10.86
C LEU A 87 2.91 4.30 -9.66
N GLU A 88 1.69 4.12 -9.17
CA GLU A 88 1.21 4.88 -8.04
C GLU A 88 2.14 4.70 -6.84
N ALA A 89 2.60 3.47 -6.68
CA ALA A 89 3.50 3.14 -5.58
C ALA A 89 4.95 3.33 -6.05
N PHE A 90 5.11 3.47 -7.35
CA PHE A 90 6.43 3.65 -7.93
C PHE A 90 6.98 5.05 -7.61
N LYS A 91 6.20 6.06 -7.97
CA LYS A 91 6.61 7.43 -7.74
C LYS A 91 6.43 7.75 -6.25
N VAL A 92 5.94 6.76 -5.51
CA VAL A 92 5.73 6.93 -4.09
C VAL A 92 6.94 6.37 -3.33
N PHE A 93 7.49 5.30 -3.86
CA PHE A 93 8.65 4.67 -3.25
C PHE A 93 9.94 5.33 -3.71
N ASP A 94 9.94 5.73 -4.95
CA ASP A 94 11.15 6.39 -5.54
C ASP A 94 11.25 7.84 -5.02
N LYS A 95 12.10 8.09 -4.04
CA LYS A 95 12.25 9.42 -3.49
C LYS A 95 13.29 10.19 -4.31
N ASN A 96 14.26 9.44 -4.82
CA ASN A 96 15.33 10.03 -5.60
C ASN A 96 14.80 10.33 -7.02
N GLY A 97 14.18 9.33 -7.62
CA GLY A 97 13.64 9.47 -8.95
C GLY A 97 14.63 9.01 -10.01
N ASP A 98 14.89 7.71 -10.02
CA ASP A 98 15.82 7.13 -10.97
C ASP A 98 15.14 5.98 -11.70
N GLY A 99 13.87 5.78 -11.38
CA GLY A 99 13.10 4.72 -12.00
C GLY A 99 13.43 3.36 -11.39
N LEU A 100 14.04 3.42 -10.20
CA LEU A 100 14.42 2.20 -9.50
C LEU A 100 14.38 2.46 -7.99
N ILE A 101 13.48 1.75 -7.33
CA ILE A 101 13.33 1.88 -5.89
C ILE A 101 14.43 1.08 -5.19
N SER A 102 15.42 1.81 -4.70
CA SER A 102 16.53 1.19 -4.00
C SER A 102 16.09 0.68 -2.63
N ALA A 103 16.98 -0.03 -1.97
CA ALA A 103 16.68 -0.57 -0.65
C ALA A 103 16.01 0.51 0.20
N ALA A 104 16.79 1.52 0.54
CA ALA A 104 16.29 2.62 1.35
C ALA A 104 14.89 3.00 0.87
N GLU A 105 14.83 3.51 -0.35
CA GLU A 105 13.56 3.91 -0.93
C GLU A 105 12.47 2.89 -0.59
N LEU A 106 12.91 1.66 -0.39
CA LEU A 106 11.99 0.58 -0.07
C LEU A 106 11.85 0.47 1.45
N LYS A 107 12.90 -0.05 2.07
CA LYS A 107 12.90 -0.21 3.52
C LYS A 107 12.39 1.07 4.17
N HIS A 108 13.12 2.16 3.94
CA HIS A 108 12.75 3.44 4.49
C HIS A 108 11.23 3.64 4.37
N VAL A 109 10.71 3.25 3.21
CA VAL A 109 9.29 3.38 2.96
C VAL A 109 8.52 2.39 3.85
N LEU A 110 9.10 1.21 3.98
CA LEU A 110 8.48 0.17 4.79
C LEU A 110 8.39 0.66 6.24
N THR A 111 9.41 1.38 6.66
CA THR A 111 9.46 1.91 8.01
C THR A 111 8.51 3.10 8.14
N SER A 112 7.98 3.53 7.01
CA SER A 112 7.07 4.65 6.99
C SER A 112 5.64 4.18 7.30
N ILE A 113 5.44 2.88 7.13
CA ILE A 113 4.13 2.29 7.39
C ILE A 113 4.09 1.78 8.83
N GLY A 114 5.27 1.46 9.35
CA GLY A 114 5.38 0.96 10.71
C GLY A 114 6.19 -0.33 10.77
N GLU A 115 6.66 -0.73 9.58
CA GLU A 115 7.45 -1.94 9.49
C GLU A 115 8.89 -1.60 9.11
N LYS A 116 9.81 -2.03 9.97
CA LYS A 116 11.23 -1.77 9.75
C LYS A 116 11.93 -3.09 9.40
N LEU A 117 12.35 -3.19 8.15
CA LEU A 117 13.03 -4.39 7.69
C LEU A 117 14.54 -4.16 7.74
N THR A 118 15.24 -5.19 8.20
CA THR A 118 16.69 -5.11 8.31
C THR A 118 17.31 -4.87 6.93
N ASP A 119 18.40 -4.11 6.94
CA ASP A 119 19.10 -3.79 5.70
C ASP A 119 19.19 -5.05 4.85
N ALA A 120 19.32 -6.18 5.52
CA ALA A 120 19.42 -7.46 4.83
C ALA A 120 18.03 -7.89 4.36
N GLU A 121 17.07 -7.76 5.27
CA GLU A 121 15.70 -8.12 4.96
C GLU A 121 15.23 -7.41 3.69
N VAL A 122 15.55 -6.12 3.61
CA VAL A 122 15.17 -5.33 2.47
C VAL A 122 16.12 -5.61 1.30
N ASP A 123 17.41 -5.51 1.59
CA ASP A 123 18.42 -5.75 0.59
C ASP A 123 18.23 -7.15 0.00
N ASP A 124 17.54 -7.99 0.77
CA ASP A 124 17.28 -9.35 0.35
C ASP A 124 15.95 -9.39 -0.41
N MET A 125 15.02 -8.58 0.05
CA MET A 125 13.70 -8.52 -0.57
C MET A 125 13.80 -8.06 -2.02
N LEU A 126 14.77 -7.21 -2.27
CA LEU A 126 14.99 -6.69 -3.61
C LEU A 126 15.50 -7.82 -4.52
N ARG A 127 16.60 -8.41 -4.10
CA ARG A 127 17.20 -9.49 -4.86
C ARG A 127 16.12 -10.38 -5.47
N GLU A 128 14.99 -10.45 -4.76
CA GLU A 128 13.87 -11.25 -5.22
C GLU A 128 13.61 -11.01 -6.71
N VAL A 129 13.51 -9.73 -7.05
CA VAL A 129 13.26 -9.34 -8.44
C VAL A 129 14.23 -8.23 -8.83
N SER A 130 15.25 -8.05 -7.99
CA SER A 130 16.25 -7.03 -8.25
C SER A 130 17.49 -7.66 -8.89
N ASP A 131 17.35 -8.93 -9.25
CA ASP A 131 18.44 -9.66 -9.88
C ASP A 131 19.76 -9.27 -9.21
N GLY A 132 19.72 -9.23 -7.88
CA GLY A 132 20.90 -8.88 -7.11
C GLY A 132 21.47 -7.53 -7.57
N SER A 133 20.57 -6.57 -7.73
CA SER A 133 20.97 -5.24 -8.16
C SER A 133 21.00 -4.29 -6.96
N GLY A 134 19.81 -3.92 -6.52
CA GLY A 134 19.69 -3.02 -5.39
C GLY A 134 18.45 -2.12 -5.53
N GLU A 135 17.93 -2.09 -6.75
CA GLU A 135 16.75 -1.29 -7.03
C GLU A 135 15.74 -2.08 -7.85
N ILE A 136 14.48 -1.67 -7.76
CA ILE A 136 13.42 -2.34 -8.49
C ILE A 136 12.64 -1.30 -9.30
N ASN A 137 12.73 -1.42 -10.61
CA ASN A 137 12.04 -0.51 -11.51
C ASN A 137 10.54 -0.79 -11.45
N ILE A 138 9.80 -0.11 -12.32
CA ILE A 138 8.37 -0.28 -12.38
C ILE A 138 8.04 -1.74 -12.71
N GLN A 139 8.99 -2.40 -13.35
CA GLN A 139 8.81 -3.78 -13.73
C GLN A 139 9.16 -4.71 -12.56
N GLN A 140 10.39 -4.55 -12.08
CA GLN A 140 10.85 -5.36 -10.96
C GLN A 140 9.97 -5.13 -9.73
N PHE A 141 9.82 -3.87 -9.37
CA PHE A 141 9.01 -3.52 -8.22
C PHE A 141 7.65 -4.23 -8.27
N ALA A 142 7.12 -4.36 -9.48
CA ALA A 142 5.85 -5.02 -9.67
C ALA A 142 6.02 -6.53 -9.50
N ALA A 143 7.23 -6.98 -9.81
CA ALA A 143 7.54 -8.40 -9.69
C ALA A 143 7.19 -8.88 -8.29
N LEU A 144 7.64 -8.10 -7.31
CA LEU A 144 7.39 -8.43 -5.91
C LEU A 144 5.88 -8.53 -5.68
N LEU A 145 5.16 -7.58 -6.27
CA LEU A 145 3.72 -7.54 -6.12
C LEU A 145 3.11 -8.74 -6.86
N SER A 146 3.93 -9.36 -7.69
CA SER A 146 3.49 -10.52 -8.45
C SER A 146 4.62 -11.54 -8.56
N LYS A 147 5.17 -11.88 -7.40
CA LYS A 147 6.26 -12.84 -7.35
C LYS A 147 6.65 -13.07 -5.88
N GLY A 148 6.37 -14.29 -5.43
CA GLY A 148 6.69 -14.66 -4.06
C GLY A 148 7.07 -16.15 -3.97
N SER A 149 8.37 -16.39 -4.06
CA SER A 149 8.88 -17.75 -3.99
C SER A 149 8.75 -18.28 -2.55
N SER A 150 9.32 -17.52 -1.63
CA SER A 150 9.28 -17.91 -0.23
C SER A 150 8.05 -17.30 0.45
N THR A 151 6.98 -17.21 -0.33
CA THR A 151 5.74 -16.64 0.18
C THR A 151 4.66 -17.73 0.29
N GLY A 152 3.48 -17.30 0.69
CA GLY A 152 2.37 -18.23 0.84
C GLY A 152 1.18 -17.56 1.55
N THR A 153 1.36 -17.31 2.84
CA THR A 153 0.33 -16.68 3.64
C THR A 153 0.96 -15.72 4.66
N ARG A 154 2.23 -15.41 4.43
CA ARG A 154 2.95 -14.52 5.32
C ARG A 154 3.56 -13.36 4.53
N ARG A 155 4.26 -13.73 3.47
CA ARG A 155 4.90 -12.74 2.61
C ARG A 155 3.88 -12.10 1.69
N LYS A 156 2.77 -12.80 1.51
CA LYS A 156 1.71 -12.30 0.64
C LYS A 156 1.17 -10.99 1.20
N ALA A 157 1.29 -10.84 2.51
CA ALA A 157 0.83 -9.62 3.17
C ALA A 157 1.91 -8.54 3.06
N LEU A 158 3.13 -8.98 2.77
CA LEU A 158 4.24 -8.07 2.63
C LEU A 158 4.00 -7.16 1.42
N ARG A 159 3.86 -7.79 0.27
CA ARG A 159 3.63 -7.05 -0.97
C ARG A 159 2.34 -6.23 -0.85
N ASN A 160 1.45 -6.70 0.01
CA ASN A 160 0.19 -6.02 0.21
C ASN A 160 0.43 -4.70 0.96
N LYS A 161 1.44 -4.72 1.80
CA LYS A 161 1.80 -3.54 2.57
C LYS A 161 2.06 -2.37 1.62
N ILE A 162 2.47 -2.72 0.41
CA ILE A 162 2.78 -1.73 -0.60
C ILE A 162 1.51 -1.41 -1.39
N LEU A 163 0.63 -2.41 -1.48
CA LEU A 163 -0.62 -2.26 -2.20
C LEU A 163 -1.35 -1.01 -1.68
N ALA A 164 -1.64 -1.04 -0.39
CA ALA A 164 -2.34 0.07 0.25
C ALA A 164 -1.61 1.37 -0.08
N ILE A 165 -0.34 1.41 0.31
CA ILE A 165 0.47 2.58 0.07
C ILE A 165 0.24 3.08 -1.36
N ALA A 166 -0.15 2.16 -2.22
CA ALA A 166 -0.41 2.49 -3.61
C ALA A 166 -1.85 2.98 -3.76
N LYS A 167 -2.78 2.03 -3.63
CA LYS A 167 -4.19 2.36 -3.75
C LYS A 167 -4.49 3.63 -2.95
N VAL A 168 -4.30 3.52 -1.64
CA VAL A 168 -4.55 4.64 -0.75
C VAL A 168 -3.92 5.91 -1.35
N SER A 169 -2.70 5.75 -1.83
CA SER A 169 -1.98 6.86 -2.44
C SER A 169 -2.70 7.33 -3.71
N ARG A 170 -3.31 6.36 -4.38
CA ARG A 170 -4.04 6.65 -5.61
C ARG A 170 -5.32 7.41 -5.30
N MET A 171 -5.99 6.99 -4.22
CA MET A 171 -7.22 7.63 -3.81
C MET A 171 -7.09 9.15 -3.79
N PHE A 172 -5.86 9.60 -3.58
CA PHE A 172 -5.58 11.03 -3.54
C PHE A 172 -5.25 11.56 -4.95
N SER A 173 -4.77 10.66 -5.78
CA SER A 173 -4.42 11.02 -7.14
C SER A 173 -5.63 10.85 -8.06
N VAL A 174 -6.72 10.37 -7.47
CA VAL A 174 -7.95 10.15 -8.21
C VAL A 174 -9.00 11.16 -7.76
N LEU A 175 -9.15 11.26 -6.44
CA LEU A 175 -10.12 12.17 -5.86
C LEU A 175 -10.12 13.48 -6.66
N ARG A 176 -8.94 13.86 -7.10
CA ARG A 176 -8.78 15.09 -7.88
C ARG A 176 -9.87 15.16 -8.97
N GLY A 1 -19.89 -3.59 -8.07
CA GLY A 1 -18.83 -4.08 -7.21
C GLY A 1 -18.89 -5.60 -7.07
N SER A 2 -17.74 -6.23 -7.23
CA SER A 2 -17.65 -7.68 -7.14
C SER A 2 -16.32 -8.07 -6.48
N SER A 3 -16.41 -9.05 -5.59
CA SER A 3 -15.23 -9.53 -4.89
C SER A 3 -15.05 -11.03 -5.14
N ASN A 4 -13.79 -11.46 -5.07
CA ASN A 4 -13.47 -12.86 -5.28
C ASN A 4 -12.34 -13.27 -4.33
N LEU A 5 -12.38 -12.70 -3.14
CA LEU A 5 -11.37 -12.99 -2.14
C LEU A 5 -11.91 -14.03 -1.16
N THR A 6 -11.00 -14.87 -0.68
CA THR A 6 -11.38 -15.92 0.26
C THR A 6 -11.15 -15.45 1.70
N GLU A 7 -11.66 -16.24 2.63
CA GLU A 7 -11.52 -15.91 4.05
C GLU A 7 -10.05 -15.74 4.40
N GLU A 8 -9.19 -16.29 3.57
CA GLU A 8 -7.75 -16.21 3.80
C GLU A 8 -7.21 -14.90 3.24
N GLN A 9 -7.95 -14.35 2.28
CA GLN A 9 -7.55 -13.09 1.65
C GLN A 9 -7.97 -11.91 2.53
N ILE A 10 -9.10 -12.08 3.19
CA ILE A 10 -9.62 -11.03 4.06
C ILE A 10 -8.63 -10.78 5.19
N ALA A 11 -7.88 -11.83 5.53
CA ALA A 11 -6.89 -11.73 6.59
C ALA A 11 -5.67 -10.96 6.07
N GLU A 12 -5.64 -10.77 4.76
CA GLU A 12 -4.54 -10.06 4.14
C GLU A 12 -4.75 -8.55 4.28
N PHE A 13 -5.79 -8.07 3.63
CA PHE A 13 -6.12 -6.65 3.66
C PHE A 13 -6.00 -6.10 5.08
N LYS A 14 -6.17 -7.00 6.05
CA LYS A 14 -6.09 -6.61 7.44
C LYS A 14 -4.75 -5.94 7.71
N GLU A 15 -3.69 -6.55 7.19
CA GLU A 15 -2.35 -6.03 7.35
C GLU A 15 -2.26 -4.62 6.75
N ALA A 16 -2.95 -4.44 5.63
CA ALA A 16 -2.94 -3.16 4.95
C ALA A 16 -3.83 -2.18 5.72
N PHE A 17 -4.63 -2.73 6.61
CA PHE A 17 -5.53 -1.92 7.42
C PHE A 17 -4.79 -1.28 8.59
N ALA A 18 -4.00 -2.09 9.27
CA ALA A 18 -3.23 -1.62 10.40
C ALA A 18 -2.41 -0.39 9.99
N LEU A 19 -2.06 -0.37 8.71
CA LEU A 19 -1.27 0.73 8.17
C LEU A 19 -1.77 2.05 8.77
N PHE A 20 -3.09 2.17 8.86
CA PHE A 20 -3.72 3.35 9.40
C PHE A 20 -4.35 3.06 10.77
N ASP A 21 -4.96 1.89 10.86
CA ASP A 21 -5.61 1.48 12.10
C ASP A 21 -4.54 1.27 13.18
N LYS A 22 -4.19 2.38 13.83
CA LYS A 22 -3.19 2.33 14.89
C LYS A 22 -3.74 1.51 16.07
N ASP A 23 -4.74 2.05 16.69
CA ASP A 23 -5.36 1.35 17.85
C ASP A 23 -6.18 0.15 17.36
N ASN A 24 -6.50 0.12 16.07
CA ASN A 24 -7.28 -0.97 15.52
C ASN A 24 -8.67 -0.99 16.18
N ASN A 25 -9.40 0.09 15.96
CA ASN A 25 -10.74 0.21 16.52
C ASN A 25 -11.77 -0.15 15.46
N GLY A 26 -11.27 -0.42 14.25
CA GLY A 26 -12.14 -0.78 13.15
C GLY A 26 -12.67 0.47 12.44
N SER A 27 -11.85 1.50 12.44
CA SER A 27 -12.23 2.75 11.80
C SER A 27 -11.00 3.68 11.69
N ILE A 28 -10.58 3.89 10.46
CA ILE A 28 -9.44 4.75 10.20
C ILE A 28 -9.91 6.18 9.96
N SER A 29 -9.76 7.00 11.00
CA SER A 29 -10.18 8.39 10.91
C SER A 29 -9.26 9.15 9.96
N SER A 30 -9.72 10.32 9.55
CA SER A 30 -8.95 11.16 8.64
C SER A 30 -7.56 11.41 9.21
N SER A 31 -7.53 11.66 10.52
CA SER A 31 -6.27 11.92 11.20
C SER A 31 -5.39 10.68 11.17
N GLU A 32 -6.02 9.55 10.90
CA GLU A 32 -5.31 8.28 10.83
C GLU A 32 -4.82 8.03 9.40
N LEU A 33 -5.74 8.17 8.46
CA LEU A 33 -5.43 7.96 7.06
C LEU A 33 -4.29 8.90 6.65
N ALA A 34 -4.40 10.14 7.10
CA ALA A 34 -3.39 11.13 6.80
C ALA A 34 -2.11 10.83 7.56
N THR A 35 -2.24 9.92 8.53
CA THR A 35 -1.11 9.52 9.34
C THR A 35 -0.12 8.68 8.53
N VAL A 36 -0.68 7.98 7.55
CA VAL A 36 0.12 7.12 6.69
C VAL A 36 0.58 7.92 5.47
N MET A 37 -0.39 8.39 4.71
CA MET A 37 -0.11 9.16 3.52
C MET A 37 1.10 10.08 3.74
N ARG A 38 1.02 10.86 4.82
CA ARG A 38 2.09 11.78 5.15
C ARG A 38 3.38 11.01 5.43
N SER A 39 3.23 9.91 6.15
CA SER A 39 4.38 9.08 6.49
C SER A 39 5.07 8.60 5.23
N LEU A 40 4.30 8.51 4.16
CA LEU A 40 4.83 8.06 2.88
C LEU A 40 5.57 9.22 2.22
N GLY A 41 5.25 10.43 2.64
CA GLY A 41 5.88 11.61 2.10
C GLY A 41 4.84 12.59 1.56
N LEU A 42 3.58 12.19 1.69
CA LEU A 42 2.49 13.02 1.21
C LEU A 42 2.19 14.11 2.24
N SER A 43 1.16 14.89 1.95
CA SER A 43 0.77 15.97 2.84
C SER A 43 -0.66 16.43 2.51
N PRO A 44 -1.60 15.47 2.65
CA PRO A 44 -3.00 15.75 2.37
C PRO A 44 -3.63 16.58 3.50
N SER A 45 -4.58 17.42 3.12
CA SER A 45 -5.26 18.26 4.09
C SER A 45 -6.51 17.55 4.61
N GLU A 46 -6.72 17.70 5.91
CA GLU A 46 -7.88 17.09 6.55
C GLU A 46 -9.14 17.36 5.75
N ALA A 47 -9.13 18.48 5.04
CA ALA A 47 -10.27 18.87 4.23
C ALA A 47 -10.47 17.84 3.11
N GLU A 48 -9.38 17.51 2.44
CA GLU A 48 -9.44 16.54 1.36
C GLU A 48 -9.53 15.13 1.91
N VAL A 49 -8.62 14.82 2.83
CA VAL A 49 -8.59 13.50 3.45
C VAL A 49 -10.02 13.05 3.73
N ASN A 50 -10.89 14.03 3.97
CA ASN A 50 -12.29 13.74 4.25
C ASN A 50 -12.99 13.33 2.96
N ASP A 51 -13.10 14.29 2.06
CA ASP A 51 -13.75 14.05 0.78
C ASP A 51 -13.17 12.78 0.15
N LEU A 52 -11.96 12.44 0.59
CA LEU A 52 -11.28 11.26 0.08
C LEU A 52 -11.82 10.03 0.81
N MET A 53 -11.61 10.01 2.12
CA MET A 53 -12.06 8.90 2.95
C MET A 53 -13.58 8.78 2.91
N ASN A 54 -14.22 9.82 2.39
CA ASN A 54 -15.67 9.83 2.30
C ASN A 54 -16.09 9.20 0.97
N GLU A 55 -15.12 9.04 0.09
CA GLU A 55 -15.39 8.45 -1.22
C GLU A 55 -15.42 6.93 -1.10
N ILE A 56 -15.01 6.43 0.05
CA ILE A 56 -15.00 5.00 0.29
C ILE A 56 -15.95 4.68 1.45
N ASP A 57 -15.89 5.49 2.48
CA ASP A 57 -16.74 5.30 3.64
C ASP A 57 -18.11 4.83 3.18
N VAL A 58 -18.48 3.64 3.64
CA VAL A 58 -19.78 3.07 3.29
C VAL A 58 -20.80 3.46 4.35
N ASP A 59 -20.32 3.58 5.56
CA ASP A 59 -21.23 3.96 6.69
C ASP A 59 -21.22 5.49 6.87
N GLY A 60 -20.36 6.19 6.16
CA GLY A 60 -20.29 7.63 6.28
C GLY A 60 -20.03 8.05 7.73
N ASN A 61 -19.13 7.32 8.38
CA ASN A 61 -18.79 7.60 9.76
C ASN A 61 -17.52 8.44 9.80
N HIS A 62 -17.14 8.96 8.63
CA HIS A 62 -15.95 9.78 8.53
C HIS A 62 -14.71 8.94 8.87
N GLN A 63 -14.80 7.66 8.52
CA GLN A 63 -13.70 6.75 8.79
C GLN A 63 -13.72 5.59 7.77
N ILE A 64 -12.79 4.67 7.96
CA ILE A 64 -12.69 3.52 7.07
C ILE A 64 -12.63 2.24 7.92
N GLU A 65 -13.52 1.32 7.60
CA GLU A 65 -13.59 0.06 8.31
C GLU A 65 -12.79 -1.01 7.57
N PHE A 66 -12.68 -2.18 8.20
CA PHE A 66 -11.95 -3.28 7.59
C PHE A 66 -12.73 -3.90 6.44
N SER A 67 -14.00 -3.53 6.37
CA SER A 67 -14.88 -4.05 5.32
C SER A 67 -14.80 -3.14 4.09
N GLU A 68 -14.84 -1.84 4.35
CA GLU A 68 -14.78 -0.86 3.29
C GLU A 68 -13.37 -0.81 2.69
N PHE A 69 -12.39 -0.73 3.58
CA PHE A 69 -11.00 -0.68 3.15
C PHE A 69 -10.66 -1.87 2.24
N LEU A 70 -11.13 -3.04 2.65
CA LEU A 70 -10.88 -4.24 1.88
C LEU A 70 -11.73 -4.22 0.61
N ALA A 71 -12.93 -3.68 0.74
CA ALA A 71 -13.84 -3.59 -0.38
C ALA A 71 -13.36 -2.50 -1.33
N LEU A 72 -12.44 -1.69 -0.83
CA LEU A 72 -11.89 -0.60 -1.63
C LEU A 72 -10.89 -1.17 -2.64
N MET A 73 -9.97 -1.98 -2.12
CA MET A 73 -8.95 -2.59 -2.96
C MET A 73 -9.59 -3.46 -4.05
N SER A 74 -10.61 -4.21 -3.66
CA SER A 74 -11.30 -5.08 -4.59
C SER A 74 -12.16 -4.24 -5.54
N ARG A 75 -12.20 -2.94 -5.27
CA ARG A 75 -12.98 -2.02 -6.09
C ARG A 75 -12.14 -0.79 -6.43
N GLN A 76 -10.83 -0.99 -6.50
CA GLN A 76 -9.92 0.09 -6.82
C GLN A 76 -9.13 -0.24 -8.08
N LEU A 77 -9.58 -1.26 -8.78
CA LEU A 77 -8.93 -1.69 -10.00
C LEU A 77 -9.98 -2.28 -10.96
N LYS A 78 -9.57 -2.42 -12.20
CA LYS A 78 -10.45 -2.97 -13.23
C LYS A 78 -9.67 -3.96 -14.10
N SER A 79 -8.73 -3.40 -14.85
CA SER A 79 -7.90 -4.21 -15.74
C SER A 79 -6.46 -4.21 -15.25
N ASN A 80 -5.78 -3.10 -15.50
CA ASN A 80 -4.39 -2.96 -15.09
C ASN A 80 -4.32 -2.70 -13.59
N ASP A 81 -4.85 -3.65 -12.84
CA ASP A 81 -4.86 -3.53 -11.38
C ASP A 81 -3.44 -3.27 -10.89
N SER A 82 -2.73 -4.36 -10.63
CA SER A 82 -1.36 -4.26 -10.16
C SER A 82 -0.64 -3.08 -10.82
N GLU A 83 -0.60 -3.14 -12.15
CA GLU A 83 0.05 -2.08 -12.92
C GLU A 83 -0.28 -0.72 -12.31
N GLN A 84 -1.56 -0.48 -12.07
CA GLN A 84 -2.00 0.78 -11.50
C GLN A 84 -1.25 1.05 -10.20
N GLU A 85 -1.45 0.17 -9.23
CA GLU A 85 -0.80 0.29 -7.94
C GLU A 85 0.71 0.20 -8.09
N LEU A 86 1.13 -0.23 -9.27
CA LEU A 86 2.55 -0.37 -9.55
C LEU A 86 3.14 1.01 -9.87
N LEU A 87 2.70 1.56 -10.99
CA LEU A 87 3.18 2.86 -11.42
C LEU A 87 3.08 3.85 -10.25
N GLU A 88 1.99 3.73 -9.52
CA GLU A 88 1.76 4.59 -8.37
C GLU A 88 2.74 4.26 -7.25
N ALA A 89 2.67 3.02 -6.79
CA ALA A 89 3.55 2.57 -5.72
C ALA A 89 5.01 2.69 -6.18
N PHE A 90 5.17 2.89 -7.48
CA PHE A 90 6.50 3.01 -8.06
C PHE A 90 6.99 4.46 -7.97
N LYS A 91 6.10 5.38 -8.32
CA LYS A 91 6.43 6.80 -8.29
C LYS A 91 6.29 7.32 -6.86
N VAL A 92 5.84 6.43 -5.98
CA VAL A 92 5.65 6.78 -4.59
C VAL A 92 6.86 6.31 -3.78
N PHE A 93 7.32 5.10 -4.09
CA PHE A 93 8.45 4.53 -3.41
C PHE A 93 9.75 5.26 -3.78
N ASP A 94 9.83 5.62 -5.04
CA ASP A 94 11.04 6.34 -5.53
C ASP A 94 11.03 7.77 -5.00
N LYS A 95 11.81 8.05 -3.96
CA LYS A 95 11.86 9.39 -3.40
C LYS A 95 12.91 10.21 -4.15
N ASN A 96 13.95 9.52 -4.60
CA ASN A 96 15.02 10.17 -5.32
C ASN A 96 14.58 10.45 -6.76
N GLY A 97 13.97 9.44 -7.36
CA GLY A 97 13.48 9.55 -8.72
C GLY A 97 14.57 9.17 -9.73
N ASP A 98 14.76 7.86 -9.86
CA ASP A 98 15.77 7.34 -10.78
C ASP A 98 15.21 6.12 -11.50
N GLY A 99 13.91 5.91 -11.33
CA GLY A 99 13.24 4.78 -11.95
C GLY A 99 13.70 3.46 -11.33
N LEU A 100 14.25 3.57 -10.12
CA LEU A 100 14.73 2.39 -9.41
C LEU A 100 14.60 2.64 -7.91
N ILE A 101 13.68 1.91 -7.29
CA ILE A 101 13.46 2.04 -5.86
C ILE A 101 14.58 1.32 -5.11
N SER A 102 15.50 2.11 -4.57
CA SER A 102 16.62 1.56 -3.82
C SER A 102 16.14 1.02 -2.48
N ALA A 103 17.07 0.45 -1.75
CA ALA A 103 16.76 -0.12 -0.45
C ALA A 103 15.93 0.88 0.36
N ALA A 104 16.58 1.96 0.77
CA ALA A 104 15.92 3.00 1.54
C ALA A 104 14.52 3.23 0.97
N GLU A 105 14.49 3.73 -0.25
CA GLU A 105 13.23 4.01 -0.92
C GLU A 105 12.22 2.90 -0.60
N LEU A 106 12.74 1.71 -0.37
CA LEU A 106 11.89 0.57 -0.07
C LEU A 106 11.77 0.43 1.46
N LYS A 107 12.86 -0.02 2.07
CA LYS A 107 12.88 -0.19 3.51
C LYS A 107 12.29 1.04 4.18
N HIS A 108 12.88 2.18 3.90
CA HIS A 108 12.42 3.43 4.46
C HIS A 108 10.90 3.54 4.30
N VAL A 109 10.43 3.13 3.13
CA VAL A 109 9.00 3.17 2.84
C VAL A 109 8.27 2.23 3.79
N LEU A 110 8.70 0.98 3.78
CA LEU A 110 8.08 -0.03 4.64
C LEU A 110 8.22 0.40 6.10
N THR A 111 9.20 1.26 6.35
CA THR A 111 9.44 1.75 7.69
C THR A 111 8.53 2.95 7.98
N SER A 112 8.01 3.53 6.91
CA SER A 112 7.13 4.68 7.05
C SER A 112 5.75 4.24 7.53
N ILE A 113 5.53 2.93 7.48
CA ILE A 113 4.26 2.36 7.90
C ILE A 113 4.46 1.62 9.22
N GLY A 114 5.66 1.09 9.39
CA GLY A 114 6.00 0.34 10.59
C GLY A 114 6.98 -0.78 10.30
N GLU A 115 6.86 -1.32 9.09
CA GLU A 115 7.73 -2.40 8.66
C GLU A 115 9.19 -1.92 8.60
N LYS A 116 9.98 -2.44 9.53
CA LYS A 116 11.39 -2.07 9.58
C LYS A 116 12.25 -3.30 9.27
N LEU A 117 12.57 -3.44 7.99
CA LEU A 117 13.37 -4.57 7.54
C LEU A 117 14.86 -4.19 7.63
N THR A 118 15.65 -5.12 8.15
CA THR A 118 17.07 -4.90 8.29
C THR A 118 17.73 -4.76 6.91
N ASP A 119 18.85 -4.04 6.90
CA ASP A 119 19.57 -3.82 5.67
C ASP A 119 19.69 -5.14 4.91
N ALA A 120 19.94 -6.21 5.67
CA ALA A 120 20.08 -7.52 5.08
C ALA A 120 18.72 -7.98 4.54
N GLU A 121 17.68 -7.66 5.30
CA GLU A 121 16.33 -8.03 4.90
C GLU A 121 15.94 -7.33 3.60
N VAL A 122 15.96 -6.01 3.65
CA VAL A 122 15.61 -5.21 2.49
C VAL A 122 16.56 -5.55 1.33
N ASP A 123 17.85 -5.40 1.61
CA ASP A 123 18.87 -5.70 0.61
C ASP A 123 18.65 -7.11 0.06
N ASP A 124 17.94 -7.91 0.85
CA ASP A 124 17.66 -9.28 0.45
C ASP A 124 16.32 -9.32 -0.28
N MET A 125 15.45 -8.38 0.08
CA MET A 125 14.14 -8.30 -0.53
C MET A 125 14.24 -7.91 -2.01
N LEU A 126 15.13 -6.97 -2.28
CA LEU A 126 15.33 -6.51 -3.64
C LEU A 126 15.79 -7.68 -4.51
N ARG A 127 16.86 -8.32 -4.07
CA ARG A 127 17.41 -9.45 -4.80
C ARG A 127 16.27 -10.31 -5.38
N GLU A 128 15.15 -10.30 -4.67
CA GLU A 128 13.99 -11.07 -5.11
C GLU A 128 13.76 -10.87 -6.60
N VAL A 129 13.76 -9.61 -7.01
CA VAL A 129 13.54 -9.29 -8.42
C VAL A 129 14.62 -8.28 -8.87
N SER A 130 15.61 -8.10 -8.00
CA SER A 130 16.69 -7.17 -8.29
C SER A 130 17.89 -7.95 -8.85
N ASP A 131 17.70 -9.24 -9.01
CA ASP A 131 18.75 -10.11 -9.52
C ASP A 131 20.09 -9.69 -8.90
N GLY A 132 20.01 -9.22 -7.67
CA GLY A 132 21.20 -8.79 -6.94
C GLY A 132 21.77 -7.52 -7.55
N SER A 133 20.89 -6.56 -7.81
CA SER A 133 21.29 -5.29 -8.38
C SER A 133 21.46 -4.25 -7.28
N GLY A 134 20.33 -3.82 -6.73
CA GLY A 134 20.35 -2.82 -5.67
C GLY A 134 19.12 -1.93 -5.73
N GLU A 135 18.44 -1.99 -6.87
CA GLU A 135 17.24 -1.19 -7.08
C GLU A 135 16.24 -1.96 -7.94
N ILE A 136 15.00 -1.49 -7.91
CA ILE A 136 13.94 -2.12 -8.68
C ILE A 136 13.17 -1.04 -9.46
N ASN A 137 12.99 -1.31 -10.75
CA ASN A 137 12.28 -0.37 -11.61
C ASN A 137 10.82 -0.80 -11.73
N ILE A 138 10.09 -0.07 -12.56
CA ILE A 138 8.68 -0.38 -12.78
C ILE A 138 8.53 -1.85 -13.18
N GLN A 139 9.65 -2.41 -13.66
CA GLN A 139 9.66 -3.79 -14.09
C GLN A 139 9.94 -4.72 -12.90
N GLN A 140 11.05 -4.45 -12.23
CA GLN A 140 11.45 -5.24 -11.09
C GLN A 140 10.45 -5.06 -9.94
N PHE A 141 10.27 -3.81 -9.54
CA PHE A 141 9.35 -3.50 -8.46
C PHE A 141 8.03 -4.24 -8.64
N ALA A 142 7.53 -4.19 -9.86
CA ALA A 142 6.26 -4.85 -10.19
C ALA A 142 6.42 -6.36 -9.95
N ALA A 143 7.63 -6.84 -10.19
CA ALA A 143 7.92 -8.25 -10.03
C ALA A 143 7.62 -8.66 -8.58
N LEU A 144 7.57 -7.66 -7.71
CA LEU A 144 7.30 -7.89 -6.30
C LEU A 144 5.82 -8.27 -6.13
N LEU A 145 4.97 -7.29 -6.41
CA LEU A 145 3.53 -7.50 -6.30
C LEU A 145 3.14 -8.79 -7.02
N SER A 146 4.00 -9.19 -7.95
CA SER A 146 3.76 -10.40 -8.72
C SER A 146 4.71 -11.50 -8.27
N LYS A 147 4.93 -11.55 -6.96
CA LYS A 147 5.81 -12.56 -6.39
C LYS A 147 5.06 -13.33 -5.30
N GLY A 148 4.35 -14.35 -5.73
CA GLY A 148 3.59 -15.17 -4.80
C GLY A 148 3.96 -16.66 -4.93
N SER A 149 5.26 -16.89 -5.09
CA SER A 149 5.76 -18.24 -5.23
C SER A 149 6.04 -18.84 -3.86
N SER A 150 6.93 -18.18 -3.12
CA SER A 150 7.30 -18.64 -1.80
C SER A 150 6.39 -17.98 -0.75
N THR A 151 5.21 -17.56 -1.21
CA THR A 151 4.26 -16.93 -0.33
C THR A 151 3.01 -17.79 -0.19
N GLY A 152 1.93 -17.14 0.22
CA GLY A 152 0.66 -17.84 0.40
C GLY A 152 -0.31 -17.00 1.25
N THR A 153 0.26 -16.37 2.27
CA THR A 153 -0.55 -15.54 3.16
C THR A 153 0.34 -14.50 3.86
N ARG A 154 1.49 -14.97 4.30
CA ARG A 154 2.43 -14.10 4.99
C ARG A 154 3.15 -13.19 3.99
N ARG A 155 4.00 -13.82 3.18
CA ARG A 155 4.75 -13.08 2.17
C ARG A 155 3.79 -12.32 1.25
N LYS A 156 2.71 -12.99 0.88
CA LYS A 156 1.72 -12.39 0.01
C LYS A 156 1.15 -11.14 0.68
N ALA A 157 1.33 -11.07 1.99
CA ALA A 157 0.84 -9.94 2.76
C ALA A 157 1.94 -8.89 2.87
N LEU A 158 3.17 -9.34 2.61
CA LEU A 158 4.32 -8.45 2.68
C LEU A 158 4.16 -7.33 1.65
N ARG A 159 3.90 -7.74 0.42
CA ARG A 159 3.73 -6.79 -0.67
C ARG A 159 2.38 -6.08 -0.55
N ASN A 160 1.44 -6.77 0.10
CA ASN A 160 0.11 -6.22 0.30
C ASN A 160 0.21 -4.89 1.04
N LYS A 161 1.23 -4.81 1.89
CA LYS A 161 1.45 -3.60 2.68
C LYS A 161 1.66 -2.42 1.72
N ILE A 162 2.13 -2.74 0.52
CA ILE A 162 2.39 -1.72 -0.48
C ILE A 162 1.11 -1.48 -1.29
N LEU A 163 0.35 -2.54 -1.48
CA LEU A 163 -0.89 -2.45 -2.23
C LEU A 163 -1.71 -1.28 -1.70
N ALA A 164 -1.78 -1.18 -0.38
CA ALA A 164 -2.53 -0.11 0.26
C ALA A 164 -1.77 1.21 0.08
N ILE A 165 -0.51 1.19 0.48
CA ILE A 165 0.33 2.37 0.37
C ILE A 165 0.19 2.95 -1.03
N ALA A 166 -0.19 2.10 -1.97
CA ALA A 166 -0.36 2.53 -3.35
C ALA A 166 -1.76 3.12 -3.53
N LYS A 167 -2.75 2.25 -3.49
CA LYS A 167 -4.13 2.67 -3.64
C LYS A 167 -4.37 3.92 -2.80
N VAL A 168 -4.28 3.73 -1.49
CA VAL A 168 -4.49 4.84 -0.56
C VAL A 168 -3.87 6.11 -1.14
N SER A 169 -2.79 5.92 -1.90
CA SER A 169 -2.11 7.03 -2.51
C SER A 169 -2.92 7.57 -3.69
N ARG A 170 -3.26 6.66 -4.59
CA ARG A 170 -4.04 7.03 -5.76
C ARG A 170 -5.34 7.72 -5.35
N MET A 171 -5.96 7.17 -4.31
CA MET A 171 -7.20 7.72 -3.81
C MET A 171 -7.14 9.25 -3.74
N PHE A 172 -6.06 9.74 -3.15
CA PHE A 172 -5.87 11.17 -3.02
C PHE A 172 -6.06 11.88 -4.36
N SER A 173 -5.61 11.22 -5.41
CA SER A 173 -5.73 11.77 -6.76
C SER A 173 -7.17 11.65 -7.24
N VAL A 174 -7.88 10.66 -6.70
CA VAL A 174 -9.27 10.44 -7.07
C VAL A 174 -10.14 11.50 -6.42
N LEU A 175 -9.97 11.64 -5.10
CA LEU A 175 -10.74 12.62 -4.35
C LEU A 175 -10.86 13.90 -5.18
N ARG A 176 -9.78 14.24 -5.86
CA ARG A 176 -9.77 15.44 -6.69
C ARG A 176 -11.06 15.55 -7.49
N GLY A 1 -19.33 -5.55 -1.61
CA GLY A 1 -18.64 -5.07 -2.79
C GLY A 1 -18.37 -6.21 -3.79
N SER A 2 -17.92 -5.82 -4.97
CA SER A 2 -17.63 -6.80 -6.00
C SER A 2 -16.29 -7.48 -5.70
N SER A 3 -16.21 -8.07 -4.53
CA SER A 3 -15.00 -8.77 -4.12
C SER A 3 -15.30 -10.24 -3.85
N ASN A 4 -14.35 -11.09 -4.23
CA ASN A 4 -14.51 -12.52 -4.03
C ASN A 4 -13.29 -13.06 -3.28
N LEU A 5 -13.21 -12.70 -2.01
CA LEU A 5 -12.10 -13.15 -1.17
C LEU A 5 -12.64 -14.07 -0.07
N THR A 6 -11.71 -14.65 0.66
CA THR A 6 -12.06 -15.55 1.74
C THR A 6 -11.60 -14.99 3.08
N GLU A 7 -12.09 -15.60 4.15
CA GLU A 7 -11.74 -15.17 5.49
C GLU A 7 -10.22 -15.10 5.64
N GLU A 8 -9.54 -16.02 4.98
CA GLU A 8 -8.09 -16.07 5.03
C GLU A 8 -7.49 -14.89 4.25
N GLN A 9 -8.26 -14.40 3.30
CA GLN A 9 -7.83 -13.28 2.48
C GLN A 9 -7.99 -11.96 3.25
N ILE A 10 -9.07 -11.89 4.03
CA ILE A 10 -9.34 -10.72 4.81
C ILE A 10 -8.23 -10.51 5.84
N ALA A 11 -7.53 -11.59 6.13
CA ALA A 11 -6.44 -11.56 7.08
C ALA A 11 -5.25 -10.82 6.47
N GLU A 12 -5.28 -10.70 5.15
CA GLU A 12 -4.23 -10.02 4.42
C GLU A 12 -4.41 -8.51 4.50
N PHE A 13 -5.48 -8.04 3.87
CA PHE A 13 -5.78 -6.62 3.86
C PHE A 13 -5.57 -6.00 5.24
N LYS A 14 -5.70 -6.85 6.26
CA LYS A 14 -5.53 -6.40 7.63
C LYS A 14 -4.19 -5.67 7.76
N GLU A 15 -3.16 -6.29 7.21
CA GLU A 15 -1.83 -5.70 7.25
C GLU A 15 -1.85 -4.29 6.65
N ALA A 16 -2.49 -4.18 5.50
CA ALA A 16 -2.59 -2.90 4.82
C ALA A 16 -3.44 -1.95 5.66
N PHE A 17 -4.15 -2.51 6.62
CA PHE A 17 -4.99 -1.73 7.50
C PHE A 17 -4.19 -1.17 8.67
N ALA A 18 -3.26 -1.98 9.15
CA ALA A 18 -2.42 -1.58 10.27
C ALA A 18 -1.54 -0.39 9.85
N LEU A 19 -1.49 -0.17 8.54
CA LEU A 19 -0.69 0.92 8.00
C LEU A 19 -1.15 2.24 8.63
N PHE A 20 -2.46 2.35 8.79
CA PHE A 20 -3.04 3.56 9.37
C PHE A 20 -3.59 3.28 10.77
N ASP A 21 -4.30 2.17 10.89
CA ASP A 21 -4.88 1.79 12.16
C ASP A 21 -3.79 1.80 13.23
N LYS A 22 -3.68 2.95 13.90
CA LYS A 22 -2.69 3.10 14.96
C LYS A 22 -3.09 2.24 16.15
N ASP A 23 -4.16 2.62 16.78
CA ASP A 23 -4.66 1.87 17.96
C ASP A 23 -5.29 0.55 17.51
N ASN A 24 -5.69 0.45 16.25
CA ASN A 24 -6.30 -0.76 15.75
C ASN A 24 -7.69 -0.93 16.38
N ASN A 25 -8.54 0.06 16.12
CA ASN A 25 -9.88 0.03 16.66
C ASN A 25 -10.84 -0.48 15.58
N GLY A 26 -10.42 -0.33 14.33
CA GLY A 26 -11.22 -0.77 13.21
C GLY A 26 -11.85 0.41 12.49
N SER A 27 -11.05 1.46 12.34
CA SER A 27 -11.52 2.66 11.67
C SER A 27 -10.34 3.60 11.39
N ILE A 28 -10.07 3.81 10.11
CA ILE A 28 -8.98 4.68 9.70
C ILE A 28 -9.55 6.03 9.27
N SER A 29 -9.59 6.95 10.21
CA SER A 29 -10.10 8.28 9.94
C SER A 29 -9.15 9.03 8.98
N SER A 30 -9.41 10.31 8.83
CA SER A 30 -8.60 11.14 7.96
C SER A 30 -7.25 11.43 8.62
N SER A 31 -7.24 11.34 9.94
CA SER A 31 -6.03 11.59 10.70
C SER A 31 -5.07 10.40 10.58
N GLU A 32 -5.67 9.23 10.36
CA GLU A 32 -4.89 8.01 10.21
C GLU A 32 -4.53 7.78 8.75
N LEU A 33 -5.46 8.12 7.88
CA LEU A 33 -5.25 7.95 6.45
C LEU A 33 -4.18 8.94 5.98
N ALA A 34 -4.44 10.21 6.23
CA ALA A 34 -3.51 11.26 5.84
C ALA A 34 -2.20 11.07 6.61
N THR A 35 -2.25 10.23 7.62
CA THR A 35 -1.08 9.96 8.44
C THR A 35 -0.09 9.07 7.67
N VAL A 36 -0.65 8.15 6.90
CA VAL A 36 0.16 7.24 6.12
C VAL A 36 0.68 7.96 4.87
N MET A 37 -0.25 8.35 4.02
CA MET A 37 0.08 9.05 2.79
C MET A 37 1.24 10.02 3.02
N ARG A 38 1.07 10.86 4.03
CA ARG A 38 2.10 11.84 4.37
C ARG A 38 3.39 11.14 4.76
N SER A 39 3.24 10.07 5.52
CA SER A 39 4.40 9.30 5.97
C SER A 39 5.20 8.80 4.77
N LEU A 40 4.55 8.84 3.61
CA LEU A 40 5.18 8.40 2.39
C LEU A 40 5.83 9.59 1.68
N GLY A 41 5.35 10.77 2.04
CA GLY A 41 5.87 12.00 1.46
C GLY A 41 4.73 12.83 0.83
N LEU A 42 3.52 12.30 0.95
CA LEU A 42 2.36 12.97 0.41
C LEU A 42 1.96 14.12 1.34
N SER A 43 0.93 14.85 0.92
CA SER A 43 0.44 15.97 1.71
C SER A 43 -1.01 16.28 1.32
N PRO A 44 -1.90 15.26 1.49
CA PRO A 44 -3.30 15.42 1.16
C PRO A 44 -4.02 16.27 2.21
N SER A 45 -4.87 17.16 1.73
CA SER A 45 -5.62 18.03 2.62
C SER A 45 -6.76 17.26 3.26
N GLU A 46 -6.99 17.54 4.53
CA GLU A 46 -8.04 16.88 5.28
C GLU A 46 -9.38 17.06 4.57
N ALA A 47 -9.47 18.14 3.81
CA ALA A 47 -10.69 18.45 3.07
C ALA A 47 -10.94 17.35 2.03
N GLU A 48 -9.88 17.05 1.29
CA GLU A 48 -9.97 16.03 0.25
C GLU A 48 -9.99 14.63 0.89
N VAL A 49 -9.02 14.40 1.75
CA VAL A 49 -8.91 13.12 2.43
C VAL A 49 -10.30 12.64 2.82
N ASN A 50 -11.18 13.59 3.07
CA ASN A 50 -12.55 13.27 3.44
C ASN A 50 -13.31 12.80 2.20
N ASP A 51 -13.50 13.72 1.27
CA ASP A 51 -14.22 13.41 0.04
C ASP A 51 -13.66 12.12 -0.54
N LEU A 52 -12.43 11.81 -0.19
CA LEU A 52 -11.77 10.60 -0.66
C LEU A 52 -12.34 9.39 0.07
N MET A 53 -12.02 9.33 1.36
CA MET A 53 -12.49 8.23 2.19
C MET A 53 -14.02 8.21 2.26
N ASN A 54 -14.62 9.30 1.79
CA ASN A 54 -16.07 9.41 1.79
C ASN A 54 -16.64 8.60 0.62
N GLU A 55 -15.74 8.12 -0.21
CA GLU A 55 -16.14 7.34 -1.37
C GLU A 55 -15.97 5.84 -1.08
N ILE A 56 -15.29 5.56 0.02
CA ILE A 56 -15.06 4.18 0.42
C ILE A 56 -15.92 3.86 1.64
N ASP A 57 -15.78 4.70 2.66
CA ASP A 57 -16.53 4.51 3.89
C ASP A 57 -17.94 4.02 3.55
N VAL A 58 -18.29 2.87 4.11
CA VAL A 58 -19.60 2.29 3.88
C VAL A 58 -20.62 2.96 4.81
N ASP A 59 -20.16 3.30 5.98
CA ASP A 59 -21.05 3.96 6.97
C ASP A 59 -20.85 5.48 6.92
N GLY A 60 -19.86 5.95 6.17
CA GLY A 60 -19.60 7.37 6.08
C GLY A 60 -19.33 7.97 7.46
N ASN A 61 -18.56 7.23 8.24
CA ASN A 61 -18.21 7.67 9.58
C ASN A 61 -16.88 8.44 9.53
N HIS A 62 -16.48 8.79 8.32
CA HIS A 62 -15.24 9.53 8.12
C HIS A 62 -14.06 8.65 8.53
N GLN A 63 -14.24 7.35 8.37
CA GLN A 63 -13.20 6.39 8.71
C GLN A 63 -13.33 5.13 7.85
N ILE A 64 -12.22 4.40 7.75
CA ILE A 64 -12.21 3.18 6.97
C ILE A 64 -12.13 1.98 7.92
N GLU A 65 -13.10 1.09 7.75
CA GLU A 65 -13.15 -0.10 8.59
C GLU A 65 -12.38 -1.24 7.93
N PHE A 66 -12.39 -2.39 8.60
CA PHE A 66 -11.69 -3.56 8.09
C PHE A 66 -12.50 -4.25 7.00
N SER A 67 -13.75 -3.82 6.87
CA SER A 67 -14.64 -4.39 5.86
C SER A 67 -14.65 -3.51 4.62
N GLU A 68 -14.40 -2.22 4.84
CA GLU A 68 -14.39 -1.27 3.75
C GLU A 68 -13.00 -1.22 3.10
N PHE A 69 -12.00 -1.00 3.94
CA PHE A 69 -10.62 -0.93 3.46
C PHE A 69 -10.24 -2.20 2.69
N LEU A 70 -10.65 -3.33 3.25
CA LEU A 70 -10.36 -4.62 2.63
C LEU A 70 -11.19 -4.76 1.36
N ALA A 71 -12.30 -4.03 1.32
CA ALA A 71 -13.19 -4.07 0.18
C ALA A 71 -12.71 -3.05 -0.86
N LEU A 72 -11.84 -2.15 -0.40
CA LEU A 72 -11.31 -1.12 -1.28
C LEU A 72 -10.29 -1.74 -2.22
N MET A 73 -9.31 -2.42 -1.62
CA MET A 73 -8.26 -3.06 -2.40
C MET A 73 -8.85 -3.87 -3.55
N SER A 74 -9.90 -4.61 -3.24
CA SER A 74 -10.56 -5.44 -4.24
C SER A 74 -11.36 -4.56 -5.19
N ARG A 75 -11.69 -3.36 -4.71
CA ARG A 75 -12.46 -2.42 -5.51
C ARG A 75 -11.59 -1.22 -5.88
N GLN A 76 -10.30 -1.48 -5.99
CA GLN A 76 -9.36 -0.43 -6.33
C GLN A 76 -8.67 -0.75 -7.66
N LEU A 77 -8.88 -1.97 -8.13
CA LEU A 77 -8.29 -2.42 -9.38
C LEU A 77 -9.40 -2.78 -10.36
N LYS A 78 -9.08 -2.66 -11.64
CA LYS A 78 -10.03 -2.97 -12.69
C LYS A 78 -9.32 -3.65 -13.85
N SER A 79 -8.38 -2.92 -14.43
CA SER A 79 -7.61 -3.44 -15.55
C SER A 79 -6.18 -2.88 -15.50
N ASN A 80 -6.05 -1.65 -15.97
CA ASN A 80 -4.75 -0.99 -15.99
C ASN A 80 -4.49 -0.37 -14.62
N ASP A 81 -5.46 -0.49 -13.74
CA ASP A 81 -5.35 0.06 -12.40
C ASP A 81 -3.96 -0.23 -11.85
N SER A 82 -3.60 -1.51 -11.88
CA SER A 82 -2.30 -1.94 -11.39
C SER A 82 -1.23 -0.90 -11.76
N GLU A 83 -1.05 -0.74 -13.06
CA GLU A 83 -0.08 0.21 -13.57
C GLU A 83 -0.17 1.53 -12.81
N GLN A 84 -1.41 1.95 -12.59
CA GLN A 84 -1.66 3.20 -11.89
C GLN A 84 -1.01 3.16 -10.50
N GLU A 85 -1.44 2.19 -9.70
CA GLU A 85 -0.92 2.04 -8.36
C GLU A 85 0.58 1.69 -8.41
N LEU A 86 0.99 1.20 -9.57
CA LEU A 86 2.38 0.83 -9.77
C LEU A 86 3.24 2.10 -9.86
N LEU A 87 2.99 2.87 -10.90
CA LEU A 87 3.72 4.11 -11.11
C LEU A 87 3.64 4.97 -9.84
N GLU A 88 2.49 4.89 -9.20
CA GLU A 88 2.26 5.67 -7.98
C GLU A 88 3.16 5.15 -6.86
N ALA A 89 3.00 3.87 -6.55
CA ALA A 89 3.79 3.25 -5.50
C ALA A 89 5.26 3.23 -5.92
N PHE A 90 5.48 3.42 -7.21
CA PHE A 90 6.83 3.43 -7.75
C PHE A 90 7.54 4.75 -7.45
N LYS A 91 6.91 5.83 -7.91
CA LYS A 91 7.46 7.15 -7.70
C LYS A 91 7.30 7.54 -6.23
N VAL A 92 6.38 6.85 -5.56
CA VAL A 92 6.11 7.11 -4.16
C VAL A 92 7.27 6.56 -3.31
N PHE A 93 7.63 5.31 -3.59
CA PHE A 93 8.71 4.66 -2.87
C PHE A 93 10.05 5.31 -3.20
N ASP A 94 10.20 5.66 -4.44
CA ASP A 94 11.47 6.31 -4.89
C ASP A 94 11.53 7.74 -4.37
N LYS A 95 12.30 7.97 -3.32
CA LYS A 95 12.42 9.31 -2.75
C LYS A 95 13.49 10.10 -3.52
N ASN A 96 14.52 9.37 -3.93
CA ASN A 96 15.61 9.98 -4.66
C ASN A 96 15.16 10.26 -6.10
N GLY A 97 14.53 9.25 -6.69
CA GLY A 97 14.04 9.37 -8.06
C GLY A 97 15.14 9.04 -9.07
N ASP A 98 15.39 7.75 -9.22
CA ASP A 98 16.42 7.29 -10.15
C ASP A 98 15.86 6.16 -11.00
N GLY A 99 14.57 5.90 -10.81
CA GLY A 99 13.90 4.84 -11.55
C GLY A 99 14.16 3.47 -10.91
N LEU A 100 14.67 3.52 -9.68
CA LEU A 100 14.97 2.30 -8.95
C LEU A 100 14.83 2.56 -7.45
N ILE A 101 13.87 1.87 -6.84
CA ILE A 101 13.63 2.02 -5.43
C ILE A 101 14.72 1.27 -4.64
N SER A 102 15.69 2.02 -4.17
CA SER A 102 16.78 1.45 -3.41
C SER A 102 16.25 0.84 -2.11
N ALA A 103 17.15 0.17 -1.39
CA ALA A 103 16.79 -0.44 -0.13
C ALA A 103 16.00 0.55 0.72
N ALA A 104 16.70 1.57 1.20
CA ALA A 104 16.09 2.59 2.02
C ALA A 104 14.71 2.94 1.44
N GLU A 105 14.74 3.55 0.27
CA GLU A 105 13.51 3.94 -0.41
C GLU A 105 12.43 2.88 -0.19
N LEU A 106 12.87 1.65 -0.04
CA LEU A 106 11.96 0.53 0.18
C LEU A 106 11.71 0.37 1.67
N LYS A 107 12.72 -0.12 2.36
CA LYS A 107 12.62 -0.34 3.79
C LYS A 107 12.04 0.92 4.45
N HIS A 108 12.74 2.02 4.26
CA HIS A 108 12.31 3.29 4.83
C HIS A 108 10.80 3.44 4.67
N VAL A 109 10.31 3.00 3.51
CA VAL A 109 8.89 3.08 3.23
C VAL A 109 8.15 2.05 4.07
N LEU A 110 8.74 0.86 4.15
CA LEU A 110 8.14 -0.22 4.93
C LEU A 110 8.01 0.22 6.39
N THR A 111 8.99 1.00 6.82
CA THR A 111 9.00 1.49 8.19
C THR A 111 8.14 2.75 8.31
N SER A 112 7.82 3.33 7.16
CA SER A 112 7.02 4.54 7.12
C SER A 112 5.54 4.18 7.25
N ILE A 113 5.28 2.89 7.37
CA ILE A 113 3.92 2.40 7.50
C ILE A 113 3.72 1.82 8.90
N GLY A 114 4.79 1.25 9.43
CA GLY A 114 4.74 0.66 10.75
C GLY A 114 5.66 -0.56 10.84
N GLU A 115 5.67 -1.34 9.77
CA GLU A 115 6.50 -2.54 9.71
C GLU A 115 7.95 -2.19 10.02
N LYS A 116 8.75 -3.23 10.17
CA LYS A 116 10.17 -3.05 10.46
C LYS A 116 10.97 -4.19 9.84
N LEU A 117 11.79 -3.84 8.87
CA LEU A 117 12.62 -4.82 8.19
C LEU A 117 14.09 -4.42 8.31
N THR A 118 14.90 -5.41 8.67
CA THR A 118 16.33 -5.17 8.82
C THR A 118 16.96 -4.80 7.47
N ASP A 119 17.95 -3.93 7.54
CA ASP A 119 18.64 -3.49 6.34
C ASP A 119 18.96 -4.71 5.47
N ALA A 120 19.10 -5.84 6.12
CA ALA A 120 19.41 -7.08 5.42
C ALA A 120 18.13 -7.66 4.84
N GLU A 121 17.07 -7.62 5.65
CA GLU A 121 15.78 -8.14 5.22
C GLU A 121 15.32 -7.44 3.95
N VAL A 122 15.49 -6.13 3.95
CA VAL A 122 15.10 -5.32 2.80
C VAL A 122 16.07 -5.58 1.64
N ASP A 123 17.34 -5.39 1.93
CA ASP A 123 18.39 -5.59 0.94
C ASP A 123 18.15 -6.92 0.23
N ASP A 124 17.46 -7.81 0.92
CA ASP A 124 17.16 -9.12 0.37
C ASP A 124 15.81 -9.08 -0.34
N MET A 125 14.91 -8.30 0.23
CA MET A 125 13.57 -8.15 -0.34
C MET A 125 13.65 -7.63 -1.77
N LEU A 126 14.62 -6.77 -2.01
CA LEU A 126 14.81 -6.19 -3.33
C LEU A 126 15.32 -7.27 -4.29
N ARG A 127 16.47 -7.84 -3.94
CA ARG A 127 17.07 -8.88 -4.76
C ARG A 127 15.98 -9.81 -5.30
N GLU A 128 14.91 -9.94 -4.53
CA GLU A 128 13.80 -10.80 -4.92
C GLU A 128 13.49 -10.61 -6.40
N VAL A 129 13.42 -9.35 -6.80
CA VAL A 129 13.13 -9.03 -8.19
C VAL A 129 14.25 -8.15 -8.76
N SER A 130 15.22 -7.87 -7.90
CA SER A 130 16.35 -7.05 -8.30
C SER A 130 17.40 -7.91 -9.00
N ASP A 131 17.17 -9.21 -8.96
CA ASP A 131 18.08 -10.15 -9.59
C ASP A 131 19.47 -10.02 -8.96
N GLY A 132 19.47 -9.60 -7.69
CA GLY A 132 20.71 -9.43 -6.96
C GLY A 132 21.23 -7.99 -7.10
N SER A 133 20.58 -7.24 -7.98
CA SER A 133 20.96 -5.86 -8.22
C SER A 133 21.04 -5.11 -6.89
N GLY A 134 19.89 -4.58 -6.49
CA GLY A 134 19.81 -3.83 -5.25
C GLY A 134 18.63 -2.86 -5.27
N GLU A 135 18.19 -2.53 -6.47
CA GLU A 135 17.07 -1.62 -6.64
C GLU A 135 15.98 -2.27 -7.49
N ILE A 136 14.85 -1.59 -7.57
CA ILE A 136 13.73 -2.09 -8.34
C ILE A 136 13.08 -0.93 -9.10
N ASN A 137 12.98 -1.12 -10.41
CA ASN A 137 12.38 -0.10 -11.27
C ASN A 137 10.88 -0.35 -11.39
N ILE A 138 10.24 0.48 -12.19
CA ILE A 138 8.81 0.36 -12.41
C ILE A 138 8.49 -1.07 -12.87
N GLN A 139 9.51 -1.75 -13.34
CA GLN A 139 9.35 -3.12 -13.81
C GLN A 139 9.57 -4.11 -12.67
N GLN A 140 10.74 -4.00 -12.06
CA GLN A 140 11.09 -4.87 -10.95
C GLN A 140 10.13 -4.65 -9.77
N PHE A 141 10.04 -3.40 -9.35
CA PHE A 141 9.17 -3.05 -8.24
C PHE A 141 7.81 -3.73 -8.38
N ALA A 142 7.25 -3.64 -9.58
CA ALA A 142 5.97 -4.25 -9.86
C ALA A 142 6.06 -5.76 -9.67
N ALA A 143 7.24 -6.29 -9.96
CA ALA A 143 7.48 -7.71 -9.83
C ALA A 143 7.03 -8.18 -8.44
N LEU A 144 7.21 -7.29 -7.47
CA LEU A 144 6.83 -7.59 -6.10
C LEU A 144 5.31 -7.81 -6.04
N LEU A 145 4.58 -6.78 -6.43
CA LEU A 145 3.13 -6.86 -6.42
C LEU A 145 2.67 -8.03 -7.29
N SER A 146 3.58 -8.49 -8.14
CA SER A 146 3.29 -9.60 -9.01
C SER A 146 4.17 -10.80 -8.66
N LYS A 147 4.33 -11.02 -7.37
CA LYS A 147 5.15 -12.12 -6.88
C LYS A 147 4.28 -13.04 -6.01
N GLY A 148 3.55 -13.92 -6.69
CA GLY A 148 2.68 -14.86 -5.99
C GLY A 148 2.95 -16.29 -6.45
N SER A 149 4.18 -16.72 -6.25
CA SER A 149 4.57 -18.07 -6.63
C SER A 149 5.09 -18.83 -5.42
N SER A 150 5.88 -18.13 -4.61
CA SER A 150 6.45 -18.73 -3.41
C SER A 150 6.22 -17.81 -2.21
N THR A 151 4.95 -17.74 -1.81
CA THR A 151 4.58 -16.91 -0.68
C THR A 151 4.19 -17.79 0.52
N GLY A 152 3.01 -18.39 0.42
CA GLY A 152 2.51 -19.25 1.48
C GLY A 152 1.85 -18.43 2.59
N THR A 153 1.10 -17.42 2.16
CA THR A 153 0.40 -16.56 3.11
C THR A 153 1.41 -15.80 3.98
N ARG A 154 2.50 -15.38 3.34
CA ARG A 154 3.54 -14.64 4.04
C ARG A 154 4.02 -13.46 3.20
N ARG A 155 4.25 -13.73 1.93
CA ARG A 155 4.70 -12.71 1.01
C ARG A 155 3.53 -11.89 0.50
N LYS A 156 2.44 -12.59 0.20
CA LYS A 156 1.24 -11.94 -0.29
C LYS A 156 0.82 -10.83 0.69
N ALA A 157 1.28 -10.98 1.92
CA ALA A 157 0.97 -10.01 2.95
C ALA A 157 2.05 -8.92 2.97
N LEU A 158 3.22 -9.30 2.48
CA LEU A 158 4.34 -8.38 2.45
C LEU A 158 4.10 -7.34 1.35
N ARG A 159 3.89 -7.84 0.14
CA ARG A 159 3.64 -6.97 -1.00
C ARG A 159 2.37 -6.15 -0.78
N ASN A 160 1.42 -6.76 -0.08
CA ASN A 160 0.16 -6.09 0.20
C ASN A 160 0.44 -4.79 0.96
N LYS A 161 1.43 -4.84 1.83
CA LYS A 161 1.81 -3.68 2.61
C LYS A 161 2.09 -2.51 1.68
N ILE A 162 2.54 -2.84 0.48
CA ILE A 162 2.85 -1.83 -0.52
C ILE A 162 1.60 -1.53 -1.34
N LEU A 163 0.77 -2.55 -1.50
CA LEU A 163 -0.46 -2.42 -2.26
C LEU A 163 -1.23 -1.20 -1.78
N ALA A 164 -1.59 -1.23 -0.50
CA ALA A 164 -2.33 -0.14 0.11
C ALA A 164 -1.61 1.18 -0.20
N ILE A 165 -0.34 1.22 0.18
CA ILE A 165 0.47 2.42 -0.05
C ILE A 165 0.32 2.86 -1.51
N ALA A 166 -0.06 1.90 -2.35
CA ALA A 166 -0.25 2.19 -3.76
C ALA A 166 -1.67 2.69 -3.99
N LYS A 167 -2.63 1.83 -3.70
CA LYS A 167 -4.03 2.18 -3.86
C LYS A 167 -4.35 3.43 -3.05
N VAL A 168 -4.29 3.27 -1.73
CA VAL A 168 -4.57 4.37 -0.83
C VAL A 168 -3.97 5.66 -1.41
N SER A 169 -2.83 5.50 -2.08
CA SER A 169 -2.15 6.63 -2.67
C SER A 169 -2.95 7.14 -3.88
N ARG A 170 -3.11 6.25 -4.85
CA ARG A 170 -3.85 6.59 -6.06
C ARG A 170 -5.24 7.11 -5.71
N MET A 171 -5.73 6.66 -4.56
CA MET A 171 -7.05 7.07 -4.09
C MET A 171 -7.13 8.60 -3.96
N PHE A 172 -5.97 9.20 -3.76
CA PHE A 172 -5.90 10.64 -3.60
C PHE A 172 -5.74 11.33 -4.97
N SER A 173 -5.25 10.55 -5.92
CA SER A 173 -5.03 11.08 -7.27
C SER A 173 -6.24 10.74 -8.15
N VAL A 174 -7.20 10.05 -7.55
CA VAL A 174 -8.39 9.67 -8.28
C VAL A 174 -9.58 10.51 -7.76
N LEU A 175 -9.68 10.59 -6.45
CA LEU A 175 -10.75 11.35 -5.83
C LEU A 175 -10.99 12.62 -6.63
N ARG A 176 -9.91 13.16 -7.16
CA ARG A 176 -9.99 14.38 -7.95
C ARG A 176 -11.24 14.35 -8.84
N GLY A 1 -20.10 -4.43 -4.00
CA GLY A 1 -18.91 -4.38 -4.84
C GLY A 1 -18.64 -5.73 -5.50
N SER A 2 -17.94 -5.66 -6.63
CA SER A 2 -17.61 -6.88 -7.37
C SER A 2 -16.26 -7.42 -6.90
N SER A 3 -16.32 -8.21 -5.84
CA SER A 3 -15.11 -8.80 -5.27
C SER A 3 -15.25 -10.33 -5.25
N ASN A 4 -14.12 -10.99 -5.39
CA ASN A 4 -14.09 -12.45 -5.38
C ASN A 4 -12.89 -12.93 -4.56
N LEU A 5 -12.98 -12.67 -3.26
CA LEU A 5 -11.91 -13.08 -2.35
C LEU A 5 -12.47 -14.08 -1.33
N THR A 6 -11.59 -14.52 -0.45
CA THR A 6 -11.97 -15.48 0.58
C THR A 6 -11.62 -14.95 1.96
N GLU A 7 -12.21 -15.58 2.97
CA GLU A 7 -11.97 -15.17 4.35
C GLU A 7 -10.47 -15.15 4.64
N GLU A 8 -9.74 -15.96 3.87
CA GLU A 8 -8.30 -16.05 4.05
C GLU A 8 -7.62 -14.85 3.39
N GLN A 9 -8.28 -14.30 2.38
CA GLN A 9 -7.75 -13.16 1.67
C GLN A 9 -7.95 -11.88 2.47
N ILE A 10 -9.09 -11.84 3.17
CA ILE A 10 -9.42 -10.68 3.99
C ILE A 10 -8.38 -10.54 5.11
N ALA A 11 -7.69 -11.64 5.38
CA ALA A 11 -6.68 -11.65 6.42
C ALA A 11 -5.43 -10.94 5.90
N GLU A 12 -5.41 -10.69 4.60
CA GLU A 12 -4.28 -10.03 3.97
C GLU A 12 -4.46 -8.51 4.08
N PHE A 13 -5.45 -8.01 3.34
CA PHE A 13 -5.72 -6.57 3.34
C PHE A 13 -5.61 -6.00 4.75
N LYS A 14 -5.86 -6.85 5.74
CA LYS A 14 -5.79 -6.44 7.13
C LYS A 14 -4.49 -5.68 7.37
N GLU A 15 -3.40 -6.26 6.89
CA GLU A 15 -2.09 -5.66 7.05
C GLU A 15 -2.09 -4.24 6.46
N ALA A 16 -2.85 -4.08 5.39
CA ALA A 16 -2.94 -2.78 4.73
C ALA A 16 -3.82 -1.86 5.58
N PHE A 17 -4.60 -2.46 6.46
CA PHE A 17 -5.47 -1.69 7.34
C PHE A 17 -4.71 -1.15 8.55
N ALA A 18 -3.84 -1.99 9.09
CA ALA A 18 -3.04 -1.61 10.24
C ALA A 18 -2.20 -0.39 9.88
N LEU A 19 -1.96 -0.23 8.59
CA LEU A 19 -1.16 0.90 8.11
C LEU A 19 -1.65 2.17 8.79
N PHE A 20 -2.96 2.30 8.87
CA PHE A 20 -3.57 3.48 9.49
C PHE A 20 -4.19 3.12 10.84
N ASP A 21 -4.95 2.04 10.83
CA ASP A 21 -5.62 1.57 12.04
C ASP A 21 -4.57 1.40 13.15
N LYS A 22 -4.35 2.47 13.89
CA LYS A 22 -3.39 2.45 14.98
C LYS A 22 -3.89 1.50 16.07
N ASP A 23 -4.96 1.90 16.69
CA ASP A 23 -5.55 1.05 17.78
C ASP A 23 -6.28 -0.15 17.18
N ASN A 24 -6.47 -0.16 15.86
CA ASN A 24 -7.15 -1.25 15.20
C ASN A 24 -8.53 -1.43 15.84
N ASN A 25 -9.32 -0.35 15.79
CA ASN A 25 -10.66 -0.38 16.35
C ASN A 25 -11.65 -0.82 15.27
N GLY A 26 -11.23 -0.65 14.03
CA GLY A 26 -12.07 -1.02 12.90
C GLY A 26 -12.61 0.22 12.20
N SER A 27 -11.80 1.27 12.18
CA SER A 27 -12.19 2.51 11.55
C SER A 27 -10.98 3.45 11.44
N ILE A 28 -10.57 3.67 10.20
CA ILE A 28 -9.43 4.54 9.93
C ILE A 28 -9.92 5.96 9.70
N SER A 29 -9.77 6.79 10.73
CA SER A 29 -10.20 8.18 10.66
C SER A 29 -9.32 8.93 9.66
N SER A 30 -9.66 10.20 9.47
CA SER A 30 -8.91 11.04 8.56
C SER A 30 -7.51 11.30 9.10
N SER A 31 -7.43 11.40 10.41
CA SER A 31 -6.15 11.65 11.07
C SER A 31 -5.29 10.38 11.02
N GLU A 32 -5.97 9.25 10.85
CA GLU A 32 -5.28 7.97 10.79
C GLU A 32 -4.92 7.63 9.35
N LEU A 33 -5.81 8.03 8.44
CA LEU A 33 -5.59 7.77 7.02
C LEU A 33 -4.49 8.70 6.51
N ALA A 34 -4.63 9.98 6.83
CA ALA A 34 -3.65 10.96 6.40
C ALA A 34 -2.34 10.75 7.17
N THR A 35 -2.44 9.94 8.22
CA THR A 35 -1.29 9.65 9.05
C THR A 35 -0.27 8.80 8.28
N VAL A 36 -0.79 8.06 7.30
CA VAL A 36 0.06 7.20 6.49
C VAL A 36 0.53 7.98 5.26
N MET A 37 -0.44 8.43 4.46
CA MET A 37 -0.13 9.18 3.26
C MET A 37 1.04 10.13 3.49
N ARG A 38 0.89 10.96 4.51
CA ARG A 38 1.93 11.92 4.86
C ARG A 38 3.26 11.19 5.14
N SER A 39 3.14 10.07 5.83
CA SER A 39 4.32 9.28 6.16
C SER A 39 5.05 8.86 4.89
N LEU A 40 4.27 8.74 3.82
CA LEU A 40 4.83 8.35 2.54
C LEU A 40 5.50 9.55 1.88
N GLY A 41 5.15 10.72 2.37
CA GLY A 41 5.71 11.96 1.85
C GLY A 41 4.62 12.85 1.26
N LEU A 42 3.38 12.48 1.53
CA LEU A 42 2.24 13.23 1.03
C LEU A 42 1.87 14.32 2.04
N SER A 43 0.80 15.03 1.72
CA SER A 43 0.34 16.10 2.60
C SER A 43 -1.09 16.50 2.22
N PRO A 44 -2.01 15.50 2.35
CA PRO A 44 -3.41 15.74 2.03
C PRO A 44 -4.09 16.56 3.11
N SER A 45 -5.04 17.38 2.68
CA SER A 45 -5.79 18.23 3.61
C SER A 45 -6.99 17.47 4.16
N GLU A 46 -7.24 17.67 5.44
CA GLU A 46 -8.35 17.02 6.10
C GLU A 46 -9.63 17.19 5.28
N ALA A 47 -9.67 18.27 4.53
CA ALA A 47 -10.82 18.55 3.68
C ALA A 47 -10.98 17.44 2.65
N GLU A 48 -9.88 17.13 1.99
CA GLU A 48 -9.87 16.09 0.97
C GLU A 48 -9.91 14.71 1.62
N VAL A 49 -8.98 14.51 2.56
CA VAL A 49 -8.89 13.25 3.27
C VAL A 49 -10.30 12.75 3.59
N ASN A 50 -11.16 13.69 3.93
CA ASN A 50 -12.54 13.36 4.26
C ASN A 50 -13.23 12.77 3.03
N ASP A 51 -13.35 13.60 2.00
CA ASP A 51 -13.98 13.17 0.77
C ASP A 51 -13.21 11.98 0.19
N LEU A 52 -12.01 11.78 0.71
CA LEU A 52 -11.17 10.69 0.26
C LEU A 52 -11.64 9.38 0.89
N MET A 53 -11.74 9.40 2.21
CA MET A 53 -12.17 8.23 2.95
C MET A 53 -13.70 8.10 2.92
N ASN A 54 -14.35 9.18 2.52
CA ASN A 54 -15.80 9.22 2.44
C ASN A 54 -16.24 8.67 1.08
N GLU A 55 -15.26 8.46 0.21
CA GLU A 55 -15.53 7.95 -1.12
C GLU A 55 -15.61 6.42 -1.10
N ILE A 56 -15.17 5.86 0.02
CA ILE A 56 -15.19 4.41 0.18
C ILE A 56 -16.11 4.05 1.35
N ASP A 57 -16.02 4.85 2.40
CA ASP A 57 -16.83 4.63 3.59
C ASP A 57 -18.22 4.14 3.15
N VAL A 58 -18.57 2.97 3.64
CA VAL A 58 -19.86 2.38 3.32
C VAL A 58 -20.93 2.98 4.24
N ASP A 59 -20.48 3.44 5.37
CA ASP A 59 -21.42 4.06 6.36
C ASP A 59 -21.20 5.57 6.42
N GLY A 60 -20.17 6.06 5.75
CA GLY A 60 -19.88 7.49 5.76
C GLY A 60 -19.70 8.01 7.19
N ASN A 61 -19.00 7.22 7.98
CA ASN A 61 -18.74 7.57 9.37
C ASN A 61 -17.42 8.32 9.46
N HIS A 62 -16.93 8.74 8.31
CA HIS A 62 -15.67 9.48 8.24
C HIS A 62 -14.52 8.56 8.68
N GLN A 63 -14.69 7.28 8.39
CA GLN A 63 -13.68 6.29 8.74
C GLN A 63 -13.77 5.08 7.81
N ILE A 64 -12.66 4.35 7.73
CA ILE A 64 -12.61 3.17 6.88
C ILE A 64 -12.53 1.92 7.76
N GLU A 65 -13.47 1.02 7.51
CA GLU A 65 -13.53 -0.22 8.27
C GLU A 65 -12.69 -1.31 7.57
N PHE A 66 -12.75 -2.50 8.14
CA PHE A 66 -12.02 -3.62 7.59
C PHE A 66 -12.79 -4.27 6.43
N SER A 67 -14.04 -3.86 6.30
CA SER A 67 -14.89 -4.39 5.24
C SER A 67 -14.88 -3.45 4.04
N GLU A 68 -14.68 -2.17 4.34
CA GLU A 68 -14.65 -1.16 3.29
C GLU A 68 -13.24 -1.05 2.70
N PHE A 69 -12.27 -0.85 3.59
CA PHE A 69 -10.89 -0.73 3.17
C PHE A 69 -10.45 -1.95 2.35
N LEU A 70 -10.83 -3.12 2.85
CA LEU A 70 -10.48 -4.36 2.18
C LEU A 70 -11.27 -4.47 0.87
N ALA A 71 -12.38 -3.76 0.83
CA ALA A 71 -13.23 -3.76 -0.35
C ALA A 71 -12.71 -2.72 -1.34
N LEU A 72 -11.86 -1.83 -0.84
CA LEU A 72 -11.29 -0.79 -1.66
C LEU A 72 -10.25 -1.40 -2.61
N MET A 73 -9.35 -2.18 -2.03
CA MET A 73 -8.31 -2.83 -2.81
C MET A 73 -8.91 -3.78 -3.85
N SER A 74 -10.19 -4.04 -3.68
CA SER A 74 -10.89 -4.93 -4.60
C SER A 74 -11.97 -4.15 -5.36
N ARG A 75 -12.04 -2.86 -5.07
CA ARG A 75 -13.02 -2.00 -5.71
C ARG A 75 -12.31 -0.95 -6.58
N GLN A 76 -11.01 -0.82 -6.36
CA GLN A 76 -10.22 0.13 -7.10
C GLN A 76 -9.88 -0.42 -8.49
N LEU A 77 -9.78 -1.74 -8.55
CA LEU A 77 -9.47 -2.40 -9.81
C LEU A 77 -10.63 -2.21 -10.78
N LYS A 78 -10.60 -1.07 -11.46
CA LYS A 78 -11.64 -0.75 -12.43
C LYS A 78 -11.31 -1.41 -13.77
N SER A 79 -10.22 -0.93 -14.38
CA SER A 79 -9.78 -1.45 -15.65
C SER A 79 -8.27 -1.62 -15.66
N ASN A 80 -7.58 -0.50 -15.46
CA ASN A 80 -6.12 -0.52 -15.44
C ASN A 80 -5.63 0.08 -14.12
N ASP A 81 -6.12 -0.49 -13.03
CA ASP A 81 -5.75 -0.03 -11.71
C ASP A 81 -4.48 -0.76 -11.26
N SER A 82 -4.51 -2.07 -11.40
CA SER A 82 -3.38 -2.90 -11.02
C SER A 82 -2.08 -2.25 -11.51
N GLU A 83 -2.14 -1.73 -12.72
CA GLU A 83 -0.98 -1.09 -13.32
C GLU A 83 -0.73 0.27 -12.66
N GLN A 84 -1.82 0.92 -12.28
CA GLN A 84 -1.72 2.22 -11.63
C GLN A 84 -1.01 2.09 -10.28
N GLU A 85 -1.49 1.13 -9.50
CA GLU A 85 -0.91 0.89 -8.18
C GLU A 85 0.59 0.61 -8.30
N LEU A 86 0.98 0.14 -9.47
CA LEU A 86 2.38 -0.16 -9.72
C LEU A 86 3.17 1.14 -9.85
N LEU A 87 2.88 1.87 -10.91
CA LEU A 87 3.55 3.13 -11.16
C LEU A 87 3.45 4.01 -9.92
N GLU A 88 2.30 3.92 -9.26
CA GLU A 88 2.08 4.70 -8.05
C GLU A 88 3.02 4.25 -6.95
N ALA A 89 2.94 2.97 -6.61
CA ALA A 89 3.78 2.41 -5.57
C ALA A 89 5.24 2.46 -6.02
N PHE A 90 5.43 2.60 -7.33
CA PHE A 90 6.75 2.67 -7.90
C PHE A 90 7.40 4.03 -7.64
N LYS A 91 6.79 5.06 -8.21
CA LYS A 91 7.28 6.41 -8.04
C LYS A 91 7.23 6.80 -6.56
N VAL A 92 6.18 6.31 -5.90
CA VAL A 92 6.00 6.59 -4.49
C VAL A 92 7.23 6.13 -3.71
N PHE A 93 7.57 4.87 -3.90
CA PHE A 93 8.73 4.29 -3.23
C PHE A 93 10.02 4.97 -3.69
N ASP A 94 10.08 5.24 -4.96
CA ASP A 94 11.29 5.91 -5.52
C ASP A 94 11.34 7.37 -5.08
N LYS A 95 12.10 7.68 -4.04
CA LYS A 95 12.20 9.04 -3.56
C LYS A 95 13.24 9.80 -4.38
N ASN A 96 14.26 9.07 -4.80
CA ASN A 96 15.33 9.66 -5.61
C ASN A 96 14.83 9.86 -7.04
N GLY A 97 14.15 8.86 -7.55
CA GLY A 97 13.61 8.91 -8.90
C GLY A 97 14.67 8.49 -9.92
N ASP A 98 14.84 7.19 -10.04
CA ASP A 98 15.81 6.64 -10.98
C ASP A 98 15.23 5.38 -11.64
N GLY A 99 13.94 5.20 -11.44
CA GLY A 99 13.26 4.06 -12.01
C GLY A 99 13.71 2.75 -11.34
N LEU A 100 14.29 2.91 -10.16
CA LEU A 100 14.77 1.76 -9.40
C LEU A 100 14.67 2.07 -7.91
N ILE A 101 13.77 1.37 -7.25
CA ILE A 101 13.56 1.55 -5.82
C ILE A 101 14.66 0.82 -5.06
N SER A 102 15.59 1.59 -4.53
CA SER A 102 16.71 1.03 -3.78
C SER A 102 16.22 0.57 -2.40
N ALA A 103 17.15 -0.04 -1.66
CA ALA A 103 16.82 -0.53 -0.34
C ALA A 103 16.03 0.53 0.43
N ALA A 104 16.72 1.59 0.79
CA ALA A 104 16.10 2.69 1.52
C ALA A 104 14.71 2.95 0.94
N GLU A 105 14.70 3.42 -0.30
CA GLU A 105 13.45 3.71 -0.98
C GLU A 105 12.40 2.66 -0.63
N LEU A 106 12.87 1.46 -0.34
CA LEU A 106 11.98 0.37 0.01
C LEU A 106 11.85 0.29 1.53
N LYS A 107 12.91 -0.19 2.16
CA LYS A 107 12.93 -0.31 3.60
C LYS A 107 12.37 0.97 4.23
N HIS A 108 13.00 2.08 3.89
CA HIS A 108 12.58 3.38 4.40
C HIS A 108 11.06 3.51 4.29
N VAL A 109 10.54 3.00 3.18
CA VAL A 109 9.11 3.05 2.94
C VAL A 109 8.39 2.09 3.90
N LEU A 110 8.83 0.84 3.85
CA LEU A 110 8.25 -0.18 4.71
C LEU A 110 8.24 0.31 6.16
N THR A 111 9.23 1.14 6.46
CA THR A 111 9.37 1.68 7.80
C THR A 111 8.41 2.86 7.99
N SER A 112 8.08 3.50 6.88
CA SER A 112 7.19 4.64 6.91
C SER A 112 5.78 4.20 7.31
N ILE A 113 5.59 2.88 7.32
CA ILE A 113 4.31 2.31 7.68
C ILE A 113 4.44 1.57 9.01
N GLY A 114 5.62 1.00 9.22
CA GLY A 114 5.88 0.26 10.44
C GLY A 114 6.92 -0.84 10.20
N GLU A 115 6.83 -1.45 9.02
CA GLU A 115 7.74 -2.51 8.66
C GLU A 115 9.19 -2.03 8.76
N LYS A 116 9.92 -2.62 9.69
CA LYS A 116 11.31 -2.26 9.90
C LYS A 116 12.22 -3.35 9.33
N LEU A 117 12.78 -3.06 8.16
CA LEU A 117 13.66 -4.01 7.50
C LEU A 117 15.09 -3.48 7.54
N THR A 118 15.96 -4.28 8.13
CA THR A 118 17.37 -3.90 8.24
C THR A 118 18.00 -3.78 6.84
N ASP A 119 19.12 -3.07 6.80
CA ASP A 119 19.83 -2.88 5.54
C ASP A 119 20.20 -4.24 4.96
N ALA A 120 20.29 -5.22 5.84
CA ALA A 120 20.65 -6.57 5.43
C ALA A 120 19.36 -7.35 5.09
N GLU A 121 18.25 -6.84 5.62
CA GLU A 121 16.97 -7.47 5.39
C GLU A 121 16.41 -7.06 4.02
N VAL A 122 16.27 -5.75 3.85
CA VAL A 122 15.75 -5.22 2.59
C VAL A 122 16.69 -5.60 1.45
N ASP A 123 17.97 -5.34 1.67
CA ASP A 123 18.98 -5.65 0.67
C ASP A 123 18.83 -7.11 0.24
N ASP A 124 18.24 -7.89 1.13
CA ASP A 124 18.04 -9.30 0.85
C ASP A 124 16.67 -9.50 0.19
N MET A 125 15.71 -8.70 0.64
CA MET A 125 14.36 -8.77 0.09
C MET A 125 14.35 -8.38 -1.38
N LEU A 126 15.22 -7.44 -1.72
CA LEU A 126 15.31 -6.97 -3.09
C LEU A 126 15.73 -8.14 -3.99
N ARG A 127 16.83 -8.77 -3.63
CA ARG A 127 17.35 -9.89 -4.39
C ARG A 127 16.19 -10.74 -4.94
N GLU A 128 15.10 -10.75 -4.17
CA GLU A 128 13.93 -11.51 -4.57
C GLU A 128 13.60 -11.26 -6.04
N VAL A 129 13.53 -9.98 -6.38
CA VAL A 129 13.21 -9.58 -7.75
C VAL A 129 14.22 -8.53 -8.20
N SER A 130 15.30 -8.40 -7.44
CA SER A 130 16.33 -7.44 -7.76
C SER A 130 17.51 -8.14 -8.44
N ASP A 131 17.28 -9.39 -8.81
CA ASP A 131 18.31 -10.18 -9.46
C ASP A 131 19.67 -9.87 -8.84
N GLY A 132 19.69 -9.88 -7.52
CA GLY A 132 20.91 -9.60 -6.77
C GLY A 132 21.54 -8.28 -7.25
N SER A 133 20.70 -7.26 -7.34
CA SER A 133 21.16 -5.95 -7.78
C SER A 133 21.19 -4.99 -6.58
N GLY A 134 20.01 -4.52 -6.21
CA GLY A 134 19.89 -3.60 -5.10
C GLY A 134 18.66 -2.69 -5.26
N GLU A 135 18.18 -2.62 -6.49
CA GLU A 135 17.01 -1.80 -6.80
C GLU A 135 15.97 -2.64 -7.54
N ILE A 136 14.81 -2.01 -7.76
CA ILE A 136 13.73 -2.68 -8.46
C ILE A 136 12.94 -1.64 -9.27
N ASN A 137 12.78 -1.96 -10.55
CA ASN A 137 12.05 -1.06 -11.45
C ASN A 137 10.60 -1.54 -11.56
N ILE A 138 9.79 -0.70 -12.19
CA ILE A 138 8.38 -1.03 -12.38
C ILE A 138 8.24 -2.52 -12.71
N GLN A 139 9.27 -3.05 -13.36
CA GLN A 139 9.28 -4.45 -13.73
C GLN A 139 9.56 -5.32 -12.51
N GLN A 140 10.72 -5.09 -11.92
CA GLN A 140 11.13 -5.85 -10.74
C GLN A 140 10.21 -5.53 -9.56
N PHE A 141 10.15 -4.24 -9.23
CA PHE A 141 9.32 -3.80 -8.13
C PHE A 141 7.96 -4.51 -8.14
N ALA A 142 7.32 -4.48 -9.29
CA ALA A 142 6.03 -5.12 -9.44
C ALA A 142 6.18 -6.62 -9.22
N ALA A 143 7.32 -7.15 -9.63
CA ALA A 143 7.60 -8.57 -9.48
C ALA A 143 7.20 -9.01 -8.07
N LEU A 144 7.23 -8.06 -7.15
CA LEU A 144 6.87 -8.34 -5.77
C LEU A 144 5.36 -8.26 -5.62
N LEU A 145 4.77 -7.26 -6.25
CA LEU A 145 3.34 -7.07 -6.19
C LEU A 145 2.68 -7.87 -7.30
N SER A 146 3.47 -8.75 -7.91
CA SER A 146 2.97 -9.58 -8.99
C SER A 146 3.13 -11.06 -8.63
N LYS A 147 4.24 -11.36 -7.96
CA LYS A 147 4.52 -12.72 -7.55
C LYS A 147 5.46 -12.70 -6.34
N GLY A 148 6.74 -12.49 -6.64
CA GLY A 148 7.74 -12.44 -5.59
C GLY A 148 8.50 -13.76 -5.50
N SER A 149 9.82 -13.66 -5.48
CA SER A 149 10.67 -14.84 -5.39
C SER A 149 10.01 -15.88 -4.49
N SER A 150 10.13 -15.65 -3.18
CA SER A 150 9.56 -16.56 -2.21
C SER A 150 8.45 -15.86 -1.42
N THR A 151 7.23 -16.25 -1.71
CA THR A 151 6.07 -15.67 -1.03
C THR A 151 4.93 -16.68 -0.98
N GLY A 152 4.28 -16.72 0.18
CA GLY A 152 3.17 -17.64 0.38
C GLY A 152 2.06 -16.98 1.21
N THR A 153 2.31 -16.93 2.51
CA THR A 153 1.35 -16.32 3.44
C THR A 153 2.05 -15.37 4.39
N ARG A 154 3.33 -15.14 4.11
CA ARG A 154 4.12 -14.24 4.94
C ARG A 154 4.55 -13.01 4.13
N ARG A 155 5.06 -13.27 2.94
CA ARG A 155 5.50 -12.20 2.06
C ARG A 155 4.34 -11.68 1.23
N LYS A 156 3.34 -12.54 1.06
CA LYS A 156 2.16 -12.17 0.28
C LYS A 156 1.48 -10.97 0.93
N ALA A 157 1.67 -10.85 2.24
CA ALA A 157 1.09 -9.76 2.99
C ALA A 157 2.01 -8.55 2.92
N LEU A 158 3.25 -8.81 2.52
CA LEU A 158 4.24 -7.76 2.40
C LEU A 158 3.84 -6.82 1.26
N ARG A 159 3.58 -7.42 0.11
CA ARG A 159 3.18 -6.66 -1.06
C ARG A 159 1.90 -5.86 -0.79
N ASN A 160 0.98 -6.52 -0.11
CA ASN A 160 -0.29 -5.90 0.23
C ASN A 160 -0.04 -4.62 1.02
N LYS A 161 0.96 -4.70 1.90
CA LYS A 161 1.32 -3.56 2.72
C LYS A 161 1.74 -2.39 1.82
N ILE A 162 2.20 -2.74 0.64
CA ILE A 162 2.63 -1.74 -0.32
C ILE A 162 1.42 -1.31 -1.17
N LEU A 163 0.54 -2.26 -1.42
CA LEU A 163 -0.65 -1.98 -2.21
C LEU A 163 -1.34 -0.73 -1.68
N ALA A 164 -1.77 -0.82 -0.42
CA ALA A 164 -2.45 0.29 0.22
C ALA A 164 -1.63 1.56 0.00
N ILE A 165 -0.39 1.52 0.47
CA ILE A 165 0.50 2.66 0.33
C ILE A 165 0.31 3.30 -1.05
N ALA A 166 -0.01 2.45 -2.02
CA ALA A 166 -0.22 2.91 -3.37
C ALA A 166 -1.68 3.32 -3.55
N LYS A 167 -2.55 2.32 -3.58
CA LYS A 167 -3.97 2.57 -3.74
C LYS A 167 -4.37 3.78 -2.90
N VAL A 168 -4.29 3.60 -1.58
CA VAL A 168 -4.64 4.66 -0.65
C VAL A 168 -4.15 5.99 -1.21
N SER A 169 -3.01 5.94 -1.88
CA SER A 169 -2.43 7.14 -2.47
C SER A 169 -3.22 7.55 -3.71
N ARG A 170 -3.41 6.58 -4.60
CA ARG A 170 -4.14 6.83 -5.83
C ARG A 170 -5.51 7.45 -5.52
N MET A 171 -6.13 6.92 -4.48
CA MET A 171 -7.44 7.42 -4.07
C MET A 171 -7.43 8.94 -3.91
N PHE A 172 -6.24 9.46 -3.65
CA PHE A 172 -6.07 10.89 -3.47
C PHE A 172 -5.80 11.59 -4.81
N SER A 173 -5.27 10.82 -5.74
CA SER A 173 -4.97 11.35 -7.06
C SER A 173 -6.15 11.12 -8.00
N VAL A 174 -7.14 10.40 -7.49
CA VAL A 174 -8.33 10.12 -8.27
C VAL A 174 -9.47 11.01 -7.80
N LEU A 175 -9.66 11.06 -6.49
CA LEU A 175 -10.72 11.87 -5.91
C LEU A 175 -10.79 13.20 -6.66
N ARG A 176 -9.63 13.69 -7.05
CA ARG A 176 -9.56 14.95 -7.78
C ARG A 176 -10.69 15.05 -8.80
N GLY A 1 -18.05 -2.27 -4.33
CA GLY A 1 -19.42 -2.49 -3.91
C GLY A 1 -19.59 -3.84 -3.22
N SER A 2 -18.90 -4.83 -3.76
CA SER A 2 -18.95 -6.18 -3.21
C SER A 2 -17.57 -6.82 -3.27
N SER A 3 -17.38 -7.83 -2.42
CA SER A 3 -16.11 -8.53 -2.37
C SER A 3 -16.35 -10.04 -2.47
N ASN A 4 -15.31 -10.75 -2.90
CA ASN A 4 -15.39 -12.19 -3.04
C ASN A 4 -14.02 -12.81 -2.78
N LEU A 5 -13.53 -12.59 -1.57
CA LEU A 5 -12.23 -13.12 -1.18
C LEU A 5 -12.41 -14.08 0.00
N THR A 6 -11.47 -15.02 0.09
CA THR A 6 -11.51 -16.00 1.16
C THR A 6 -11.00 -15.39 2.47
N GLU A 7 -11.31 -16.07 3.56
CA GLU A 7 -10.89 -15.61 4.88
C GLU A 7 -9.38 -15.45 4.92
N GLU A 8 -8.71 -16.12 4.00
CA GLU A 8 -7.26 -16.06 3.91
C GLU A 8 -6.82 -14.74 3.27
N GLN A 9 -7.71 -14.19 2.45
CA GLN A 9 -7.43 -12.94 1.77
C GLN A 9 -7.75 -11.76 2.68
N ILE A 10 -8.84 -11.91 3.42
CA ILE A 10 -9.27 -10.86 4.34
C ILE A 10 -8.16 -10.59 5.35
N ALA A 11 -7.41 -11.64 5.67
CA ALA A 11 -6.32 -11.51 6.62
C ALA A 11 -5.19 -10.70 5.99
N GLU A 12 -5.25 -10.57 4.67
CA GLU A 12 -4.25 -9.82 3.95
C GLU A 12 -4.46 -8.31 4.15
N PHE A 13 -5.51 -7.81 3.55
CA PHE A 13 -5.84 -6.40 3.65
C PHE A 13 -5.68 -5.91 5.10
N LYS A 14 -5.83 -6.84 6.02
CA LYS A 14 -5.71 -6.51 7.44
C LYS A 14 -4.42 -5.71 7.66
N GLU A 15 -3.35 -6.20 7.06
CA GLU A 15 -2.06 -5.54 7.19
C GLU A 15 -2.13 -4.12 6.63
N ALA A 16 -2.66 -4.02 5.42
CA ALA A 16 -2.80 -2.74 4.76
C ALA A 16 -3.67 -1.82 5.62
N PHE A 17 -4.41 -2.44 6.52
CA PHE A 17 -5.29 -1.69 7.40
C PHE A 17 -4.52 -1.12 8.60
N ALA A 18 -3.62 -1.94 9.13
CA ALA A 18 -2.81 -1.54 10.27
C ALA A 18 -2.00 -0.30 9.89
N LEU A 19 -1.83 -0.12 8.59
CA LEU A 19 -1.07 1.01 8.10
C LEU A 19 -1.58 2.29 8.74
N PHE A 20 -2.90 2.37 8.87
CA PHE A 20 -3.53 3.54 9.48
C PHE A 20 -4.13 3.19 10.84
N ASP A 21 -4.91 2.11 10.84
CA ASP A 21 -5.55 1.66 12.06
C ASP A 21 -4.49 1.46 13.15
N LYS A 22 -4.25 2.53 13.89
CA LYS A 22 -3.27 2.49 14.96
C LYS A 22 -3.79 1.61 16.10
N ASP A 23 -4.84 2.08 16.72
CA ASP A 23 -5.45 1.31 17.84
C ASP A 23 -6.23 0.11 17.29
N ASN A 24 -6.56 0.13 16.01
CA ASN A 24 -7.30 -0.95 15.41
C ASN A 24 -8.68 -1.04 16.07
N ASN A 25 -9.47 0.01 15.84
CA ASN A 25 -10.81 0.06 16.39
C ASN A 25 -11.82 -0.35 15.32
N GLY A 26 -11.32 -0.50 14.11
CA GLY A 26 -12.17 -0.89 12.99
C GLY A 26 -12.71 0.35 12.26
N SER A 27 -11.90 1.39 12.25
CA SER A 27 -12.28 2.63 11.60
C SER A 27 -11.06 3.55 11.48
N ILE A 28 -10.61 3.74 10.24
CA ILE A 28 -9.46 4.59 9.99
C ILE A 28 -9.95 6.02 9.71
N SER A 29 -9.81 6.86 10.72
CA SER A 29 -10.23 8.25 10.61
C SER A 29 -9.28 9.01 9.69
N SER A 30 -9.77 10.12 9.15
CA SER A 30 -8.98 10.95 8.25
C SER A 30 -7.66 11.32 8.92
N SER A 31 -7.64 11.20 10.24
CA SER A 31 -6.44 11.53 11.00
C SER A 31 -5.47 10.36 10.97
N GLU A 32 -6.03 9.16 10.86
CA GLU A 32 -5.21 7.96 10.81
C GLU A 32 -4.84 7.61 9.37
N LEU A 33 -5.72 8.03 8.46
CA LEU A 33 -5.49 7.78 7.05
C LEU A 33 -4.40 8.71 6.53
N ALA A 34 -4.57 10.00 6.80
CA ALA A 34 -3.62 10.99 6.37
C ALA A 34 -2.31 10.81 7.15
N THR A 35 -2.40 9.98 8.19
CA THR A 35 -1.23 9.71 9.01
C THR A 35 -0.21 8.88 8.24
N VAL A 36 -0.73 8.06 7.33
CA VAL A 36 0.13 7.21 6.51
C VAL A 36 0.65 8.01 5.31
N MET A 37 -0.29 8.47 4.50
CA MET A 37 0.06 9.24 3.32
C MET A 37 1.23 10.18 3.62
N ARG A 38 1.07 10.98 4.66
CA ARG A 38 2.10 11.92 5.05
C ARG A 38 3.40 11.19 5.37
N SER A 39 3.26 10.08 6.10
CA SER A 39 4.40 9.28 6.48
C SER A 39 5.19 8.87 5.22
N LEU A 40 4.45 8.63 4.15
CA LEU A 40 5.06 8.23 2.89
C LEU A 40 5.77 9.43 2.28
N GLY A 41 5.35 10.61 2.69
CA GLY A 41 5.94 11.83 2.19
C GLY A 41 4.89 12.74 1.57
N LEU A 42 3.64 12.30 1.65
CA LEU A 42 2.53 13.05 1.10
C LEU A 42 2.15 14.17 2.07
N SER A 43 1.05 14.84 1.76
CA SER A 43 0.57 15.93 2.59
C SER A 43 -0.88 16.26 2.25
N PRO A 44 -1.76 15.24 2.46
CA PRO A 44 -3.18 15.41 2.18
C PRO A 44 -3.85 16.27 3.25
N SER A 45 -4.93 16.93 2.84
CA SER A 45 -5.67 17.79 3.75
C SER A 45 -6.95 17.08 4.20
N GLU A 46 -7.26 17.26 5.47
CA GLU A 46 -8.46 16.65 6.04
C GLU A 46 -9.66 16.92 5.14
N ALA A 47 -9.60 18.02 4.42
CA ALA A 47 -10.68 18.40 3.52
C ALA A 47 -10.85 17.31 2.46
N GLU A 48 -9.72 16.96 1.84
CA GLU A 48 -9.74 15.93 0.81
C GLU A 48 -9.84 14.54 1.44
N VAL A 49 -8.94 14.29 2.38
CA VAL A 49 -8.93 13.01 3.07
C VAL A 49 -10.36 12.56 3.34
N ASN A 50 -11.22 13.54 3.57
CA ASN A 50 -12.62 13.26 3.84
C ASN A 50 -13.27 12.64 2.61
N ASP A 51 -13.35 13.43 1.56
CA ASP A 51 -13.94 12.96 0.32
C ASP A 51 -13.20 11.71 -0.16
N LEU A 52 -12.00 11.52 0.39
CA LEU A 52 -11.19 10.39 0.03
C LEU A 52 -11.73 9.13 0.73
N MET A 53 -11.81 9.23 2.05
CA MET A 53 -12.32 8.12 2.84
C MET A 53 -13.83 7.99 2.71
N ASN A 54 -14.45 9.05 2.23
CA ASN A 54 -15.88 9.07 2.05
C ASN A 54 -16.23 8.44 0.70
N GLU A 55 -15.20 8.16 -0.08
CA GLU A 55 -15.39 7.56 -1.39
C GLU A 55 -15.50 6.03 -1.26
N ILE A 56 -15.12 5.55 -0.09
CA ILE A 56 -15.18 4.12 0.17
C ILE A 56 -16.16 3.85 1.32
N ASP A 57 -16.11 4.74 2.31
CA ASP A 57 -17.00 4.61 3.47
C ASP A 57 -18.36 4.10 3.01
N VAL A 58 -18.73 2.94 3.53
CA VAL A 58 -20.01 2.33 3.19
C VAL A 58 -21.05 2.74 4.23
N ASP A 59 -20.58 3.39 5.26
CA ASP A 59 -21.51 3.84 6.34
C ASP A 59 -21.39 5.35 6.52
N GLY A 60 -20.40 5.98 5.90
CA GLY A 60 -20.23 7.41 6.01
C GLY A 60 -19.94 7.82 7.46
N ASN A 61 -19.19 6.96 8.14
CA ASN A 61 -18.83 7.21 9.53
C ASN A 61 -17.49 7.94 9.57
N HIS A 62 -17.21 8.67 8.51
CA HIS A 62 -15.97 9.42 8.42
C HIS A 62 -14.79 8.54 8.86
N GLN A 63 -14.86 7.29 8.43
CA GLN A 63 -13.81 6.33 8.78
C GLN A 63 -13.84 5.15 7.81
N ILE A 64 -12.75 4.39 7.82
CA ILE A 64 -12.63 3.23 6.95
C ILE A 64 -12.55 1.96 7.81
N GLU A 65 -13.46 1.04 7.52
CA GLU A 65 -13.50 -0.21 8.25
C GLU A 65 -12.60 -1.25 7.58
N PHE A 66 -12.45 -2.39 8.25
CA PHE A 66 -11.62 -3.46 7.74
C PHE A 66 -12.29 -4.16 6.55
N SER A 67 -13.57 -3.85 6.39
CA SER A 67 -14.34 -4.44 5.31
C SER A 67 -14.32 -3.52 4.09
N GLU A 68 -14.57 -2.24 4.35
CA GLU A 68 -14.57 -1.25 3.29
C GLU A 68 -13.18 -1.10 2.67
N PHE A 69 -12.21 -0.90 3.55
CA PHE A 69 -10.83 -0.74 3.11
C PHE A 69 -10.39 -1.93 2.25
N LEU A 70 -10.77 -3.11 2.71
CA LEU A 70 -10.43 -4.34 1.99
C LEU A 70 -11.21 -4.39 0.68
N ALA A 71 -12.41 -3.85 0.73
CA ALA A 71 -13.28 -3.83 -0.44
C ALA A 71 -12.75 -2.82 -1.45
N LEU A 72 -11.87 -1.94 -0.97
CA LEU A 72 -11.28 -0.93 -1.81
C LEU A 72 -10.24 -1.58 -2.73
N MET A 73 -9.31 -2.29 -2.11
CA MET A 73 -8.27 -2.97 -2.86
C MET A 73 -8.87 -3.90 -3.92
N SER A 74 -9.83 -4.70 -3.48
CA SER A 74 -10.49 -5.64 -4.37
C SER A 74 -11.38 -4.89 -5.36
N ARG A 75 -11.64 -3.63 -5.04
CA ARG A 75 -12.48 -2.79 -5.88
C ARG A 75 -11.66 -1.64 -6.46
N GLN A 76 -10.37 -1.87 -6.59
CA GLN A 76 -9.47 -0.86 -7.12
C GLN A 76 -8.68 -1.41 -8.30
N LEU A 77 -9.07 -2.60 -8.74
CA LEU A 77 -8.41 -3.25 -9.85
C LEU A 77 -9.44 -3.61 -10.92
N LYS A 78 -9.27 -3.01 -12.09
CA LYS A 78 -10.18 -3.26 -13.19
C LYS A 78 -9.39 -3.83 -14.37
N SER A 79 -8.46 -3.03 -14.87
CA SER A 79 -7.64 -3.45 -15.99
C SER A 79 -6.21 -2.91 -15.83
N ASN A 80 -6.05 -1.64 -16.16
CA ASN A 80 -4.75 -1.00 -16.04
C ASN A 80 -4.58 -0.43 -14.64
N ASP A 81 -4.94 -1.26 -13.66
CA ASP A 81 -4.83 -0.86 -12.26
C ASP A 81 -3.41 -1.11 -11.77
N SER A 82 -3.05 -2.39 -11.75
CA SER A 82 -1.71 -2.77 -11.30
C SER A 82 -0.68 -1.75 -11.79
N GLU A 83 -0.80 -1.39 -13.05
CA GLU A 83 0.11 -0.44 -13.65
C GLU A 83 -0.01 0.92 -12.95
N GLN A 84 -1.26 1.38 -12.83
CA GLN A 84 -1.52 2.65 -12.20
C GLN A 84 -0.91 2.69 -10.79
N GLU A 85 -1.35 1.74 -9.97
CA GLU A 85 -0.86 1.65 -8.61
C GLU A 85 0.66 1.44 -8.61
N LEU A 86 1.15 0.92 -9.72
CA LEU A 86 2.57 0.66 -9.86
C LEU A 86 3.33 1.99 -9.89
N LEU A 87 3.10 2.74 -10.96
CA LEU A 87 3.75 4.02 -11.12
C LEU A 87 3.47 4.89 -9.89
N GLU A 88 2.22 4.86 -9.46
CA GLU A 88 1.81 5.64 -8.30
C GLU A 88 2.63 5.22 -7.07
N ALA A 89 2.90 3.93 -6.98
CA ALA A 89 3.66 3.40 -5.87
C ALA A 89 5.15 3.39 -6.24
N PHE A 90 5.42 3.67 -7.51
CA PHE A 90 6.78 3.70 -7.99
C PHE A 90 7.49 5.00 -7.60
N LYS A 91 6.91 6.11 -8.05
CA LYS A 91 7.47 7.41 -7.75
C LYS A 91 7.42 7.65 -6.23
N VAL A 92 6.32 7.23 -5.64
CA VAL A 92 6.13 7.38 -4.20
C VAL A 92 7.32 6.75 -3.47
N PHE A 93 7.61 5.51 -3.84
CA PHE A 93 8.70 4.78 -3.23
C PHE A 93 10.05 5.40 -3.61
N ASP A 94 10.17 5.70 -4.87
CA ASP A 94 11.44 6.32 -5.37
C ASP A 94 11.55 7.75 -4.86
N LYS A 95 12.31 7.98 -3.79
CA LYS A 95 12.46 9.32 -3.25
C LYS A 95 13.58 10.05 -4.00
N ASN A 96 14.57 9.27 -4.43
CA ASN A 96 15.69 9.83 -5.16
C ASN A 96 15.26 10.12 -6.60
N GLY A 97 14.54 9.17 -7.18
CA GLY A 97 14.07 9.32 -8.55
C GLY A 97 15.14 8.86 -9.55
N ASP A 98 15.24 7.55 -9.69
CA ASP A 98 16.21 6.98 -10.62
C ASP A 98 15.57 5.80 -11.36
N GLY A 99 14.25 5.69 -11.21
CA GLY A 99 13.52 4.62 -11.86
C GLY A 99 13.83 3.27 -11.22
N LEU A 100 14.38 3.34 -10.00
CA LEU A 100 14.73 2.14 -9.28
C LEU A 100 14.63 2.40 -7.77
N ILE A 101 13.63 1.78 -7.17
CA ILE A 101 13.41 1.94 -5.73
C ILE A 101 14.49 1.19 -4.96
N SER A 102 15.49 1.94 -4.52
CA SER A 102 16.58 1.35 -3.77
C SER A 102 16.07 0.78 -2.45
N ALA A 103 16.94 0.01 -1.80
CA ALA A 103 16.58 -0.61 -0.53
C ALA A 103 15.83 0.41 0.33
N ALA A 104 16.56 1.41 0.79
CA ALA A 104 15.99 2.44 1.62
C ALA A 104 14.60 2.83 1.07
N GLU A 105 14.63 3.42 -0.12
CA GLU A 105 13.39 3.83 -0.76
C GLU A 105 12.30 2.78 -0.53
N LEU A 106 12.73 1.54 -0.38
CA LEU A 106 11.80 0.45 -0.15
C LEU A 106 11.59 0.27 1.36
N LYS A 107 12.61 -0.28 2.00
CA LYS A 107 12.55 -0.51 3.43
C LYS A 107 12.00 0.74 4.12
N HIS A 108 12.77 1.81 4.04
CA HIS A 108 12.37 3.06 4.65
C HIS A 108 10.87 3.28 4.45
N VAL A 109 10.43 3.06 3.23
CA VAL A 109 9.02 3.22 2.89
C VAL A 109 8.19 2.26 3.74
N LEU A 110 8.67 1.03 3.84
CA LEU A 110 7.98 0.02 4.63
C LEU A 110 8.03 0.40 6.10
N THR A 111 9.06 1.16 6.46
CA THR A 111 9.25 1.59 7.83
C THR A 111 8.39 2.81 8.12
N SER A 112 8.10 3.57 7.07
CA SER A 112 7.29 4.77 7.20
C SER A 112 5.84 4.37 7.47
N ILE A 113 5.58 3.08 7.41
CA ILE A 113 4.24 2.57 7.64
C ILE A 113 4.25 1.73 8.92
N GLY A 114 5.37 1.09 9.17
CA GLY A 114 5.52 0.26 10.35
C GLY A 114 6.54 -0.87 10.12
N GLU A 115 6.56 -1.35 8.88
CA GLU A 115 7.48 -2.42 8.51
C GLU A 115 8.92 -1.93 8.60
N LYS A 116 9.60 -2.36 9.66
CA LYS A 116 10.98 -1.98 9.88
C LYS A 116 11.89 -3.17 9.57
N LEU A 117 12.53 -3.08 8.42
CA LEU A 117 13.44 -4.14 7.99
C LEU A 117 14.88 -3.60 8.00
N THR A 118 15.79 -4.49 8.38
CA THR A 118 17.20 -4.13 8.44
C THR A 118 17.77 -3.97 7.02
N ASP A 119 18.77 -3.10 6.92
CA ASP A 119 19.40 -2.85 5.64
C ASP A 119 19.80 -4.18 5.00
N ALA A 120 20.01 -5.17 5.85
CA ALA A 120 20.39 -6.49 5.38
C ALA A 120 19.13 -7.27 4.97
N GLU A 121 18.05 -6.99 5.70
CA GLU A 121 16.79 -7.65 5.42
C GLU A 121 16.24 -7.21 4.07
N VAL A 122 16.32 -5.91 3.82
CA VAL A 122 15.84 -5.35 2.57
C VAL A 122 16.75 -5.80 1.43
N ASP A 123 18.05 -5.61 1.63
CA ASP A 123 19.02 -5.99 0.63
C ASP A 123 18.73 -7.42 0.16
N ASP A 124 18.06 -8.16 1.02
CA ASP A 124 17.71 -9.54 0.70
C ASP A 124 16.34 -9.58 0.03
N MET A 125 15.48 -8.65 0.45
CA MET A 125 14.14 -8.58 -0.09
C MET A 125 14.18 -8.16 -1.57
N LEU A 126 15.11 -7.26 -1.87
CA LEU A 126 15.26 -6.76 -3.23
C LEU A 126 15.61 -7.93 -4.16
N ARG A 127 16.69 -8.61 -3.80
CA ARG A 127 17.15 -9.74 -4.59
C ARG A 127 15.95 -10.55 -5.11
N GLU A 128 14.88 -10.52 -4.34
CA GLU A 128 13.67 -11.22 -4.71
C GLU A 128 13.31 -10.95 -6.17
N VAL A 129 13.30 -9.66 -6.51
CA VAL A 129 12.98 -9.26 -7.87
C VAL A 129 14.03 -8.25 -8.36
N SER A 130 15.11 -8.17 -7.59
CA SER A 130 16.20 -7.25 -7.94
C SER A 130 17.31 -8.01 -8.64
N ASP A 131 17.05 -9.28 -8.93
CA ASP A 131 18.02 -10.12 -9.60
C ASP A 131 19.42 -9.82 -9.04
N GLY A 132 19.47 -9.66 -7.72
CA GLY A 132 20.73 -9.38 -7.06
C GLY A 132 21.34 -8.07 -7.58
N SER A 133 20.51 -7.05 -7.67
CA SER A 133 20.95 -5.76 -8.15
C SER A 133 21.11 -4.79 -6.97
N GLY A 134 19.98 -4.32 -6.48
CA GLY A 134 19.98 -3.39 -5.35
C GLY A 134 18.80 -2.44 -5.43
N GLU A 135 18.19 -2.38 -6.61
CA GLU A 135 17.04 -1.52 -6.82
C GLU A 135 16.00 -2.23 -7.69
N ILE A 136 14.76 -1.77 -7.55
CA ILE A 136 13.67 -2.35 -8.31
C ILE A 136 12.99 -1.27 -9.14
N ASN A 137 12.97 -1.48 -10.45
CA ASN A 137 12.37 -0.52 -11.35
C ASN A 137 10.85 -0.74 -11.38
N ILE A 138 10.20 -0.04 -12.28
CA ILE A 138 8.75 -0.14 -12.41
C ILE A 138 8.38 -1.58 -12.76
N GLN A 139 9.32 -2.28 -13.36
CA GLN A 139 9.10 -3.66 -13.74
C GLN A 139 9.35 -4.59 -12.55
N GLN A 140 10.56 -4.50 -12.01
CA GLN A 140 10.94 -5.31 -10.87
C GLN A 140 9.99 -5.06 -9.70
N PHE A 141 9.86 -3.79 -9.35
CA PHE A 141 8.99 -3.40 -8.24
C PHE A 141 7.63 -4.10 -8.35
N ALA A 142 7.12 -4.14 -9.58
CA ALA A 142 5.83 -4.77 -9.82
C ALA A 142 5.94 -6.28 -9.56
N ALA A 143 7.14 -6.80 -9.80
CA ALA A 143 7.39 -8.21 -9.60
C ALA A 143 6.89 -8.62 -8.21
N LEU A 144 7.01 -7.69 -7.28
CA LEU A 144 6.57 -7.94 -5.91
C LEU A 144 5.04 -8.05 -5.87
N LEU A 145 4.40 -7.07 -6.49
CA LEU A 145 2.94 -7.05 -6.54
C LEU A 145 2.45 -8.30 -7.28
N SER A 146 3.37 -8.94 -7.98
CA SER A 146 3.05 -10.14 -8.73
C SER A 146 3.96 -11.30 -8.29
N LYS A 147 4.15 -11.39 -6.99
CA LYS A 147 5.01 -12.43 -6.45
C LYS A 147 4.18 -13.32 -5.50
N GLY A 148 3.46 -14.25 -6.10
CA GLY A 148 2.62 -15.16 -5.32
C GLY A 148 3.02 -16.62 -5.57
N SER A 149 4.30 -16.88 -5.40
CA SER A 149 4.82 -18.23 -5.60
C SER A 149 5.35 -18.78 -4.28
N SER A 150 6.20 -18.00 -3.64
CA SER A 150 6.79 -18.40 -2.38
C SER A 150 6.08 -17.70 -1.22
N THR A 151 4.92 -17.12 -1.54
CA THR A 151 4.14 -16.42 -0.54
C THR A 151 2.97 -17.29 -0.09
N GLY A 152 2.25 -16.79 0.90
CA GLY A 152 1.10 -17.50 1.44
C GLY A 152 0.36 -16.68 2.49
N THR A 153 1.12 -16.28 3.51
CA THR A 153 0.56 -15.48 4.58
C THR A 153 1.65 -14.66 5.27
N ARG A 154 2.72 -14.43 4.52
CA ARG A 154 3.84 -13.66 5.05
C ARG A 154 4.41 -12.75 3.96
N ARG A 155 4.64 -13.34 2.79
CA ARG A 155 5.18 -12.60 1.66
C ARG A 155 4.04 -11.95 0.86
N LYS A 156 2.88 -12.57 0.94
CA LYS A 156 1.71 -12.07 0.24
C LYS A 156 1.25 -10.75 0.87
N ALA A 157 1.65 -10.57 2.13
CA ALA A 157 1.29 -9.37 2.86
C ALA A 157 2.36 -8.30 2.64
N LEU A 158 3.51 -8.76 2.15
CA LEU A 158 4.62 -7.85 1.89
C LEU A 158 4.23 -6.89 0.76
N ARG A 159 3.67 -7.46 -0.29
CA ARG A 159 3.25 -6.67 -1.44
C ARG A 159 1.97 -5.91 -1.12
N ASN A 160 1.15 -6.50 -0.26
CA ASN A 160 -0.11 -5.89 0.14
C ASN A 160 0.18 -4.55 0.82
N LYS A 161 1.22 -4.56 1.65
CA LYS A 161 1.61 -3.35 2.38
C LYS A 161 1.80 -2.21 1.38
N ILE A 162 2.19 -2.58 0.17
CA ILE A 162 2.41 -1.60 -0.88
C ILE A 162 1.10 -1.37 -1.64
N LEU A 163 0.29 -2.41 -1.69
CA LEU A 163 -0.99 -2.34 -2.39
C LEU A 163 -1.75 -1.10 -1.90
N ALA A 164 -1.76 -0.93 -0.58
CA ALA A 164 -2.45 0.20 0.01
C ALA A 164 -1.69 1.48 -0.32
N ILE A 165 -0.47 1.56 0.18
CA ILE A 165 0.38 2.71 -0.06
C ILE A 165 0.23 3.17 -1.51
N ALA A 166 -0.05 2.19 -2.36
CA ALA A 166 -0.22 2.47 -3.78
C ALA A 166 -1.63 3.04 -4.02
N LYS A 167 -2.62 2.25 -3.64
CA LYS A 167 -4.01 2.67 -3.81
C LYS A 167 -4.27 3.90 -2.96
N VAL A 168 -4.21 3.71 -1.65
CA VAL A 168 -4.44 4.81 -0.72
C VAL A 168 -3.80 6.08 -1.28
N SER A 169 -2.72 5.89 -2.01
CA SER A 169 -2.01 7.01 -2.60
C SER A 169 -2.77 7.54 -3.82
N ARG A 170 -2.86 6.67 -4.83
CA ARG A 170 -3.56 7.03 -6.05
C ARG A 170 -4.90 7.70 -5.72
N MET A 171 -5.67 7.04 -4.87
CA MET A 171 -6.96 7.55 -4.47
C MET A 171 -6.92 9.07 -4.29
N PHE A 172 -5.78 9.55 -3.82
CA PHE A 172 -5.59 10.97 -3.60
C PHE A 172 -5.29 11.70 -4.91
N SER A 173 -4.49 11.05 -5.74
CA SER A 173 -4.12 11.62 -7.02
C SER A 173 -5.33 11.64 -7.95
N VAL A 174 -6.40 11.01 -7.49
CA VAL A 174 -7.63 10.96 -8.27
C VAL A 174 -8.70 11.80 -7.59
N LEU A 175 -8.75 11.70 -6.26
CA LEU A 175 -9.72 12.45 -5.49
C LEU A 175 -9.82 13.87 -6.05
N ARG A 176 -8.71 14.33 -6.62
CA ARG A 176 -8.66 15.66 -7.20
C ARG A 176 -9.99 15.98 -7.90
N GLY A 1 -21.15 -8.67 -4.81
CA GLY A 1 -20.52 -7.59 -5.57
C GLY A 1 -19.50 -8.13 -6.57
N SER A 2 -18.63 -7.25 -7.02
CA SER A 2 -17.61 -7.61 -7.98
C SER A 2 -16.30 -7.94 -7.25
N SER A 3 -16.28 -9.11 -6.64
CA SER A 3 -15.11 -9.56 -5.91
C SER A 3 -15.02 -11.08 -5.92
N ASN A 4 -13.80 -11.58 -5.90
CA ASN A 4 -13.57 -13.02 -5.91
C ASN A 4 -12.48 -13.36 -4.89
N LEU A 5 -12.40 -12.53 -3.86
CA LEU A 5 -11.40 -12.74 -2.82
C LEU A 5 -11.82 -13.93 -1.94
N THR A 6 -10.89 -14.37 -1.12
CA THR A 6 -11.14 -15.50 -0.24
C THR A 6 -10.86 -15.11 1.22
N GLU A 7 -11.42 -15.89 2.12
CA GLU A 7 -11.23 -15.64 3.55
C GLU A 7 -9.76 -15.38 3.85
N GLU A 8 -8.90 -16.03 3.09
CA GLU A 8 -7.47 -15.87 3.26
C GLU A 8 -7.02 -14.48 2.78
N GLN A 9 -7.67 -14.03 1.72
CA GLN A 9 -7.36 -12.72 1.16
C GLN A 9 -7.86 -11.61 2.08
N ILE A 10 -8.93 -11.92 2.80
CA ILE A 10 -9.52 -10.96 3.72
C ILE A 10 -8.54 -10.70 4.88
N ALA A 11 -7.62 -11.63 5.05
CA ALA A 11 -6.63 -11.51 6.10
C ALA A 11 -5.47 -10.63 5.61
N GLU A 12 -5.47 -10.39 4.31
CA GLU A 12 -4.44 -9.56 3.71
C GLU A 12 -4.69 -8.09 4.00
N PHE A 13 -5.76 -7.57 3.42
CA PHE A 13 -6.13 -6.17 3.61
C PHE A 13 -6.01 -5.78 5.08
N LYS A 14 -6.14 -6.78 5.95
CA LYS A 14 -6.05 -6.55 7.38
C LYS A 14 -4.73 -5.87 7.70
N GLU A 15 -3.66 -6.40 7.11
CA GLU A 15 -2.33 -5.85 7.33
C GLU A 15 -2.26 -4.43 6.79
N ALA A 16 -2.76 -4.25 5.58
CA ALA A 16 -2.76 -2.95 4.94
C ALA A 16 -3.66 -1.99 5.72
N PHE A 17 -4.48 -2.58 6.58
CA PHE A 17 -5.41 -1.81 7.38
C PHE A 17 -4.69 -1.21 8.61
N ALA A 18 -3.83 -2.03 9.20
CA ALA A 18 -3.08 -1.60 10.37
C ALA A 18 -2.22 -0.38 10.01
N LEU A 19 -1.97 -0.25 8.72
CA LEU A 19 -1.16 0.86 8.23
C LEU A 19 -1.67 2.17 8.85
N PHE A 20 -2.99 2.28 8.90
CA PHE A 20 -3.62 3.46 9.47
C PHE A 20 -4.29 3.15 10.80
N ASP A 21 -4.94 1.99 10.84
CA ASP A 21 -5.63 1.56 12.05
C ASP A 21 -4.61 1.37 13.16
N LYS A 22 -4.28 2.47 13.82
CA LYS A 22 -3.32 2.43 14.92
C LYS A 22 -3.83 1.49 16.00
N ASP A 23 -4.90 1.89 16.62
CA ASP A 23 -5.50 1.07 17.71
C ASP A 23 -6.30 -0.10 17.10
N ASN A 24 -6.73 0.04 15.85
CA ASN A 24 -7.49 -1.01 15.20
C ASN A 24 -8.90 -1.06 15.81
N ASN A 25 -9.64 0.02 15.61
CA ASN A 25 -10.99 0.11 16.12
C ASN A 25 -11.98 -0.18 15.00
N GLY A 26 -11.43 -0.55 13.85
CA GLY A 26 -12.26 -0.85 12.69
C GLY A 26 -12.76 0.43 12.01
N SER A 27 -11.91 1.45 12.05
CA SER A 27 -12.24 2.72 11.45
C SER A 27 -11.01 3.61 11.39
N ILE A 28 -10.55 3.86 10.17
CA ILE A 28 -9.39 4.69 9.95
C ILE A 28 -9.83 6.14 9.71
N SER A 29 -9.73 6.94 10.77
CA SER A 29 -10.12 8.34 10.68
C SER A 29 -9.17 9.09 9.75
N SER A 30 -9.43 10.38 9.62
CA SER A 30 -8.60 11.22 8.76
C SER A 30 -7.21 11.39 9.38
N SER A 31 -7.20 11.53 10.68
CA SER A 31 -5.94 11.71 11.40
C SER A 31 -5.11 10.43 11.31
N GLU A 32 -5.80 9.33 11.01
CA GLU A 32 -5.14 8.04 10.90
C GLU A 32 -4.69 7.81 9.46
N LEU A 33 -5.60 8.09 8.53
CA LEU A 33 -5.32 7.91 7.11
C LEU A 33 -4.14 8.82 6.72
N ALA A 34 -4.26 10.08 7.13
CA ALA A 34 -3.23 11.05 6.83
C ALA A 34 -1.95 10.72 7.61
N THR A 35 -2.12 9.80 8.56
CA THR A 35 -0.99 9.37 9.39
C THR A 35 -0.01 8.55 8.56
N VAL A 36 -0.54 7.87 7.55
CA VAL A 36 0.28 7.05 6.69
C VAL A 36 0.74 7.88 5.49
N MET A 37 -0.23 8.36 4.72
CA MET A 37 0.06 9.17 3.56
C MET A 37 1.20 10.15 3.84
N ARG A 38 1.07 10.83 4.97
CA ARG A 38 2.08 11.81 5.37
C ARG A 38 3.44 11.11 5.59
N SER A 39 3.37 9.94 6.19
CA SER A 39 4.57 9.16 6.46
C SER A 39 5.28 8.82 5.14
N LEU A 40 4.47 8.61 4.12
CA LEU A 40 5.00 8.27 2.81
C LEU A 40 5.69 9.50 2.20
N GLY A 41 5.29 10.66 2.71
CA GLY A 41 5.87 11.91 2.23
C GLY A 41 4.78 12.84 1.69
N LEU A 42 3.54 12.40 1.83
CA LEU A 42 2.41 13.18 1.36
C LEU A 42 2.03 14.22 2.42
N SER A 43 0.97 14.96 2.13
CA SER A 43 0.51 15.98 3.05
C SER A 43 -0.92 16.40 2.68
N PRO A 44 -1.84 15.40 2.75
CA PRO A 44 -3.24 15.65 2.43
C PRO A 44 -3.93 16.41 3.56
N SER A 45 -4.38 17.61 3.24
CA SER A 45 -5.07 18.44 4.22
C SER A 45 -6.29 17.71 4.76
N GLU A 46 -6.50 17.85 6.07
CA GLU A 46 -7.63 17.22 6.72
C GLU A 46 -8.91 17.43 5.91
N ALA A 47 -8.93 18.54 5.17
CA ALA A 47 -10.08 18.88 4.35
C ALA A 47 -10.23 17.83 3.25
N GLU A 48 -9.11 17.53 2.59
CA GLU A 48 -9.12 16.56 1.52
C GLU A 48 -9.20 15.14 2.09
N VAL A 49 -8.33 14.87 3.05
CA VAL A 49 -8.31 13.57 3.69
C VAL A 49 -9.74 13.07 3.91
N ASN A 50 -10.63 14.03 4.10
CA ASN A 50 -12.03 13.70 4.31
C ASN A 50 -12.65 13.24 2.99
N ASP A 51 -12.73 14.17 2.05
CA ASP A 51 -13.30 13.87 0.74
C ASP A 51 -12.60 12.65 0.15
N LEU A 52 -11.42 12.37 0.70
CA LEU A 52 -10.63 11.23 0.24
C LEU A 52 -11.19 9.95 0.85
N MET A 53 -11.31 9.95 2.17
CA MET A 53 -11.82 8.79 2.88
C MET A 53 -13.35 8.76 2.82
N ASN A 54 -13.92 9.82 2.27
CA ASN A 54 -15.36 9.92 2.15
C ASN A 54 -15.80 9.36 0.79
N GLU A 55 -14.81 9.08 -0.03
CA GLU A 55 -15.07 8.55 -1.37
C GLU A 55 -15.14 7.02 -1.32
N ILE A 56 -14.78 6.47 -0.17
CA ILE A 56 -14.80 5.04 0.02
C ILE A 56 -15.80 4.68 1.11
N ASP A 57 -15.74 5.43 2.21
CA ASP A 57 -16.63 5.21 3.33
C ASP A 57 -18.02 4.86 2.81
N VAL A 58 -18.49 3.67 3.18
CA VAL A 58 -19.80 3.21 2.76
C VAL A 58 -20.87 3.83 3.66
N ASP A 59 -20.42 4.34 4.78
CA ASP A 59 -21.36 4.98 5.73
C ASP A 59 -21.01 6.46 5.91
N GLY A 60 -19.89 6.89 5.36
CA GLY A 60 -19.48 8.28 5.49
C GLY A 60 -19.34 8.68 6.96
N ASN A 61 -18.76 7.76 7.73
CA ASN A 61 -18.56 8.00 9.15
C ASN A 61 -17.20 8.66 9.37
N HIS A 62 -16.66 9.21 8.28
CA HIS A 62 -15.37 9.87 8.33
C HIS A 62 -14.31 8.88 8.79
N GLN A 63 -14.53 7.62 8.45
CA GLN A 63 -13.59 6.56 8.82
C GLN A 63 -13.71 5.39 7.86
N ILE A 64 -12.60 4.70 7.66
CA ILE A 64 -12.57 3.55 6.78
C ILE A 64 -12.55 2.27 7.61
N GLU A 65 -13.48 1.38 7.30
CA GLU A 65 -13.58 0.12 8.01
C GLU A 65 -12.73 -0.95 7.31
N PHE A 66 -12.61 -2.09 7.97
CA PHE A 66 -11.84 -3.20 7.42
C PHE A 66 -12.56 -3.83 6.23
N SER A 67 -13.82 -3.46 6.08
CA SER A 67 -14.63 -3.98 4.99
C SER A 67 -14.55 -3.05 3.79
N GLU A 68 -14.72 -1.76 4.06
CA GLU A 68 -14.68 -0.76 3.01
C GLU A 68 -13.27 -0.69 2.41
N PHE A 69 -12.30 -0.55 3.30
CA PHE A 69 -10.90 -0.46 2.87
C PHE A 69 -10.53 -1.66 2.00
N LEU A 70 -10.94 -2.84 2.45
CA LEU A 70 -10.65 -4.06 1.74
C LEU A 70 -11.44 -4.08 0.42
N ALA A 71 -12.63 -3.48 0.48
CA ALA A 71 -13.50 -3.43 -0.69
C ALA A 71 -12.89 -2.45 -1.69
N LEU A 72 -12.10 -1.51 -1.19
CA LEU A 72 -11.46 -0.53 -2.04
C LEU A 72 -10.49 -1.22 -2.98
N MET A 73 -9.63 -2.05 -2.41
CA MET A 73 -8.65 -2.78 -3.19
C MET A 73 -9.33 -3.65 -4.26
N SER A 74 -10.63 -3.81 -4.10
CA SER A 74 -11.40 -4.60 -5.04
C SER A 74 -12.65 -3.83 -5.48
N ARG A 75 -12.52 -2.51 -5.49
CA ARG A 75 -13.61 -1.65 -5.90
C ARG A 75 -13.07 -0.37 -6.55
N GLN A 76 -11.83 -0.46 -6.99
CA GLN A 76 -11.19 0.69 -7.63
C GLN A 76 -10.19 0.20 -8.68
N LEU A 77 -10.49 -0.95 -9.26
CA LEU A 77 -9.62 -1.52 -10.28
C LEU A 77 -10.46 -2.41 -11.20
N LYS A 78 -10.09 -2.40 -12.48
CA LYS A 78 -10.80 -3.19 -13.47
C LYS A 78 -9.77 -3.92 -14.35
N SER A 79 -9.35 -3.23 -15.40
CA SER A 79 -8.38 -3.80 -16.32
C SER A 79 -6.98 -3.76 -15.71
N ASN A 80 -6.34 -2.62 -15.85
CA ASN A 80 -4.99 -2.43 -15.30
C ASN A 80 -5.09 -2.26 -13.78
N ASP A 81 -5.67 -3.25 -13.14
CA ASP A 81 -5.82 -3.22 -11.69
C ASP A 81 -4.44 -3.11 -11.05
N SER A 82 -3.80 -4.25 -10.88
CA SER A 82 -2.48 -4.29 -10.27
C SER A 82 -1.60 -3.17 -10.85
N GLU A 83 -1.50 -3.16 -12.17
CA GLU A 83 -0.70 -2.15 -12.85
C GLU A 83 -0.88 -0.80 -12.18
N GLN A 84 -2.13 -0.50 -11.83
CA GLN A 84 -2.44 0.76 -11.17
C GLN A 84 -1.70 0.87 -9.85
N GLU A 85 -2.07 -0.01 -8.93
CA GLU A 85 -1.45 -0.02 -7.61
C GLU A 85 0.06 -0.25 -7.74
N LEU A 86 0.46 -0.68 -8.91
CA LEU A 86 1.87 -0.94 -9.18
C LEU A 86 2.59 0.38 -9.40
N LEU A 87 2.02 1.21 -10.27
CA LEU A 87 2.61 2.50 -10.58
C LEU A 87 2.36 3.45 -9.40
N GLU A 88 1.27 3.22 -8.70
CA GLU A 88 0.92 4.04 -7.56
C GLU A 88 1.90 3.79 -6.40
N ALA A 89 2.34 2.55 -6.31
CA ALA A 89 3.28 2.17 -5.26
C ALA A 89 4.71 2.35 -5.77
N PHE A 90 4.82 2.57 -7.07
CA PHE A 90 6.11 2.76 -7.71
C PHE A 90 6.69 4.15 -7.39
N LYS A 91 5.95 5.16 -7.80
CA LYS A 91 6.37 6.53 -7.57
C LYS A 91 6.42 6.79 -6.06
N VAL A 92 5.39 6.31 -5.38
CA VAL A 92 5.31 6.49 -3.94
C VAL A 92 6.62 6.03 -3.29
N PHE A 93 7.04 4.82 -3.65
CA PHE A 93 8.26 4.26 -3.13
C PHE A 93 9.48 5.02 -3.65
N ASP A 94 9.46 5.30 -4.92
CA ASP A 94 10.59 6.03 -5.55
C ASP A 94 10.56 7.50 -5.10
N LYS A 95 11.36 7.87 -4.12
CA LYS A 95 11.40 9.24 -3.64
C LYS A 95 12.40 10.04 -4.48
N ASN A 96 13.42 9.34 -4.96
CA ASN A 96 14.45 9.97 -5.76
C ASN A 96 13.91 10.19 -7.19
N GLY A 97 13.35 9.13 -7.74
CA GLY A 97 12.81 9.20 -9.09
C GLY A 97 13.85 8.81 -10.13
N ASP A 98 14.22 7.54 -10.12
CA ASP A 98 15.21 7.04 -11.05
C ASP A 98 14.64 5.83 -11.79
N GLY A 99 13.39 5.51 -11.47
CA GLY A 99 12.71 4.39 -12.09
C GLY A 99 13.11 3.07 -11.42
N LEU A 100 13.74 3.20 -10.27
CA LEU A 100 14.18 2.03 -9.52
C LEU A 100 14.13 2.34 -8.02
N ILE A 101 13.24 1.63 -7.34
CA ILE A 101 13.09 1.82 -5.90
C ILE A 101 14.27 1.18 -5.17
N SER A 102 15.18 2.02 -4.74
CA SER A 102 16.37 1.55 -4.03
C SER A 102 15.96 0.97 -2.68
N ALA A 103 16.95 0.43 -1.98
CA ALA A 103 16.71 -0.16 -0.68
C ALA A 103 15.89 0.80 0.18
N ALA A 104 16.54 1.90 0.55
CA ALA A 104 15.88 2.91 1.36
C ALA A 104 14.45 3.11 0.86
N GLU A 105 14.35 3.63 -0.35
CA GLU A 105 13.06 3.89 -0.95
C GLU A 105 12.08 2.77 -0.59
N LEU A 106 12.63 1.58 -0.41
CA LEU A 106 11.82 0.42 -0.07
C LEU A 106 11.70 0.32 1.45
N LYS A 107 12.79 -0.05 2.09
CA LYS A 107 12.81 -0.17 3.54
C LYS A 107 12.17 1.07 4.16
N HIS A 108 12.82 2.21 3.93
CA HIS A 108 12.32 3.46 4.48
C HIS A 108 10.80 3.50 4.37
N VAL A 109 10.30 3.04 3.23
CA VAL A 109 8.88 3.02 2.99
C VAL A 109 8.22 2.02 3.93
N LEU A 110 8.81 0.84 4.00
CA LEU A 110 8.30 -0.21 4.86
C LEU A 110 8.23 0.30 6.30
N THR A 111 9.21 1.12 6.65
CA THR A 111 9.28 1.68 7.98
C THR A 111 8.36 2.90 8.09
N SER A 112 7.92 3.38 6.94
CA SER A 112 7.05 4.54 6.89
C SER A 112 5.59 4.10 7.13
N ILE A 113 5.41 2.80 7.25
CA ILE A 113 4.08 2.24 7.47
C ILE A 113 4.04 1.60 8.86
N GLY A 114 5.17 1.05 9.27
CA GLY A 114 5.28 0.40 10.56
C GLY A 114 6.32 -0.72 10.54
N GLU A 115 6.37 -1.41 9.42
CA GLU A 115 7.31 -2.50 9.26
C GLU A 115 8.73 -2.05 9.64
N LYS A 116 9.65 -3.01 9.66
CA LYS A 116 11.02 -2.72 10.01
C LYS A 116 11.93 -3.78 9.37
N LEU A 117 12.76 -3.32 8.44
CA LEU A 117 13.68 -4.20 7.75
C LEU A 117 15.08 -3.58 7.75
N THR A 118 16.05 -4.39 8.16
CA THR A 118 17.43 -3.93 8.21
C THR A 118 17.96 -3.68 6.80
N ASP A 119 19.01 -2.88 6.72
CA ASP A 119 19.62 -2.55 5.45
C ASP A 119 20.04 -3.85 4.75
N ALA A 120 20.38 -4.84 5.56
CA ALA A 120 20.80 -6.12 5.03
C ALA A 120 19.57 -6.96 4.69
N GLU A 121 18.44 -6.58 5.28
CA GLU A 121 17.20 -7.29 5.05
C GLU A 121 16.50 -6.72 3.81
N VAL A 122 16.75 -5.45 3.56
CA VAL A 122 16.15 -4.78 2.41
C VAL A 122 17.00 -5.05 1.17
N ASP A 123 18.28 -4.73 1.30
CA ASP A 123 19.21 -4.93 0.19
C ASP A 123 19.02 -6.33 -0.38
N ASP A 124 18.50 -7.22 0.46
CA ASP A 124 18.27 -8.59 0.05
C ASP A 124 16.84 -8.71 -0.51
N MET A 125 15.94 -7.95 0.09
CA MET A 125 14.56 -7.97 -0.34
C MET A 125 14.43 -7.66 -1.83
N LEU A 126 15.32 -6.78 -2.29
CA LEU A 126 15.33 -6.40 -3.69
C LEU A 126 15.79 -7.58 -4.54
N ARG A 127 16.96 -8.09 -4.20
CA ARG A 127 17.53 -9.21 -4.93
C ARG A 127 16.42 -10.17 -5.37
N GLU A 128 15.39 -10.25 -4.54
CA GLU A 128 14.26 -11.13 -4.83
C GLU A 128 13.86 -11.00 -6.31
N VAL A 129 13.69 -9.76 -6.74
CA VAL A 129 13.32 -9.48 -8.11
C VAL A 129 14.22 -8.40 -8.69
N SER A 130 15.28 -8.09 -7.94
CA SER A 130 16.23 -7.07 -8.35
C SER A 130 17.43 -7.74 -9.02
N ASP A 131 17.25 -8.99 -9.42
CA ASP A 131 18.31 -9.74 -10.07
C ASP A 131 19.64 -9.44 -9.37
N GLY A 132 19.59 -9.46 -8.05
CA GLY A 132 20.79 -9.20 -7.26
C GLY A 132 21.37 -7.82 -7.59
N SER A 133 20.48 -6.85 -7.72
CA SER A 133 20.90 -5.49 -8.03
C SER A 133 20.85 -4.62 -6.78
N GLY A 134 19.66 -4.10 -6.51
CA GLY A 134 19.46 -3.25 -5.34
C GLY A 134 18.21 -2.38 -5.51
N GLU A 135 17.84 -2.15 -6.76
CA GLU A 135 16.67 -1.34 -7.06
C GLU A 135 15.65 -2.17 -7.85
N ILE A 136 14.40 -1.74 -7.78
CA ILE A 136 13.33 -2.41 -8.48
C ILE A 136 12.51 -1.39 -9.27
N ASN A 137 12.45 -1.60 -10.57
CA ASN A 137 11.71 -0.71 -11.45
C ASN A 137 10.25 -1.14 -11.49
N ILE A 138 9.46 -0.37 -12.22
CA ILE A 138 8.04 -0.67 -12.35
C ILE A 138 7.86 -2.12 -12.78
N GLN A 139 8.92 -2.66 -13.37
CA GLN A 139 8.89 -4.04 -13.82
C GLN A 139 9.28 -4.99 -12.68
N GLN A 140 10.47 -4.75 -12.14
CA GLN A 140 10.96 -5.57 -11.04
C GLN A 140 10.04 -5.43 -9.83
N PHE A 141 9.87 -4.20 -9.38
CA PHE A 141 9.03 -3.93 -8.23
C PHE A 141 7.73 -4.74 -8.30
N ALA A 142 7.08 -4.64 -9.44
CA ALA A 142 5.83 -5.36 -9.65
C ALA A 142 6.03 -6.84 -9.34
N ALA A 143 7.22 -7.33 -9.67
CA ALA A 143 7.56 -8.72 -9.43
C ALA A 143 7.23 -9.07 -7.98
N LEU A 144 7.41 -8.10 -7.11
CA LEU A 144 7.13 -8.29 -5.70
C LEU A 144 5.62 -8.35 -5.48
N LEU A 145 4.93 -7.42 -6.13
CA LEU A 145 3.48 -7.36 -6.03
C LEU A 145 2.84 -8.30 -7.05
N SER A 146 3.69 -9.13 -7.64
CA SER A 146 3.23 -10.08 -8.65
C SER A 146 3.49 -11.50 -8.17
N LYS A 147 4.59 -11.67 -7.45
CA LYS A 147 4.97 -12.98 -6.94
C LYS A 147 5.77 -12.80 -5.65
N GLY A 148 6.96 -12.24 -5.81
CA GLY A 148 7.84 -12.02 -4.67
C GLY A 148 9.00 -13.02 -4.65
N SER A 149 9.01 -13.85 -3.62
CA SER A 149 10.05 -14.85 -3.47
C SER A 149 9.86 -15.61 -2.16
N SER A 150 9.55 -16.90 -2.30
CA SER A 150 9.34 -17.74 -1.13
C SER A 150 8.25 -17.15 -0.24
N THR A 151 7.08 -16.97 -0.84
CA THR A 151 5.94 -16.41 -0.11
C THR A 151 4.92 -17.51 0.20
N GLY A 152 3.79 -17.07 0.71
CA GLY A 152 2.72 -17.99 1.06
C GLY A 152 1.58 -17.27 1.79
N THR A 153 1.78 -17.08 3.09
CA THR A 153 0.79 -16.41 3.90
C THR A 153 1.46 -15.39 4.82
N ARG A 154 2.74 -15.16 4.57
CA ARG A 154 3.50 -14.21 5.36
C ARG A 154 4.04 -13.09 4.47
N ARG A 155 4.63 -13.50 3.35
CA ARG A 155 5.19 -12.55 2.42
C ARG A 155 4.10 -12.00 1.50
N LYS A 156 3.08 -12.82 1.28
CA LYS A 156 1.98 -12.43 0.43
C LYS A 156 1.27 -11.22 1.03
N ALA A 157 1.44 -11.06 2.34
CA ALA A 157 0.83 -9.95 3.05
C ALA A 157 1.78 -8.75 3.01
N LEU A 158 3.03 -9.04 2.68
CA LEU A 158 4.03 -7.99 2.60
C LEU A 158 3.72 -7.07 1.41
N ARG A 159 3.53 -7.69 0.27
CA ARG A 159 3.23 -6.95 -0.95
C ARG A 159 1.93 -6.15 -0.78
N ASN A 160 0.98 -6.78 -0.09
CA ASN A 160 -0.31 -6.14 0.15
C ASN A 160 -0.09 -4.84 0.92
N LYS A 161 0.75 -4.93 1.94
CA LYS A 161 1.05 -3.77 2.77
C LYS A 161 1.29 -2.56 1.86
N ILE A 162 1.75 -2.84 0.65
CA ILE A 162 2.02 -1.78 -0.30
C ILE A 162 0.76 -1.50 -1.12
N LEU A 163 0.05 -2.58 -1.46
CA LEU A 163 -1.17 -2.47 -2.23
C LEU A 163 -1.98 -1.28 -1.72
N ALA A 164 -1.89 -1.06 -0.41
CA ALA A 164 -2.60 0.04 0.21
C ALA A 164 -1.80 1.33 0.06
N ILE A 165 -0.51 1.22 0.37
CA ILE A 165 0.38 2.36 0.28
C ILE A 165 0.24 3.01 -1.09
N ALA A 166 -0.25 2.21 -2.03
CA ALA A 166 -0.44 2.70 -3.39
C ALA A 166 -1.83 3.33 -3.51
N LYS A 167 -2.84 2.48 -3.50
CA LYS A 167 -4.21 2.94 -3.62
C LYS A 167 -4.41 4.13 -2.67
N VAL A 168 -4.30 3.85 -1.39
CA VAL A 168 -4.47 4.88 -0.38
C VAL A 168 -3.83 6.18 -0.88
N SER A 169 -2.79 6.03 -1.67
CA SER A 169 -2.09 7.18 -2.23
C SER A 169 -2.86 7.74 -3.43
N ARG A 170 -2.88 6.96 -4.49
CA ARG A 170 -3.58 7.36 -5.71
C ARG A 170 -4.93 7.97 -5.36
N MET A 171 -5.66 7.27 -4.50
CA MET A 171 -6.97 7.73 -4.09
C MET A 171 -6.99 9.26 -3.93
N PHE A 172 -5.92 9.78 -3.36
CA PHE A 172 -5.80 11.21 -3.16
C PHE A 172 -5.96 11.97 -4.47
N SER A 173 -5.26 11.49 -5.48
CA SER A 173 -5.32 12.12 -6.80
C SER A 173 -6.70 11.90 -7.42
N VAL A 174 -7.29 10.76 -7.09
CA VAL A 174 -8.61 10.42 -7.60
C VAL A 174 -9.64 11.40 -7.02
N LEU A 175 -9.55 11.61 -5.73
CA LEU A 175 -10.46 12.51 -5.04
C LEU A 175 -10.54 13.84 -5.81
N ARG A 176 -9.40 14.24 -6.35
CA ARG A 176 -9.32 15.48 -7.10
C ARG A 176 -10.53 15.60 -8.05
N GLY A 1 -21.99 -5.35 -6.15
CA GLY A 1 -20.58 -5.71 -6.24
C GLY A 1 -20.37 -7.20 -5.96
N SER A 2 -19.35 -7.76 -6.59
CA SER A 2 -19.04 -9.16 -6.42
C SER A 2 -17.64 -9.30 -5.80
N SER A 3 -17.37 -10.51 -5.29
CA SER A 3 -16.10 -10.79 -4.68
C SER A 3 -15.97 -12.29 -4.39
N ASN A 4 -14.75 -12.78 -4.50
CA ASN A 4 -14.48 -14.18 -4.26
C ASN A 4 -13.28 -14.32 -3.32
N LEU A 5 -13.07 -13.28 -2.53
CA LEU A 5 -11.96 -13.27 -1.58
C LEU A 5 -12.21 -14.33 -0.50
N THR A 6 -11.12 -14.81 0.08
CA THR A 6 -11.21 -15.82 1.11
C THR A 6 -10.47 -15.35 2.37
N GLU A 7 -10.70 -16.07 3.46
CA GLU A 7 -10.08 -15.74 4.73
C GLU A 7 -8.59 -15.48 4.52
N GLU A 8 -8.04 -16.06 3.47
CA GLU A 8 -6.64 -15.90 3.15
C GLU A 8 -6.38 -14.49 2.62
N GLN A 9 -7.31 -14.02 1.80
CA GLN A 9 -7.19 -12.69 1.22
C GLN A 9 -7.37 -11.62 2.30
N ILE A 10 -8.27 -11.90 3.23
CA ILE A 10 -8.55 -10.99 4.31
C ILE A 10 -7.26 -10.74 5.11
N ALA A 11 -6.58 -11.83 5.44
CA ALA A 11 -5.35 -11.75 6.19
C ALA A 11 -4.40 -10.76 5.50
N GLU A 12 -4.70 -10.49 4.24
CA GLU A 12 -3.89 -9.57 3.45
C GLU A 12 -4.31 -8.13 3.73
N PHE A 13 -5.48 -7.78 3.21
CA PHE A 13 -6.01 -6.44 3.38
C PHE A 13 -6.00 -6.04 4.87
N LYS A 14 -6.52 -6.93 5.68
CA LYS A 14 -6.58 -6.69 7.12
C LYS A 14 -5.28 -6.05 7.58
N GLU A 15 -4.18 -6.53 7.01
CA GLU A 15 -2.86 -6.01 7.34
C GLU A 15 -2.70 -4.59 6.81
N ALA A 16 -3.14 -4.41 5.57
CA ALA A 16 -3.06 -3.10 4.94
C ALA A 16 -3.89 -2.08 5.73
N PHE A 17 -4.81 -2.62 6.52
CA PHE A 17 -5.68 -1.78 7.33
C PHE A 17 -4.92 -1.24 8.55
N ALA A 18 -4.03 -2.08 9.08
CA ALA A 18 -3.26 -1.70 10.24
C ALA A 18 -2.31 -0.56 9.87
N LEU A 19 -2.02 -0.47 8.58
CA LEU A 19 -1.13 0.57 8.08
C LEU A 19 -1.52 1.91 8.71
N PHE A 20 -2.83 2.11 8.83
CA PHE A 20 -3.34 3.34 9.40
C PHE A 20 -3.92 3.10 10.80
N ASP A 21 -4.86 2.16 10.86
CA ASP A 21 -5.50 1.83 12.12
C ASP A 21 -4.41 1.64 13.19
N LYS A 22 -4.17 2.71 13.94
CA LYS A 22 -3.16 2.68 14.99
C LYS A 22 -3.65 1.77 16.12
N ASP A 23 -4.69 2.21 16.78
CA ASP A 23 -5.26 1.42 17.90
C ASP A 23 -6.12 0.28 17.35
N ASN A 24 -6.28 0.21 16.03
CA ASN A 24 -7.08 -0.85 15.42
C ASN A 24 -8.43 -0.91 16.14
N ASN A 25 -9.17 0.18 16.06
CA ASN A 25 -10.48 0.24 16.69
C ASN A 25 -11.55 -0.17 15.69
N GLY A 26 -11.24 0.03 14.41
CA GLY A 26 -12.17 -0.31 13.35
C GLY A 26 -12.68 0.94 12.64
N SER A 27 -11.82 1.94 12.58
CA SER A 27 -12.17 3.19 11.93
C SER A 27 -10.93 4.06 11.75
N ILE A 28 -10.57 4.29 10.50
CA ILE A 28 -9.41 5.10 10.18
C ILE A 28 -9.85 6.55 9.95
N SER A 29 -9.65 7.36 10.99
CA SER A 29 -10.02 8.76 10.91
C SER A 29 -9.16 9.48 9.87
N SER A 30 -9.57 10.70 9.55
CA SER A 30 -8.85 11.49 8.57
C SER A 30 -7.47 11.88 9.11
N SER A 31 -7.34 11.77 10.42
CA SER A 31 -6.09 12.10 11.08
C SER A 31 -5.13 10.90 11.02
N GLU A 32 -5.72 9.72 10.94
CA GLU A 32 -4.93 8.50 10.88
C GLU A 32 -4.65 8.12 9.42
N LEU A 33 -5.60 8.45 8.56
CA LEU A 33 -5.46 8.16 7.14
C LEU A 33 -4.37 9.06 6.55
N ALA A 34 -4.53 10.36 6.80
CA ALA A 34 -3.58 11.33 6.30
C ALA A 34 -2.24 11.15 7.00
N THR A 35 -2.26 10.35 8.06
CA THR A 35 -1.06 10.09 8.84
C THR A 35 -0.14 9.14 8.06
N VAL A 36 -0.75 8.36 7.19
CA VAL A 36 0.01 7.41 6.38
C VAL A 36 0.51 8.11 5.12
N MET A 37 -0.44 8.66 4.37
CA MET A 37 -0.11 9.36 3.14
C MET A 37 1.12 10.24 3.32
N ARG A 38 1.09 11.05 4.38
CA ARG A 38 2.20 11.94 4.67
C ARG A 38 3.46 11.14 4.96
N SER A 39 3.27 10.05 5.70
CA SER A 39 4.39 9.19 6.06
C SER A 39 5.12 8.71 4.80
N LEU A 40 4.41 8.81 3.68
CA LEU A 40 4.97 8.39 2.40
C LEU A 40 5.62 9.60 1.73
N GLY A 41 5.19 10.78 2.14
CA GLY A 41 5.72 12.01 1.58
C GLY A 41 4.60 12.88 1.00
N LEU A 42 3.37 12.40 1.18
CA LEU A 42 2.21 13.12 0.68
C LEU A 42 1.86 14.24 1.65
N SER A 43 0.80 14.96 1.32
CA SER A 43 0.34 16.05 2.16
C SER A 43 -1.11 16.40 1.82
N PRO A 44 -2.01 15.38 2.02
CA PRO A 44 -3.42 15.57 1.74
C PRO A 44 -4.09 16.41 2.82
N SER A 45 -4.80 17.43 2.39
CA SER A 45 -5.50 18.31 3.32
C SER A 45 -6.70 17.58 3.93
N GLU A 46 -6.90 17.83 5.22
CA GLU A 46 -8.00 17.22 5.93
C GLU A 46 -9.30 17.38 5.15
N ALA A 47 -9.36 18.45 4.37
CA ALA A 47 -10.53 18.73 3.57
C ALA A 47 -10.74 17.60 2.56
N GLU A 48 -9.67 17.26 1.86
CA GLU A 48 -9.73 16.20 0.88
C GLU A 48 -9.76 14.83 1.57
N VAL A 49 -8.83 14.64 2.49
CA VAL A 49 -8.75 13.39 3.22
C VAL A 49 -10.15 12.92 3.58
N ASN A 50 -11.00 13.89 3.91
CA ASN A 50 -12.37 13.59 4.29
C ASN A 50 -13.11 13.03 3.07
N ASP A 51 -13.21 13.86 2.04
CA ASP A 51 -13.90 13.46 0.83
C ASP A 51 -13.19 12.24 0.23
N LEU A 52 -11.99 11.98 0.74
CA LEU A 52 -11.22 10.84 0.28
C LEU A 52 -11.75 9.57 0.92
N MET A 53 -11.80 9.59 2.24
CA MET A 53 -12.28 8.44 3.00
C MET A 53 -13.81 8.39 2.99
N ASN A 54 -14.41 9.49 2.59
CA ASN A 54 -15.86 9.59 2.53
C ASN A 54 -16.35 9.01 1.21
N GLU A 55 -15.40 8.72 0.33
CA GLU A 55 -15.71 8.16 -0.97
C GLU A 55 -15.78 6.64 -0.89
N ILE A 56 -15.30 6.11 0.21
CA ILE A 56 -15.29 4.67 0.42
C ILE A 56 -16.18 4.33 1.63
N ASP A 57 -16.11 5.19 2.63
CA ASP A 57 -16.91 4.99 3.83
C ASP A 57 -18.28 4.44 3.45
N VAL A 58 -18.58 3.26 3.97
CA VAL A 58 -19.85 2.62 3.70
C VAL A 58 -20.91 3.17 4.64
N ASP A 59 -20.46 3.73 5.73
CA ASP A 59 -21.40 4.32 6.72
C ASP A 59 -21.22 5.84 6.76
N GLY A 60 -20.24 6.37 6.05
CA GLY A 60 -20.01 7.81 6.05
C GLY A 60 -19.81 8.34 7.46
N ASN A 61 -19.04 7.59 8.24
CA ASN A 61 -18.77 7.97 9.62
C ASN A 61 -17.48 8.78 9.67
N HIS A 62 -17.04 9.22 8.50
CA HIS A 62 -15.83 10.01 8.39
C HIS A 62 -14.63 9.15 8.78
N GLN A 63 -14.79 7.85 8.59
CA GLN A 63 -13.73 6.91 8.91
C GLN A 63 -13.80 5.68 8.01
N ILE A 64 -12.72 4.93 7.98
CA ILE A 64 -12.66 3.73 7.17
C ILE A 64 -12.58 2.50 8.08
N GLU A 65 -13.45 1.54 7.81
CA GLU A 65 -13.49 0.33 8.60
C GLU A 65 -12.67 -0.78 7.90
N PHE A 66 -12.56 -1.91 8.59
CA PHE A 66 -11.83 -3.04 8.05
C PHE A 66 -12.63 -3.75 6.96
N SER A 67 -13.90 -3.40 6.88
CA SER A 67 -14.78 -3.99 5.89
C SER A 67 -14.80 -3.15 4.62
N GLU A 68 -14.62 -1.85 4.82
CA GLU A 68 -14.60 -0.92 3.70
C GLU A 68 -13.21 -0.86 3.06
N PHE A 69 -12.22 -0.63 3.90
CA PHE A 69 -10.84 -0.55 3.44
C PHE A 69 -10.46 -1.81 2.65
N LEU A 70 -10.78 -2.96 3.23
CA LEU A 70 -10.48 -4.23 2.60
C LEU A 70 -11.33 -4.38 1.34
N ALA A 71 -12.53 -3.81 1.40
CA ALA A 71 -13.44 -3.87 0.27
C ALA A 71 -13.01 -2.85 -0.78
N LEU A 72 -12.17 -1.93 -0.36
CA LEU A 72 -11.68 -0.89 -1.25
C LEU A 72 -10.63 -1.49 -2.19
N MET A 73 -9.74 -2.28 -1.61
CA MET A 73 -8.69 -2.91 -2.39
C MET A 73 -9.28 -3.85 -3.45
N SER A 74 -10.38 -4.50 -3.08
CA SER A 74 -11.04 -5.41 -4.00
C SER A 74 -12.07 -4.66 -4.84
N ARG A 75 -11.93 -3.34 -4.84
CA ARG A 75 -12.83 -2.49 -5.61
C ARG A 75 -12.08 -1.26 -6.12
N GLN A 76 -10.85 -1.49 -6.55
CA GLN A 76 -10.02 -0.40 -7.06
C GLN A 76 -9.16 -0.90 -8.22
N LEU A 77 -9.59 -2.01 -8.80
CA LEU A 77 -8.87 -2.61 -9.92
C LEU A 77 -9.85 -2.89 -11.06
N LYS A 78 -9.41 -2.55 -12.27
CA LYS A 78 -10.23 -2.76 -13.45
C LYS A 78 -9.36 -3.30 -14.57
N SER A 79 -8.76 -2.39 -15.32
CA SER A 79 -7.90 -2.74 -16.42
C SER A 79 -6.44 -2.63 -16.01
N ASN A 80 -5.94 -1.41 -16.03
CA ASN A 80 -4.56 -1.15 -15.66
C ASN A 80 -4.46 -0.99 -14.15
N ASP A 81 -5.15 -1.88 -13.45
CA ASP A 81 -5.15 -1.85 -11.99
C ASP A 81 -3.71 -1.82 -11.48
N SER A 82 -3.17 -3.00 -11.26
CA SER A 82 -1.81 -3.13 -10.77
C SER A 82 -0.93 -2.05 -11.39
N GLU A 83 -0.86 -2.05 -12.72
CA GLU A 83 -0.08 -1.08 -13.44
C GLU A 83 -0.20 0.30 -12.77
N GLN A 84 -1.43 0.69 -12.52
CA GLN A 84 -1.70 1.97 -11.89
C GLN A 84 -0.96 2.07 -10.56
N GLU A 85 -1.35 1.21 -9.63
CA GLU A 85 -0.74 1.20 -8.31
C GLU A 85 0.76 0.93 -8.44
N LEU A 86 1.16 0.47 -9.61
CA LEU A 86 2.56 0.18 -9.87
C LEU A 86 3.31 1.49 -10.11
N LEU A 87 2.97 2.13 -11.23
CA LEU A 87 3.61 3.38 -11.59
C LEU A 87 3.52 4.35 -10.41
N GLU A 88 2.40 4.30 -9.72
CA GLU A 88 2.18 5.16 -8.57
C GLU A 88 3.09 4.72 -7.41
N ALA A 89 2.90 3.49 -6.98
CA ALA A 89 3.68 2.95 -5.89
C ALA A 89 5.16 2.93 -6.29
N PHE A 90 5.40 3.12 -7.57
CA PHE A 90 6.75 3.13 -8.09
C PHE A 90 7.38 4.53 -7.96
N LYS A 91 6.58 5.53 -8.25
CA LYS A 91 7.04 6.91 -8.17
C LYS A 91 6.88 7.41 -6.73
N VAL A 92 6.21 6.59 -5.94
CA VAL A 92 5.97 6.94 -4.54
C VAL A 92 7.14 6.41 -3.69
N PHE A 93 7.50 5.16 -3.96
CA PHE A 93 8.58 4.53 -3.24
C PHE A 93 9.93 5.18 -3.57
N ASP A 94 10.10 5.46 -4.83
CA ASP A 94 11.37 6.11 -5.28
C ASP A 94 11.40 7.57 -4.84
N LYS A 95 12.12 7.88 -3.78
CA LYS A 95 12.20 9.24 -3.28
C LYS A 95 13.29 10.00 -4.06
N ASN A 96 14.33 9.27 -4.39
CA ASN A 96 15.44 9.86 -5.13
C ASN A 96 15.02 10.09 -6.58
N GLY A 97 14.36 9.09 -7.14
CA GLY A 97 13.90 9.16 -8.51
C GLY A 97 15.01 8.78 -9.49
N ASP A 98 15.21 7.48 -9.62
CA ASP A 98 16.24 6.97 -10.52
C ASP A 98 15.68 5.78 -11.29
N GLY A 99 14.39 5.57 -11.14
CA GLY A 99 13.72 4.48 -11.83
C GLY A 99 14.04 3.13 -11.16
N LEU A 100 14.56 3.22 -9.94
CA LEU A 100 14.92 2.04 -9.18
C LEU A 100 14.77 2.32 -7.69
N ILE A 101 13.77 1.69 -7.10
CA ILE A 101 13.51 1.87 -5.68
C ILE A 101 14.57 1.12 -4.87
N SER A 102 15.58 1.87 -4.46
CA SER A 102 16.67 1.30 -3.68
C SER A 102 16.12 0.71 -2.38
N ALA A 103 17.01 0.06 -1.65
CA ALA A 103 16.64 -0.56 -0.39
C ALA A 103 15.89 0.46 0.48
N ALA A 104 16.62 1.50 0.88
CA ALA A 104 16.04 2.53 1.71
C ALA A 104 14.65 2.89 1.17
N GLU A 105 14.65 3.44 -0.03
CA GLU A 105 13.40 3.83 -0.66
C GLU A 105 12.31 2.79 -0.38
N LEU A 106 12.75 1.56 -0.19
CA LEU A 106 11.83 0.46 0.10
C LEU A 106 11.65 0.34 1.61
N LYS A 107 12.69 -0.17 2.26
CA LYS A 107 12.66 -0.35 3.70
C LYS A 107 12.08 0.91 4.35
N HIS A 108 12.75 2.03 4.11
CA HIS A 108 12.32 3.30 4.67
C HIS A 108 10.81 3.45 4.49
N VAL A 109 10.33 2.99 3.34
CA VAL A 109 8.91 3.07 3.04
C VAL A 109 8.16 2.05 3.89
N LEU A 110 8.79 0.89 4.06
CA LEU A 110 8.18 -0.18 4.84
C LEU A 110 8.04 0.27 6.29
N THR A 111 9.02 1.05 6.74
CA THR A 111 9.02 1.55 8.10
C THR A 111 8.00 2.69 8.24
N SER A 112 7.83 3.43 7.15
CA SER A 112 6.90 4.54 7.15
C SER A 112 5.48 4.04 7.44
N ILE A 113 5.32 2.73 7.34
CA ILE A 113 4.04 2.10 7.59
C ILE A 113 4.10 1.31 8.89
N GLY A 114 5.28 0.77 9.16
CA GLY A 114 5.49 -0.02 10.36
C GLY A 114 6.59 -1.06 10.15
N GLU A 115 6.57 -1.66 8.98
CA GLU A 115 7.56 -2.68 8.64
C GLU A 115 8.96 -2.18 8.96
N LYS A 116 9.57 -2.80 9.96
CA LYS A 116 10.91 -2.43 10.37
C LYS A 116 11.88 -3.56 10.01
N LEU A 117 12.53 -3.38 8.87
CA LEU A 117 13.50 -4.37 8.39
C LEU A 117 14.90 -3.75 8.41
N THR A 118 15.87 -4.61 8.69
CA THR A 118 17.26 -4.17 8.73
C THR A 118 17.81 -3.98 7.32
N ASP A 119 18.83 -3.14 7.22
CA ASP A 119 19.44 -2.86 5.94
C ASP A 119 19.91 -4.16 5.30
N ALA A 120 20.13 -5.15 6.15
CA ALA A 120 20.57 -6.46 5.68
C ALA A 120 19.36 -7.27 5.26
N GLU A 121 18.23 -6.98 5.88
CA GLU A 121 16.99 -7.68 5.58
C GLU A 121 16.42 -7.19 4.24
N VAL A 122 16.34 -5.88 4.12
CA VAL A 122 15.83 -5.28 2.90
C VAL A 122 16.73 -5.64 1.73
N ASP A 123 18.01 -5.37 1.91
CA ASP A 123 18.99 -5.66 0.87
C ASP A 123 18.77 -7.09 0.36
N ASP A 124 18.16 -7.90 1.21
CA ASP A 124 17.89 -9.29 0.85
C ASP A 124 16.51 -9.38 0.22
N MET A 125 15.60 -8.55 0.72
CA MET A 125 14.24 -8.54 0.22
C MET A 125 14.21 -8.17 -1.26
N LEU A 126 15.12 -7.29 -1.64
CA LEU A 126 15.22 -6.85 -3.02
C LEU A 126 15.58 -8.04 -3.91
N ARG A 127 16.63 -8.73 -3.52
CA ARG A 127 17.09 -9.89 -4.26
C ARG A 127 15.89 -10.68 -4.81
N GLU A 128 14.80 -10.62 -4.07
CA GLU A 128 13.58 -11.32 -4.45
C GLU A 128 13.31 -11.10 -5.94
N VAL A 129 13.36 -9.84 -6.34
CA VAL A 129 13.12 -9.49 -7.74
C VAL A 129 14.24 -8.58 -8.24
N SER A 130 15.26 -8.44 -7.40
CA SER A 130 16.40 -7.60 -7.74
C SER A 130 17.53 -8.45 -8.31
N ASP A 131 17.26 -9.74 -8.43
CA ASP A 131 18.24 -10.68 -8.95
C ASP A 131 19.61 -10.35 -8.37
N GLY A 132 19.60 -9.79 -7.18
CA GLY A 132 20.83 -9.42 -6.50
C GLY A 132 21.47 -8.19 -7.16
N SER A 133 20.63 -7.20 -7.43
CA SER A 133 21.10 -5.97 -8.06
C SER A 133 21.35 -4.91 -7.00
N GLY A 134 20.26 -4.42 -6.42
CA GLY A 134 20.35 -3.41 -5.38
C GLY A 134 19.16 -2.44 -5.46
N GLU A 135 18.45 -2.51 -6.57
CA GLU A 135 17.30 -1.67 -6.78
C GLU A 135 16.26 -2.38 -7.64
N ILE A 136 15.04 -1.87 -7.59
CA ILE A 136 13.95 -2.44 -8.35
C ILE A 136 13.26 -1.34 -9.17
N ASN A 137 13.09 -1.62 -10.45
CA ASN A 137 12.46 -0.66 -11.34
C ASN A 137 10.97 -1.00 -11.47
N ILE A 138 10.30 -0.26 -12.35
CA ILE A 138 8.88 -0.48 -12.58
C ILE A 138 8.65 -1.94 -12.99
N GLN A 139 9.73 -2.58 -13.40
CA GLN A 139 9.66 -3.97 -13.82
C GLN A 139 9.87 -4.90 -12.62
N GLN A 140 10.95 -4.65 -11.90
CA GLN A 140 11.28 -5.45 -10.74
C GLN A 140 10.27 -5.20 -9.61
N PHE A 141 10.16 -3.92 -9.24
CA PHE A 141 9.24 -3.53 -8.19
C PHE A 141 7.89 -4.22 -8.36
N ALA A 142 7.38 -4.17 -9.58
CA ALA A 142 6.10 -4.79 -9.89
C ALA A 142 6.20 -6.30 -9.67
N ALA A 143 7.40 -6.81 -9.91
CA ALA A 143 7.64 -8.24 -9.75
C ALA A 143 7.17 -8.68 -8.36
N LEU A 144 7.11 -7.72 -7.45
CA LEU A 144 6.68 -7.99 -6.10
C LEU A 144 5.15 -8.07 -6.05
N LEU A 145 4.52 -7.06 -6.64
CA LEU A 145 3.07 -7.00 -6.68
C LEU A 145 2.57 -7.78 -7.89
N SER A 146 3.48 -8.51 -8.52
CA SER A 146 3.15 -9.30 -9.69
C SER A 146 3.27 -10.79 -9.37
N LYS A 147 4.07 -11.08 -8.36
CA LYS A 147 4.29 -12.45 -7.94
C LYS A 147 5.11 -12.47 -6.65
N GLY A 148 6.41 -12.25 -6.81
CA GLY A 148 7.32 -12.24 -5.67
C GLY A 148 8.10 -13.54 -5.59
N SER A 149 9.38 -13.40 -5.29
CA SER A 149 10.26 -14.55 -5.18
C SER A 149 9.52 -15.70 -4.51
N SER A 150 8.67 -15.35 -3.55
CA SER A 150 7.90 -16.34 -2.83
C SER A 150 6.78 -15.66 -2.04
N THR A 151 5.56 -15.97 -2.42
CA THR A 151 4.39 -15.40 -1.76
C THR A 151 3.28 -16.44 -1.64
N GLY A 152 2.97 -16.81 -0.41
CA GLY A 152 1.93 -17.78 -0.15
C GLY A 152 0.80 -17.17 0.68
N THR A 153 1.02 -17.11 1.98
CA THR A 153 0.04 -16.56 2.89
C THR A 153 0.70 -15.62 3.90
N ARG A 154 1.98 -15.34 3.65
CA ARG A 154 2.74 -14.45 4.52
C ARG A 154 3.45 -13.38 3.69
N ARG A 155 4.17 -13.83 2.68
CA ARG A 155 4.91 -12.92 1.82
C ARG A 155 3.95 -12.24 0.83
N LYS A 156 2.78 -12.85 0.67
CA LYS A 156 1.78 -12.33 -0.23
C LYS A 156 1.11 -11.12 0.41
N ALA A 157 1.26 -11.02 1.72
CA ALA A 157 0.67 -9.92 2.47
C ALA A 157 1.63 -8.73 2.44
N LEU A 158 2.87 -9.01 2.09
CA LEU A 158 3.89 -7.98 2.02
C LEU A 158 3.57 -7.02 0.88
N ARG A 159 3.34 -7.60 -0.29
CA ARG A 159 3.02 -6.81 -1.47
C ARG A 159 1.73 -6.00 -1.24
N ASN A 160 0.80 -6.64 -0.54
CA ASN A 160 -0.47 -5.99 -0.25
C ASN A 160 -0.21 -4.71 0.55
N LYS A 161 0.81 -4.78 1.40
CA LYS A 161 1.16 -3.63 2.23
C LYS A 161 1.37 -2.41 1.34
N ILE A 162 1.77 -2.67 0.10
CA ILE A 162 2.01 -1.61 -0.86
C ILE A 162 0.71 -1.33 -1.62
N LEU A 163 -0.08 -2.37 -1.78
CA LEU A 163 -1.35 -2.25 -2.49
C LEU A 163 -2.14 -1.07 -1.91
N ALA A 164 -2.04 -0.91 -0.60
CA ALA A 164 -2.74 0.16 0.08
C ALA A 164 -1.98 1.47 -0.13
N ILE A 165 -0.70 1.44 0.21
CA ILE A 165 0.14 2.61 0.06
C ILE A 165 0.02 3.15 -1.37
N ALA A 166 -0.33 2.25 -2.27
CA ALA A 166 -0.50 2.61 -3.67
C ALA A 166 -1.92 3.11 -3.90
N LYS A 167 -2.87 2.24 -3.65
CA LYS A 167 -4.27 2.58 -3.82
C LYS A 167 -4.62 3.79 -2.95
N VAL A 168 -4.54 3.58 -1.64
CA VAL A 168 -4.83 4.64 -0.69
C VAL A 168 -4.29 5.97 -1.24
N SER A 169 -3.20 5.86 -1.98
CA SER A 169 -2.57 7.03 -2.56
C SER A 169 -3.33 7.48 -3.81
N ARG A 170 -3.55 6.52 -4.71
CA ARG A 170 -4.28 6.80 -5.94
C ARG A 170 -5.62 7.46 -5.63
N MET A 171 -6.27 6.94 -4.59
CA MET A 171 -7.57 7.46 -4.19
C MET A 171 -7.52 8.98 -4.03
N PHE A 172 -6.31 9.48 -3.85
CA PHE A 172 -6.12 10.92 -3.68
C PHE A 172 -5.90 11.60 -5.02
N SER A 173 -5.39 10.83 -5.98
CA SER A 173 -5.12 11.35 -7.30
C SER A 173 -6.35 11.14 -8.19
N VAL A 174 -7.36 10.48 -7.63
CA VAL A 174 -8.58 10.21 -8.35
C VAL A 174 -9.69 11.12 -7.83
N LEU A 175 -9.82 11.16 -6.52
CA LEU A 175 -10.83 11.99 -5.88
C LEU A 175 -10.88 13.35 -6.57
N ARG A 176 -9.71 13.80 -6.99
CA ARG A 176 -9.60 15.09 -7.66
C ARG A 176 -10.50 15.12 -8.89
N GLY A 1 -22.50 -7.45 -2.54
CA GLY A 1 -21.98 -7.69 -3.88
C GLY A 1 -21.30 -9.05 -3.97
N SER A 2 -20.30 -9.13 -4.83
CA SER A 2 -19.56 -10.36 -5.01
C SER A 2 -18.06 -10.10 -4.87
N SER A 3 -17.39 -11.00 -4.16
CA SER A 3 -15.96 -10.88 -3.94
C SER A 3 -15.26 -12.16 -4.41
N ASN A 4 -13.96 -12.02 -4.66
CA ASN A 4 -13.17 -13.14 -5.12
C ASN A 4 -11.97 -13.33 -4.18
N LEU A 5 -12.15 -12.87 -2.95
CA LEU A 5 -11.10 -12.97 -1.95
C LEU A 5 -11.42 -14.14 -1.01
N THR A 6 -10.38 -14.86 -0.63
CA THR A 6 -10.53 -16.00 0.26
C THR A 6 -10.20 -15.59 1.70
N GLU A 7 -10.66 -16.43 2.63
CA GLU A 7 -10.42 -16.17 4.04
C GLU A 7 -8.99 -15.67 4.25
N GLU A 8 -8.07 -16.26 3.51
CA GLU A 8 -6.67 -15.88 3.60
C GLU A 8 -6.47 -14.46 3.07
N GLN A 9 -7.10 -14.18 1.94
CA GLN A 9 -7.00 -12.88 1.32
C GLN A 9 -7.48 -11.80 2.29
N ILE A 10 -8.42 -12.17 3.14
CA ILE A 10 -8.97 -11.25 4.10
C ILE A 10 -7.91 -10.95 5.17
N ALA A 11 -6.96 -11.87 5.29
CA ALA A 11 -5.89 -11.71 6.26
C ALA A 11 -4.81 -10.81 5.68
N GLU A 12 -4.92 -10.57 4.38
CA GLU A 12 -3.95 -9.72 3.69
C GLU A 12 -4.22 -8.25 4.00
N PHE A 13 -5.40 -7.81 3.59
CA PHE A 13 -5.80 -6.42 3.83
C PHE A 13 -5.66 -6.05 5.30
N LYS A 14 -5.67 -7.07 6.14
CA LYS A 14 -5.55 -6.86 7.57
C LYS A 14 -4.34 -5.98 7.86
N GLU A 15 -3.23 -6.35 7.23
CA GLU A 15 -1.99 -5.60 7.40
C GLU A 15 -2.09 -4.23 6.74
N ALA A 16 -2.62 -4.23 5.52
CA ALA A 16 -2.78 -2.99 4.77
C ALA A 16 -3.72 -2.07 5.54
N PHE A 17 -4.43 -2.64 6.50
CA PHE A 17 -5.35 -1.88 7.30
C PHE A 17 -4.65 -1.21 8.48
N ALA A 18 -3.74 -1.97 9.09
CA ALA A 18 -2.99 -1.47 10.23
C ALA A 18 -2.19 -0.23 9.80
N LEU A 19 -1.92 -0.17 8.50
CA LEU A 19 -1.17 0.95 7.95
C LEU A 19 -1.69 2.25 8.54
N PHE A 20 -3.00 2.32 8.67
CA PHE A 20 -3.65 3.51 9.23
C PHE A 20 -4.28 3.20 10.58
N ASP A 21 -4.83 2.01 10.69
CA ASP A 21 -5.48 1.58 11.91
C ASP A 21 -4.42 1.42 13.01
N LYS A 22 -4.14 2.53 13.69
CA LYS A 22 -3.15 2.52 14.75
C LYS A 22 -3.63 1.60 15.87
N ASP A 23 -4.70 1.99 16.50
CA ASP A 23 -5.26 1.17 17.61
C ASP A 23 -6.00 -0.05 17.03
N ASN A 24 -6.23 -0.06 15.73
CA ASN A 24 -6.93 -1.18 15.11
C ASN A 24 -8.28 -1.37 15.79
N ASN A 25 -9.08 -0.31 15.76
CA ASN A 25 -10.39 -0.35 16.37
C ASN A 25 -11.42 -0.78 15.33
N GLY A 26 -11.05 -0.59 14.07
CA GLY A 26 -11.92 -0.96 12.96
C GLY A 26 -12.53 0.29 12.32
N SER A 27 -11.73 1.35 12.28
CA SER A 27 -12.18 2.60 11.70
C SER A 27 -10.98 3.56 11.55
N ILE A 28 -10.63 3.82 10.30
CA ILE A 28 -9.52 4.71 10.01
C ILE A 28 -10.05 6.11 9.75
N SER A 29 -9.97 6.95 10.78
CA SER A 29 -10.43 8.31 10.69
C SER A 29 -9.55 9.10 9.71
N SER A 30 -10.07 10.23 9.26
CA SER A 30 -9.35 11.08 8.33
C SER A 30 -8.01 11.49 8.95
N SER A 31 -7.92 11.33 10.26
CA SER A 31 -6.71 11.67 10.98
C SER A 31 -5.72 10.50 10.95
N GLU A 32 -6.28 9.31 10.78
CA GLU A 32 -5.46 8.10 10.73
C GLU A 32 -5.07 7.80 9.29
N LEU A 33 -5.98 8.13 8.38
CA LEU A 33 -5.74 7.88 6.96
C LEU A 33 -4.62 8.81 6.47
N ALA A 34 -4.80 10.09 6.75
CA ALA A 34 -3.81 11.09 6.34
C ALA A 34 -2.52 10.86 7.13
N THR A 35 -2.62 10.03 8.15
CA THR A 35 -1.48 9.72 8.99
C THR A 35 -0.44 8.90 8.20
N VAL A 36 -0.94 8.18 7.20
CA VAL A 36 -0.08 7.36 6.37
C VAL A 36 0.42 8.18 5.18
N MET A 37 -0.53 8.64 4.38
CA MET A 37 -0.20 9.44 3.21
C MET A 37 0.90 10.45 3.54
N ARG A 38 0.67 11.23 4.58
CA ARG A 38 1.62 12.23 5.00
C ARG A 38 2.95 11.57 5.37
N SER A 39 2.85 10.46 6.09
CA SER A 39 4.03 9.73 6.51
C SER A 39 4.88 9.36 5.29
N LEU A 40 4.20 9.05 4.20
CA LEU A 40 4.88 8.69 2.97
C LEU A 40 5.57 9.92 2.38
N GLY A 41 5.08 11.09 2.78
CA GLY A 41 5.64 12.33 2.31
C GLY A 41 4.56 13.21 1.66
N LEU A 42 3.33 12.70 1.68
CA LEU A 42 2.22 13.42 1.09
C LEU A 42 1.78 14.53 2.04
N SER A 43 0.67 15.17 1.68
CA SER A 43 0.14 16.25 2.49
C SER A 43 -1.32 16.52 2.10
N PRO A 44 -2.17 15.48 2.30
CA PRO A 44 -3.58 15.59 1.99
C PRO A 44 -4.32 16.43 3.03
N SER A 45 -5.23 17.26 2.54
CA SER A 45 -6.00 18.12 3.41
C SER A 45 -7.20 17.36 3.97
N GLU A 46 -7.49 17.61 5.23
CA GLU A 46 -8.60 16.96 5.91
C GLU A 46 -9.87 17.13 5.08
N ALA A 47 -9.92 18.22 4.33
CA ALA A 47 -11.07 18.51 3.50
C ALA A 47 -11.25 17.39 2.47
N GLU A 48 -10.16 17.06 1.79
CA GLU A 48 -10.18 16.01 0.79
C GLU A 48 -10.23 14.63 1.46
N VAL A 49 -9.29 14.43 2.38
CA VAL A 49 -9.21 13.18 3.09
C VAL A 49 -10.62 12.70 3.44
N ASN A 50 -11.48 13.66 3.72
CA ASN A 50 -12.86 13.35 4.07
C ASN A 50 -13.55 12.72 2.87
N ASP A 51 -13.69 13.52 1.82
CA ASP A 51 -14.34 13.06 0.60
C ASP A 51 -13.59 11.82 0.07
N LEU A 52 -12.38 11.65 0.57
CA LEU A 52 -11.55 10.53 0.15
C LEU A 52 -12.03 9.26 0.86
N MET A 53 -12.08 9.33 2.18
CA MET A 53 -12.52 8.20 2.98
C MET A 53 -14.04 8.08 2.95
N ASN A 54 -14.69 9.14 2.49
CA ASN A 54 -16.15 9.16 2.41
C ASN A 54 -16.58 8.54 1.08
N GLU A 55 -15.60 8.27 0.22
CA GLU A 55 -15.87 7.68 -1.07
C GLU A 55 -15.80 6.16 -0.98
N ILE A 56 -15.37 5.68 0.17
CA ILE A 56 -15.25 4.24 0.40
C ILE A 56 -16.19 3.84 1.54
N ASP A 57 -16.14 4.61 2.62
CA ASP A 57 -16.97 4.35 3.76
C ASP A 57 -18.36 3.88 3.30
N VAL A 58 -18.71 2.68 3.72
CA VAL A 58 -20.00 2.10 3.35
C VAL A 58 -21.07 2.64 4.29
N ASP A 59 -20.64 3.17 5.40
CA ASP A 59 -21.59 3.74 6.39
C ASP A 59 -21.38 5.25 6.51
N GLY A 60 -20.34 5.77 5.87
CA GLY A 60 -20.07 7.20 5.94
C GLY A 60 -19.90 7.66 7.39
N ASN A 61 -19.21 6.84 8.16
CA ASN A 61 -18.97 7.15 9.56
C ASN A 61 -17.66 7.94 9.69
N HIS A 62 -17.22 8.48 8.56
CA HIS A 62 -15.99 9.25 8.54
C HIS A 62 -14.83 8.38 9.01
N GLN A 63 -14.91 7.10 8.66
CA GLN A 63 -13.87 6.16 9.04
C GLN A 63 -13.91 4.93 8.12
N ILE A 64 -12.74 4.35 7.91
CA ILE A 64 -12.63 3.17 7.06
C ILE A 64 -12.48 1.94 7.94
N GLU A 65 -13.34 0.96 7.67
CA GLU A 65 -13.32 -0.28 8.43
C GLU A 65 -12.41 -1.30 7.74
N PHE A 66 -12.33 -2.48 8.36
CA PHE A 66 -11.51 -3.55 7.81
C PHE A 66 -12.19 -4.22 6.63
N SER A 67 -13.47 -3.92 6.48
CA SER A 67 -14.26 -4.48 5.39
C SER A 67 -14.28 -3.52 4.20
N GLU A 68 -14.40 -2.24 4.52
CA GLU A 68 -14.44 -1.22 3.49
C GLU A 68 -13.06 -1.06 2.85
N PHE A 69 -12.06 -0.93 3.69
CA PHE A 69 -10.69 -0.78 3.23
C PHE A 69 -10.29 -1.97 2.34
N LEU A 70 -10.69 -3.15 2.77
CA LEU A 70 -10.37 -4.36 2.05
C LEU A 70 -11.17 -4.39 0.74
N ALA A 71 -12.37 -3.83 0.80
CA ALA A 71 -13.23 -3.78 -0.37
C ALA A 71 -12.71 -2.72 -1.33
N LEU A 72 -11.83 -1.87 -0.82
CA LEU A 72 -11.26 -0.81 -1.63
C LEU A 72 -10.20 -1.41 -2.56
N MET A 73 -9.33 -2.21 -1.97
CA MET A 73 -8.27 -2.85 -2.74
C MET A 73 -8.84 -3.68 -3.88
N SER A 74 -9.98 -4.31 -3.60
CA SER A 74 -10.63 -5.14 -4.60
C SER A 74 -11.68 -4.32 -5.36
N ARG A 75 -11.60 -3.01 -5.16
CA ARG A 75 -12.52 -2.10 -5.82
C ARG A 75 -11.80 -0.83 -6.27
N GLN A 76 -10.50 -0.98 -6.49
CA GLN A 76 -9.68 0.14 -6.92
C GLN A 76 -9.08 -0.13 -8.30
N LEU A 77 -9.91 -0.68 -9.17
CA LEU A 77 -9.48 -0.99 -10.52
C LEU A 77 -10.61 -0.69 -11.49
N LYS A 78 -10.26 -0.01 -12.57
CA LYS A 78 -11.23 0.34 -13.59
C LYS A 78 -10.75 -0.16 -14.95
N SER A 79 -9.63 0.40 -15.39
CA SER A 79 -9.05 0.02 -16.68
C SER A 79 -7.55 -0.19 -16.53
N ASN A 80 -6.84 0.92 -16.34
CA ASN A 80 -5.40 0.87 -16.19
C ASN A 80 -5.02 1.27 -14.76
N ASP A 81 -5.59 0.53 -13.82
CA ASP A 81 -5.32 0.79 -12.41
C ASP A 81 -4.10 -0.01 -11.97
N SER A 82 -4.19 -1.32 -12.13
CA SER A 82 -3.10 -2.20 -11.75
C SER A 82 -1.76 -1.56 -12.11
N GLU A 83 -1.78 -0.75 -13.16
CA GLU A 83 -0.58 -0.07 -13.61
C GLU A 83 -0.39 1.24 -12.85
N GLN A 84 -1.45 2.03 -12.80
CA GLN A 84 -1.41 3.30 -12.10
C GLN A 84 -0.87 3.11 -10.69
N GLU A 85 -1.28 2.03 -10.06
CA GLU A 85 -0.85 1.72 -8.71
C GLU A 85 0.64 1.34 -8.71
N LEU A 86 1.08 0.80 -9.83
CA LEU A 86 2.47 0.40 -9.97
C LEU A 86 3.35 1.65 -10.06
N LEU A 87 3.06 2.47 -11.05
CA LEU A 87 3.81 3.70 -11.25
C LEU A 87 3.68 4.58 -10.01
N GLU A 88 2.45 4.69 -9.54
CA GLU A 88 2.16 5.51 -8.37
C GLU A 88 3.06 5.08 -7.20
N ALA A 89 3.14 3.77 -7.02
CA ALA A 89 3.95 3.22 -5.94
C ALA A 89 5.43 3.28 -6.34
N PHE A 90 5.66 3.23 -7.64
CA PHE A 90 7.02 3.28 -8.16
C PHE A 90 7.68 4.62 -7.84
N LYS A 91 7.11 5.68 -8.40
CA LYS A 91 7.63 7.01 -8.19
C LYS A 91 7.56 7.35 -6.70
N VAL A 92 6.57 6.76 -6.04
CA VAL A 92 6.38 6.98 -4.62
C VAL A 92 7.60 6.45 -3.85
N PHE A 93 7.89 5.18 -4.10
CA PHE A 93 9.02 4.54 -3.44
C PHE A 93 10.34 5.16 -3.88
N ASP A 94 10.41 5.45 -5.16
CA ASP A 94 11.65 6.07 -5.72
C ASP A 94 11.73 7.54 -5.31
N LYS A 95 12.48 7.83 -4.26
CA LYS A 95 12.61 9.21 -3.81
C LYS A 95 13.72 9.91 -4.60
N ASN A 96 14.70 9.12 -5.00
CA ASN A 96 15.82 9.65 -5.78
C ASN A 96 15.37 9.86 -7.22
N GLY A 97 14.69 8.86 -7.76
CA GLY A 97 14.20 8.92 -9.13
C GLY A 97 15.26 8.41 -10.10
N ASP A 98 15.37 7.09 -10.17
CA ASP A 98 16.33 6.46 -11.05
C ASP A 98 15.69 5.25 -11.72
N GLY A 99 14.39 5.13 -11.53
CA GLY A 99 13.64 4.02 -12.11
C GLY A 99 14.00 2.71 -11.41
N LEU A 100 14.56 2.85 -10.21
CA LEU A 100 14.95 1.68 -9.43
C LEU A 100 14.85 2.02 -7.94
N ILE A 101 13.93 1.34 -7.27
CA ILE A 101 13.72 1.56 -5.86
C ILE A 101 14.78 0.78 -5.06
N SER A 102 15.75 1.53 -4.55
CA SER A 102 16.82 0.92 -3.78
C SER A 102 16.29 0.45 -2.42
N ALA A 103 17.21 0.00 -1.59
CA ALA A 103 16.86 -0.48 -0.27
C ALA A 103 16.06 0.61 0.47
N ALA A 104 16.77 1.66 0.85
CA ALA A 104 16.14 2.77 1.55
C ALA A 104 14.78 3.06 0.92
N GLU A 105 14.82 3.52 -0.33
CA GLU A 105 13.59 3.84 -1.04
C GLU A 105 12.51 2.81 -0.72
N LEU A 106 12.95 1.61 -0.40
CA LEU A 106 12.03 0.53 -0.07
C LEU A 106 11.84 0.48 1.44
N LYS A 107 12.87 0.00 2.12
CA LYS A 107 12.83 -0.11 3.57
C LYS A 107 12.28 1.18 4.16
N HIS A 108 12.93 2.28 3.82
CA HIS A 108 12.52 3.59 4.31
C HIS A 108 11.01 3.73 4.14
N VAL A 109 10.52 3.30 2.99
CA VAL A 109 9.10 3.38 2.69
C VAL A 109 8.33 2.46 3.65
N LEU A 110 8.81 1.22 3.74
CA LEU A 110 8.19 0.24 4.59
C LEU A 110 8.21 0.74 6.04
N THR A 111 9.20 1.58 6.33
CA THR A 111 9.34 2.14 7.66
C THR A 111 8.46 3.39 7.81
N SER A 112 7.93 3.83 6.69
CA SER A 112 7.07 5.01 6.69
C SER A 112 5.64 4.60 7.02
N ILE A 113 5.45 3.32 7.23
CA ILE A 113 4.13 2.79 7.55
C ILE A 113 4.11 2.34 9.01
N GLY A 114 5.26 1.86 9.47
CA GLY A 114 5.39 1.39 10.83
C GLY A 114 6.33 0.19 10.92
N GLU A 115 6.28 -0.64 9.88
CA GLU A 115 7.12 -1.82 9.84
C GLU A 115 8.60 -1.42 9.84
N LYS A 116 9.44 -2.43 9.93
CA LYS A 116 10.89 -2.20 9.95
C LYS A 116 11.61 -3.46 9.48
N LEU A 117 12.51 -3.27 8.52
CA LEU A 117 13.27 -4.38 7.97
C LEU A 117 14.76 -4.08 8.11
N THR A 118 15.52 -5.14 8.39
CA THR A 118 16.96 -5.00 8.55
C THR A 118 17.63 -4.76 7.19
N ASP A 119 18.79 -4.13 7.24
CA ASP A 119 19.53 -3.83 6.03
C ASP A 119 19.80 -5.13 5.28
N ALA A 120 19.85 -6.22 6.04
CA ALA A 120 20.09 -7.53 5.45
C ALA A 120 18.77 -8.12 4.95
N GLU A 121 17.69 -7.63 5.55
CA GLU A 121 16.37 -8.10 5.17
C GLU A 121 15.94 -7.48 3.84
N VAL A 122 15.93 -6.16 3.82
CA VAL A 122 15.56 -5.43 2.62
C VAL A 122 16.48 -5.82 1.47
N ASP A 123 17.78 -5.73 1.75
CA ASP A 123 18.78 -6.08 0.75
C ASP A 123 18.44 -7.44 0.13
N ASP A 124 17.73 -8.24 0.92
CA ASP A 124 17.34 -9.57 0.47
C ASP A 124 15.97 -9.48 -0.22
N MET A 125 15.16 -8.56 0.28
CA MET A 125 13.83 -8.37 -0.27
C MET A 125 13.89 -8.04 -1.76
N LEU A 126 14.90 -7.26 -2.11
CA LEU A 126 15.08 -6.85 -3.51
C LEU A 126 15.43 -8.08 -4.34
N ARG A 127 16.51 -8.75 -3.93
CA ARG A 127 16.96 -9.94 -4.64
C ARG A 127 15.76 -10.73 -5.16
N GLU A 128 14.68 -10.69 -4.40
CA GLU A 128 13.47 -11.39 -4.77
C GLU A 128 13.19 -11.21 -6.27
N VAL A 129 13.21 -9.95 -6.69
CA VAL A 129 12.95 -9.63 -8.09
C VAL A 129 14.02 -8.64 -8.57
N SER A 130 15.04 -8.48 -7.75
CA SER A 130 16.13 -7.57 -8.08
C SER A 130 17.29 -8.35 -8.72
N ASP A 131 16.99 -9.58 -9.11
CA ASP A 131 17.99 -10.43 -9.72
C ASP A 131 19.33 -10.24 -9.01
N GLY A 132 19.27 -10.26 -7.68
CA GLY A 132 20.47 -10.10 -6.88
C GLY A 132 21.18 -8.78 -7.23
N SER A 133 20.39 -7.73 -7.35
CA SER A 133 20.92 -6.42 -7.68
C SER A 133 20.93 -5.53 -6.44
N GLY A 134 19.78 -4.94 -6.16
CA GLY A 134 19.64 -4.07 -5.01
C GLY A 134 18.45 -3.12 -5.18
N GLU A 135 18.09 -2.88 -6.43
CA GLU A 135 16.98 -2.01 -6.74
C GLU A 135 15.91 -2.77 -7.53
N ILE A 136 14.79 -2.09 -7.76
CA ILE A 136 13.68 -2.68 -8.49
C ILE A 136 12.98 -1.59 -9.30
N ASN A 137 12.86 -1.85 -10.60
CA ASN A 137 12.20 -0.91 -11.49
C ASN A 137 10.71 -1.24 -11.56
N ILE A 138 9.98 -0.37 -12.24
CA ILE A 138 8.54 -0.55 -12.38
C ILE A 138 8.25 -2.00 -12.75
N GLN A 139 9.23 -2.64 -13.38
CA GLN A 139 9.10 -4.02 -13.78
C GLN A 139 9.37 -4.95 -12.59
N GLN A 140 10.55 -4.82 -12.03
CA GLN A 140 10.94 -5.64 -10.90
C GLN A 140 10.03 -5.34 -9.70
N PHE A 141 9.99 -4.08 -9.32
CA PHE A 141 9.17 -3.65 -8.19
C PHE A 141 7.80 -4.33 -8.23
N ALA A 142 7.16 -4.26 -9.39
CA ALA A 142 5.86 -4.85 -9.57
C ALA A 142 5.95 -6.36 -9.36
N ALA A 143 7.10 -6.91 -9.75
CA ALA A 143 7.33 -8.34 -9.60
C ALA A 143 6.93 -8.77 -8.19
N LEU A 144 7.20 -7.90 -7.23
CA LEU A 144 6.87 -8.18 -5.85
C LEU A 144 5.36 -8.26 -5.69
N LEU A 145 4.67 -7.31 -6.32
CA LEU A 145 3.22 -7.27 -6.27
C LEU A 145 2.65 -8.45 -7.04
N SER A 146 3.53 -9.10 -7.79
CA SER A 146 3.12 -10.25 -8.59
C SER A 146 4.14 -11.38 -8.44
N LYS A 147 4.56 -11.60 -7.21
CA LYS A 147 5.54 -12.63 -6.93
C LYS A 147 5.76 -12.73 -5.41
N GLY A 148 5.30 -13.83 -4.84
CA GLY A 148 5.43 -14.06 -3.42
C GLY A 148 5.43 -15.54 -3.09
N SER A 149 6.62 -16.13 -3.12
CA SER A 149 6.78 -17.54 -2.83
C SER A 149 6.80 -17.76 -1.31
N SER A 150 6.26 -18.90 -0.91
CA SER A 150 6.21 -19.25 0.50
C SER A 150 5.85 -18.01 1.34
N THR A 151 4.62 -17.55 1.15
CA THR A 151 4.15 -16.38 1.87
C THR A 151 3.69 -16.78 3.28
N GLY A 152 2.59 -17.50 3.34
CA GLY A 152 2.05 -17.94 4.60
C GLY A 152 1.54 -16.75 5.43
N THR A 153 1.14 -15.71 4.72
CA THR A 153 0.64 -14.51 5.36
C THR A 153 1.80 -13.61 5.80
N ARG A 154 2.92 -13.78 5.11
CA ARG A 154 4.11 -12.99 5.42
C ARG A 154 4.50 -12.14 4.21
N ARG A 155 4.28 -12.71 3.03
CA ARG A 155 4.60 -12.01 1.80
C ARG A 155 3.37 -11.27 1.27
N LYS A 156 2.25 -11.97 1.29
CA LYS A 156 1.00 -11.39 0.81
C LYS A 156 0.68 -10.13 1.63
N ALA A 157 1.27 -10.08 2.82
CA ALA A 157 1.05 -8.95 3.71
C ALA A 157 2.14 -7.89 3.46
N LEU A 158 3.20 -8.33 2.80
CA LEU A 158 4.31 -7.45 2.49
C LEU A 158 3.98 -6.63 1.24
N ARG A 159 3.84 -7.35 0.13
CA ARG A 159 3.52 -6.70 -1.14
C ARG A 159 2.20 -5.95 -1.03
N ASN A 160 1.34 -6.43 -0.13
CA ASN A 160 0.05 -5.80 0.07
C ASN A 160 0.25 -4.45 0.75
N LYS A 161 1.19 -4.42 1.68
CA LYS A 161 1.48 -3.19 2.41
C LYS A 161 1.78 -2.07 1.41
N ILE A 162 2.30 -2.47 0.26
CA ILE A 162 2.64 -1.51 -0.78
C ILE A 162 1.39 -1.25 -1.64
N LEU A 163 0.54 -2.26 -1.71
CA LEU A 163 -0.68 -2.15 -2.50
C LEU A 163 -1.51 -0.98 -1.97
N ALA A 164 -1.54 -0.86 -0.65
CA ALA A 164 -2.30 0.21 -0.02
C ALA A 164 -1.55 1.53 -0.19
N ILE A 165 -0.33 1.56 0.31
CA ILE A 165 0.49 2.75 0.21
C ILE A 165 0.35 3.34 -1.19
N ALA A 166 0.13 2.46 -2.16
CA ALA A 166 -0.02 2.88 -3.54
C ALA A 166 -1.48 3.24 -3.80
N LYS A 167 -2.31 2.22 -3.85
CA LYS A 167 -3.74 2.43 -4.09
C LYS A 167 -4.24 3.59 -3.23
N VAL A 168 -4.13 3.40 -1.91
CA VAL A 168 -4.56 4.41 -0.97
C VAL A 168 -4.03 5.77 -1.41
N SER A 169 -2.74 5.78 -1.74
CA SER A 169 -2.09 7.01 -2.17
C SER A 169 -2.68 7.47 -3.51
N ARG A 170 -3.18 6.49 -4.27
CA ARG A 170 -3.77 6.78 -5.56
C ARG A 170 -5.15 7.43 -5.38
N MET A 171 -5.93 6.86 -4.48
CA MET A 171 -7.26 7.36 -4.21
C MET A 171 -7.25 8.90 -4.08
N PHE A 172 -6.07 9.42 -3.75
CA PHE A 172 -5.91 10.85 -3.58
C PHE A 172 -5.54 11.51 -4.91
N SER A 173 -4.77 10.77 -5.71
CA SER A 173 -4.34 11.27 -7.00
C SER A 173 -5.45 11.09 -8.04
N VAL A 174 -6.54 10.50 -7.58
CA VAL A 174 -7.69 10.27 -8.45
C VAL A 174 -8.85 11.15 -8.01
N LEU A 175 -9.10 11.15 -6.70
CA LEU A 175 -10.18 11.94 -6.15
C LEU A 175 -10.21 13.31 -6.85
N ARG A 176 -9.03 13.80 -7.17
CA ARG A 176 -8.91 15.09 -7.84
C ARG A 176 -9.81 15.12 -9.08
N GLY A 1 -20.80 -10.66 -1.46
CA GLY A 1 -20.90 -9.52 -2.35
C GLY A 1 -19.85 -9.61 -3.48
N SER A 2 -19.62 -8.47 -4.12
CA SER A 2 -18.65 -8.41 -5.20
C SER A 2 -17.24 -8.61 -4.65
N SER A 3 -16.93 -9.86 -4.31
CA SER A 3 -15.63 -10.19 -3.77
C SER A 3 -15.29 -11.65 -4.10
N ASN A 4 -13.99 -11.90 -4.22
CA ASN A 4 -13.53 -13.26 -4.53
C ASN A 4 -12.31 -13.57 -3.66
N LEU A 5 -12.26 -12.92 -2.51
CA LEU A 5 -11.16 -13.12 -1.58
C LEU A 5 -11.53 -14.22 -0.58
N THR A 6 -10.52 -14.95 -0.16
CA THR A 6 -10.73 -16.03 0.79
C THR A 6 -10.45 -15.56 2.22
N GLU A 7 -10.99 -16.29 3.18
CA GLU A 7 -10.81 -15.96 4.58
C GLU A 7 -9.38 -15.48 4.83
N GLU A 8 -8.44 -16.16 4.17
CA GLU A 8 -7.04 -15.83 4.30
C GLU A 8 -6.75 -14.45 3.71
N GLN A 9 -7.28 -14.23 2.51
CA GLN A 9 -7.11 -12.96 1.83
C GLN A 9 -7.58 -11.80 2.71
N ILE A 10 -8.58 -12.11 3.53
CA ILE A 10 -9.15 -11.11 4.42
C ILE A 10 -8.11 -10.74 5.49
N ALA A 11 -7.23 -11.70 5.77
CA ALA A 11 -6.18 -11.49 6.75
C ALA A 11 -5.08 -10.62 6.15
N GLU A 12 -5.15 -10.45 4.84
CA GLU A 12 -4.17 -9.65 4.12
C GLU A 12 -4.45 -8.16 4.35
N PHE A 13 -5.52 -7.69 3.74
CA PHE A 13 -5.91 -6.29 3.85
C PHE A 13 -5.73 -5.80 5.29
N LYS A 14 -5.85 -6.73 6.22
CA LYS A 14 -5.71 -6.40 7.63
C LYS A 14 -4.41 -5.63 7.84
N GLU A 15 -3.34 -6.16 7.28
CA GLU A 15 -2.03 -5.53 7.39
C GLU A 15 -2.06 -4.14 6.75
N ALA A 16 -2.68 -4.08 5.59
CA ALA A 16 -2.78 -2.82 4.87
C ALA A 16 -3.67 -1.86 5.65
N PHE A 17 -4.38 -2.41 6.61
CA PHE A 17 -5.27 -1.61 7.43
C PHE A 17 -4.52 -1.02 8.63
N ALA A 18 -3.62 -1.81 9.17
CA ALA A 18 -2.82 -1.38 10.31
C ALA A 18 -1.99 -0.16 9.91
N LEU A 19 -1.81 0.00 8.61
CA LEU A 19 -1.05 1.12 8.08
C LEU A 19 -1.54 2.42 8.72
N PHE A 20 -2.86 2.52 8.84
CA PHE A 20 -3.46 3.69 9.42
C PHE A 20 -4.08 3.38 10.79
N ASP A 21 -4.82 2.28 10.83
CA ASP A 21 -5.46 1.86 12.06
C ASP A 21 -4.39 1.65 13.13
N LYS A 22 -4.11 2.72 13.88
CA LYS A 22 -3.11 2.66 14.92
C LYS A 22 -3.62 1.74 16.05
N ASP A 23 -4.65 2.19 16.70
CA ASP A 23 -5.24 1.39 17.81
C ASP A 23 -6.05 0.21 17.24
N ASN A 24 -6.24 0.18 15.93
CA ASN A 24 -7.00 -0.89 15.30
C ASN A 24 -8.35 -1.04 16.03
N ASN A 25 -9.13 0.03 15.96
CA ASN A 25 -10.44 0.03 16.59
C ASN A 25 -11.49 -0.42 15.58
N GLY A 26 -11.14 -0.27 14.32
CA GLY A 26 -12.05 -0.66 13.24
C GLY A 26 -12.59 0.56 12.50
N SER A 27 -11.77 1.61 12.47
CA SER A 27 -12.15 2.84 11.81
C SER A 27 -10.94 3.76 11.67
N ILE A 28 -10.51 3.95 10.42
CA ILE A 28 -9.38 4.80 10.15
C ILE A 28 -9.86 6.22 9.89
N SER A 29 -9.66 7.08 10.89
CA SER A 29 -10.07 8.46 10.79
C SER A 29 -9.16 9.21 9.79
N SER A 30 -9.69 10.31 9.29
CA SER A 30 -8.94 11.12 8.32
C SER A 30 -7.58 11.50 8.91
N SER A 31 -7.52 11.50 10.23
CA SER A 31 -6.28 11.85 10.92
C SER A 31 -5.33 10.65 10.91
N GLU A 32 -5.92 9.47 10.82
CA GLU A 32 -5.12 8.24 10.79
C GLU A 32 -4.77 7.86 9.35
N LEU A 33 -5.66 8.25 8.44
CA LEU A 33 -5.46 7.96 7.03
C LEU A 33 -4.31 8.81 6.50
N ALA A 34 -4.42 10.11 6.74
CA ALA A 34 -3.41 11.04 6.29
C ALA A 34 -2.11 10.79 7.06
N THR A 35 -2.24 10.00 8.12
CA THR A 35 -1.09 9.67 8.95
C THR A 35 -0.11 8.79 8.18
N VAL A 36 -0.65 8.09 7.18
CA VAL A 36 0.17 7.21 6.37
C VAL A 36 0.69 7.98 5.15
N MET A 37 -0.25 8.44 4.34
CA MET A 37 0.10 9.19 3.15
C MET A 37 1.23 10.18 3.43
N ARG A 38 0.98 11.06 4.38
CA ARG A 38 1.97 12.05 4.76
C ARG A 38 3.30 11.38 5.13
N SER A 39 3.18 10.26 5.84
CA SER A 39 4.35 9.52 6.26
C SER A 39 5.19 9.13 5.03
N LEU A 40 4.49 8.87 3.95
CA LEU A 40 5.15 8.49 2.71
C LEU A 40 5.81 9.73 2.08
N GLY A 41 5.32 10.88 2.49
CA GLY A 41 5.83 12.14 1.97
C GLY A 41 4.73 12.98 1.35
N LEU A 42 3.50 12.48 1.44
CA LEU A 42 2.36 13.17 0.89
C LEU A 42 1.95 14.31 1.84
N SER A 43 0.87 14.98 1.47
CA SER A 43 0.37 16.08 2.28
C SER A 43 -1.09 16.38 1.90
N PRO A 44 -1.95 15.34 2.11
CA PRO A 44 -3.37 15.48 1.81
C PRO A 44 -4.07 16.33 2.87
N SER A 45 -5.04 17.10 2.40
CA SER A 45 -5.80 17.97 3.29
C SER A 45 -7.00 17.21 3.86
N GLU A 46 -7.26 17.45 5.14
CA GLU A 46 -8.37 16.80 5.81
C GLU A 46 -9.65 16.95 4.99
N ALA A 47 -9.70 18.03 4.22
CA ALA A 47 -10.86 18.29 3.38
C ALA A 47 -11.02 17.16 2.37
N GLU A 48 -9.92 16.84 1.70
CA GLU A 48 -9.93 15.79 0.70
C GLU A 48 -9.94 14.42 1.38
N VAL A 49 -9.00 14.23 2.30
CA VAL A 49 -8.90 12.98 3.02
C VAL A 49 -10.30 12.47 3.36
N ASN A 50 -11.19 13.43 3.63
CA ASN A 50 -12.56 13.09 3.98
C ASN A 50 -13.25 12.48 2.75
N ASP A 51 -13.37 13.30 1.71
CA ASP A 51 -14.00 12.85 0.48
C ASP A 51 -13.28 11.63 -0.05
N LEU A 52 -12.07 11.42 0.46
CA LEU A 52 -11.26 10.28 0.05
C LEU A 52 -11.74 9.03 0.79
N MET A 53 -11.81 9.15 2.11
CA MET A 53 -12.25 8.04 2.94
C MET A 53 -13.78 7.91 2.92
N ASN A 54 -14.42 8.93 2.39
CA ASN A 54 -15.87 8.95 2.31
C ASN A 54 -16.31 8.26 1.01
N GLU A 55 -15.33 7.97 0.18
CA GLU A 55 -15.60 7.30 -1.10
C GLU A 55 -15.77 5.80 -0.89
N ILE A 56 -15.21 5.32 0.22
CA ILE A 56 -15.29 3.90 0.55
C ILE A 56 -16.27 3.70 1.70
N ASP A 57 -16.20 4.62 2.67
CA ASP A 57 -17.07 4.56 3.83
C ASP A 57 -18.46 4.13 3.39
N VAL A 58 -18.87 2.97 3.88
CA VAL A 58 -20.18 2.43 3.55
C VAL A 58 -21.18 2.82 4.64
N ASP A 59 -20.65 3.39 5.69
CA ASP A 59 -21.53 3.83 6.81
C ASP A 59 -21.43 5.35 7.00
N GLY A 60 -20.49 5.99 6.32
CA GLY A 60 -20.33 7.43 6.44
C GLY A 60 -19.98 7.83 7.87
N ASN A 61 -19.17 6.98 8.51
CA ASN A 61 -18.76 7.24 9.87
C ASN A 61 -17.43 7.99 9.86
N HIS A 62 -17.22 8.73 8.79
CA HIS A 62 -15.99 9.50 8.64
C HIS A 62 -14.80 8.66 9.08
N GLN A 63 -14.82 7.40 8.65
CA GLN A 63 -13.75 6.48 8.99
C GLN A 63 -13.76 5.28 8.04
N ILE A 64 -12.64 4.58 8.01
CA ILE A 64 -12.50 3.42 7.14
C ILE A 64 -12.43 2.16 8.01
N GLU A 65 -13.31 1.21 7.70
CA GLU A 65 -13.36 -0.04 8.43
C GLU A 65 -12.52 -1.10 7.73
N PHE A 66 -12.41 -2.26 8.37
CA PHE A 66 -11.64 -3.36 7.81
C PHE A 66 -12.40 -4.02 6.66
N SER A 67 -13.68 -3.67 6.54
CA SER A 67 -14.51 -4.22 5.50
C SER A 67 -14.46 -3.33 4.25
N GLU A 68 -14.53 -2.03 4.51
CA GLU A 68 -14.48 -1.06 3.43
C GLU A 68 -13.09 -1.00 2.81
N PHE A 69 -12.11 -0.74 3.66
CA PHE A 69 -10.73 -0.67 3.21
C PHE A 69 -10.36 -1.89 2.37
N LEU A 70 -10.73 -3.05 2.88
CA LEU A 70 -10.45 -4.30 2.19
C LEU A 70 -11.26 -4.37 0.90
N ALA A 71 -12.45 -3.80 0.95
CA ALA A 71 -13.32 -3.77 -0.22
C ALA A 71 -12.76 -2.80 -1.25
N LEU A 72 -11.86 -1.95 -0.79
CA LEU A 72 -11.24 -0.96 -1.66
C LEU A 72 -10.18 -1.66 -2.53
N MET A 73 -9.20 -2.23 -1.86
CA MET A 73 -8.12 -2.92 -2.55
C MET A 73 -8.67 -3.72 -3.74
N SER A 74 -9.70 -4.50 -3.46
CA SER A 74 -10.32 -5.32 -4.50
C SER A 74 -11.12 -4.43 -5.46
N ARG A 75 -11.68 -3.37 -4.90
CA ARG A 75 -12.46 -2.44 -5.70
C ARG A 75 -11.65 -1.18 -6.00
N GLN A 76 -10.52 -1.40 -6.65
CA GLN A 76 -9.64 -0.29 -7.01
C GLN A 76 -8.97 -0.56 -8.36
N LEU A 77 -9.57 -1.47 -9.11
CA LEU A 77 -9.05 -1.83 -10.42
C LEU A 77 -10.11 -1.57 -11.48
N LYS A 78 -9.70 -0.89 -12.53
CA LYS A 78 -10.61 -0.57 -13.63
C LYS A 78 -10.03 -1.12 -14.93
N SER A 79 -8.99 -0.46 -15.41
CA SER A 79 -8.34 -0.87 -16.64
C SER A 79 -6.83 -1.02 -16.42
N ASN A 80 -6.13 0.09 -16.52
CA ASN A 80 -4.69 0.10 -16.33
C ASN A 80 -4.37 0.31 -14.85
N ASP A 81 -5.38 0.09 -14.02
CA ASP A 81 -5.22 0.26 -12.59
C ASP A 81 -3.86 -0.30 -12.16
N SER A 82 -3.76 -1.61 -12.18
CA SER A 82 -2.53 -2.28 -11.79
C SER A 82 -1.34 -1.53 -12.39
N GLU A 83 -1.58 -0.89 -13.52
CA GLU A 83 -0.53 -0.14 -14.20
C GLU A 83 -0.21 1.14 -13.42
N GLN A 84 -1.26 1.82 -12.99
CA GLN A 84 -1.11 3.05 -12.24
C GLN A 84 -0.48 2.77 -10.87
N GLU A 85 -1.23 2.04 -10.06
CA GLU A 85 -0.77 1.69 -8.73
C GLU A 85 0.73 1.37 -8.76
N LEU A 86 1.18 0.89 -9.90
CA LEU A 86 2.58 0.54 -10.07
C LEU A 86 3.42 1.82 -10.03
N LEU A 87 3.20 2.65 -11.04
CA LEU A 87 3.94 3.91 -11.13
C LEU A 87 3.71 4.72 -9.85
N GLU A 88 2.45 4.81 -9.45
CA GLU A 88 2.09 5.55 -8.27
C GLU A 88 2.94 5.10 -7.08
N ALA A 89 3.09 3.79 -6.96
CA ALA A 89 3.88 3.22 -5.88
C ALA A 89 5.37 3.29 -6.25
N PHE A 90 5.62 3.34 -7.54
CA PHE A 90 6.98 3.42 -8.04
C PHE A 90 7.64 4.74 -7.65
N LYS A 91 7.09 5.82 -8.18
CA LYS A 91 7.61 7.15 -7.90
C LYS A 91 7.49 7.42 -6.40
N VAL A 92 6.47 6.83 -5.79
CA VAL A 92 6.24 7.00 -4.37
C VAL A 92 7.45 6.47 -3.59
N PHE A 93 7.76 5.20 -3.85
CA PHE A 93 8.88 4.56 -3.18
C PHE A 93 10.21 5.21 -3.58
N ASP A 94 10.33 5.47 -4.86
CA ASP A 94 11.57 6.12 -5.37
C ASP A 94 11.64 7.58 -4.90
N LYS A 95 12.40 7.85 -3.84
CA LYS A 95 12.51 9.21 -3.33
C LYS A 95 13.63 9.93 -4.07
N ASN A 96 14.61 9.15 -4.50
CA ASN A 96 15.74 9.72 -5.22
C ASN A 96 15.34 9.98 -6.67
N GLY A 97 14.63 9.01 -7.24
CA GLY A 97 14.18 9.12 -8.61
C GLY A 97 15.26 8.65 -9.59
N ASP A 98 15.37 7.33 -9.71
CA ASP A 98 16.34 6.73 -10.59
C ASP A 98 15.72 5.54 -11.31
N GLY A 99 14.40 5.43 -11.18
CA GLY A 99 13.67 4.34 -11.81
C GLY A 99 14.02 3.00 -11.16
N LEU A 100 14.57 3.09 -9.96
CA LEU A 100 14.96 1.90 -9.22
C LEU A 100 14.84 2.17 -7.73
N ILE A 101 13.87 1.51 -7.11
CA ILE A 101 13.65 1.66 -5.68
C ILE A 101 14.70 0.87 -4.91
N SER A 102 15.66 1.60 -4.36
CA SER A 102 16.72 0.97 -3.59
C SER A 102 16.18 0.43 -2.28
N ALA A 103 17.08 -0.09 -1.46
CA ALA A 103 16.71 -0.65 -0.17
C ALA A 103 15.91 0.40 0.62
N ALA A 104 16.62 1.43 1.05
CA ALA A 104 16.00 2.50 1.82
C ALA A 104 14.62 2.82 1.22
N GLU A 105 14.66 3.35 0.00
CA GLU A 105 13.43 3.70 -0.69
C GLU A 105 12.34 2.66 -0.41
N LEU A 106 12.79 1.43 -0.17
CA LEU A 106 11.87 0.34 0.11
C LEU A 106 11.68 0.22 1.62
N LYS A 107 12.73 -0.29 2.27
CA LYS A 107 12.69 -0.47 3.71
C LYS A 107 12.14 0.80 4.37
N HIS A 108 12.80 1.91 4.08
CA HIS A 108 12.38 3.19 4.64
C HIS A 108 10.87 3.36 4.46
N VAL A 109 10.40 2.97 3.28
CA VAL A 109 8.98 3.08 2.98
C VAL A 109 8.19 2.13 3.90
N LEU A 110 8.67 0.91 3.98
CA LEU A 110 8.03 -0.09 4.82
C LEU A 110 8.02 0.39 6.27
N THR A 111 9.04 1.18 6.61
CA THR A 111 9.17 1.71 7.95
C THR A 111 8.29 2.95 8.10
N SER A 112 8.01 3.59 6.98
CA SER A 112 7.20 4.79 6.98
C SER A 112 5.73 4.43 7.27
N ILE A 113 5.48 3.14 7.30
CA ILE A 113 4.13 2.64 7.57
C ILE A 113 4.12 1.88 8.90
N GLY A 114 5.25 1.23 9.17
CA GLY A 114 5.38 0.46 10.40
C GLY A 114 6.36 -0.69 10.21
N GLU A 115 6.37 -1.24 9.01
CA GLU A 115 7.26 -2.36 8.70
C GLU A 115 8.72 -1.93 8.85
N LYS A 116 9.36 -2.49 9.85
CA LYS A 116 10.77 -2.17 10.11
C LYS A 116 11.64 -3.37 9.74
N LEU A 117 12.32 -3.24 8.61
CA LEU A 117 13.19 -4.31 8.14
C LEU A 117 14.63 -3.82 8.14
N THR A 118 15.53 -4.75 8.42
CA THR A 118 16.95 -4.43 8.48
C THR A 118 17.53 -4.37 7.06
N ASP A 119 18.64 -3.65 6.94
CA ASP A 119 19.30 -3.50 5.65
C ASP A 119 19.57 -4.88 5.06
N ALA A 120 19.82 -5.83 5.94
CA ALA A 120 20.09 -7.20 5.52
C ALA A 120 18.77 -7.88 5.12
N GLU A 121 17.69 -7.38 5.70
CA GLU A 121 16.38 -7.93 5.41
C GLU A 121 15.87 -7.43 4.06
N VAL A 122 15.84 -6.11 3.92
CA VAL A 122 15.39 -5.50 2.68
C VAL A 122 16.34 -5.88 1.55
N ASP A 123 17.63 -5.68 1.80
CA ASP A 123 18.65 -6.00 0.82
C ASP A 123 18.39 -7.39 0.25
N ASP A 124 17.71 -8.20 1.05
CA ASP A 124 17.39 -9.56 0.64
C ASP A 124 16.03 -9.57 -0.06
N MET A 125 15.15 -8.71 0.41
CA MET A 125 13.81 -8.62 -0.16
C MET A 125 13.88 -8.13 -1.61
N LEU A 126 14.90 -7.32 -1.90
CA LEU A 126 15.09 -6.79 -3.23
C LEU A 126 15.48 -7.93 -4.18
N ARG A 127 16.58 -8.59 -3.84
CA ARG A 127 17.07 -9.69 -4.65
C ARG A 127 15.89 -10.49 -5.22
N GLU A 128 14.82 -10.52 -4.45
CA GLU A 128 13.62 -11.24 -4.87
C GLU A 128 13.33 -10.98 -6.35
N VAL A 129 13.34 -9.71 -6.71
CA VAL A 129 13.08 -9.32 -8.08
C VAL A 129 14.15 -8.32 -8.54
N SER A 130 15.16 -8.15 -7.69
CA SER A 130 16.23 -7.23 -7.99
C SER A 130 17.37 -7.96 -8.70
N ASP A 131 17.14 -9.25 -8.94
CA ASP A 131 18.12 -10.07 -9.63
C ASP A 131 19.48 -9.92 -8.93
N GLY A 132 19.41 -9.60 -7.64
CA GLY A 132 20.62 -9.42 -6.86
C GLY A 132 21.10 -7.97 -6.92
N SER A 133 20.70 -7.29 -7.98
CA SER A 133 21.08 -5.89 -8.17
C SER A 133 21.05 -5.16 -6.83
N GLY A 134 19.84 -4.80 -6.42
CA GLY A 134 19.65 -4.09 -5.16
C GLY A 134 18.46 -3.13 -5.24
N GLU A 135 18.07 -2.84 -6.47
CA GLU A 135 16.94 -1.95 -6.70
C GLU A 135 15.84 -2.67 -7.46
N ILE A 136 14.76 -1.94 -7.70
CA ILE A 136 13.61 -2.49 -8.42
C ILE A 136 12.93 -1.38 -9.22
N ASN A 137 12.90 -1.58 -10.53
CA ASN A 137 12.29 -0.61 -11.42
C ASN A 137 10.79 -0.92 -11.55
N ILE A 138 10.10 -0.05 -12.26
CA ILE A 138 8.66 -0.22 -12.48
C ILE A 138 8.38 -1.67 -12.89
N GLN A 139 9.40 -2.30 -13.44
CA GLN A 139 9.27 -3.68 -13.89
C GLN A 139 9.51 -4.63 -12.72
N GLN A 140 10.69 -4.51 -12.13
CA GLN A 140 11.05 -5.35 -11.00
C GLN A 140 10.11 -5.12 -9.83
N PHE A 141 10.03 -3.85 -9.42
CA PHE A 141 9.17 -3.47 -8.31
C PHE A 141 7.81 -4.17 -8.42
N ALA A 142 7.25 -4.13 -9.61
CA ALA A 142 5.95 -4.74 -9.86
C ALA A 142 6.08 -6.25 -9.66
N ALA A 143 7.24 -6.78 -10.00
CA ALA A 143 7.49 -8.20 -9.85
C ALA A 143 7.01 -8.67 -8.47
N LEU A 144 7.19 -7.79 -7.49
CA LEU A 144 6.79 -8.11 -6.14
C LEU A 144 5.27 -8.34 -6.11
N LEU A 145 4.54 -7.29 -6.45
CA LEU A 145 3.09 -7.36 -6.47
C LEU A 145 2.64 -8.58 -7.27
N SER A 146 3.54 -9.04 -8.14
CA SER A 146 3.27 -10.20 -8.97
C SER A 146 4.03 -11.41 -8.44
N LYS A 147 4.18 -11.45 -7.12
CA LYS A 147 4.88 -12.55 -6.48
C LYS A 147 3.97 -13.17 -5.42
N GLY A 148 3.12 -14.08 -5.87
CA GLY A 148 2.20 -14.76 -4.96
C GLY A 148 2.27 -16.27 -5.14
N SER A 149 3.50 -16.76 -5.26
CA SER A 149 3.72 -18.19 -5.43
C SER A 149 4.35 -18.78 -4.16
N SER A 150 5.36 -18.09 -3.66
CA SER A 150 6.05 -18.53 -2.47
C SER A 150 5.60 -17.69 -1.27
N THR A 151 4.28 -17.52 -1.17
CA THR A 151 3.71 -16.75 -0.08
C THR A 151 2.77 -17.63 0.75
N GLY A 152 3.12 -17.78 2.02
CA GLY A 152 2.32 -18.59 2.93
C GLY A 152 1.64 -17.71 3.98
N THR A 153 0.75 -16.86 3.50
CA THR A 153 0.02 -15.96 4.39
C THR A 153 0.98 -15.00 5.08
N ARG A 154 2.03 -14.64 4.35
CA ARG A 154 3.03 -13.72 4.89
C ARG A 154 3.56 -12.81 3.78
N ARG A 155 4.12 -13.44 2.76
CA ARG A 155 4.67 -12.70 1.63
C ARG A 155 3.54 -12.04 0.84
N LYS A 156 2.37 -12.67 0.90
CA LYS A 156 1.21 -12.15 0.19
C LYS A 156 0.77 -10.84 0.83
N ALA A 157 1.00 -10.74 2.13
CA ALA A 157 0.64 -9.54 2.87
C ALA A 157 1.82 -8.58 2.89
N LEU A 158 2.99 -9.13 2.57
CA LEU A 158 4.21 -8.32 2.56
C LEU A 158 4.09 -7.24 1.49
N ARG A 159 3.85 -7.70 0.26
CA ARG A 159 3.72 -6.78 -0.86
C ARG A 159 2.39 -6.02 -0.77
N ASN A 160 1.48 -6.58 0.01
CA ASN A 160 0.17 -5.96 0.19
C ASN A 160 0.34 -4.62 0.88
N LYS A 161 1.37 -4.53 1.72
CA LYS A 161 1.65 -3.31 2.44
C LYS A 161 1.84 -2.16 1.44
N ILE A 162 2.26 -2.52 0.24
CA ILE A 162 2.48 -1.55 -0.80
C ILE A 162 1.16 -1.29 -1.55
N LEU A 163 0.39 -2.35 -1.70
CA LEU A 163 -0.89 -2.26 -2.38
C LEU A 163 -1.66 -1.04 -1.85
N ALA A 164 -1.67 -0.93 -0.53
CA ALA A 164 -2.37 0.18 0.11
C ALA A 164 -1.58 1.47 -0.12
N ILE A 165 -0.35 1.46 0.35
CA ILE A 165 0.52 2.62 0.21
C ILE A 165 0.33 3.22 -1.19
N ALA A 166 0.03 2.35 -2.13
CA ALA A 166 -0.18 2.78 -3.50
C ALA A 166 -1.64 3.18 -3.69
N LYS A 167 -2.51 2.19 -3.72
CA LYS A 167 -3.93 2.42 -3.89
C LYS A 167 -4.33 3.65 -3.07
N VAL A 168 -4.27 3.50 -1.76
CA VAL A 168 -4.62 4.58 -0.86
C VAL A 168 -4.12 5.91 -1.43
N SER A 169 -2.93 5.84 -2.02
CA SER A 169 -2.32 7.03 -2.61
C SER A 169 -3.06 7.41 -3.90
N ARG A 170 -2.91 6.55 -4.89
CA ARG A 170 -3.56 6.78 -6.18
C ARG A 170 -4.94 7.40 -5.96
N MET A 171 -5.72 6.76 -5.12
CA MET A 171 -7.06 7.23 -4.82
C MET A 171 -7.08 8.76 -4.66
N PHE A 172 -6.16 9.25 -3.84
CA PHE A 172 -6.06 10.68 -3.58
C PHE A 172 -6.03 11.46 -4.91
N SER A 173 -5.34 10.88 -5.88
CA SER A 173 -5.23 11.51 -7.19
C SER A 173 -6.56 11.46 -7.91
N VAL A 174 -7.37 10.46 -7.55
CA VAL A 174 -8.67 10.30 -8.16
C VAL A 174 -9.66 11.28 -7.52
N LEU A 175 -9.71 11.25 -6.20
CA LEU A 175 -10.60 12.13 -5.47
C LEU A 175 -10.55 13.53 -6.08
N ARG A 176 -9.35 13.91 -6.49
CA ARG A 176 -9.15 15.22 -7.10
C ARG A 176 -10.33 15.57 -8.01
N GLY A 1 -22.77 -11.05 -1.05
CA GLY A 1 -22.01 -10.83 -2.28
C GLY A 1 -20.75 -11.68 -2.30
N SER A 2 -19.81 -11.26 -3.14
CA SER A 2 -18.55 -11.97 -3.26
C SER A 2 -17.47 -11.03 -3.80
N SER A 3 -16.52 -10.71 -2.93
CA SER A 3 -15.43 -9.82 -3.30
C SER A 3 -14.36 -10.61 -4.06
N ASN A 4 -14.66 -11.88 -4.30
CA ASN A 4 -13.73 -12.74 -5.02
C ASN A 4 -12.50 -13.00 -4.14
N LEU A 5 -12.70 -12.83 -2.84
CA LEU A 5 -11.62 -13.05 -1.90
C LEU A 5 -12.01 -14.13 -0.91
N THR A 6 -11.02 -14.91 -0.49
CA THR A 6 -11.25 -15.99 0.45
C THR A 6 -10.95 -15.54 1.87
N GLU A 7 -11.50 -16.28 2.83
CA GLU A 7 -11.29 -15.96 4.23
C GLU A 7 -9.83 -15.56 4.47
N GLU A 8 -8.95 -16.21 3.75
CA GLU A 8 -7.52 -15.93 3.88
C GLU A 8 -7.20 -14.53 3.36
N GLN A 9 -7.75 -14.24 2.18
CA GLN A 9 -7.54 -12.95 1.56
C GLN A 9 -7.99 -11.83 2.50
N ILE A 10 -9.06 -12.10 3.22
CA ILE A 10 -9.62 -11.13 4.14
C ILE A 10 -8.61 -10.89 5.27
N ALA A 11 -7.72 -11.86 5.46
CA ALA A 11 -6.70 -11.76 6.49
C ALA A 11 -5.53 -10.93 5.96
N GLU A 12 -5.54 -10.70 4.66
CA GLU A 12 -4.48 -9.94 4.02
C GLU A 12 -4.74 -8.44 4.19
N PHE A 13 -5.83 -7.98 3.59
CA PHE A 13 -6.21 -6.59 3.68
C PHE A 13 -6.19 -6.10 5.12
N LYS A 14 -6.36 -7.03 6.04
CA LYS A 14 -6.35 -6.72 7.46
C LYS A 14 -5.05 -5.99 7.81
N GLU A 15 -3.97 -6.46 7.21
CA GLU A 15 -2.66 -5.87 7.44
C GLU A 15 -2.59 -4.47 6.82
N ALA A 16 -3.06 -4.38 5.58
CA ALA A 16 -3.06 -3.12 4.86
C ALA A 16 -3.92 -2.11 5.62
N PHE A 17 -4.73 -2.63 6.53
CA PHE A 17 -5.61 -1.78 7.32
C PHE A 17 -4.86 -1.18 8.52
N ALA A 18 -3.97 -1.98 9.08
CA ALA A 18 -3.19 -1.54 10.22
C ALA A 18 -2.30 -0.38 9.80
N LEU A 19 -1.95 -0.36 8.52
CA LEU A 19 -1.11 0.69 7.99
C LEU A 19 -1.53 2.04 8.59
N PHE A 20 -2.83 2.16 8.83
CA PHE A 20 -3.37 3.38 9.39
C PHE A 20 -3.98 3.12 10.77
N ASP A 21 -4.90 2.17 10.81
CA ASP A 21 -5.56 1.81 12.06
C ASP A 21 -4.50 1.57 13.14
N LYS A 22 -4.21 2.63 13.87
CA LYS A 22 -3.22 2.55 14.95
C LYS A 22 -3.82 1.76 16.12
N ASP A 23 -4.80 2.35 16.73
CA ASP A 23 -5.47 1.68 17.89
C ASP A 23 -6.31 0.49 17.39
N ASN A 24 -6.36 0.28 16.08
CA ASN A 24 -7.14 -0.82 15.54
C ASN A 24 -8.49 -0.89 16.25
N ASN A 25 -9.27 0.16 16.08
CA ASN A 25 -10.59 0.23 16.70
C ASN A 25 -11.64 -0.23 15.69
N GLY A 26 -11.30 -0.09 14.41
CA GLY A 26 -12.20 -0.49 13.35
C GLY A 26 -12.70 0.73 12.56
N SER A 27 -11.85 1.75 12.53
CA SER A 27 -12.19 2.98 11.82
C SER A 27 -10.95 3.86 11.71
N ILE A 28 -10.48 4.00 10.48
CA ILE A 28 -9.31 4.82 10.21
C ILE A 28 -9.73 6.28 10.04
N SER A 29 -9.37 7.08 11.03
CA SER A 29 -9.71 8.50 11.01
C SER A 29 -8.94 9.20 9.88
N SER A 30 -9.35 10.43 9.62
CA SER A 30 -8.72 11.21 8.57
C SER A 30 -7.29 11.59 8.99
N SER A 31 -7.13 11.80 10.29
CA SER A 31 -5.84 12.17 10.84
C SER A 31 -4.92 10.95 10.85
N GLU A 32 -5.53 9.78 10.79
CA GLU A 32 -4.77 8.53 10.79
C GLU A 32 -4.46 8.10 9.36
N LEU A 33 -5.44 8.28 8.49
CA LEU A 33 -5.28 7.92 7.10
C LEU A 33 -4.17 8.77 6.48
N ALA A 34 -4.31 10.08 6.65
CA ALA A 34 -3.34 11.01 6.12
C ALA A 34 -2.00 10.81 6.82
N THR A 35 -2.04 10.05 7.91
CA THR A 35 -0.85 9.76 8.68
C THR A 35 0.09 8.84 7.89
N VAL A 36 -0.52 8.01 7.05
CA VAL A 36 0.25 7.07 6.23
C VAL A 36 0.75 7.79 4.98
N MET A 37 -0.20 8.20 4.15
CA MET A 37 0.14 8.88 2.91
C MET A 37 1.26 9.89 3.15
N ARG A 38 1.10 10.69 4.19
CA ARG A 38 2.10 11.70 4.53
C ARG A 38 3.43 11.03 4.86
N SER A 39 3.34 9.91 5.56
CA SER A 39 4.53 9.17 5.95
C SER A 39 5.30 8.71 4.71
N LEU A 40 4.61 8.78 3.57
CA LEU A 40 5.20 8.37 2.31
C LEU A 40 5.84 9.60 1.64
N GLY A 41 5.40 10.76 2.08
CA GLY A 41 5.92 12.01 1.54
C GLY A 41 4.79 12.89 1.02
N LEU A 42 3.58 12.34 1.07
CA LEU A 42 2.41 13.06 0.60
C LEU A 42 2.07 14.16 1.60
N SER A 43 0.99 14.88 1.30
CA SER A 43 0.54 15.96 2.16
C SER A 43 -0.93 16.27 1.89
N PRO A 44 -1.79 15.23 2.11
CA PRO A 44 -3.22 15.39 1.89
C PRO A 44 -3.86 16.19 3.03
N SER A 45 -4.38 17.36 2.65
CA SER A 45 -5.02 18.23 3.62
C SER A 45 -6.30 17.59 4.13
N GLU A 46 -6.53 17.74 5.43
CA GLU A 46 -7.72 17.18 6.05
C GLU A 46 -8.96 17.43 5.17
N ALA A 47 -9.03 18.64 4.66
CA ALA A 47 -10.15 19.02 3.80
C ALA A 47 -10.37 17.93 2.75
N GLU A 48 -9.28 17.56 2.09
CA GLU A 48 -9.35 16.52 1.06
C GLU A 48 -9.52 15.16 1.70
N VAL A 49 -8.69 14.89 2.70
CA VAL A 49 -8.74 13.62 3.40
C VAL A 49 -10.21 13.25 3.66
N ASN A 50 -11.02 14.27 3.86
CA ASN A 50 -12.43 14.06 4.12
C ASN A 50 -13.09 13.44 2.88
N ASP A 51 -13.07 14.21 1.79
CA ASP A 51 -13.66 13.75 0.55
C ASP A 51 -12.91 12.51 0.07
N LEU A 52 -11.75 12.28 0.67
CA LEU A 52 -10.93 11.14 0.31
C LEU A 52 -11.50 9.88 0.97
N MET A 53 -11.67 9.97 2.28
CA MET A 53 -12.19 8.85 3.05
C MET A 53 -13.70 8.72 2.85
N ASN A 54 -14.31 9.82 2.45
CA ASN A 54 -15.75 9.84 2.22
C ASN A 54 -16.06 9.19 0.87
N GLU A 55 -15.00 8.90 0.13
CA GLU A 55 -15.15 8.27 -1.17
C GLU A 55 -15.24 6.75 -1.02
N ILE A 56 -14.89 6.28 0.17
CA ILE A 56 -14.92 4.86 0.45
C ILE A 56 -15.92 4.60 1.58
N ASP A 57 -15.89 5.48 2.57
CA ASP A 57 -16.79 5.35 3.71
C ASP A 57 -18.15 4.86 3.23
N VAL A 58 -18.51 3.67 3.67
CA VAL A 58 -19.79 3.09 3.30
C VAL A 58 -20.82 3.39 4.38
N ASP A 59 -20.35 3.97 5.46
CA ASP A 59 -21.25 4.32 6.58
C ASP A 59 -21.20 5.82 6.84
N GLY A 60 -20.25 6.53 6.23
CA GLY A 60 -20.13 7.96 6.43
C GLY A 60 -19.77 8.29 7.88
N ASN A 61 -18.93 7.44 8.45
CA ASN A 61 -18.50 7.62 9.83
C ASN A 61 -17.16 8.34 9.85
N HIS A 62 -16.97 9.19 8.85
CA HIS A 62 -15.72 9.94 8.74
C HIS A 62 -14.55 9.03 9.11
N GLN A 63 -14.64 7.79 8.68
CA GLN A 63 -13.59 6.82 8.95
C GLN A 63 -13.65 5.68 7.93
N ILE A 64 -12.70 4.76 8.06
CA ILE A 64 -12.62 3.62 7.16
C ILE A 64 -12.55 2.34 7.99
N GLU A 65 -13.44 1.41 7.67
CA GLU A 65 -13.49 0.14 8.37
C GLU A 65 -12.70 -0.92 7.60
N PHE A 66 -12.47 -2.04 8.27
CA PHE A 66 -11.73 -3.13 7.65
C PHE A 66 -12.53 -3.79 6.54
N SER A 67 -13.82 -3.46 6.50
CA SER A 67 -14.70 -4.00 5.49
C SER A 67 -14.66 -3.14 4.23
N GLU A 68 -14.76 -1.84 4.45
CA GLU A 68 -14.74 -0.89 3.34
C GLU A 68 -13.34 -0.84 2.72
N PHE A 69 -12.35 -0.70 3.58
CA PHE A 69 -10.98 -0.62 3.13
C PHE A 69 -10.62 -1.83 2.27
N LEU A 70 -11.06 -2.99 2.72
CA LEU A 70 -10.80 -4.23 1.98
C LEU A 70 -11.66 -4.26 0.73
N ALA A 71 -12.87 -3.70 0.85
CA ALA A 71 -13.79 -3.66 -0.26
C ALA A 71 -13.31 -2.63 -1.28
N LEU A 72 -12.40 -1.78 -0.83
CA LEU A 72 -11.86 -0.74 -1.69
C LEU A 72 -10.90 -1.37 -2.70
N MET A 73 -10.03 -2.23 -2.19
CA MET A 73 -9.06 -2.91 -3.03
C MET A 73 -9.75 -3.78 -4.07
N SER A 74 -10.81 -4.44 -3.63
CA SER A 74 -11.57 -5.31 -4.53
C SER A 74 -12.37 -4.48 -5.52
N ARG A 75 -12.39 -3.17 -5.27
CA ARG A 75 -13.12 -2.25 -6.14
C ARG A 75 -12.20 -1.12 -6.58
N GLN A 76 -10.95 -1.48 -6.87
CA GLN A 76 -9.97 -0.51 -7.31
C GLN A 76 -9.07 -1.12 -8.38
N LEU A 77 -9.63 -2.04 -9.13
CA LEU A 77 -8.88 -2.71 -10.18
C LEU A 77 -9.81 -2.94 -11.39
N LYS A 78 -9.43 -2.33 -12.50
CA LYS A 78 -10.21 -2.45 -13.72
C LYS A 78 -9.27 -2.70 -14.90
N SER A 79 -8.83 -1.60 -15.50
CA SER A 79 -7.92 -1.69 -16.64
C SER A 79 -6.47 -1.67 -16.15
N ASN A 80 -5.97 -0.46 -15.95
CA ASN A 80 -4.60 -0.28 -15.49
C ASN A 80 -4.56 -0.43 -13.97
N ASP A 81 -5.20 -1.50 -13.49
CA ASP A 81 -5.24 -1.78 -12.07
C ASP A 81 -3.81 -1.79 -11.52
N SER A 82 -3.25 -2.98 -11.43
CA SER A 82 -1.90 -3.15 -10.93
C SER A 82 -1.02 -1.98 -11.39
N GLU A 83 -0.95 -1.81 -12.70
CA GLU A 83 -0.16 -0.74 -13.28
C GLU A 83 -0.28 0.53 -12.44
N GLN A 84 -1.53 0.91 -12.17
CA GLN A 84 -1.80 2.10 -11.39
C GLN A 84 -1.09 2.01 -10.03
N GLU A 85 -1.50 1.03 -9.24
CA GLU A 85 -0.92 0.83 -7.93
C GLU A 85 0.59 0.58 -8.06
N LEU A 86 1.01 0.30 -9.28
CA LEU A 86 2.42 0.05 -9.55
C LEU A 86 3.16 1.38 -9.64
N LEU A 87 2.74 2.20 -10.58
CA LEU A 87 3.36 3.50 -10.78
C LEU A 87 3.14 4.36 -9.53
N GLU A 88 1.90 4.37 -9.07
CA GLU A 88 1.55 5.15 -7.89
C GLU A 88 2.46 4.77 -6.72
N ALA A 89 2.81 3.50 -6.68
CA ALA A 89 3.67 3.00 -5.62
C ALA A 89 5.14 3.12 -6.06
N PHE A 90 5.32 3.20 -7.37
CA PHE A 90 6.66 3.32 -7.93
C PHE A 90 7.29 4.67 -7.57
N LYS A 91 6.66 5.73 -8.06
CA LYS A 91 7.16 7.08 -7.80
C LYS A 91 7.07 7.36 -6.29
N VAL A 92 6.06 6.76 -5.67
CA VAL A 92 5.86 6.95 -4.25
C VAL A 92 7.10 6.46 -3.49
N PHE A 93 7.43 5.20 -3.72
CA PHE A 93 8.59 4.61 -3.06
C PHE A 93 9.88 5.33 -3.47
N ASP A 94 9.97 5.62 -4.74
CA ASP A 94 11.17 6.33 -5.27
C ASP A 94 11.18 7.79 -4.76
N LYS A 95 11.94 8.06 -3.71
CA LYS A 95 11.99 9.41 -3.17
C LYS A 95 13.07 10.20 -3.91
N ASN A 96 14.10 9.48 -4.35
CA ASN A 96 15.20 10.10 -5.08
C ASN A 96 14.76 10.38 -6.51
N GLY A 97 14.13 9.38 -7.11
CA GLY A 97 13.66 9.50 -8.48
C GLY A 97 14.75 9.10 -9.48
N ASP A 98 14.94 7.79 -9.61
CA ASP A 98 15.94 7.27 -10.51
C ASP A 98 15.37 6.06 -11.26
N GLY A 99 14.06 5.88 -11.11
CA GLY A 99 13.38 4.77 -11.76
C GLY A 99 13.79 3.43 -11.13
N LEU A 100 14.34 3.52 -9.92
CA LEU A 100 14.77 2.33 -9.20
C LEU A 100 14.65 2.58 -7.70
N ILE A 101 13.69 1.88 -7.10
CA ILE A 101 13.46 2.02 -5.67
C ILE A 101 14.57 1.28 -4.91
N SER A 102 15.48 2.07 -4.37
CA SER A 102 16.59 1.51 -3.61
C SER A 102 16.08 0.93 -2.29
N ALA A 103 17.00 0.30 -1.56
CA ALA A 103 16.66 -0.30 -0.29
C ALA A 103 15.83 0.69 0.53
N ALA A 104 16.51 1.74 0.98
CA ALA A 104 15.84 2.76 1.78
C ALA A 104 14.45 3.03 1.20
N GLU A 105 14.45 3.59 -0.01
CA GLU A 105 13.20 3.91 -0.68
C GLU A 105 12.17 2.81 -0.41
N LEU A 106 12.66 1.61 -0.20
CA LEU A 106 11.80 0.47 0.06
C LEU A 106 11.63 0.30 1.58
N LYS A 107 12.71 -0.16 2.21
CA LYS A 107 12.69 -0.37 3.64
C LYS A 107 12.12 0.86 4.33
N HIS A 108 12.73 2.00 4.05
CA HIS A 108 12.29 3.25 4.64
C HIS A 108 10.77 3.38 4.49
N VAL A 109 10.28 2.97 3.33
CA VAL A 109 8.86 3.03 3.05
C VAL A 109 8.12 2.06 3.97
N LEU A 110 8.62 0.83 3.99
CA LEU A 110 8.01 -0.21 4.81
C LEU A 110 7.98 0.27 6.27
N THR A 111 9.01 1.00 6.64
CA THR A 111 9.10 1.53 8.00
C THR A 111 8.23 2.77 8.15
N SER A 112 7.86 3.34 7.01
CA SER A 112 7.03 4.54 7.01
C SER A 112 5.56 4.15 7.16
N ILE A 113 5.32 2.85 7.22
CA ILE A 113 3.97 2.34 7.36
C ILE A 113 3.85 1.61 8.70
N GLY A 114 4.94 0.98 9.10
CA GLY A 114 4.97 0.24 10.36
C GLY A 114 6.00 -0.88 10.31
N GLU A 115 6.08 -1.53 9.16
CA GLU A 115 7.02 -2.62 8.97
C GLU A 115 8.41 -2.21 9.44
N LYS A 116 9.32 -3.17 9.42
CA LYS A 116 10.70 -2.92 9.84
C LYS A 116 11.59 -4.05 9.32
N LEU A 117 12.37 -3.71 8.30
CA LEU A 117 13.28 -4.68 7.71
C LEU A 117 14.71 -4.13 7.79
N THR A 118 15.63 -5.03 8.12
CA THR A 118 17.03 -4.67 8.23
C THR A 118 17.65 -4.49 6.84
N ASP A 119 18.73 -3.73 6.80
CA ASP A 119 19.42 -3.48 5.55
C ASP A 119 19.78 -4.82 4.90
N ALA A 120 19.86 -5.85 5.73
CA ALA A 120 20.19 -7.18 5.24
C ALA A 120 18.92 -7.87 4.75
N GLU A 121 17.79 -7.45 5.31
CA GLU A 121 16.51 -8.01 4.94
C GLU A 121 16.02 -7.41 3.62
N VAL A 122 16.04 -6.09 3.57
CA VAL A 122 15.61 -5.39 2.37
C VAL A 122 16.59 -5.67 1.23
N ASP A 123 17.87 -5.47 1.53
CA ASP A 123 18.91 -5.71 0.55
C ASP A 123 18.71 -7.09 -0.09
N ASP A 124 18.06 -7.96 0.67
CA ASP A 124 17.80 -9.30 0.19
C ASP A 124 16.44 -9.33 -0.53
N MET A 125 15.50 -8.57 0.02
CA MET A 125 14.17 -8.50 -0.56
C MET A 125 14.23 -8.08 -2.03
N LEU A 126 15.15 -7.18 -2.32
CA LEU A 126 15.33 -6.69 -3.69
C LEU A 126 15.77 -7.84 -4.58
N ARG A 127 16.86 -8.49 -4.16
CA ARG A 127 17.40 -9.61 -4.92
C ARG A 127 16.26 -10.44 -5.52
N GLU A 128 15.15 -10.47 -4.80
CA GLU A 128 13.98 -11.22 -5.25
C GLU A 128 13.73 -10.98 -6.74
N VAL A 129 13.71 -9.71 -7.10
CA VAL A 129 13.49 -9.33 -8.49
C VAL A 129 14.54 -8.30 -8.91
N SER A 130 15.54 -8.14 -8.05
CA SER A 130 16.61 -7.20 -8.33
C SER A 130 17.81 -7.92 -8.92
N ASP A 131 17.63 -9.20 -9.18
CA ASP A 131 18.68 -10.02 -9.75
C ASP A 131 20.02 -9.65 -9.10
N GLY A 132 19.95 -9.34 -7.81
CA GLY A 132 21.14 -8.97 -7.06
C GLY A 132 21.73 -7.66 -7.59
N SER A 133 20.85 -6.68 -7.81
CA SER A 133 21.27 -5.39 -8.31
C SER A 133 21.44 -4.41 -7.15
N GLY A 134 20.30 -3.99 -6.61
CA GLY A 134 20.31 -3.04 -5.50
C GLY A 134 19.07 -2.15 -5.54
N GLU A 135 18.42 -2.14 -6.69
CA GLU A 135 17.22 -1.34 -6.86
C GLU A 135 16.20 -2.09 -7.72
N ILE A 136 15.00 -1.53 -7.77
CA ILE A 136 13.93 -2.12 -8.55
C ILE A 136 13.17 -1.03 -9.29
N ASN A 137 12.98 -1.26 -10.58
CA ASN A 137 12.27 -0.30 -11.42
C ASN A 137 10.79 -0.69 -11.49
N ILE A 138 10.05 0.04 -12.31
CA ILE A 138 8.63 -0.22 -12.48
C ILE A 138 8.43 -1.66 -12.95
N GLN A 139 9.52 -2.25 -13.42
CA GLN A 139 9.48 -3.63 -13.91
C GLN A 139 9.80 -4.59 -12.77
N GLN A 140 10.89 -4.30 -12.07
CA GLN A 140 11.31 -5.14 -10.96
C GLN A 140 10.35 -4.99 -9.78
N PHE A 141 10.20 -3.75 -9.35
CA PHE A 141 9.32 -3.45 -8.23
C PHE A 141 8.00 -4.20 -8.36
N ALA A 142 7.41 -4.11 -9.54
CA ALA A 142 6.15 -4.77 -9.81
C ALA A 142 6.33 -6.29 -9.67
N ALA A 143 7.54 -6.74 -9.99
CA ALA A 143 7.86 -8.15 -9.91
C ALA A 143 7.57 -8.65 -8.49
N LEU A 144 7.71 -7.73 -7.54
CA LEU A 144 7.47 -8.07 -6.15
C LEU A 144 5.96 -8.19 -5.91
N LEU A 145 5.23 -7.22 -6.41
CA LEU A 145 3.79 -7.21 -6.26
C LEU A 145 3.17 -8.24 -7.20
N SER A 146 4.03 -8.85 -8.00
CA SER A 146 3.60 -9.86 -8.95
C SER A 146 4.34 -11.18 -8.70
N LYS A 147 5.22 -11.14 -7.71
CA LYS A 147 6.00 -12.32 -7.36
C LYS A 147 6.97 -11.96 -6.23
N GLY A 148 6.74 -12.57 -5.08
CA GLY A 148 7.58 -12.33 -3.92
C GLY A 148 8.28 -13.61 -3.48
N SER A 149 8.88 -13.54 -2.30
CA SER A 149 9.60 -14.69 -1.75
C SER A 149 8.62 -15.60 -0.99
N SER A 150 8.40 -16.77 -1.56
CA SER A 150 7.48 -17.73 -0.95
C SER A 150 6.28 -17.01 -0.35
N THR A 151 5.61 -16.24 -1.20
CA THR A 151 4.45 -15.48 -0.76
C THR A 151 3.22 -16.39 -0.74
N GLY A 152 2.82 -16.75 0.47
CA GLY A 152 1.66 -17.60 0.65
C GLY A 152 0.53 -16.88 1.40
N THR A 153 0.70 -16.80 2.71
CA THR A 153 -0.29 -16.14 3.55
C THR A 153 0.40 -15.19 4.53
N ARG A 154 1.70 -15.06 4.36
CA ARG A 154 2.49 -14.19 5.22
C ARG A 154 3.29 -13.20 4.37
N ARG A 155 4.21 -13.75 3.57
CA ARG A 155 5.03 -12.93 2.71
C ARG A 155 4.17 -12.16 1.70
N LYS A 156 3.05 -12.78 1.36
CA LYS A 156 2.13 -12.17 0.40
C LYS A 156 1.59 -10.86 0.99
N ALA A 157 1.64 -10.76 2.30
CA ALA A 157 1.17 -9.58 2.99
C ALA A 157 2.19 -8.45 2.82
N LEU A 158 3.42 -8.85 2.54
CA LEU A 158 4.50 -7.90 2.35
C LEU A 158 4.15 -6.97 1.18
N ARG A 159 3.81 -7.58 0.06
CA ARG A 159 3.45 -6.82 -1.13
C ARG A 159 2.11 -6.13 -0.93
N ASN A 160 1.34 -6.66 0.00
CA ASN A 160 0.03 -6.10 0.30
C ASN A 160 0.20 -4.78 1.07
N LYS A 161 1.36 -4.66 1.71
CA LYS A 161 1.66 -3.46 2.47
C LYS A 161 1.77 -2.26 1.52
N ILE A 162 2.11 -2.57 0.27
CA ILE A 162 2.26 -1.55 -0.74
C ILE A 162 0.91 -1.33 -1.44
N LEU A 163 0.20 -2.43 -1.65
CA LEU A 163 -1.09 -2.38 -2.30
C LEU A 163 -1.87 -1.16 -1.80
N ALA A 164 -1.90 -1.02 -0.48
CA ALA A 164 -2.59 0.09 0.14
C ALA A 164 -1.85 1.39 -0.18
N ILE A 165 -0.58 1.42 0.16
CA ILE A 165 0.25 2.59 -0.09
C ILE A 165 0.08 3.02 -1.55
N ALA A 166 -0.35 2.07 -2.37
CA ALA A 166 -0.55 2.33 -3.78
C ALA A 166 -1.95 2.91 -3.99
N LYS A 167 -2.94 2.07 -3.75
CA LYS A 167 -4.33 2.48 -3.91
C LYS A 167 -4.60 3.70 -3.02
N VAL A 168 -4.51 3.48 -1.72
CA VAL A 168 -4.73 4.54 -0.76
C VAL A 168 -4.14 5.84 -1.28
N SER A 169 -2.98 5.71 -1.92
CA SER A 169 -2.30 6.86 -2.49
C SER A 169 -3.05 7.37 -3.70
N ARG A 170 -3.39 6.45 -4.59
CA ARG A 170 -4.11 6.79 -5.81
C ARG A 170 -5.43 7.50 -5.46
N MET A 171 -6.03 7.05 -4.36
CA MET A 171 -7.28 7.63 -3.91
C MET A 171 -7.19 9.16 -3.83
N PHE A 172 -5.96 9.63 -3.70
CA PHE A 172 -5.71 11.06 -3.61
C PHE A 172 -5.53 11.68 -5.00
N SER A 173 -5.10 10.84 -5.93
CA SER A 173 -4.88 11.28 -7.30
C SER A 173 -6.15 11.08 -8.13
N VAL A 174 -7.15 10.49 -7.48
CA VAL A 174 -8.41 10.23 -8.14
C VAL A 174 -9.48 11.19 -7.61
N LEU A 175 -9.54 11.28 -6.29
CA LEU A 175 -10.50 12.15 -5.65
C LEU A 175 -10.59 13.47 -6.42
N ARG A 176 -9.45 13.87 -6.98
CA ARG A 176 -9.39 15.10 -7.75
C ARG A 176 -10.65 15.26 -8.60
N GLY A 1 -6.84 -6.25 -5.04
CA GLY A 1 -6.70 -5.84 -6.43
C GLY A 1 -7.83 -6.40 -7.29
N SER A 2 -8.88 -6.84 -6.62
CA SER A 2 -10.04 -7.40 -7.31
C SER A 2 -11.05 -7.93 -6.29
N SER A 3 -12.22 -8.28 -6.80
CA SER A 3 -13.28 -8.80 -5.95
C SER A 3 -13.27 -10.33 -5.98
N ASN A 4 -14.41 -10.90 -5.60
CA ASN A 4 -14.55 -12.34 -5.57
C ASN A 4 -13.51 -12.94 -4.62
N LEU A 5 -13.41 -12.34 -3.44
CA LEU A 5 -12.47 -12.80 -2.45
C LEU A 5 -13.20 -13.65 -1.41
N THR A 6 -12.42 -14.42 -0.66
CA THR A 6 -12.99 -15.27 0.36
C THR A 6 -12.64 -14.75 1.75
N GLU A 7 -13.42 -15.20 2.74
CA GLU A 7 -13.21 -14.78 4.11
C GLU A 7 -11.72 -14.73 4.43
N GLU A 8 -10.99 -15.65 3.82
CA GLU A 8 -9.55 -15.72 4.03
C GLU A 8 -8.85 -14.52 3.37
N GLN A 9 -9.21 -14.27 2.13
CA GLN A 9 -8.64 -13.16 1.40
C GLN A 9 -8.80 -11.86 2.18
N ILE A 10 -9.90 -11.77 2.89
CA ILE A 10 -10.19 -10.59 3.70
C ILE A 10 -9.15 -10.48 4.82
N ALA A 11 -8.67 -11.64 5.25
CA ALA A 11 -7.69 -11.69 6.31
C ALA A 11 -6.35 -11.15 5.79
N GLU A 12 -6.28 -11.00 4.48
CA GLU A 12 -5.08 -10.50 3.84
C GLU A 12 -5.00 -8.98 3.96
N PHE A 13 -5.98 -8.32 3.36
CA PHE A 13 -6.04 -6.87 3.41
C PHE A 13 -5.95 -6.35 4.84
N LYS A 14 -6.24 -7.24 5.77
CA LYS A 14 -6.20 -6.89 7.18
C LYS A 14 -4.83 -6.29 7.51
N GLU A 15 -3.87 -6.60 6.66
CA GLU A 15 -2.52 -6.10 6.84
C GLU A 15 -2.43 -4.63 6.42
N ALA A 16 -2.77 -4.39 5.16
CA ALA A 16 -2.74 -3.04 4.61
C ALA A 16 -3.65 -2.14 5.45
N PHE A 17 -4.53 -2.78 6.21
CA PHE A 17 -5.46 -2.05 7.05
C PHE A 17 -4.77 -1.55 8.32
N ALA A 18 -3.92 -2.40 8.88
CA ALA A 18 -3.20 -2.06 10.09
C ALA A 18 -2.32 -0.84 9.82
N LEU A 19 -1.93 -0.70 8.57
CA LEU A 19 -1.09 0.43 8.17
C LEU A 19 -1.57 1.69 8.87
N PHE A 20 -2.89 1.84 8.92
CA PHE A 20 -3.48 3.00 9.56
C PHE A 20 -4.07 2.64 10.93
N ASP A 21 -4.92 1.63 10.92
CA ASP A 21 -5.56 1.17 12.16
C ASP A 21 -4.48 0.90 13.20
N LYS A 22 -4.20 1.93 14.00
CA LYS A 22 -3.19 1.81 15.04
C LYS A 22 -3.74 0.95 16.17
N ASP A 23 -4.73 1.47 16.84
CA ASP A 23 -5.35 0.70 17.96
C ASP A 23 -6.18 -0.45 17.41
N ASN A 24 -6.34 -0.53 16.10
CA ASN A 24 -7.13 -1.59 15.50
C ASN A 24 -8.48 -1.69 16.22
N ASN A 25 -9.26 -0.63 16.08
CA ASN A 25 -10.58 -0.59 16.70
C ASN A 25 -11.64 -0.97 15.67
N GLY A 26 -11.31 -0.73 14.41
CA GLY A 26 -12.22 -1.04 13.32
C GLY A 26 -12.72 0.24 12.64
N SER A 27 -11.85 1.25 12.66
CA SER A 27 -12.19 2.53 12.06
C SER A 27 -10.95 3.41 11.96
N ILE A 28 -10.50 3.63 10.74
CA ILE A 28 -9.33 4.45 10.49
C ILE A 28 -9.74 5.92 10.38
N SER A 29 -9.42 6.68 11.42
CA SER A 29 -9.76 8.09 11.44
C SER A 29 -8.88 8.85 10.44
N SER A 30 -9.38 10.01 10.03
CA SER A 30 -8.66 10.84 9.09
C SER A 30 -7.30 11.24 9.66
N SER A 31 -7.25 11.28 10.99
CA SER A 31 -6.03 11.65 11.68
C SER A 31 -5.00 10.53 11.54
N GLU A 32 -5.50 9.32 11.34
CA GLU A 32 -4.65 8.16 11.20
C GLU A 32 -4.29 7.94 9.72
N LEU A 33 -5.31 8.01 8.89
CA LEU A 33 -5.12 7.83 7.46
C LEU A 33 -4.08 8.82 6.95
N ALA A 34 -4.28 10.08 7.31
CA ALA A 34 -3.36 11.13 6.90
C ALA A 34 -1.99 10.88 7.53
N THR A 35 -1.98 9.96 8.50
CA THR A 35 -0.75 9.62 9.19
C THR A 35 0.15 8.77 8.29
N VAL A 36 -0.50 7.95 7.47
CA VAL A 36 0.22 7.07 6.57
C VAL A 36 0.48 7.81 5.25
N MET A 37 -0.60 8.20 4.60
CA MET A 37 -0.50 8.91 3.33
C MET A 37 0.63 9.94 3.37
N ARG A 38 0.65 10.71 4.45
CA ARG A 38 1.66 11.74 4.63
C ARG A 38 3.03 11.09 4.88
N SER A 39 3.00 9.97 5.59
CA SER A 39 4.22 9.25 5.91
C SER A 39 4.89 8.77 4.64
N LEU A 40 4.09 8.65 3.59
CA LEU A 40 4.60 8.21 2.30
C LEU A 40 5.28 9.38 1.59
N GLY A 41 4.96 10.58 2.05
CA GLY A 41 5.54 11.78 1.47
C GLY A 41 4.44 12.74 1.00
N LEU A 42 3.21 12.34 1.24
CA LEU A 42 2.06 13.14 0.85
C LEU A 42 1.74 14.14 1.96
N SER A 43 0.63 14.86 1.78
CA SER A 43 0.21 15.84 2.75
C SER A 43 -1.24 16.23 2.49
N PRO A 44 -2.15 15.22 2.60
CA PRO A 44 -3.56 15.46 2.38
C PRO A 44 -4.20 16.19 3.57
N SER A 45 -4.82 17.32 3.26
CA SER A 45 -5.46 18.12 4.29
C SER A 45 -6.70 17.39 4.82
N GLU A 46 -6.88 17.48 6.13
CA GLU A 46 -8.02 16.84 6.77
C GLU A 46 -9.29 17.05 5.93
N ALA A 47 -9.30 18.16 5.20
CA ALA A 47 -10.45 18.47 4.36
C ALA A 47 -10.57 17.42 3.26
N GLU A 48 -9.44 17.14 2.62
CA GLU A 48 -9.42 16.15 1.55
C GLU A 48 -9.47 14.74 2.13
N VAL A 49 -8.60 14.50 3.10
CA VAL A 49 -8.53 13.20 3.74
C VAL A 49 -9.96 12.68 3.96
N ASN A 50 -10.83 13.57 4.40
CA ASN A 50 -12.21 13.22 4.66
C ASN A 50 -12.86 12.77 3.35
N ASP A 51 -12.94 13.70 2.41
CA ASP A 51 -13.54 13.41 1.12
C ASP A 51 -12.85 12.21 0.48
N LEU A 52 -11.66 11.92 1.01
CA LEU A 52 -10.88 10.79 0.51
C LEU A 52 -11.43 9.50 1.09
N MET A 53 -11.55 9.48 2.41
CA MET A 53 -12.06 8.31 3.10
C MET A 53 -13.59 8.27 3.06
N ASN A 54 -14.17 9.37 2.58
CA ASN A 54 -15.61 9.48 2.49
C ASN A 54 -16.07 8.87 1.17
N GLU A 55 -15.10 8.58 0.30
CA GLU A 55 -15.40 8.00 -0.99
C GLU A 55 -15.51 6.48 -0.87
N ILE A 56 -15.12 5.97 0.28
CA ILE A 56 -15.17 4.54 0.53
C ILE A 56 -16.13 4.26 1.69
N ASP A 57 -16.02 5.09 2.72
CA ASP A 57 -16.87 4.95 3.88
C ASP A 57 -18.29 4.56 3.44
N VAL A 58 -18.70 3.37 3.84
CA VAL A 58 -20.01 2.87 3.50
C VAL A 58 -20.99 3.18 4.64
N ASP A 59 -20.43 3.64 5.73
CA ASP A 59 -21.27 3.98 6.91
C ASP A 59 -21.20 5.48 7.19
N GLY A 60 -20.31 6.19 6.53
CA GLY A 60 -20.18 7.62 6.73
C GLY A 60 -19.86 7.93 8.20
N ASN A 61 -19.01 7.10 8.78
CA ASN A 61 -18.61 7.27 10.17
C ASN A 61 -17.29 8.03 10.22
N HIS A 62 -17.04 8.80 9.18
CA HIS A 62 -15.81 9.57 9.09
C HIS A 62 -14.61 8.69 9.46
N GLN A 63 -14.67 7.46 8.96
CA GLN A 63 -13.60 6.50 9.21
C GLN A 63 -13.63 5.39 8.18
N ILE A 64 -12.65 4.50 8.28
CA ILE A 64 -12.55 3.37 7.36
C ILE A 64 -12.54 2.07 8.15
N GLU A 65 -13.43 1.17 7.79
CA GLU A 65 -13.54 -0.11 8.45
C GLU A 65 -12.81 -1.19 7.64
N PHE A 66 -12.73 -2.37 8.22
CA PHE A 66 -12.07 -3.49 7.57
C PHE A 66 -12.93 -4.05 6.44
N SER A 67 -14.18 -3.60 6.40
CA SER A 67 -15.11 -4.03 5.38
C SER A 67 -15.07 -3.08 4.18
N GLU A 68 -14.83 -1.82 4.48
CA GLU A 68 -14.75 -0.80 3.44
C GLU A 68 -13.36 -0.78 2.81
N PHE A 69 -12.36 -0.65 3.67
CA PHE A 69 -10.98 -0.62 3.21
C PHE A 69 -10.66 -1.84 2.35
N LEU A 70 -11.01 -3.01 2.88
CA LEU A 70 -10.76 -4.25 2.17
C LEU A 70 -11.61 -4.28 0.89
N ALA A 71 -12.68 -3.52 0.92
CA ALA A 71 -13.58 -3.44 -0.22
C ALA A 71 -13.07 -2.39 -1.21
N LEU A 72 -12.16 -1.56 -0.71
CA LEU A 72 -11.59 -0.51 -1.53
C LEU A 72 -10.60 -1.13 -2.53
N MET A 73 -9.73 -1.97 -2.01
CA MET A 73 -8.74 -2.64 -2.84
C MET A 73 -9.41 -3.41 -3.98
N SER A 74 -10.56 -3.98 -3.68
CA SER A 74 -11.31 -4.75 -4.65
C SER A 74 -12.28 -3.83 -5.40
N ARG A 75 -11.98 -2.55 -5.38
CA ARG A 75 -12.82 -1.56 -6.04
C ARG A 75 -12.04 -0.27 -6.27
N GLN A 76 -10.90 -0.41 -6.92
CA GLN A 76 -10.04 0.73 -7.20
C GLN A 76 -9.36 0.56 -8.57
N LEU A 77 -9.88 -0.38 -9.34
CA LEU A 77 -9.34 -0.65 -10.65
C LEU A 77 -10.48 -0.86 -11.65
N LYS A 78 -10.21 -0.51 -12.90
CA LYS A 78 -11.20 -0.65 -13.95
C LYS A 78 -10.51 -1.12 -15.24
N SER A 79 -9.59 -0.28 -15.71
CA SER A 79 -8.86 -0.59 -16.92
C SER A 79 -7.42 -0.96 -16.59
N ASN A 80 -6.75 -0.05 -15.88
CA ASN A 80 -5.38 -0.26 -15.48
C ASN A 80 -5.30 -0.48 -13.98
N ASP A 81 -5.35 -1.75 -13.59
CA ASP A 81 -5.30 -2.11 -12.19
C ASP A 81 -3.84 -2.32 -11.77
N SER A 82 -3.28 -3.43 -12.25
CA SER A 82 -1.90 -3.77 -11.93
C SER A 82 -0.96 -2.84 -12.69
N GLU A 83 -1.55 -2.01 -13.54
CA GLU A 83 -0.77 -1.07 -14.33
C GLU A 83 -0.70 0.29 -13.62
N GLN A 84 -1.66 0.52 -12.75
CA GLN A 84 -1.71 1.76 -12.00
C GLN A 84 -1.05 1.59 -10.64
N GLU A 85 -1.66 0.75 -9.82
CA GLU A 85 -1.14 0.49 -8.49
C GLU A 85 0.38 0.32 -8.54
N LEU A 86 0.86 -0.13 -9.70
CA LEU A 86 2.29 -0.34 -9.88
C LEU A 86 2.98 1.01 -10.03
N LEU A 87 2.69 1.68 -11.14
CA LEU A 87 3.28 2.99 -11.40
C LEU A 87 3.16 3.85 -10.15
N GLU A 88 2.03 3.73 -9.48
CA GLU A 88 1.77 4.50 -8.27
C GLU A 88 2.73 4.07 -7.16
N ALA A 89 2.62 2.80 -6.79
CA ALA A 89 3.47 2.25 -5.74
C ALA A 89 4.94 2.31 -6.19
N PHE A 90 5.11 2.59 -7.48
CA PHE A 90 6.45 2.68 -8.05
C PHE A 90 7.04 4.07 -7.84
N LYS A 91 6.31 5.07 -8.32
CA LYS A 91 6.74 6.45 -8.21
C LYS A 91 6.73 6.85 -6.74
N VAL A 92 5.75 6.33 -6.02
CA VAL A 92 5.62 6.64 -4.61
C VAL A 92 6.88 6.20 -3.87
N PHE A 93 7.29 4.96 -4.15
CA PHE A 93 8.48 4.42 -3.53
C PHE A 93 9.75 5.13 -4.02
N ASP A 94 9.77 5.37 -5.31
CA ASP A 94 10.94 6.06 -5.91
C ASP A 94 10.93 7.55 -5.55
N LYS A 95 11.72 7.94 -4.56
CA LYS A 95 11.75 9.33 -4.14
C LYS A 95 12.79 10.09 -4.98
N ASN A 96 13.81 9.35 -5.38
CA ASN A 96 14.88 9.94 -6.18
C ASN A 96 14.39 10.10 -7.63
N GLY A 97 13.86 9.00 -8.15
CA GLY A 97 13.35 9.00 -9.52
C GLY A 97 14.45 8.59 -10.51
N ASP A 98 14.84 7.33 -10.42
CA ASP A 98 15.86 6.80 -11.29
C ASP A 98 15.32 5.57 -12.03
N GLY A 99 14.08 5.24 -11.73
CA GLY A 99 13.43 4.09 -12.34
C GLY A 99 13.77 2.80 -11.59
N LEU A 100 14.33 2.98 -10.40
CA LEU A 100 14.70 1.84 -9.57
C LEU A 100 14.58 2.23 -8.09
N ILE A 101 13.64 1.59 -7.43
CA ILE A 101 13.41 1.85 -6.02
C ILE A 101 14.55 1.24 -5.20
N SER A 102 15.49 2.09 -4.82
CA SER A 102 16.63 1.66 -4.03
C SER A 102 16.16 1.13 -2.67
N ALA A 103 17.08 0.50 -1.96
CA ALA A 103 16.78 -0.04 -0.65
C ALA A 103 15.97 0.98 0.14
N ALA A 104 16.63 2.08 0.49
CA ALA A 104 15.98 3.13 1.25
C ALA A 104 14.57 3.36 0.70
N GLU A 105 14.53 3.83 -0.55
CA GLU A 105 13.27 4.10 -1.20
C GLU A 105 12.24 3.02 -0.84
N LEU A 106 12.77 1.83 -0.57
CA LEU A 106 11.91 0.71 -0.21
C LEU A 106 11.73 0.66 1.30
N LYS A 107 12.80 0.25 1.98
CA LYS A 107 12.79 0.15 3.42
C LYS A 107 12.15 1.42 4.00
N HIS A 108 12.78 2.54 3.72
CA HIS A 108 12.29 3.83 4.20
C HIS A 108 10.77 3.89 4.05
N VAL A 109 10.31 3.38 2.92
CA VAL A 109 8.88 3.37 2.64
C VAL A 109 8.18 2.40 3.60
N LEU A 110 8.63 1.16 3.55
CA LEU A 110 8.07 0.13 4.41
C LEU A 110 8.12 0.60 5.87
N THR A 111 9.02 1.52 6.13
CA THR A 111 9.18 2.06 7.47
C THR A 111 8.18 3.19 7.71
N SER A 112 7.78 3.82 6.63
CA SER A 112 6.82 4.92 6.69
C SER A 112 5.45 4.39 7.12
N ILE A 113 5.34 3.06 7.14
CA ILE A 113 4.09 2.43 7.52
C ILE A 113 4.28 1.71 8.85
N GLY A 114 5.50 1.22 9.06
CA GLY A 114 5.83 0.52 10.29
C GLY A 114 6.93 -0.52 10.05
N GLU A 115 6.90 -1.10 8.86
CA GLU A 115 7.89 -2.10 8.49
C GLU A 115 9.28 -1.47 8.43
N LYS A 116 10.08 -1.79 9.44
CA LYS A 116 11.44 -1.27 9.52
C LYS A 116 12.43 -2.39 9.20
N LEU A 117 12.89 -2.39 7.95
CA LEU A 117 13.83 -3.40 7.51
C LEU A 117 15.25 -2.84 7.59
N THR A 118 16.11 -3.57 8.27
CA THR A 118 17.50 -3.16 8.43
C THR A 118 18.21 -3.15 7.08
N ASP A 119 19.29 -2.37 7.02
CA ASP A 119 20.06 -2.27 5.79
C ASP A 119 20.49 -3.66 5.35
N ALA A 120 20.51 -4.58 6.30
CA ALA A 120 20.89 -5.95 6.01
C ALA A 120 19.66 -6.76 5.62
N GLU A 121 18.51 -6.26 6.05
CA GLU A 121 17.25 -6.92 5.75
C GLU A 121 16.77 -6.53 4.36
N VAL A 122 16.51 -5.24 4.19
CA VAL A 122 16.04 -4.74 2.92
C VAL A 122 16.99 -5.20 1.81
N ASP A 123 18.27 -4.97 2.02
CA ASP A 123 19.28 -5.37 1.06
C ASP A 123 19.02 -6.80 0.61
N ASP A 124 18.35 -7.54 1.47
CA ASP A 124 18.03 -8.93 1.18
C ASP A 124 16.66 -9.00 0.50
N MET A 125 15.78 -8.11 0.95
CA MET A 125 14.43 -8.07 0.41
C MET A 125 14.46 -7.75 -1.09
N LEU A 126 15.44 -6.94 -1.47
CA LEU A 126 15.58 -6.55 -2.87
C LEU A 126 15.97 -7.77 -3.69
N ARG A 127 17.07 -8.40 -3.28
CA ARG A 127 17.56 -9.58 -3.98
C ARG A 127 16.39 -10.45 -4.44
N GLU A 128 15.31 -10.38 -3.67
CA GLU A 128 14.12 -11.16 -4.00
C GLU A 128 13.76 -10.98 -5.47
N VAL A 129 13.68 -9.72 -5.88
CA VAL A 129 13.33 -9.40 -7.25
C VAL A 129 14.33 -8.38 -7.79
N SER A 130 15.46 -8.27 -7.10
CA SER A 130 16.50 -7.34 -7.49
C SER A 130 17.66 -8.10 -8.15
N ASP A 131 17.43 -9.38 -8.37
CA ASP A 131 18.43 -10.23 -8.99
C ASP A 131 19.82 -9.85 -8.44
N GLY A 132 19.88 -9.71 -7.13
CA GLY A 132 21.12 -9.34 -6.48
C GLY A 132 21.70 -8.06 -7.06
N SER A 133 20.83 -7.07 -7.20
CA SER A 133 21.25 -5.78 -7.75
C SER A 133 21.32 -4.74 -6.63
N GLY A 134 20.15 -4.25 -6.25
CA GLY A 134 20.07 -3.24 -5.19
C GLY A 134 18.86 -2.33 -5.41
N GLU A 135 18.34 -2.36 -6.62
CA GLU A 135 17.19 -1.54 -6.96
C GLU A 135 16.18 -2.35 -7.77
N ILE A 136 14.94 -1.88 -7.77
CA ILE A 136 13.88 -2.55 -8.50
C ILE A 136 13.12 -1.52 -9.35
N ASN A 137 12.96 -1.86 -10.62
CA ASN A 137 12.26 -0.98 -11.54
C ASN A 137 10.78 -1.39 -11.59
N ILE A 138 10.06 -0.74 -12.49
CA ILE A 138 8.64 -1.02 -12.66
C ILE A 138 8.46 -2.50 -13.03
N GLN A 139 9.56 -3.12 -13.42
CA GLN A 139 9.53 -4.52 -13.80
C GLN A 139 9.82 -5.40 -12.58
N GLN A 140 10.91 -5.07 -11.90
CA GLN A 140 11.30 -5.82 -10.72
C GLN A 140 10.32 -5.57 -9.58
N PHE A 141 10.17 -4.30 -9.25
CA PHE A 141 9.26 -3.90 -8.18
C PHE A 141 7.94 -4.66 -8.27
N ALA A 142 7.39 -4.68 -9.46
CA ALA A 142 6.13 -5.37 -9.70
C ALA A 142 6.26 -6.82 -9.24
N ALA A 143 7.44 -7.38 -9.46
CA ALA A 143 7.72 -8.75 -9.07
C ALA A 143 7.19 -9.00 -7.66
N LEU A 144 7.32 -7.96 -6.83
CA LEU A 144 6.86 -8.06 -5.45
C LEU A 144 5.33 -8.08 -5.43
N LEU A 145 4.74 -7.24 -6.26
CA LEU A 145 3.29 -7.16 -6.34
C LEU A 145 2.76 -8.32 -7.19
N SER A 146 3.70 -9.15 -7.63
CA SER A 146 3.34 -10.30 -8.45
C SER A 146 4.41 -11.39 -8.32
N LYS A 147 4.79 -11.65 -7.08
CA LYS A 147 5.80 -12.66 -6.81
C LYS A 147 5.13 -14.02 -6.66
N GLY A 148 4.34 -14.14 -5.60
CA GLY A 148 3.63 -15.39 -5.34
C GLY A 148 4.60 -16.58 -5.30
N SER A 149 5.78 -16.31 -4.77
CA SER A 149 6.81 -17.33 -4.66
C SER A 149 7.24 -17.48 -3.20
N SER A 150 7.02 -18.67 -2.66
CA SER A 150 7.40 -18.96 -1.28
C SER A 150 6.56 -18.09 -0.33
N THR A 151 5.42 -17.64 -0.84
CA THR A 151 4.53 -16.81 -0.04
C THR A 151 3.34 -17.63 0.47
N GLY A 152 2.32 -16.93 0.90
CA GLY A 152 1.12 -17.58 1.41
C GLY A 152 0.33 -16.64 2.31
N THR A 153 0.85 -16.42 3.51
CA THR A 153 0.20 -15.55 4.48
C THR A 153 1.24 -14.71 5.21
N ARG A 154 2.46 -14.73 4.68
CA ARG A 154 3.55 -13.98 5.28
C ARG A 154 4.13 -12.99 4.27
N ARG A 155 4.50 -13.52 3.11
CA ARG A 155 5.07 -12.69 2.06
C ARG A 155 3.96 -11.97 1.30
N LYS A 156 2.81 -12.63 1.21
CA LYS A 156 1.67 -12.06 0.52
C LYS A 156 1.30 -10.72 1.16
N ALA A 157 1.66 -10.59 2.44
CA ALA A 157 1.36 -9.38 3.18
C ALA A 157 2.46 -8.34 2.89
N LEU A 158 3.58 -8.83 2.38
CA LEU A 158 4.69 -7.96 2.06
C LEU A 158 4.27 -7.00 0.95
N ARG A 159 3.69 -7.56 -0.10
CA ARG A 159 3.23 -6.77 -1.22
C ARG A 159 1.95 -6.03 -0.88
N ASN A 160 1.11 -6.70 -0.09
CA ASN A 160 -0.16 -6.12 0.32
C ASN A 160 0.11 -4.81 1.06
N LYS A 161 1.24 -4.78 1.74
CA LYS A 161 1.63 -3.59 2.51
C LYS A 161 1.82 -2.42 1.55
N ILE A 162 2.20 -2.74 0.32
CA ILE A 162 2.42 -1.73 -0.69
C ILE A 162 1.11 -1.47 -1.44
N LEU A 163 0.33 -2.53 -1.57
CA LEU A 163 -0.94 -2.44 -2.27
C LEU A 163 -1.71 -1.22 -1.76
N ALA A 164 -1.81 -1.13 -0.44
CA ALA A 164 -2.50 -0.03 0.19
C ALA A 164 -1.75 1.27 -0.09
N ILE A 165 -0.49 1.31 0.34
CA ILE A 165 0.34 2.47 0.13
C ILE A 165 0.12 3.02 -1.27
N ALA A 166 -0.24 2.12 -2.17
CA ALA A 166 -0.49 2.50 -3.56
C ALA A 166 -1.90 3.05 -3.68
N LYS A 167 -2.86 2.15 -3.59
CA LYS A 167 -4.26 2.53 -3.69
C LYS A 167 -4.51 3.79 -2.85
N VAL A 168 -4.34 3.63 -1.55
CA VAL A 168 -4.53 4.73 -0.63
C VAL A 168 -4.00 6.02 -1.27
N SER A 169 -2.96 5.86 -2.08
CA SER A 169 -2.35 6.99 -2.75
C SER A 169 -3.15 7.33 -4.01
N ARG A 170 -3.08 6.43 -4.98
CA ARG A 170 -3.78 6.62 -6.24
C ARG A 170 -5.15 7.27 -5.99
N MET A 171 -5.71 6.96 -4.83
CA MET A 171 -7.01 7.50 -4.46
C MET A 171 -6.99 9.03 -4.48
N PHE A 172 -5.97 9.59 -3.84
CA PHE A 172 -5.82 11.03 -3.79
C PHE A 172 -5.97 11.66 -5.18
N SER A 173 -5.57 10.88 -6.18
CA SER A 173 -5.64 11.34 -7.56
C SER A 173 -7.08 11.20 -8.08
N VAL A 174 -7.79 10.26 -7.51
CA VAL A 174 -9.17 10.01 -7.90
C VAL A 174 -10.08 11.05 -7.25
N LEU A 175 -9.99 11.11 -5.93
CA LEU A 175 -10.80 12.06 -5.17
C LEU A 175 -10.85 13.39 -5.93
N ARG A 176 -9.72 13.74 -6.53
CA ARG A 176 -9.63 14.99 -7.28
C ARG A 176 -10.89 15.19 -8.12
#